data_7L2F
#
_entry.id   7L2F
#
loop_
_entity.id
_entity.type
_entity.pdbx_description
1 polymer 'Spike glycoprotein'
2 polymer '5-24 heavy chain'
3 polymer '5-24 light chain'
4 branched 2-acetamido-2-deoxy-beta-D-glucopyranose-(1-4)-2-acetamido-2-deoxy-beta-D-glucopyranose
5 branched beta-D-mannopyranose-(1-4)-2-acetamido-2-deoxy-beta-D-glucopyranose-(1-4)-2-acetamido-2-deoxy-beta-D-glucopyranose
6 non-polymer 2-acetamido-2-deoxy-beta-D-glucopyranose
#
loop_
_entity_poly.entity_id
_entity_poly.type
_entity_poly.pdbx_seq_one_letter_code
_entity_poly.pdbx_strand_id
1 'polypeptide(L)'
;MFVFLVLLPLVSSQCVNLTTRTQLPPAYTNSFTRGVYYPDKVFRSSVLHSTQDLFLPFFSNVTWFHAIHVSGTNGTKRFD
NPVLPFNDGVYFASTEKSNIIRGWIFGTTLDSKTQSLLIVNNATNVVIKVCEFQFCNDPFLGVYYHKNNKSWMESEFRVY
SSANNCTFEYVSQPFLMDLEGKQGNFKNLREFVFKNIDGYFKIYSKHTPINLVRDLPQGFSALEPLVDLPIGINITRFQT
LLALHRSYLTPGDSSSGWTAGAAAYYVGYLQPRTFLLKYNENGTITDAVDCALDPLSETKCTLKSFTVEKGIYQTSNFRV
QPTESIVRFPNITNLCPFGEVFNATRFASVYAWNRKRISNCVADYSVLYNSASFSTFKCYGVSPTKLNDLCFTNVYADSF
VIRGDEVRQIAPGQTGKIADYNYKLPDDFTGCVIAWNSNNLDSKVGGNYNYLYRLFRKSNLKPFERDISTEIYQAGSTPC
NGVEGFNCYFPLQSYGFQPTNGVGYQPYRVVVLSFELLHAPATVCGPKKSTNLVKNKCVNFNFNGLTGTGVLTESNKKFL
PFQQFGRDIADTTDAVRDPQTLEILDITPCSFGGVSVITPGTNTSNQVAVLYQDVNCTEVPVAIHADQLTPTWRVYSTGS
NVFQTRAGCLIGAEHVNNSYECDIPIGAGICASYQTQTNSPGSASSVASQSIIAYTMSLGAENSVAYSNNSIAIPTNFTI
SVTTEILPVSMTKTSVDCTMYICGDSTECSNLLLQYGSFCTQLNRALTGIAVEQDKNTQEVFAQVKQIYKTPPIKDFGGF
NFSQILPDPSKPSKRSFIEDLLFNKVTLADAGFIKQYGDCLGDIAARDLICAQKFNGLTVLPPLLTDEMIAQYTSALLAG
TITSGWTFGAGAALQIPFAMQMAYRFNGIGVTQNVLYENQKLIANQFNSAIGKIQDSLSSTASALGKLQDVVNQNAQALN
TLVKQLSSNFGAISSVLNDILSRLDPPEAEVQIDRLITGRLQSLQTYVTQQLIRAAEIRASANLAATKMSECVLGQSKRV
DFCGKGYHLMSFPQSAPHGVVFLHVTYVPAQEKNFTTAPAICHDGKAHFPREGVFVSNGTHWFVTQRNFYEPQIITTDNT
FVSGNCDVVIGIVNNTVYDPLQPELDSFKEELDKYFKNHTSPDVDLGDISGINASVVNIQKEIDRLNEVAKNLNESLIDL
QELGKYEQGSGYIPEAPRDGQAYVRKDGEWVLLSTFLGRSLEVLFQGPGHHHHHHHHSAWSHPQFEKGGGSGGGGSGGSA
WSHPQFEK
;
A,B,C
2 'polypeptide(L)'
;QVQLVESGGGVVQPGRSLRLSCAASGLTFSSYVMHWVRQAPGKGLDWVGVIWYDGSKKYYADSVKGRFTISRDNSKNTLY
LQMNSLRAEDTAVYYCARDPRDYYDFWSGYDYYYGLDVWGQGTTVTVSSASTKGPSVFPLAPSSKSTSGGTAALGCLVKD
YFPEPVTVSWNSGALTSGVHTFPAVLQSSGLYSLSSVVTVPSSSLGTQTYICNVNHKPSNTKVDKKVEPKSCDKTH
;
H,G,I
3 'polypeptide(L)'
;EIVLTQSPGILSLSPGERATLSCRASQSVSSSYLAWYQQKPGQAPRLLIYGASSRATGIPDRFSGSGSGTDFTLTISRLE
PEDFAVYYCQQYGSSGALTFGGGTKVEIKRTVAAPSVFIFPPSDEQLKSGTASVVCLLNNFYPREAKVQWKVDNALQSGN
SQESVTEQDSKDSTYSLSSTLTLSKADYEKHKVYACEVTHQGLSSPVTKSFNRGEC
;
L,J,K
#
loop_
_chem_comp.id
_chem_comp.type
_chem_comp.name
_chem_comp.formula
BMA D-saccharide, beta linking beta-D-mannopyranose 'C6 H12 O6'
NAG D-saccharide, beta linking 2-acetamido-2-deoxy-beta-D-glucopyranose 'C8 H15 N O6'
#
# COMPACT_ATOMS: atom_id res chain seq x y z
N GLN A 14 7.61 -49.83 41.31
CA GLN A 14 8.86 -50.38 41.90
C GLN A 14 10.06 -49.81 41.14
N CYS A 15 11.25 -49.83 41.75
CA CYS A 15 12.44 -49.22 41.11
C CYS A 15 13.66 -50.13 41.31
N VAL A 16 14.57 -50.13 40.35
CA VAL A 16 15.82 -50.91 40.52
C VAL A 16 16.94 -49.92 40.28
N ASN A 17 17.82 -49.75 41.26
CA ASN A 17 18.85 -48.71 41.11
C ASN A 17 19.99 -49.25 40.26
N LEU A 18 19.76 -49.38 38.96
CA LEU A 18 20.89 -49.78 38.12
C LEU A 18 21.90 -48.67 38.37
N THR A 19 23.17 -49.00 38.62
CA THR A 19 24.09 -47.91 38.96
C THR A 19 25.26 -47.92 37.98
N THR A 20 25.51 -46.79 37.31
CA THR A 20 26.72 -46.73 36.46
C THR A 20 27.83 -46.24 37.39
N ARG A 21 28.81 -47.11 37.67
CA ARG A 21 29.89 -46.73 38.61
C ARG A 21 30.24 -45.28 38.33
N THR A 22 30.30 -44.91 37.05
CA THR A 22 30.60 -43.53 36.60
C THR A 22 30.02 -43.35 35.21
N GLN A 23 29.67 -42.13 34.80
CA GLN A 23 29.18 -41.96 33.40
C GLN A 23 30.39 -42.03 32.45
N LEU A 24 30.32 -42.86 31.41
CA LEU A 24 31.41 -42.88 30.41
C LEU A 24 31.43 -41.53 29.71
N PRO A 25 32.58 -41.01 29.23
CA PRO A 25 32.63 -39.68 28.63
C PRO A 25 31.71 -39.66 27.41
N PRO A 26 30.93 -38.58 27.16
CA PRO A 26 29.97 -38.57 26.06
C PRO A 26 30.69 -38.76 24.72
N ALA A 27 30.12 -39.59 23.84
CA ALA A 27 30.77 -39.87 22.54
C ALA A 27 30.09 -39.04 21.46
N TYR A 28 30.87 -38.35 20.63
CA TYR A 28 30.27 -37.45 19.61
C TYR A 28 30.40 -38.08 18.23
N THR A 29 29.28 -38.19 17.52
CA THR A 29 29.28 -38.75 16.14
C THR A 29 28.70 -37.67 15.23
N ASN A 30 29.11 -37.65 13.95
CA ASN A 30 28.64 -36.56 13.07
C ASN A 30 27.29 -36.94 12.49
N SER A 31 26.26 -36.12 12.73
CA SER A 31 24.95 -36.38 12.08
C SER A 31 25.15 -36.16 10.58
N PHE A 32 24.57 -37.02 9.73
CA PHE A 32 24.85 -36.87 8.29
C PHE A 32 23.62 -36.27 7.60
N THR A 33 23.42 -34.95 7.77
CA THR A 33 22.28 -34.29 7.07
C THR A 33 21.00 -35.11 7.17
N ARG A 34 20.68 -35.58 8.37
CA ARG A 34 19.45 -36.38 8.56
C ARG A 34 18.48 -35.59 9.43
N GLY A 35 17.18 -35.68 9.14
CA GLY A 35 16.17 -35.02 9.99
C GLY A 35 15.62 -33.71 9.47
N VAL A 36 14.69 -33.76 8.52
CA VAL A 36 13.97 -32.54 8.07
C VAL A 36 12.51 -32.95 8.06
N TYR A 37 11.64 -32.22 8.76
CA TYR A 37 10.23 -32.65 8.87
C TYR A 37 9.34 -31.81 7.95
N TYR A 38 8.14 -32.29 7.67
CA TYR A 38 7.20 -31.50 6.85
C TYR A 38 6.68 -30.34 7.70
N PRO A 39 6.70 -29.10 7.20
CA PRO A 39 6.19 -27.96 7.96
C PRO A 39 4.68 -27.98 8.18
N ASP A 40 3.89 -28.35 7.18
CA ASP A 40 2.41 -28.29 7.32
C ASP A 40 1.74 -29.38 6.49
N LYS A 41 0.47 -29.65 6.78
CA LYS A 41 -0.27 -30.72 6.06
C LYS A 41 -0.84 -30.13 4.76
N VAL A 42 0.01 -29.76 3.80
CA VAL A 42 -0.48 -29.26 2.50
C VAL A 42 0.22 -30.05 1.40
N PHE A 43 -0.55 -30.56 0.43
CA PHE A 43 0.08 -31.29 -0.71
C PHE A 43 0.79 -30.28 -1.61
N ARG A 44 2.12 -30.30 -1.63
CA ARG A 44 2.88 -29.41 -2.55
C ARG A 44 3.67 -30.28 -3.51
N SER A 45 3.59 -30.00 -4.81
CA SER A 45 4.26 -30.85 -5.83
C SER A 45 5.21 -30.03 -6.70
N SER A 46 6.44 -30.50 -6.91
CA SER A 46 7.41 -29.81 -7.80
C SER A 46 7.49 -28.32 -7.49
N VAL A 47 7.31 -27.93 -6.23
CA VAL A 47 7.45 -26.50 -5.82
C VAL A 47 8.52 -26.42 -4.74
N LEU A 48 9.47 -25.48 -4.87
CA LEU A 48 10.48 -25.30 -3.79
C LEU A 48 9.84 -24.41 -2.72
N HIS A 49 9.80 -24.86 -1.47
CA HIS A 49 9.12 -24.07 -0.42
C HIS A 49 10.12 -23.65 0.65
N SER A 50 10.11 -22.38 1.03
CA SER A 50 11.09 -21.87 2.03
C SER A 50 10.40 -21.63 3.36
N THR A 51 10.93 -22.21 4.44
CA THR A 51 10.30 -22.06 5.77
C THR A 51 11.38 -21.84 6.83
N GLN A 52 11.06 -21.07 7.87
CA GLN A 52 12.01 -20.87 9.00
C GLN A 52 11.41 -21.50 10.25
N ASP A 53 11.97 -22.61 10.72
CA ASP A 53 11.40 -23.35 11.87
C ASP A 53 12.56 -23.88 12.72
N LEU A 54 12.29 -24.34 13.95
CA LEU A 54 13.37 -24.96 14.74
C LEU A 54 13.87 -26.15 13.92
N PHE A 55 15.18 -26.25 13.69
CA PHE A 55 15.69 -27.34 12.81
C PHE A 55 16.99 -27.90 13.37
N LEU A 56 17.24 -29.19 13.14
CA LEU A 56 18.55 -29.75 13.56
C LEU A 56 19.59 -29.21 12.57
N PRO A 57 20.67 -28.48 12.96
CA PRO A 57 21.63 -28.08 11.96
C PRO A 57 22.20 -29.35 11.31
N PHE A 58 22.45 -29.29 10.01
CA PHE A 58 23.06 -30.45 9.31
C PHE A 58 24.48 -30.64 9.83
N PHE A 59 24.96 -31.89 9.86
CA PHE A 59 26.36 -32.18 10.29
C PHE A 59 26.59 -31.70 11.73
N SER A 60 25.58 -31.80 12.59
CA SER A 60 25.75 -31.42 14.01
C SER A 60 26.47 -32.53 14.78
N ASN A 61 27.03 -32.21 15.94
CA ASN A 61 27.66 -33.25 16.79
C ASN A 61 26.58 -33.92 17.62
N VAL A 62 26.08 -35.09 17.18
CA VAL A 62 25.00 -35.82 17.92
C VAL A 62 25.63 -36.80 18.91
N THR A 63 24.86 -37.27 19.89
CA THR A 63 25.37 -38.21 20.92
C THR A 63 25.44 -39.64 20.37
N TRP A 64 26.28 -40.48 20.98
CA TRP A 64 26.46 -41.90 20.54
C TRP A 64 26.08 -42.82 21.70
N PHE A 65 25.20 -42.38 22.59
CA PHE A 65 24.91 -43.16 23.83
C PHE A 65 24.43 -44.57 23.49
N HIS A 66 24.93 -45.58 24.22
CA HIS A 66 24.56 -47.00 23.99
C HIS A 66 23.57 -47.45 25.06
N ALA A 67 23.40 -48.77 25.23
CA ALA A 67 22.49 -49.31 26.25
C ALA A 67 23.23 -50.30 27.16
N ILE A 68 23.89 -51.30 26.57
CA ILE A 68 24.67 -52.27 27.40
C ILE A 68 26.10 -52.34 26.85
N HIS A 69 27.10 -52.19 27.73
CA HIS A 69 28.50 -52.36 27.28
C HIS A 69 29.00 -53.74 27.67
N LYS A 77 29.07 -53.65 31.40
CA LYS A 77 27.66 -54.09 31.59
C LYS A 77 26.86 -52.95 32.23
N ARG A 78 27.20 -51.71 31.89
CA ARG A 78 26.50 -50.53 32.49
C ARG A 78 25.13 -50.33 31.85
N PHE A 79 24.19 -49.73 32.58
CA PHE A 79 22.88 -49.39 31.99
C PHE A 79 22.82 -47.87 32.06
N ASP A 80 23.35 -47.19 31.04
CA ASP A 80 23.46 -45.71 31.10
C ASP A 80 22.32 -45.07 30.33
N ASN A 81 21.37 -44.44 31.03
CA ASN A 81 20.27 -43.71 30.36
C ASN A 81 20.17 -42.36 31.06
N PRO A 82 21.16 -41.46 30.96
CA PRO A 82 21.14 -40.22 31.74
C PRO A 82 20.16 -39.19 31.19
N VAL A 83 19.79 -38.23 32.03
CA VAL A 83 18.87 -37.15 31.59
C VAL A 83 19.66 -36.15 30.74
N LEU A 84 19.04 -35.59 29.73
CA LEU A 84 19.71 -34.57 28.89
C LEU A 84 18.79 -33.35 28.84
N PRO A 85 19.31 -32.12 28.72
CA PRO A 85 18.44 -30.95 28.60
C PRO A 85 17.59 -30.90 27.33
N PHE A 86 16.40 -30.32 27.42
CA PHE A 86 15.53 -30.12 26.23
C PHE A 86 15.50 -28.61 26.03
N ASN A 87 16.44 -28.09 25.25
CA ASN A 87 16.53 -26.61 25.14
C ASN A 87 15.43 -26.09 24.22
N ASP A 88 15.39 -26.58 22.99
CA ASP A 88 14.36 -26.13 22.03
C ASP A 88 13.66 -27.37 21.48
N GLY A 89 14.43 -28.33 20.98
CA GLY A 89 13.86 -29.59 20.49
C GLY A 89 14.88 -30.69 20.42
N VAL A 90 14.45 -31.95 20.40
CA VAL A 90 15.43 -33.05 20.41
C VAL A 90 15.22 -33.91 19.19
N TYR A 91 16.27 -34.17 18.42
CA TYR A 91 16.13 -35.10 17.28
C TYR A 91 16.60 -36.46 17.80
N PHE A 92 15.70 -37.42 17.99
CA PHE A 92 16.09 -38.72 18.58
C PHE A 92 16.21 -39.77 17.48
N ALA A 93 16.96 -40.85 17.70
CA ALA A 93 17.06 -41.94 16.70
C ALA A 93 17.38 -43.25 17.41
N SER A 94 17.14 -44.39 16.76
CA SER A 94 17.37 -45.72 17.39
C SER A 94 17.70 -46.76 16.32
N THR A 95 18.66 -47.65 16.61
CA THR A 95 19.13 -48.64 15.60
C THR A 95 19.22 -50.05 16.20
N GLU A 96 18.09 -50.71 16.47
CA GLU A 96 18.20 -52.13 16.94
C GLU A 96 17.13 -53.00 16.28
N LYS A 97 17.49 -54.23 15.91
CA LYS A 97 16.50 -55.16 15.32
C LYS A 97 15.45 -55.49 16.37
N SER A 98 15.89 -55.82 17.59
CA SER A 98 14.91 -56.04 18.69
C SER A 98 14.49 -54.67 19.19
N ASN A 99 13.24 -54.51 19.60
CA ASN A 99 12.83 -53.13 20.00
C ASN A 99 13.26 -52.88 21.45
N ILE A 100 14.55 -52.69 21.69
CA ILE A 100 15.05 -52.41 23.07
C ILE A 100 14.46 -51.08 23.55
N ILE A 101 14.46 -50.06 22.69
CA ILE A 101 13.98 -48.71 23.13
C ILE A 101 12.47 -48.68 22.88
N ARG A 102 11.72 -47.96 23.71
CA ARG A 102 10.25 -48.00 23.58
C ARG A 102 9.67 -46.58 23.62
N GLY A 103 9.92 -45.83 24.69
CA GLY A 103 9.32 -44.50 24.85
C GLY A 103 10.23 -43.50 25.52
N TRP A 104 9.72 -42.31 25.83
CA TRP A 104 10.54 -41.25 26.46
C TRP A 104 9.76 -40.57 27.59
N ILE A 105 10.46 -39.82 28.44
CA ILE A 105 9.73 -39.02 29.45
C ILE A 105 10.19 -37.57 29.28
N PHE A 106 9.29 -36.61 29.42
CA PHE A 106 9.66 -35.19 29.24
C PHE A 106 9.18 -34.41 30.45
N GLY A 107 9.98 -33.45 30.91
CA GLY A 107 9.59 -32.70 32.12
C GLY A 107 10.61 -31.63 32.43
N THR A 108 10.44 -30.95 33.55
CA THR A 108 11.38 -29.88 33.94
C THR A 108 12.05 -30.22 35.27
N THR A 109 11.41 -30.99 36.13
CA THR A 109 11.98 -31.33 37.47
C THR A 109 12.02 -32.85 37.66
N LEU A 110 11.03 -33.57 37.13
CA LEU A 110 11.01 -35.05 37.21
C LEU A 110 11.04 -35.54 38.65
N ASP A 111 10.41 -34.83 39.58
CA ASP A 111 10.33 -35.33 40.99
C ASP A 111 8.92 -35.10 41.54
N SER A 112 7.90 -35.13 40.68
CA SER A 112 6.49 -34.99 41.14
C SER A 112 6.19 -33.62 41.74
N LYS A 113 6.93 -32.57 41.35
CA LYS A 113 6.55 -31.22 41.84
C LYS A 113 5.91 -30.47 40.67
N THR A 114 6.20 -30.90 39.45
CA THR A 114 5.61 -30.25 38.26
C THR A 114 4.89 -31.31 37.43
N GLN A 115 4.40 -30.93 36.25
CA GLN A 115 3.67 -31.89 35.37
C GLN A 115 4.67 -32.46 34.37
N SER A 116 4.69 -33.78 34.21
CA SER A 116 5.67 -34.43 33.30
C SER A 116 4.92 -35.20 32.21
N LEU A 117 5.55 -35.43 31.05
CA LEU A 117 4.90 -36.14 29.93
C LEU A 117 5.43 -37.56 29.88
N LEU A 118 4.55 -38.55 29.82
CA LEU A 118 5.00 -39.96 29.84
C LEU A 118 4.71 -40.56 28.47
N ILE A 119 5.70 -41.16 27.83
CA ILE A 119 5.44 -41.88 26.56
C ILE A 119 5.97 -43.29 26.78
N VAL A 120 5.13 -44.30 26.62
CA VAL A 120 5.58 -45.69 26.91
C VAL A 120 4.90 -46.58 25.87
N ASN A 121 5.60 -47.59 25.38
CA ASN A 121 5.01 -48.42 24.30
C ASN A 121 5.08 -49.89 24.72
N ASN A 122 3.93 -50.56 24.82
CA ASN A 122 3.96 -52.02 25.10
C ASN A 122 3.45 -52.70 23.84
N ALA A 123 3.43 -54.02 23.82
CA ALA A 123 3.07 -54.76 22.59
C ALA A 123 1.66 -54.41 22.07
N THR A 124 0.70 -54.13 22.94
CA THR A 124 -0.70 -53.92 22.45
C THR A 124 -1.02 -52.47 22.11
N ASN A 125 -0.54 -51.52 22.92
CA ASN A 125 -0.99 -50.12 22.71
C ASN A 125 0.12 -49.13 23.04
N VAL A 126 -0.12 -47.84 22.83
CA VAL A 126 0.88 -46.81 23.24
C VAL A 126 0.16 -45.86 24.19
N VAL A 127 0.69 -45.65 25.39
CA VAL A 127 -0.06 -44.83 26.37
C VAL A 127 0.68 -43.52 26.58
N ILE A 128 0.02 -42.39 26.37
CA ILE A 128 0.65 -41.08 26.65
C ILE A 128 -0.13 -40.42 27.79
N LYS A 129 0.56 -40.15 28.90
CA LYS A 129 -0.16 -39.60 30.08
C LYS A 129 0.55 -38.34 30.55
N VAL A 130 -0.20 -37.29 30.86
CA VAL A 130 0.41 -36.06 31.44
C VAL A 130 -0.08 -35.99 32.87
N CYS A 131 0.80 -36.20 33.81
CA CYS A 131 0.48 -36.42 35.24
C CYS A 131 1.63 -35.94 36.03
N GLU A 132 1.47 -35.91 37.37
CA GLU A 132 2.61 -35.54 38.24
C GLU A 132 3.31 -36.83 38.59
N PHE A 133 4.43 -37.14 37.91
CA PHE A 133 5.05 -38.46 38.10
C PHE A 133 6.31 -38.37 38.97
N GLN A 134 6.48 -39.30 39.91
CA GLN A 134 7.72 -39.34 40.70
C GLN A 134 8.61 -40.35 40.00
N PHE A 135 9.43 -39.89 39.06
CA PHE A 135 10.22 -40.85 38.25
C PHE A 135 11.33 -41.45 39.10
N CYS A 136 11.69 -42.71 38.82
CA CYS A 136 12.79 -43.37 39.57
C CYS A 136 14.12 -42.84 39.05
N ASN A 137 15.21 -43.12 39.75
CA ASN A 137 16.56 -42.67 39.33
C ASN A 137 16.92 -43.30 37.99
N ASP A 138 16.64 -44.59 37.81
CA ASP A 138 16.93 -45.28 36.55
C ASP A 138 15.69 -46.04 36.10
N PRO A 139 14.76 -45.37 35.42
CA PRO A 139 13.55 -46.06 34.97
C PRO A 139 13.80 -46.97 33.77
N PHE A 140 12.96 -48.01 33.66
CA PHE A 140 13.07 -48.97 32.53
C PHE A 140 11.74 -49.73 32.42
N LEU A 141 11.63 -50.61 31.43
CA LEU A 141 10.40 -51.45 31.30
C LEU A 141 10.83 -52.91 31.48
N GLY A 142 10.14 -53.67 32.34
CA GLY A 142 10.57 -55.05 32.61
C GLY A 142 9.89 -56.04 31.69
N VAL A 143 10.68 -56.83 30.96
CA VAL A 143 10.10 -57.89 30.07
C VAL A 143 10.45 -59.23 30.69
N TYR A 144 9.43 -60.05 30.99
CA TYR A 144 9.68 -61.34 31.68
C TYR A 144 9.29 -62.49 30.74
N TYR A 145 10.20 -63.45 30.53
CA TYR A 145 9.91 -64.53 29.56
C TYR A 145 9.71 -65.86 30.30
N HIS A 146 8.61 -66.56 30.00
CA HIS A 146 8.39 -67.90 30.61
C HIS A 146 9.51 -68.83 30.12
N LYS A 147 10.02 -69.69 31.00
CA LYS A 147 11.14 -70.58 30.62
C LYS A 147 10.72 -71.50 29.48
N ASN A 148 11.59 -71.68 28.47
CA ASN A 148 11.32 -72.66 27.38
C ASN A 148 10.22 -72.16 26.44
N ASN A 149 9.68 -70.96 26.69
CA ASN A 149 8.70 -70.40 25.73
C ASN A 149 8.83 -68.88 25.74
N LYS A 150 9.58 -68.34 24.79
CA LYS A 150 9.77 -66.88 24.71
C LYS A 150 8.43 -66.24 24.35
N SER A 151 7.49 -67.03 23.83
CA SER A 151 6.20 -66.46 23.37
C SER A 151 5.48 -65.79 24.54
N TRP A 152 5.51 -66.40 25.72
CA TRP A 152 4.82 -65.84 26.92
C TRP A 152 5.62 -64.64 27.44
N MET A 153 5.15 -63.42 27.16
CA MET A 153 5.83 -62.20 27.67
C MET A 153 4.89 -61.45 28.61
N GLU A 154 5.35 -61.16 29.83
CA GLU A 154 4.53 -60.35 30.78
C GLU A 154 5.32 -59.08 31.09
N SER A 155 4.69 -57.90 31.04
CA SER A 155 5.44 -56.64 31.21
C SER A 155 5.08 -55.92 32.50
N GLU A 156 6.09 -55.46 33.26
CA GLU A 156 5.84 -54.68 34.49
C GLU A 156 6.46 -53.29 34.31
N PHE A 157 5.69 -52.23 34.57
CA PHE A 157 6.20 -50.85 34.34
C PHE A 157 7.06 -50.45 35.54
N ARG A 158 8.35 -50.18 35.29
CA ARG A 158 9.26 -49.77 36.39
C ARG A 158 9.75 -48.35 36.08
N VAL A 159 8.86 -47.50 35.55
CA VAL A 159 9.23 -46.08 35.24
C VAL A 159 8.79 -45.13 36.35
N TYR A 160 7.51 -45.15 36.75
CA TYR A 160 7.03 -44.14 37.68
C TYR A 160 6.70 -44.79 39.03
N SER A 161 7.12 -44.14 40.11
CA SER A 161 6.80 -44.62 41.45
C SER A 161 5.32 -44.39 41.75
N SER A 162 4.79 -43.23 41.36
CA SER A 162 3.39 -42.91 41.59
C SER A 162 2.94 -41.90 40.55
N ALA A 163 1.62 -41.81 40.38
CA ALA A 163 1.00 -40.87 39.45
C ALA A 163 -0.11 -40.12 40.17
N ASN A 164 -0.27 -38.85 39.81
CA ASN A 164 -1.27 -38.01 40.45
C ASN A 164 -1.66 -36.88 39.51
N ASN A 165 -2.97 -36.59 39.50
CA ASN A 165 -3.57 -35.47 38.76
C ASN A 165 -3.28 -35.55 37.27
N CYS A 166 -3.78 -36.59 36.62
CA CYS A 166 -3.61 -36.79 35.19
C CYS A 166 -4.58 -35.91 34.42
N THR A 167 -4.05 -35.08 33.52
CA THR A 167 -4.88 -34.18 32.73
C THR A 167 -5.22 -34.78 31.37
N PHE A 168 -4.20 -35.21 30.63
CA PHE A 168 -4.37 -35.73 29.28
C PHE A 168 -3.93 -37.19 29.23
N GLU A 169 -4.82 -38.05 28.73
CA GLU A 169 -4.51 -39.46 28.54
C GLU A 169 -4.83 -39.82 27.10
N TYR A 170 -3.96 -40.60 26.47
CA TYR A 170 -4.10 -40.97 25.07
C TYR A 170 -3.66 -42.42 24.88
N VAL A 171 -4.54 -43.23 24.30
CA VAL A 171 -4.25 -44.62 23.98
C VAL A 171 -4.60 -44.85 22.51
N SER A 172 -3.71 -45.55 21.79
CA SER A 172 -3.90 -45.77 20.36
C SER A 172 -3.08 -46.99 19.94
N GLN A 173 -2.99 -47.19 18.63
CA GLN A 173 -2.25 -48.36 18.07
C GLN A 173 -0.74 -48.15 18.28
N PRO A 174 0.05 -49.24 18.42
CA PRO A 174 1.48 -49.13 18.68
C PRO A 174 2.25 -48.48 17.51
N PHE A 175 3.29 -47.71 17.81
CA PHE A 175 4.14 -47.15 16.72
C PHE A 175 4.79 -48.35 16.04
N LEU A 176 5.12 -48.24 14.74
CA LEU A 176 5.64 -49.45 14.05
C LEU A 176 6.83 -49.96 14.86
N MET A 177 6.81 -51.24 15.23
CA MET A 177 7.91 -51.84 16.03
C MET A 177 8.20 -53.24 15.49
N ASP A 178 9.46 -53.65 15.51
CA ASP A 178 9.83 -55.01 15.02
C ASP A 178 9.28 -56.05 16.02
N LEU A 179 8.80 -57.18 15.50
CA LEU A 179 8.28 -58.27 16.38
C LEU A 179 9.31 -59.40 16.45
N GLY A 184 17.29 -62.77 6.20
CA GLY A 184 16.71 -61.44 5.88
C GLY A 184 16.88 -60.48 7.02
N ASN A 185 17.95 -60.66 7.80
CA ASN A 185 18.15 -59.81 9.00
C ASN A 185 18.25 -58.36 8.55
N PHE A 186 17.57 -57.45 9.25
CA PHE A 186 17.66 -56.01 8.91
C PHE A 186 17.63 -55.19 10.19
N LYS A 187 18.22 -54.00 10.17
CA LYS A 187 18.15 -53.10 11.35
C LYS A 187 17.21 -51.95 10.97
N ASN A 188 16.22 -51.64 11.81
CA ASN A 188 15.22 -50.60 11.43
C ASN A 188 15.50 -49.29 12.19
N LEU A 189 15.97 -48.26 11.47
CA LEU A 189 16.23 -46.94 12.11
C LEU A 189 14.90 -46.24 12.38
N ARG A 190 14.70 -45.74 13.60
CA ARG A 190 13.46 -44.97 13.91
C ARG A 190 13.88 -43.58 14.38
N GLU A 191 13.39 -42.52 13.73
CA GLU A 191 13.83 -41.14 14.07
C GLU A 191 12.63 -40.37 14.62
N PHE A 192 12.81 -39.65 15.74
CA PHE A 192 11.65 -38.95 16.36
C PHE A 192 12.03 -37.52 16.78
N VAL A 193 11.58 -36.51 16.02
CA VAL A 193 11.79 -35.11 16.36
C VAL A 193 10.68 -34.67 17.28
N PHE A 194 11.05 -34.14 18.45
CA PHE A 194 10.10 -33.63 19.43
C PHE A 194 10.22 -32.11 19.51
N LYS A 195 9.09 -31.42 19.44
CA LYS A 195 9.05 -29.97 19.48
C LYS A 195 7.91 -29.52 20.38
N ASN A 196 8.14 -28.43 21.11
CA ASN A 196 7.14 -27.87 22.03
C ASN A 196 6.94 -26.40 21.67
N ILE A 197 5.93 -26.12 20.85
CA ILE A 197 5.62 -24.77 20.42
C ILE A 197 4.16 -24.47 20.73
N ASP A 198 3.92 -23.37 21.46
CA ASP A 198 2.58 -22.87 21.80
C ASP A 198 1.75 -23.91 22.55
N GLY A 199 2.41 -24.68 23.42
CA GLY A 199 1.70 -25.70 24.18
C GLY A 199 1.32 -26.92 23.37
N TYR A 200 1.93 -27.11 22.20
CA TYR A 200 1.65 -28.25 21.35
C TYR A 200 2.90 -29.11 21.24
N PHE A 201 2.75 -30.41 21.46
CA PHE A 201 3.86 -31.36 21.36
C PHE A 201 3.77 -32.04 20.00
N LYS A 202 4.62 -31.63 19.08
CA LYS A 202 4.63 -32.14 17.71
C LYS A 202 5.69 -33.23 17.58
N ILE A 203 5.28 -34.38 17.05
CA ILE A 203 6.17 -35.53 16.87
C ILE A 203 6.20 -35.89 15.39
N TYR A 204 7.40 -35.98 14.82
CA TYR A 204 7.58 -36.34 13.43
C TYR A 204 8.51 -37.55 13.36
N SER A 205 8.20 -38.50 12.48
CA SER A 205 8.92 -39.76 12.50
C SER A 205 8.81 -40.46 11.16
N LYS A 206 9.79 -41.36 10.92
CA LYS A 206 9.81 -42.19 9.69
C LYS A 206 10.83 -43.31 9.93
N HIS A 207 10.47 -44.57 9.63
CA HIS A 207 11.31 -45.72 9.86
C HIS A 207 11.84 -46.24 8.52
N THR A 208 13.15 -46.44 8.44
CA THR A 208 13.83 -46.89 7.23
C THR A 208 14.75 -48.04 7.55
N PRO A 209 14.98 -48.94 6.59
CA PRO A 209 15.93 -50.04 6.81
C PRO A 209 17.36 -49.54 6.90
N ILE A 210 18.19 -50.34 7.58
CA ILE A 210 19.65 -50.02 7.69
C ILE A 210 20.38 -51.25 7.13
N ASN A 211 21.33 -51.03 6.22
CA ASN A 211 22.06 -52.11 5.56
C ASN A 211 23.50 -51.69 5.35
N LEU A 212 24.43 -52.41 5.99
CA LEU A 212 25.88 -52.18 5.89
C LEU A 212 26.29 -50.76 6.26
N VAL A 213 25.93 -50.34 7.48
CA VAL A 213 26.46 -49.12 8.07
C VAL A 213 26.39 -49.27 9.58
N ARG A 214 27.35 -48.66 10.29
CA ARG A 214 27.41 -48.81 11.77
C ARG A 214 26.89 -47.55 12.46
N ASP A 215 26.92 -46.42 11.75
CA ASP A 215 26.55 -45.15 12.37
C ASP A 215 25.34 -44.61 11.61
N LEU A 216 25.02 -43.33 11.85
CA LEU A 216 23.87 -42.71 11.20
C LEU A 216 24.09 -42.68 9.69
N PRO A 217 23.17 -43.22 8.90
CA PRO A 217 23.41 -43.38 7.47
C PRO A 217 23.28 -42.07 6.70
N GLN A 218 23.84 -42.08 5.50
CA GLN A 218 23.76 -40.94 4.61
C GLN A 218 22.40 -40.92 3.90
N GLY A 219 22.26 -40.03 2.93
CA GLY A 219 21.00 -39.88 2.23
C GLY A 219 20.05 -38.95 2.95
N PHE A 220 18.83 -38.89 2.43
CA PHE A 220 17.80 -37.99 2.95
C PHE A 220 16.55 -38.77 3.29
N SER A 221 16.02 -38.53 4.48
CA SER A 221 14.75 -39.08 4.92
C SER A 221 13.92 -37.98 5.55
N ALA A 222 12.67 -37.86 5.10
CA ALA A 222 11.76 -36.81 5.54
C ALA A 222 10.77 -37.37 6.54
N LEU A 223 10.59 -36.68 7.66
CA LEU A 223 9.70 -37.16 8.70
C LEU A 223 8.32 -36.55 8.57
N GLU A 224 7.32 -37.44 8.65
CA GLU A 224 5.92 -37.02 8.46
C GLU A 224 5.19 -36.89 9.82
N PRO A 225 4.29 -35.90 10.02
CA PRO A 225 3.58 -35.72 11.30
C PRO A 225 2.76 -36.95 11.67
N LEU A 226 2.77 -37.24 12.97
CA LEU A 226 2.04 -38.41 13.46
C LEU A 226 0.99 -38.06 14.50
N VAL A 227 1.34 -37.28 15.53
CA VAL A 227 0.37 -36.73 16.47
C VAL A 227 0.66 -35.26 16.72
N ASP A 228 -0.30 -34.57 17.33
CA ASP A 228 -0.16 -33.17 17.77
C ASP A 228 -0.83 -33.07 19.13
N LEU A 229 -0.05 -33.29 20.19
CA LEU A 229 -0.59 -33.35 21.55
C LEU A 229 -0.59 -31.97 22.19
N PRO A 230 -1.72 -31.50 22.72
CA PRO A 230 -1.76 -30.21 23.44
C PRO A 230 -1.47 -30.40 24.93
N ILE A 231 -0.22 -30.74 25.22
CA ILE A 231 0.18 -31.01 26.61
C ILE A 231 0.22 -29.73 27.43
N GLY A 232 0.73 -28.64 26.87
CA GLY A 232 0.76 -27.36 27.55
C GLY A 232 1.55 -27.30 28.83
N ILE A 233 2.71 -27.95 28.87
CA ILE A 233 3.53 -28.02 30.08
C ILE A 233 4.95 -27.58 29.74
N ASN A 234 5.69 -27.23 30.78
CA ASN A 234 7.09 -26.81 30.64
C ASN A 234 7.99 -28.03 30.55
N ILE A 235 8.84 -28.06 29.53
CA ILE A 235 9.77 -29.17 29.30
C ILE A 235 11.18 -28.61 29.31
N THR A 236 12.05 -29.20 30.14
CA THR A 236 13.42 -28.73 30.26
C THR A 236 14.41 -29.89 30.10
N ARG A 237 14.00 -31.08 30.54
CA ARG A 237 14.85 -32.26 30.48
C ARG A 237 14.06 -33.46 29.97
N PHE A 238 14.79 -34.43 29.43
CA PHE A 238 14.17 -35.65 28.93
C PHE A 238 15.11 -36.83 29.18
N GLN A 239 14.53 -38.03 29.19
CA GLN A 239 15.28 -39.25 29.47
C GLN A 239 14.73 -40.38 28.62
N THR A 240 15.61 -41.27 28.18
CA THR A 240 15.23 -42.39 27.33
C THR A 240 14.84 -43.60 28.16
N LEU A 241 13.77 -44.28 27.74
CA LEU A 241 13.29 -45.50 28.38
C LEU A 241 13.79 -46.71 27.61
N LEU A 242 14.24 -47.74 28.35
CA LEU A 242 14.74 -48.97 27.76
C LEU A 242 13.93 -50.15 28.28
N ALA A 243 13.65 -51.10 27.41
CA ALA A 243 13.01 -52.36 27.78
C ALA A 243 14.09 -53.43 27.89
N LEU A 244 14.27 -53.96 29.10
CA LEU A 244 15.33 -54.91 29.39
C LEU A 244 14.74 -56.28 29.65
N HIS A 245 15.24 -57.29 28.93
CA HIS A 245 14.85 -58.67 29.20
C HIS A 245 15.41 -59.12 30.54
N ARG A 246 14.56 -59.84 31.28
CA ARG A 246 14.92 -60.25 32.64
C ARG A 246 15.61 -61.61 32.66
N SER A 247 16.77 -61.67 33.32
CA SER A 247 17.50 -62.91 33.53
C SER A 247 17.32 -63.34 34.98
N TYR A 248 16.89 -64.59 35.18
CA TYR A 248 16.56 -65.09 36.51
C TYR A 248 17.73 -65.76 37.21
N LEU A 249 18.90 -65.84 36.58
CA LEU A 249 20.05 -66.48 37.22
C LEU A 249 20.57 -65.64 38.38
N THR A 250 20.59 -64.32 38.22
CA THR A 250 20.95 -63.38 39.25
C THR A 250 19.71 -62.64 39.76
N PRO A 251 19.66 -62.10 41.01
CA PRO A 251 18.42 -61.49 41.52
C PRO A 251 18.00 -60.19 40.81
N GLY A 252 16.70 -59.87 40.84
CA GLY A 252 16.17 -58.68 40.14
C GLY A 252 16.68 -57.36 40.69
N ASP A 253 16.83 -57.24 42.01
CA ASP A 253 17.21 -55.92 42.60
C ASP A 253 18.58 -55.48 42.08
N SER A 254 19.51 -56.42 41.92
CA SER A 254 20.88 -56.09 41.44
C SER A 254 20.82 -55.64 39.98
N SER A 255 21.77 -54.80 39.56
CA SER A 255 21.82 -54.38 38.14
C SER A 255 21.87 -55.61 37.24
N SER A 256 22.63 -56.64 37.64
CA SER A 256 22.69 -57.87 36.86
C SER A 256 21.31 -58.53 36.78
N GLY A 257 21.08 -59.24 35.69
CA GLY A 257 19.80 -59.88 35.44
C GLY A 257 18.87 -59.12 34.54
N TRP A 258 19.28 -57.95 34.04
CA TRP A 258 18.46 -57.16 33.14
C TRP A 258 19.13 -57.03 31.77
N THR A 259 19.68 -58.12 31.27
CA THR A 259 20.48 -58.09 30.04
C THR A 259 19.59 -57.88 28.82
N ALA A 260 20.09 -57.09 27.87
CA ALA A 260 19.43 -56.85 26.61
C ALA A 260 20.47 -56.69 25.52
N GLY A 261 19.99 -56.52 24.29
CA GLY A 261 20.89 -56.36 23.15
C GLY A 261 21.58 -55.01 23.14
N ALA A 262 22.59 -54.91 22.28
CA ALA A 262 23.37 -53.68 22.17
C ALA A 262 22.65 -52.71 21.24
N ALA A 263 22.12 -51.63 21.79
CA ALA A 263 21.41 -50.62 21.01
C ALA A 263 21.97 -49.24 21.35
N ALA A 264 22.26 -48.46 20.32
CA ALA A 264 22.78 -47.11 20.47
C ALA A 264 21.75 -46.12 19.92
N TYR A 265 21.47 -45.07 20.69
CA TYR A 265 20.49 -44.08 20.32
C TYR A 265 21.15 -42.72 20.17
N TYR A 266 20.65 -41.92 19.22
CA TYR A 266 21.20 -40.62 18.91
C TYR A 266 20.32 -39.53 19.49
N VAL A 267 20.95 -38.44 19.96
CA VAL A 267 20.24 -37.28 20.47
C VAL A 267 20.86 -36.03 19.85
N GLY A 268 20.04 -35.23 19.17
CA GLY A 268 20.46 -33.95 18.64
C GLY A 268 19.66 -32.83 19.26
N TYR A 269 20.12 -31.60 19.01
CA TYR A 269 19.48 -30.41 19.54
C TYR A 269 19.07 -29.48 18.40
N LEU A 270 17.86 -28.96 18.46
CA LEU A 270 17.33 -28.10 17.42
C LEU A 270 17.63 -26.63 17.74
N GLN A 271 18.11 -25.93 16.71
CA GLN A 271 18.43 -24.48 16.85
C GLN A 271 17.68 -23.79 15.72
N PRO A 272 17.10 -22.59 15.91
CA PRO A 272 16.30 -21.99 14.86
C PRO A 272 17.15 -21.75 13.61
N ARG A 273 16.67 -22.17 12.44
CA ARG A 273 17.43 -22.01 11.18
C ARG A 273 16.45 -21.90 10.01
N THR A 274 16.91 -21.42 8.86
CA THR A 274 16.03 -21.23 7.68
C THR A 274 16.42 -22.23 6.60
N PHE A 275 15.57 -23.20 6.29
CA PHE A 275 15.96 -24.27 5.34
C PHE A 275 15.05 -24.27 4.12
N LEU A 276 15.62 -24.18 2.91
CA LEU A 276 14.78 -24.34 1.70
C LEU A 276 14.48 -25.82 1.59
N LEU A 277 13.29 -26.19 1.12
CA LEU A 277 12.88 -27.61 1.02
C LEU A 277 12.49 -27.92 -0.43
N LYS A 278 12.96 -29.04 -0.98
CA LYS A 278 12.67 -29.39 -2.39
C LYS A 278 11.63 -30.51 -2.45
N TYR A 279 10.48 -30.25 -3.08
CA TYR A 279 9.46 -31.31 -3.24
C TYR A 279 9.70 -32.02 -4.57
N ASN A 280 8.89 -33.05 -4.87
CA ASN A 280 9.10 -33.82 -6.13
C ASN A 280 7.76 -34.01 -6.82
N GLU A 281 7.79 -34.43 -8.09
CA GLU A 281 6.54 -34.66 -8.86
C GLU A 281 5.47 -35.30 -7.98
N ASN A 282 5.83 -36.30 -7.17
CA ASN A 282 4.80 -36.98 -6.39
C ASN A 282 4.42 -36.25 -5.12
N GLY A 283 5.21 -35.28 -4.68
CA GLY A 283 4.92 -34.51 -3.50
C GLY A 283 5.67 -34.91 -2.23
N THR A 284 6.86 -35.49 -2.34
CA THR A 284 7.64 -35.91 -1.19
C THR A 284 8.95 -35.12 -1.16
N ILE A 285 9.45 -34.87 0.05
CA ILE A 285 10.69 -34.11 0.19
C ILE A 285 11.86 -35.00 -0.20
N THR A 286 12.73 -34.48 -1.07
CA THR A 286 13.90 -35.22 -1.54
C THR A 286 15.21 -34.60 -1.13
N ASP A 287 15.35 -33.27 -1.28
CA ASP A 287 16.60 -32.58 -0.97
C ASP A 287 16.29 -31.32 -0.17
N ALA A 288 17.28 -30.87 0.60
CA ALA A 288 17.17 -29.65 1.38
C ALA A 288 18.48 -28.89 1.31
N VAL A 289 18.37 -27.56 1.42
CA VAL A 289 19.59 -26.70 1.43
C VAL A 289 19.49 -25.82 2.67
N ASP A 290 20.49 -25.85 3.55
CA ASP A 290 20.50 -24.93 4.71
C ASP A 290 21.38 -23.73 4.36
N CYS A 291 20.82 -22.52 4.45
CA CYS A 291 21.57 -21.31 4.04
C CYS A 291 22.83 -21.15 4.90
N ALA A 292 22.72 -21.40 6.20
CA ALA A 292 23.85 -21.22 7.13
C ALA A 292 25.00 -22.18 6.82
N LEU A 293 24.71 -23.40 6.38
CA LEU A 293 25.78 -24.42 6.21
C LEU A 293 26.85 -23.95 5.22
N ASP A 294 26.48 -23.34 4.10
CA ASP A 294 27.55 -23.00 3.12
C ASP A 294 27.29 -21.64 2.49
N PRO A 295 28.34 -20.89 2.07
CA PRO A 295 28.12 -19.65 1.34
C PRO A 295 27.40 -20.02 0.03
N LEU A 296 27.77 -21.15 -0.57
CA LEU A 296 27.10 -21.61 -1.81
C LEU A 296 25.63 -21.86 -1.47
N SER A 297 25.37 -22.44 -0.30
CA SER A 297 23.97 -22.71 0.11
C SER A 297 23.22 -21.39 0.23
N GLU A 298 23.87 -20.37 0.76
CA GLU A 298 23.23 -19.04 0.91
C GLU A 298 22.88 -18.49 -0.48
N THR A 299 23.74 -18.73 -1.48
CA THR A 299 23.44 -18.27 -2.86
C THR A 299 22.16 -18.94 -3.33
N LYS A 300 21.99 -20.23 -3.00
CA LYS A 300 20.78 -20.97 -3.43
C LYS A 300 19.55 -20.32 -2.79
N CYS A 301 19.67 -19.87 -1.54
CA CYS A 301 18.51 -19.26 -0.85
C CYS A 301 18.09 -17.99 -1.59
N THR A 302 19.07 -17.18 -2.00
CA THR A 302 18.76 -15.93 -2.74
C THR A 302 18.13 -16.26 -4.09
N LEU A 303 18.72 -17.19 -4.84
CA LEU A 303 18.21 -17.47 -6.21
C LEU A 303 16.89 -18.22 -6.12
N LYS A 304 16.59 -18.81 -4.96
CA LYS A 304 15.35 -19.60 -4.75
C LYS A 304 15.37 -20.82 -5.68
N SER A 305 16.56 -21.24 -6.11
CA SER A 305 16.71 -22.42 -6.98
C SER A 305 17.91 -23.25 -6.52
N PHE A 306 17.78 -24.57 -6.52
CA PHE A 306 18.93 -25.44 -6.14
C PHE A 306 20.05 -25.26 -7.16
N THR A 307 19.70 -25.15 -8.45
CA THR A 307 20.72 -24.94 -9.52
C THR A 307 21.22 -23.50 -9.48
N VAL A 308 22.54 -23.30 -9.56
CA VAL A 308 23.14 -21.94 -9.59
C VAL A 308 24.07 -21.85 -10.80
N GLU A 309 23.98 -20.77 -11.59
CA GLU A 309 24.80 -20.66 -12.83
C GLU A 309 26.17 -20.05 -12.50
N LYS A 310 27.07 -19.94 -13.48
CA LYS A 310 28.38 -19.38 -13.24
C LYS A 310 28.33 -17.86 -13.21
N GLY A 311 28.99 -17.28 -12.21
CA GLY A 311 29.09 -15.84 -12.11
C GLY A 311 29.22 -15.39 -10.67
N ILE A 312 29.00 -14.09 -10.48
CA ILE A 312 29.05 -13.44 -9.18
C ILE A 312 27.64 -12.98 -8.82
N TYR A 313 27.26 -13.17 -7.57
CA TYR A 313 25.92 -12.85 -7.08
C TYR A 313 26.02 -12.10 -5.76
N GLN A 314 25.10 -11.18 -5.54
CA GLN A 314 24.98 -10.55 -4.23
C GLN A 314 23.81 -11.18 -3.47
N THR A 315 24.05 -11.57 -2.23
CA THR A 315 23.08 -12.32 -1.45
C THR A 315 22.64 -11.50 -0.24
N SER A 316 21.39 -11.72 0.18
CA SER A 316 20.92 -11.11 1.42
C SER A 316 21.62 -11.76 2.61
N ASN A 317 22.03 -10.93 3.56
CA ASN A 317 22.84 -11.38 4.68
C ASN A 317 21.94 -11.63 5.89
N PHE A 318 21.66 -12.89 6.17
CA PHE A 318 21.00 -13.31 7.40
C PHE A 318 21.70 -14.51 8.02
N ARG A 319 22.99 -14.68 7.77
CA ARG A 319 23.72 -15.83 8.30
C ARG A 319 24.00 -15.66 9.79
N VAL A 320 23.88 -14.43 10.29
CA VAL A 320 24.18 -14.18 11.70
C VAL A 320 22.93 -14.39 12.54
N GLN A 321 23.12 -15.14 13.63
CA GLN A 321 22.00 -15.45 14.54
C GLN A 321 22.33 -14.83 15.92
N PRO A 322 21.36 -14.26 16.69
CA PRO A 322 21.64 -13.76 18.04
C PRO A 322 21.96 -14.89 19.01
N THR A 323 22.91 -14.64 19.90
CA THR A 323 23.36 -15.64 20.85
C THR A 323 23.09 -15.25 22.30
N GLU A 324 23.00 -13.95 22.59
CA GLU A 324 22.76 -13.47 23.94
C GLU A 324 21.92 -12.20 23.89
N SER A 325 21.30 -11.89 25.01
CA SER A 325 20.52 -10.67 25.18
C SER A 325 21.05 -9.90 26.39
N ILE A 326 21.42 -8.65 26.19
CA ILE A 326 21.94 -7.79 27.26
C ILE A 326 20.94 -6.67 27.49
N VAL A 327 20.78 -6.28 28.75
CA VAL A 327 19.80 -5.30 29.18
C VAL A 327 20.52 -4.21 29.97
N ARG A 328 20.31 -2.95 29.59
CA ARG A 328 20.94 -1.83 30.25
C ARG A 328 19.90 -0.76 30.56
N PHE A 329 19.71 -0.47 31.85
CA PHE A 329 18.83 0.58 32.33
C PHE A 329 19.52 1.32 33.47
N PRO A 330 19.18 2.60 33.70
CA PRO A 330 19.92 3.39 34.69
C PRO A 330 19.68 2.92 36.12
N ASN A 331 20.59 3.30 36.97
CA ASN A 331 20.48 2.97 38.40
C ASN A 331 19.37 3.78 39.03
N ILE A 332 18.18 3.19 39.14
CA ILE A 332 17.11 3.68 40.00
C ILE A 332 16.50 2.46 40.67
N THR A 333 16.77 2.29 41.97
CA THR A 333 16.18 1.22 42.75
C THR A 333 14.98 1.66 43.58
N ASN A 334 14.55 2.91 43.44
CA ASN A 334 13.49 3.44 44.29
C ASN A 334 12.11 3.10 43.74
N LEU A 335 11.28 2.51 44.60
CA LEU A 335 9.87 2.35 44.28
C LEU A 335 9.23 3.74 44.21
N CYS A 336 8.20 3.87 43.37
CA CYS A 336 7.71 5.19 43.01
C CYS A 336 6.97 5.85 44.16
N PRO A 337 7.29 7.12 44.52
CA PRO A 337 6.50 7.84 45.51
C PRO A 337 5.22 8.20 44.75
N PHE A 338 4.36 7.21 44.52
CA PHE A 338 3.06 7.46 43.86
C PHE A 338 2.26 8.41 44.77
N GLY A 339 2.54 8.35 46.07
CA GLY A 339 1.72 9.12 47.02
C GLY A 339 0.42 8.36 47.16
N GLU A 340 0.45 7.08 46.78
CA GLU A 340 -0.78 6.27 46.77
C GLU A 340 -1.82 7.04 45.95
N VAL A 341 -1.43 7.53 44.77
CA VAL A 341 -2.37 8.37 43.98
C VAL A 341 -3.58 7.47 43.71
N PHE A 342 -3.33 6.20 43.42
CA PHE A 342 -4.44 5.24 43.22
C PHE A 342 -5.21 5.09 44.54
N ASN A 343 -4.52 5.09 45.67
CA ASN A 343 -5.20 4.85 46.98
C ASN A 343 -5.52 6.18 47.67
N ALA A 344 -5.38 7.31 46.99
CA ALA A 344 -5.56 8.63 47.67
C ALA A 344 -7.00 8.75 48.18
N THR A 345 -7.17 9.30 49.38
CA THR A 345 -8.53 9.40 49.98
C THR A 345 -9.43 10.25 49.11
N ARG A 346 -8.93 11.41 48.65
CA ARG A 346 -9.79 12.33 47.86
C ARG A 346 -9.15 12.54 46.48
N PHE A 347 -9.96 12.45 45.43
CA PHE A 347 -9.43 12.70 44.07
C PHE A 347 -9.87 14.09 43.62
N ALA A 348 -9.45 14.49 42.42
CA ALA A 348 -9.80 15.79 41.89
C ALA A 348 -11.18 15.76 41.24
N SER A 349 -11.82 16.93 41.22
CA SER A 349 -13.02 17.12 40.43
C SER A 349 -12.65 17.15 38.95
N VAL A 350 -13.65 16.96 38.10
CA VAL A 350 -13.36 16.87 36.67
C VAL A 350 -13.19 18.25 36.05
N TYR A 351 -13.75 19.29 36.68
CA TYR A 351 -13.55 20.64 36.15
C TYR A 351 -12.17 21.16 36.49
N ALA A 352 -11.62 20.73 37.64
CA ALA A 352 -10.25 21.06 38.04
C ALA A 352 -9.51 19.75 38.31
N TRP A 353 -8.98 19.16 37.24
CA TRP A 353 -8.29 17.88 37.36
C TRP A 353 -6.84 18.09 37.76
N ASN A 354 -6.38 17.29 38.72
CA ASN A 354 -5.03 17.40 39.24
C ASN A 354 -4.06 16.57 38.41
N ARG A 355 -2.94 17.20 38.05
CA ARG A 355 -1.86 16.58 37.32
C ARG A 355 -0.63 16.52 38.22
N LYS A 356 -0.04 15.33 38.34
CA LYS A 356 1.09 15.09 39.21
C LYS A 356 2.27 14.60 38.39
N ARG A 357 3.43 15.21 38.62
CA ARG A 357 4.66 14.80 37.94
C ARG A 357 5.22 13.54 38.59
N ILE A 358 5.72 12.63 37.78
CA ILE A 358 6.40 11.43 38.25
C ILE A 358 7.83 11.46 37.73
N SER A 359 8.80 11.42 38.65
CA SER A 359 10.20 11.52 38.29
C SER A 359 11.06 10.71 39.25
N ASN A 360 12.13 10.14 38.71
CA ASN A 360 13.18 9.45 39.46
C ASN A 360 12.64 8.28 40.27
N CYS A 361 12.06 7.31 39.56
CA CYS A 361 11.63 6.07 40.19
C CYS A 361 11.59 4.97 39.14
N VAL A 362 11.32 3.74 39.59
CA VAL A 362 11.15 2.61 38.62
C VAL A 362 9.69 2.18 38.67
N ALA A 363 8.93 2.45 37.59
CA ALA A 363 7.47 2.17 37.59
C ALA A 363 7.17 0.67 37.56
N ASP A 364 6.54 0.15 38.63
CA ASP A 364 6.12 -1.28 38.62
C ASP A 364 4.59 -1.30 38.71
N TYR A 365 3.92 -1.92 37.73
CA TYR A 365 2.44 -1.97 37.73
C TYR A 365 1.94 -3.27 38.37
N SER A 366 2.86 -4.19 38.65
CA SER A 366 2.45 -5.52 39.21
C SER A 366 1.81 -5.30 40.58
N VAL A 367 2.39 -4.42 41.40
CA VAL A 367 1.83 -4.13 42.76
C VAL A 367 0.44 -3.52 42.59
N LEU A 368 0.27 -2.61 41.62
CA LEU A 368 -1.04 -1.92 41.44
C LEU A 368 -2.11 -2.95 41.08
N TYR A 369 -1.78 -3.91 40.21
CA TYR A 369 -2.76 -4.95 39.79
C TYR A 369 -3.14 -5.80 41.00
N ASN A 370 -2.15 -6.15 41.84
CA ASN A 370 -2.45 -6.92 43.07
C ASN A 370 -3.30 -6.06 44.01
N SER A 371 -2.98 -4.77 44.15
CA SER A 371 -3.71 -3.90 45.10
C SER A 371 -5.19 -3.77 44.73
N ALA A 372 -5.48 -3.57 43.45
CA ALA A 372 -6.89 -3.35 43.03
C ALA A 372 -7.14 -3.94 41.65
N SER A 373 -8.38 -4.35 41.36
CA SER A 373 -8.71 -4.87 40.01
C SER A 373 -9.21 -3.70 39.16
N PHE A 374 -8.57 -3.44 38.02
CA PHE A 374 -8.96 -2.28 37.18
C PHE A 374 -9.98 -2.74 36.14
N SER A 375 -11.12 -2.06 36.08
CA SER A 375 -12.16 -2.42 35.10
C SER A 375 -11.78 -2.01 33.68
N THR A 376 -11.21 -0.81 33.54
CA THR A 376 -10.82 -0.29 32.23
C THR A 376 -9.32 -0.04 32.22
N PHE A 377 -8.61 -0.70 31.30
CA PHE A 377 -7.18 -0.49 31.11
C PHE A 377 -6.93 -0.41 29.60
N LYS A 378 -7.03 0.81 29.05
CA LYS A 378 -6.83 1.00 27.62
C LYS A 378 -5.62 1.90 27.37
N CYS A 379 -4.61 1.36 26.71
CA CYS A 379 -3.42 2.12 26.38
C CYS A 379 -3.33 2.37 24.88
N TYR A 380 -2.97 3.61 24.52
CA TYR A 380 -2.91 4.05 23.14
C TYR A 380 -1.49 4.47 22.82
N GLY A 381 -0.94 3.96 21.72
CA GLY A 381 0.42 4.22 21.33
C GLY A 381 1.46 3.28 21.92
N VAL A 382 1.22 2.78 23.13
CA VAL A 382 2.07 1.78 23.76
C VAL A 382 1.19 0.61 24.14
N SER A 383 1.63 -0.60 23.81
CA SER A 383 0.86 -1.80 24.08
C SER A 383 0.77 -2.06 25.59
N PRO A 384 -0.36 -2.59 26.07
CA PRO A 384 -0.44 -2.95 27.50
C PRO A 384 0.55 -4.02 27.91
N THR A 385 0.78 -5.02 27.05
CA THR A 385 1.87 -5.95 27.27
C THR A 385 3.16 -5.38 26.70
N LYS A 386 4.29 -5.84 27.25
CA LYS A 386 5.68 -5.35 27.14
C LYS A 386 5.80 -3.87 27.51
N LEU A 387 4.79 -3.29 28.17
CA LEU A 387 4.89 -1.93 28.67
C LEU A 387 5.91 -1.84 29.80
N ASN A 388 6.07 -2.92 30.56
CA ASN A 388 7.03 -2.92 31.66
C ASN A 388 8.46 -2.99 31.16
N ASP A 389 8.66 -3.40 29.91
CA ASP A 389 10.00 -3.45 29.35
C ASP A 389 10.48 -2.05 28.97
N LEU A 390 9.56 -1.17 28.60
CA LEU A 390 9.90 0.10 28.00
C LEU A 390 10.13 1.17 29.07
N CYS A 391 11.07 2.08 28.78
CA CYS A 391 11.32 3.26 29.61
C CYS A 391 10.44 4.41 29.11
N PHE A 392 9.98 5.22 30.04
CA PHE A 392 9.10 6.34 29.72
C PHE A 392 9.81 7.64 30.05
N THR A 393 9.70 8.64 29.17
CA THR A 393 10.48 9.86 29.33
C THR A 393 9.94 10.71 30.48
N ASN A 394 8.70 11.17 30.38
CA ASN A 394 8.11 12.03 31.40
C ASN A 394 6.66 11.63 31.61
N VAL A 395 6.25 11.56 32.88
CA VAL A 395 4.93 11.08 33.26
C VAL A 395 4.20 12.18 34.01
N TYR A 396 3.02 12.55 33.53
CA TYR A 396 2.12 13.50 34.18
C TYR A 396 0.78 12.80 34.38
N ALA A 397 0.58 12.25 35.57
CA ALA A 397 -0.67 11.54 35.85
C ALA A 397 -1.79 12.53 36.14
N ASP A 398 -2.90 12.39 35.41
CA ASP A 398 -4.07 13.25 35.60
C ASP A 398 -5.17 12.41 36.21
N SER A 399 -5.69 12.83 37.36
CA SER A 399 -6.62 12.01 38.12
C SER A 399 -7.95 12.72 38.33
N PHE A 400 -9.05 11.99 38.18
CA PHE A 400 -10.37 12.55 38.47
C PHE A 400 -11.36 11.43 38.74
N VAL A 401 -12.58 11.84 39.09
CA VAL A 401 -13.68 10.94 39.43
C VAL A 401 -14.86 11.30 38.55
N ILE A 402 -15.41 10.31 37.84
CA ILE A 402 -16.59 10.50 37.00
C ILE A 402 -17.55 9.35 37.25
N ARG A 403 -18.64 9.34 36.47
CA ARG A 403 -19.58 8.23 36.50
C ARG A 403 -19.30 7.26 35.35
N GLY A 404 -19.98 6.12 35.39
CA GLY A 404 -19.64 5.02 34.49
C GLY A 404 -19.93 5.30 33.04
N ASP A 405 -21.11 5.86 32.74
CA ASP A 405 -21.52 6.08 31.36
C ASP A 405 -20.67 7.15 30.68
N GLU A 406 -19.92 7.93 31.44
CA GLU A 406 -19.01 8.93 30.92
C GLU A 406 -17.58 8.41 30.77
N VAL A 407 -17.30 7.18 31.21
CA VAL A 407 -15.95 6.62 31.15
C VAL A 407 -15.50 6.48 29.70
N ARG A 408 -16.40 6.04 28.83
CA ARG A 408 -16.10 5.94 27.40
C ARG A 408 -15.81 7.30 26.79
N GLN A 409 -16.24 8.38 27.44
CA GLN A 409 -15.94 9.72 26.93
C GLN A 409 -14.48 10.10 27.15
N ILE A 410 -13.78 9.39 28.03
CA ILE A 410 -12.38 9.70 28.28
C ILE A 410 -11.51 9.34 27.09
N ALA A 411 -11.90 8.30 26.35
CA ALA A 411 -11.11 7.83 25.21
C ALA A 411 -11.04 8.91 24.13
N PRO A 412 -9.87 9.09 23.51
CA PRO A 412 -9.70 10.18 22.53
C PRO A 412 -10.53 9.96 21.28
N GLY A 413 -11.02 11.07 20.72
CA GLY A 413 -11.85 11.03 19.54
C GLY A 413 -13.34 10.99 19.79
N GLN A 414 -13.76 10.61 20.99
CA GLN A 414 -15.17 10.53 21.32
C GLN A 414 -15.58 11.76 22.14
N THR A 415 -16.82 12.20 21.95
CA THR A 415 -17.30 13.44 22.55
C THR A 415 -18.32 13.14 23.65
N GLY A 416 -18.72 14.20 24.33
CA GLY A 416 -19.64 14.09 25.44
C GLY A 416 -19.60 15.36 26.26
N LYS A 417 -20.17 15.28 27.47
CA LYS A 417 -20.04 16.40 28.39
C LYS A 417 -18.61 16.54 28.88
N ILE A 418 -18.00 15.44 29.32
CA ILE A 418 -16.65 15.48 29.87
C ILE A 418 -15.63 15.81 28.79
N ALA A 419 -15.79 15.22 27.60
CA ALA A 419 -14.82 15.40 26.53
C ALA A 419 -14.84 16.82 25.98
N ASP A 420 -16.03 17.44 25.92
CA ASP A 420 -16.11 18.76 25.32
C ASP A 420 -15.92 19.87 26.35
N TYR A 421 -16.52 19.74 27.52
CA TYR A 421 -16.56 20.85 28.47
C TYR A 421 -15.69 20.65 29.71
N ASN A 422 -15.19 19.43 29.96
CA ASN A 422 -14.49 19.17 31.21
C ASN A 422 -13.04 18.74 30.99
N TYR A 423 -12.79 17.71 30.18
CA TYR A 423 -11.43 17.21 30.01
C TYR A 423 -11.29 16.56 28.64
N LYS A 424 -10.30 17.01 27.86
CA LYS A 424 -10.12 16.57 26.49
C LYS A 424 -8.72 15.98 26.31
N LEU A 425 -8.66 14.82 25.67
CA LEU A 425 -7.39 14.25 25.22
C LEU A 425 -7.17 14.51 23.73
N PRO A 426 -5.94 14.74 23.30
CA PRO A 426 -5.69 14.97 21.87
C PRO A 426 -5.82 13.70 21.06
N ASP A 427 -5.89 13.89 19.74
CA ASP A 427 -6.05 12.75 18.83
C ASP A 427 -4.77 11.92 18.78
N ASP A 428 -3.62 12.55 18.97
CA ASP A 428 -2.33 11.86 18.98
C ASP A 428 -1.86 11.50 20.39
N PHE A 429 -2.81 11.22 21.29
CA PHE A 429 -2.46 10.91 22.67
C PHE A 429 -1.75 9.56 22.77
N THR A 430 -0.60 9.56 23.43
CA THR A 430 0.17 8.34 23.71
C THR A 430 0.21 8.17 25.23
N GLY A 431 -0.47 7.14 25.73
CA GLY A 431 -0.53 6.94 27.16
C GLY A 431 -1.46 5.79 27.50
N CYS A 432 -2.05 5.88 28.70
CA CYS A 432 -2.96 4.85 29.19
C CYS A 432 -4.11 5.49 29.96
N VAL A 433 -5.23 4.78 30.00
CA VAL A 433 -6.40 5.17 30.79
C VAL A 433 -6.72 4.00 31.71
N ILE A 434 -6.81 4.28 33.01
CA ILE A 434 -7.06 3.27 34.04
C ILE A 434 -8.28 3.73 34.83
N ALA A 435 -9.35 2.96 34.77
CA ALA A 435 -10.58 3.27 35.47
C ALA A 435 -11.00 2.07 36.32
N TRP A 436 -11.37 2.35 37.57
CA TRP A 436 -11.78 1.27 38.47
C TRP A 436 -12.93 1.74 39.35
N ASN A 437 -13.70 0.76 39.84
CA ASN A 437 -14.90 1.05 40.61
C ASN A 437 -14.55 1.62 41.98
N SER A 438 -15.34 2.58 42.43
CA SER A 438 -15.11 3.23 43.72
C SER A 438 -16.42 3.50 44.46
N ASN A 439 -17.43 2.64 44.30
CA ASN A 439 -18.70 2.86 44.97
C ASN A 439 -18.61 2.56 46.45
N ASN A 440 -17.55 1.86 46.89
CA ASN A 440 -17.43 1.52 48.30
C ASN A 440 -16.99 2.72 49.14
N LEU A 441 -16.11 3.57 48.62
CA LEU A 441 -15.57 4.66 49.41
C LEU A 441 -15.98 6.05 48.93
N ASP A 442 -16.28 6.23 47.64
CA ASP A 442 -16.63 7.54 47.11
C ASP A 442 -18.13 7.78 47.08
N SER A 443 -18.94 6.87 47.61
CA SER A 443 -20.38 7.04 47.68
C SER A 443 -20.79 7.22 49.13
N LYS A 444 -21.56 8.28 49.40
CA LYS A 444 -22.01 8.61 50.74
C LYS A 444 -23.52 8.40 50.82
N VAL A 445 -23.98 7.86 51.96
CA VAL A 445 -25.40 7.65 52.16
C VAL A 445 -26.09 9.00 52.30
N GLY A 446 -27.15 9.21 51.52
CA GLY A 446 -27.81 10.49 51.46
C GLY A 446 -27.26 11.43 50.40
N GLY A 447 -26.19 11.05 49.73
CA GLY A 447 -25.65 11.85 48.65
C GLY A 447 -24.27 12.40 48.97
N ASN A 448 -23.38 12.33 47.98
CA ASN A 448 -22.05 12.93 48.05
C ASN A 448 -21.99 14.03 47.00
N TYR A 449 -21.86 15.28 47.46
CA TYR A 449 -21.99 16.44 46.59
C TYR A 449 -20.70 17.22 46.43
N ASN A 450 -19.55 16.62 46.77
CA ASN A 450 -18.29 17.34 46.66
C ASN A 450 -17.85 17.46 45.19
N TYR A 451 -18.02 16.39 44.41
CA TYR A 451 -17.58 16.42 43.03
C TYR A 451 -18.53 17.25 42.17
N LEU A 452 -17.96 17.95 41.18
CA LEU A 452 -18.71 18.87 40.33
C LEU A 452 -18.25 18.71 38.89
N TYR A 453 -19.16 18.97 37.95
CA TYR A 453 -18.83 18.95 36.52
C TYR A 453 -19.45 20.16 35.85
N ARG A 454 -18.82 20.58 34.75
CA ARG A 454 -19.24 21.77 34.02
C ARG A 454 -20.33 21.38 33.02
N LEU A 455 -21.57 21.78 33.30
CA LEU A 455 -22.68 21.42 32.44
C LEU A 455 -22.69 22.23 31.15
N PHE A 456 -22.42 23.54 31.25
CA PHE A 456 -22.48 24.42 30.05
C PHE A 456 -21.18 25.23 29.91
N ARG A 457 -20.59 25.22 28.72
CA ARG A 457 -19.37 26.06 28.47
C ARG A 457 -19.56 26.80 27.14
N LYS A 458 -19.01 28.01 27.02
CA LYS A 458 -19.18 28.82 25.78
C LYS A 458 -18.55 28.10 24.59
N SER A 459 -17.37 27.50 24.78
CA SER A 459 -16.67 26.80 23.68
C SER A 459 -16.08 25.49 24.21
N ASN A 460 -15.86 24.51 23.32
CA ASN A 460 -15.23 23.23 23.75
C ASN A 460 -13.79 23.50 24.19
N LEU A 461 -13.33 22.85 25.26
CA LEU A 461 -11.93 23.02 25.73
C LEU A 461 -10.98 22.36 24.72
N LYS A 462 -9.81 22.98 24.47
CA LYS A 462 -8.81 22.35 23.58
C LYS A 462 -8.07 21.27 24.40
N PRO A 463 -7.43 20.22 23.82
CA PRO A 463 -6.85 19.15 24.65
C PRO A 463 -5.89 19.66 25.71
N PHE A 464 -5.93 18.98 26.87
CA PHE A 464 -5.07 19.24 28.02
C PHE A 464 -5.18 20.67 28.52
N GLU A 465 -6.41 21.14 28.67
CA GLU A 465 -6.69 22.43 29.29
C GLU A 465 -7.80 22.30 30.31
N ARG A 466 -7.80 23.20 31.28
CA ARG A 466 -8.76 23.22 32.37
C ARG A 466 -9.33 24.63 32.50
N ASP A 467 -10.46 24.74 33.18
CA ASP A 467 -11.12 26.02 33.41
C ASP A 467 -11.92 25.94 34.70
N ILE A 468 -11.60 26.81 35.65
CA ILE A 468 -12.34 26.90 36.90
C ILE A 468 -13.21 28.15 36.97
N SER A 469 -13.43 28.80 35.83
CA SER A 469 -14.23 30.02 35.81
C SER A 469 -15.69 29.71 36.14
N THR A 470 -16.22 30.43 37.14
CA THR A 470 -17.57 30.21 37.63
C THR A 470 -18.50 31.37 37.29
N GLU A 471 -18.25 32.06 36.17
CA GLU A 471 -19.15 33.11 35.72
C GLU A 471 -20.48 32.50 35.29
N ILE A 472 -21.56 33.26 35.49
CA ILE A 472 -22.89 32.73 35.19
C ILE A 472 -23.08 32.67 33.68
N TYR A 473 -23.47 31.51 33.18
CA TYR A 473 -23.61 31.31 31.75
C TYR A 473 -24.85 32.02 31.22
N GLN A 474 -24.68 32.75 30.12
CA GLN A 474 -25.76 33.50 29.51
C GLN A 474 -26.38 32.64 28.42
N ALA A 475 -27.54 32.06 28.71
CA ALA A 475 -28.25 31.18 27.78
C ALA A 475 -29.24 31.94 26.91
N GLY A 476 -29.31 33.26 27.04
CA GLY A 476 -30.24 34.05 26.25
C GLY A 476 -29.64 35.40 25.91
N SER A 477 -30.42 36.20 25.19
CA SER A 477 -29.97 37.53 24.81
CA SER A 477 -29.97 37.53 24.81
C SER A 477 -29.94 38.47 26.01
N THR A 478 -30.74 38.18 27.03
CA THR A 478 -30.77 39.02 28.22
C THR A 478 -29.48 38.86 29.02
N PRO A 479 -28.78 39.95 29.33
CA PRO A 479 -27.55 39.85 30.13
C PRO A 479 -27.87 39.47 31.56
N CYS A 480 -27.19 38.43 32.06
CA CYS A 480 -27.44 37.95 33.42
C CYS A 480 -26.85 38.89 34.47
N ASN A 481 -25.72 39.52 34.15
CA ASN A 481 -25.03 40.47 35.03
C ASN A 481 -24.66 39.85 36.38
N GLY A 482 -24.28 38.59 36.38
CA GLY A 482 -23.87 37.91 37.60
C GLY A 482 -24.99 37.59 38.55
N VAL A 483 -26.25 37.66 38.11
CA VAL A 483 -27.40 37.41 38.96
C VAL A 483 -28.13 36.17 38.45
N GLU A 484 -28.45 35.27 39.36
CA GLU A 484 -29.17 34.05 39.00
C GLU A 484 -30.59 34.38 38.55
N GLY A 485 -31.04 33.73 37.48
CA GLY A 485 -32.36 33.98 36.94
C GLY A 485 -32.61 33.06 35.76
N PHE A 486 -33.64 33.43 34.99
CA PHE A 486 -33.95 32.68 33.77
C PHE A 486 -32.82 32.85 32.75
N ASN A 487 -32.46 31.74 32.10
CA ASN A 487 -31.34 31.62 31.18
C ASN A 487 -30.00 31.99 31.84
N CYS A 488 -29.91 31.85 33.16
CA CYS A 488 -28.69 32.07 33.91
C CYS A 488 -28.46 30.88 34.83
N TYR A 489 -27.36 30.17 34.60
CA TYR A 489 -27.09 28.94 35.35
C TYR A 489 -25.65 28.94 35.84
N PHE A 490 -25.44 28.41 37.04
CA PHE A 490 -24.10 28.10 37.47
C PHE A 490 -23.55 26.94 36.63
N PRO A 491 -22.35 27.08 36.07
CA PRO A 491 -21.83 26.03 35.16
C PRO A 491 -21.55 24.70 35.85
N LEU A 492 -21.25 24.68 37.13
CA LEU A 492 -20.88 23.46 37.84
C LEU A 492 -22.08 22.88 38.56
N GLN A 493 -22.33 21.59 38.35
CA GLN A 493 -23.49 20.92 39.02
C GLN A 493 -22.99 19.65 39.72
N SER A 494 -23.56 19.29 40.86
CA SER A 494 -23.06 18.13 41.62
C SER A 494 -23.34 16.82 40.89
N TYR A 495 -22.39 15.88 40.91
CA TYR A 495 -22.62 14.54 40.31
C TYR A 495 -23.72 13.84 41.11
N GLY A 496 -23.74 14.06 42.43
CA GLY A 496 -24.74 13.39 43.28
C GLY A 496 -24.63 11.87 43.24
N PHE A 497 -23.41 11.34 43.30
CA PHE A 497 -23.25 9.86 43.38
C PHE A 497 -23.98 9.37 44.63
N GLN A 498 -24.67 8.24 44.53
CA GLN A 498 -25.46 7.73 45.69
C GLN A 498 -25.09 6.26 45.93
N PRO A 499 -25.27 5.72 47.16
CA PRO A 499 -24.86 4.34 47.46
C PRO A 499 -25.58 3.29 46.62
N THR A 500 -26.89 3.47 46.37
CA THR A 500 -27.70 2.45 45.65
C THR A 500 -27.81 2.80 44.16
N ASN A 501 -27.02 3.76 43.68
CA ASN A 501 -27.13 4.23 42.27
C ASN A 501 -26.92 3.07 41.29
N GLY A 502 -27.32 3.27 40.03
CA GLY A 502 -27.11 2.24 39.01
C GLY A 502 -25.65 2.15 38.66
N VAL A 503 -25.21 1.06 38.02
CA VAL A 503 -23.76 0.86 37.77
C VAL A 503 -23.23 2.04 36.95
N GLY A 504 -24.02 2.50 35.98
CA GLY A 504 -23.59 3.68 35.19
C GLY A 504 -23.43 4.90 36.07
N TYR A 505 -24.31 5.08 37.06
CA TYR A 505 -24.25 6.29 37.92
C TYR A 505 -23.10 6.14 38.93
N GLN A 506 -22.84 4.93 39.41
CA GLN A 506 -21.79 4.73 40.45
C GLN A 506 -20.48 5.36 39.97
N PRO A 507 -19.73 6.06 40.85
CA PRO A 507 -18.50 6.74 40.44
C PRO A 507 -17.40 5.76 40.06
N TYR A 508 -16.66 6.07 38.99
CA TYR A 508 -15.54 5.21 38.55
C TYR A 508 -14.28 6.06 38.49
N ARG A 509 -13.32 5.81 39.37
CA ARG A 509 -12.13 6.64 39.42
C ARG A 509 -11.28 6.41 38.18
N VAL A 510 -10.88 7.51 37.54
CA VAL A 510 -10.13 7.46 36.29
C VAL A 510 -8.81 8.20 36.46
N VAL A 511 -7.72 7.50 36.21
CA VAL A 511 -6.37 8.07 36.19
C VAL A 511 -5.82 7.83 34.79
N VAL A 512 -5.39 8.90 34.14
CA VAL A 512 -4.82 8.80 32.80
C VAL A 512 -3.34 9.15 32.90
N LEU A 513 -2.52 8.32 32.26
CA LEU A 513 -1.08 8.51 32.22
C LEU A 513 -0.66 8.96 30.83
N SER A 514 0.14 10.02 30.78
CA SER A 514 0.60 10.63 29.53
C SER A 514 2.12 10.48 29.44
N PHE A 515 2.58 9.73 28.44
CA PHE A 515 4.01 9.50 28.26
C PHE A 515 4.50 10.23 27.02
N GLU A 516 5.62 10.93 27.14
CA GLU A 516 6.48 11.23 26.01
C GLU A 516 7.43 10.05 25.82
N LEU A 517 7.80 9.79 24.56
CA LEU A 517 8.52 8.57 24.23
C LEU A 517 9.87 8.88 23.62
N LEU A 518 10.92 8.83 24.46
CA LEU A 518 12.32 8.85 24.04
C LEU A 518 12.68 10.11 23.26
N HIS A 519 12.42 11.27 23.85
CA HIS A 519 12.94 12.54 23.37
C HIS A 519 13.84 13.20 24.39
N ALA A 520 14.05 12.57 25.54
CA ALA A 520 14.88 13.08 26.61
C ALA A 520 15.33 11.90 27.45
N PRO A 521 16.37 12.06 28.28
CA PRO A 521 16.72 11.00 29.23
C PRO A 521 15.57 10.69 30.18
N ALA A 522 15.35 9.40 30.40
CA ALA A 522 14.15 8.91 31.08
C ALA A 522 14.39 8.80 32.58
N THR A 523 13.62 9.56 33.35
CA THR A 523 13.69 9.48 34.80
C THR A 523 12.96 8.27 35.36
N VAL A 524 12.05 7.68 34.60
CA VAL A 524 11.26 6.55 35.05
C VAL A 524 11.39 5.41 34.05
N CYS A 525 11.59 4.20 34.57
CA CYS A 525 11.76 3.01 33.74
C CYS A 525 11.04 1.84 34.38
N GLY A 526 10.97 0.74 33.63
CA GLY A 526 10.24 -0.43 34.07
C GLY A 526 11.07 -1.38 34.92
N PRO A 527 10.48 -2.48 35.45
CA PRO A 527 11.20 -3.38 36.37
C PRO A 527 12.09 -4.41 35.67
N LYS A 528 12.57 -4.11 34.46
CA LYS A 528 13.52 -5.04 33.80
C LYS A 528 14.86 -5.00 34.55
N LYS A 529 15.58 -6.12 34.63
CA LYS A 529 16.85 -6.18 35.42
C LYS A 529 18.04 -5.88 34.50
N SER A 530 18.82 -4.85 34.84
CA SER A 530 20.00 -4.47 34.02
C SER A 530 21.09 -5.54 34.10
N THR A 531 21.82 -5.77 33.01
CA THR A 531 22.92 -6.76 32.98
C THR A 531 24.14 -6.09 32.33
N ASN A 532 25.34 -6.62 32.56
CA ASN A 532 26.58 -5.99 32.02
C ASN A 532 26.56 -6.01 30.49
N LEU A 533 27.28 -5.07 29.86
CA LEU A 533 27.36 -5.05 28.41
C LEU A 533 28.46 -5.97 27.91
N VAL A 534 28.29 -6.47 26.69
CA VAL A 534 29.32 -7.24 26.00
C VAL A 534 29.64 -6.48 24.72
N LYS A 535 30.77 -5.77 24.71
CA LYS A 535 31.12 -4.92 23.59
C LYS A 535 31.61 -5.75 22.41
N ASN A 536 31.27 -5.28 21.21
CA ASN A 536 31.66 -5.90 19.93
C ASN A 536 31.21 -7.36 19.84
N LYS A 537 29.97 -7.62 20.24
CA LYS A 537 29.38 -8.96 20.17
C LYS A 537 27.95 -8.85 19.67
N CYS A 538 27.58 -9.77 18.78
CA CYS A 538 26.23 -9.80 18.20
C CYS A 538 25.24 -10.19 19.29
N VAL A 539 24.53 -9.20 19.84
CA VAL A 539 23.60 -9.43 20.93
C VAL A 539 22.32 -8.65 20.69
N ASN A 540 21.27 -9.05 21.40
CA ASN A 540 20.07 -8.24 21.51
C ASN A 540 20.22 -7.27 22.68
N PHE A 541 19.98 -5.99 22.40
CA PHE A 541 20.17 -4.94 23.37
C PHE A 541 18.87 -4.17 23.58
N ASN A 542 18.68 -3.69 24.80
CA ASN A 542 17.57 -2.82 25.17
C ASN A 542 18.15 -1.61 25.89
N PHE A 543 18.53 -0.59 25.12
CA PHE A 543 19.21 0.58 25.65
C PHE A 543 18.20 1.72 25.77
N ASN A 544 17.85 2.05 27.02
CA ASN A 544 17.10 3.26 27.37
C ASN A 544 15.75 3.32 26.63
N GLY A 545 15.19 2.15 26.35
CA GLY A 545 13.92 2.07 25.67
C GLY A 545 13.98 1.79 24.19
N LEU A 546 15.15 1.52 23.61
CA LEU A 546 15.22 1.09 22.21
C LEU A 546 15.81 -0.31 22.17
N THR A 547 15.14 -1.20 21.45
CA THR A 547 15.52 -2.61 21.36
C THR A 547 16.04 -2.90 19.97
N GLY A 548 17.12 -3.68 19.90
CA GLY A 548 17.72 -3.99 18.62
C GLY A 548 18.64 -5.19 18.70
N THR A 549 19.16 -5.58 17.55
CA THR A 549 20.11 -6.69 17.42
C THR A 549 21.34 -6.20 16.67
N GLY A 550 22.52 -6.40 17.27
CA GLY A 550 23.74 -6.01 16.59
C GLY A 550 24.93 -6.02 17.53
N VAL A 551 26.03 -5.44 17.06
CA VAL A 551 27.18 -5.23 17.93
C VAL A 551 27.21 -3.77 18.39
N LEU A 552 27.91 -3.53 19.49
CA LEU A 552 28.02 -2.21 20.08
C LEU A 552 29.47 -1.77 20.05
N THR A 553 29.74 -0.59 19.49
CA THR A 553 31.09 -0.09 19.34
C THR A 553 31.25 1.22 20.11
N GLU A 554 32.38 1.37 20.80
CA GLU A 554 32.64 2.59 21.54
C GLU A 554 32.99 3.73 20.59
N SER A 555 32.73 4.96 21.04
CA SER A 555 33.01 6.14 20.24
C SER A 555 33.18 7.33 21.17
N ASN A 556 33.74 8.41 20.63
CA ASN A 556 33.92 9.65 21.36
C ASN A 556 33.15 10.81 20.75
N LYS A 557 31.94 10.53 20.25
CA LYS A 557 31.08 11.59 19.64
C LYS A 557 30.57 12.52 20.75
N LYS A 558 30.88 13.81 20.67
CA LYS A 558 30.40 14.81 21.66
C LYS A 558 28.91 15.08 21.43
N PHE A 559 28.18 15.48 22.48
CA PHE A 559 26.72 15.71 22.36
C PHE A 559 26.31 17.02 23.04
N LEU A 560 25.13 17.52 22.66
CA LEU A 560 24.60 18.77 23.24
C LEU A 560 24.16 18.53 24.68
N PRO A 561 24.11 19.55 25.58
CA PRO A 561 23.75 19.29 26.99
C PRO A 561 22.35 18.69 27.15
N PHE A 562 21.35 19.22 26.45
CA PHE A 562 19.96 18.76 26.66
C PHE A 562 19.82 17.27 26.30
N GLN A 563 20.41 16.85 25.17
CA GLN A 563 20.20 15.44 24.75
C GLN A 563 21.52 14.69 24.62
N GLN A 564 21.83 13.79 25.56
CA GLN A 564 23.03 12.92 25.41
C GLN A 564 22.76 11.99 24.23
N PHE A 565 21.51 11.54 24.09
CA PHE A 565 21.12 10.66 22.96
C PHE A 565 21.20 11.48 21.67
N GLY A 566 21.49 10.82 20.54
CA GLY A 566 21.62 11.54 19.26
C GLY A 566 20.90 10.82 18.14
N ARG A 567 20.59 11.52 17.04
CA ARG A 567 19.98 10.86 15.86
C ARG A 567 20.82 11.21 14.62
N ASP A 568 20.87 10.31 13.64
CA ASP A 568 21.67 10.52 12.41
C ASP A 568 20.90 11.43 11.45
N ILE A 569 21.45 11.67 10.26
CA ILE A 569 20.80 12.53 9.27
C ILE A 569 19.65 11.80 8.59
N ALA A 570 19.67 10.47 8.63
CA ALA A 570 18.52 9.69 8.16
C ALA A 570 17.56 9.39 9.31
N ASP A 571 17.73 10.08 10.44
CA ASP A 571 16.97 9.93 11.68
C ASP A 571 17.12 8.57 12.32
N THR A 572 18.05 7.76 11.84
CA THR A 572 18.41 6.54 12.55
C THR A 572 19.22 6.90 13.79
N THR A 573 19.16 6.04 14.81
CA THR A 573 19.90 6.31 16.03
C THR A 573 21.40 6.15 15.78
N ASP A 574 22.07 7.29 15.61
CA ASP A 574 23.52 7.26 15.34
C ASP A 574 24.30 6.78 16.56
N ALA A 575 23.86 7.16 17.75
CA ALA A 575 24.47 6.74 19.00
C ALA A 575 23.49 6.97 20.13
N VAL A 576 23.42 6.00 21.03
CA VAL A 576 22.64 6.12 22.26
C VAL A 576 23.58 5.89 23.44
N ARG A 577 23.56 6.82 24.40
CA ARG A 577 24.49 6.71 25.52
C ARG A 577 24.04 5.62 26.47
N ASP A 578 24.98 4.79 26.88
CA ASP A 578 24.71 3.73 27.84
C ASP A 578 24.26 4.34 29.16
N PRO A 579 23.25 3.76 29.82
CA PRO A 579 22.75 4.38 31.06
C PRO A 579 23.74 4.35 32.21
N GLN A 580 24.31 3.18 32.52
CA GLN A 580 25.20 3.08 33.68
C GLN A 580 26.56 3.69 33.39
N THR A 581 27.12 3.46 32.20
CA THR A 581 28.43 3.97 31.83
C THR A 581 28.27 5.14 30.87
N LEU A 582 28.94 6.25 31.18
CA LEU A 582 28.76 7.48 30.41
C LEU A 582 29.49 7.44 29.07
N GLU A 583 30.21 6.37 28.77
CA GLU A 583 30.90 6.25 27.49
C GLU A 583 29.90 6.17 26.34
N ILE A 584 30.23 6.85 25.23
CA ILE A 584 29.35 6.86 24.08
C ILE A 584 29.46 5.54 23.32
N LEU A 585 28.33 4.89 23.10
CA LEU A 585 28.26 3.58 22.48
C LEU A 585 27.28 3.62 21.32
N ASP A 586 27.72 3.23 20.14
CA ASP A 586 26.88 3.30 18.95
C ASP A 586 26.63 1.91 18.39
N ILE A 587 25.45 1.74 17.78
CA ILE A 587 25.07 0.46 17.21
C ILE A 587 25.75 0.27 15.86
N THR A 588 26.39 -0.88 15.68
CA THR A 588 26.94 -1.29 14.40
C THR A 588 26.29 -2.62 14.03
N PRO A 589 25.87 -2.79 12.78
CA PRO A 589 25.19 -4.03 12.40
C PRO A 589 26.13 -5.23 12.44
N CYS A 590 25.54 -6.40 12.71
CA CYS A 590 26.27 -7.66 12.53
C CYS A 590 26.57 -7.89 11.05
N SER A 591 25.68 -7.46 10.18
CA SER A 591 25.87 -7.54 8.73
C SER A 591 26.53 -6.26 8.24
N PHE A 592 27.77 -6.39 7.76
CA PHE A 592 28.47 -5.32 7.09
C PHE A 592 28.03 -5.24 5.63
N GLY A 593 28.77 -4.51 4.80
CA GLY A 593 28.44 -4.43 3.39
C GLY A 593 28.40 -5.79 2.73
N GLY A 594 27.36 -6.02 1.93
CA GLY A 594 26.98 -7.34 1.44
C GLY A 594 28.06 -8.11 0.71
N VAL A 595 28.25 -9.36 1.11
CA VAL A 595 29.28 -10.22 0.53
C VAL A 595 28.88 -10.60 -0.89
N SER A 596 29.87 -10.91 -1.70
CA SER A 596 29.65 -11.35 -3.08
C SER A 596 30.12 -12.79 -3.22
N VAL A 597 29.21 -13.65 -3.67
CA VAL A 597 29.54 -15.06 -3.90
C VAL A 597 29.95 -15.24 -5.34
N ILE A 598 31.04 -15.97 -5.56
CA ILE A 598 31.63 -16.15 -6.88
C ILE A 598 31.72 -17.64 -7.14
N THR A 599 30.97 -18.14 -8.11
CA THR A 599 30.89 -19.58 -8.27
C THR A 599 30.86 -19.96 -9.74
N PRO A 600 31.34 -21.15 -10.07
CA PRO A 600 30.98 -21.77 -11.35
C PRO A 600 29.59 -22.37 -11.27
N GLY A 601 29.20 -23.05 -12.35
CA GLY A 601 27.92 -23.74 -12.36
C GLY A 601 27.93 -24.90 -11.38
N THR A 602 26.76 -25.16 -10.78
CA THR A 602 26.63 -26.32 -9.89
C THR A 602 26.71 -27.62 -10.67
N ASN A 603 26.48 -27.57 -11.99
CA ASN A 603 26.70 -28.73 -12.85
C ASN A 603 28.17 -29.11 -12.87
N THR A 604 29.06 -28.11 -12.86
CA THR A 604 30.50 -28.39 -12.91
C THR A 604 31.04 -28.81 -11.54
N SER A 605 30.88 -27.95 -10.54
CA SER A 605 31.42 -28.22 -9.21
C SER A 605 30.66 -27.41 -8.18
N ASN A 606 31.09 -27.55 -6.92
CA ASN A 606 30.44 -26.87 -5.80
C ASN A 606 31.38 -25.94 -5.04
N GLN A 607 32.60 -25.73 -5.51
CA GLN A 607 33.52 -24.83 -4.84
C GLN A 607 33.15 -23.38 -5.14
N VAL A 608 33.26 -22.53 -4.12
CA VAL A 608 32.83 -21.15 -4.19
C VAL A 608 33.92 -20.26 -3.60
N ALA A 609 33.92 -18.99 -4.04
CA ALA A 609 34.85 -17.99 -3.48
C ALA A 609 34.00 -16.86 -2.91
N VAL A 610 34.50 -16.21 -1.86
CA VAL A 610 33.70 -15.13 -1.21
C VAL A 610 34.48 -13.82 -1.29
N LEU A 611 33.82 -12.76 -1.76
CA LEU A 611 34.49 -11.44 -1.77
C LEU A 611 33.83 -10.57 -0.70
N TYR A 612 34.62 -10.15 0.29
CA TYR A 612 34.10 -9.22 1.33
C TYR A 612 34.41 -7.83 0.82
N GLN A 613 33.38 -7.10 0.40
CA GLN A 613 33.63 -5.79 -0.27
C GLN A 613 34.04 -4.66 0.69
N ASP A 614 34.95 -3.79 0.26
CA ASP A 614 35.35 -2.55 0.99
C ASP A 614 35.73 -2.86 2.43
N VAL A 615 36.36 -4.01 2.67
CA VAL A 615 36.82 -4.34 4.04
C VAL A 615 38.28 -4.80 3.96
N ASN A 616 39.11 -4.24 4.84
CA ASN A 616 40.53 -4.67 4.90
C ASN A 616 40.59 -6.13 5.32
N CYS A 617 41.54 -6.88 4.79
CA CYS A 617 41.62 -8.31 5.06
C CYS A 617 41.84 -8.68 6.51
N THR A 618 42.70 -7.92 7.19
CA THR A 618 43.00 -8.17 8.62
C THR A 618 41.75 -7.93 9.46
N GLU A 619 40.83 -7.10 8.95
CA GLU A 619 39.61 -6.76 9.72
C GLU A 619 38.46 -7.66 9.28
N VAL A 620 38.68 -8.54 8.29
CA VAL A 620 37.55 -9.36 7.75
C VAL A 620 36.93 -10.28 8.80
N PRO A 621 37.66 -11.04 9.64
CA PRO A 621 37.01 -11.95 10.57
C PRO A 621 36.12 -11.15 11.53
N VAL A 622 36.64 -10.01 12.01
CA VAL A 622 35.87 -9.17 12.98
C VAL A 622 34.61 -8.65 12.28
N ALA A 623 34.73 -8.21 11.03
CA ALA A 623 33.58 -7.61 10.33
C ALA A 623 32.48 -8.65 10.14
N ILE A 624 32.85 -9.89 9.78
CA ILE A 624 31.81 -10.93 9.51
C ILE A 624 31.42 -11.61 10.81
N HIS A 625 32.08 -11.27 11.93
CA HIS A 625 31.79 -11.97 13.21
C HIS A 625 31.96 -13.46 12.97
N ALA A 626 33.16 -13.88 12.54
CA ALA A 626 33.40 -15.30 12.15
C ALA A 626 33.09 -16.23 13.33
N ASP A 627 33.41 -15.82 14.56
CA ASP A 627 33.20 -16.75 15.71
C ASP A 627 31.72 -17.11 15.76
N GLN A 628 30.85 -16.13 15.56
CA GLN A 628 29.38 -16.37 15.54
C GLN A 628 29.01 -17.28 14.36
N LEU A 629 29.68 -17.12 13.21
CA LEU A 629 29.29 -17.86 11.98
C LEU A 629 29.56 -19.36 12.09
N THR A 630 28.91 -20.16 11.23
CA THR A 630 29.05 -21.63 11.26
C THR A 630 30.49 -22.03 10.92
N PRO A 631 31.00 -23.19 11.39
CA PRO A 631 32.40 -23.56 11.17
C PRO A 631 32.75 -23.63 9.68
N THR A 632 31.83 -24.13 8.84
CA THR A 632 32.09 -24.14 7.38
C THR A 632 32.26 -22.70 6.91
N TRP A 633 31.42 -21.79 7.39
CA TRP A 633 31.58 -20.36 7.04
C TRP A 633 32.93 -19.88 7.58
N ARG A 634 33.32 -20.35 8.76
CA ARG A 634 34.59 -19.91 9.40
C ARG A 634 35.78 -20.33 8.53
N VAL A 635 35.73 -21.50 7.89
CA VAL A 635 36.85 -21.87 6.98
C VAL A 635 36.89 -20.86 5.83
N TYR A 636 35.73 -20.41 5.34
CA TYR A 636 35.70 -19.35 4.31
C TYR A 636 36.26 -18.05 4.91
N SER A 637 36.01 -17.81 6.21
CA SER A 637 36.49 -16.58 6.88
C SER A 637 38.02 -16.50 6.88
N THR A 638 38.71 -17.60 7.18
CA THR A 638 40.19 -17.55 7.28
C THR A 638 40.81 -18.62 6.39
N GLY A 639 41.75 -18.23 5.52
CA GLY A 639 42.35 -19.19 4.57
C GLY A 639 43.72 -18.74 4.12
N SER A 640 44.48 -19.61 3.47
CA SER A 640 45.80 -19.20 2.90
C SER A 640 45.54 -18.39 1.62
N ASN A 641 44.49 -18.77 0.87
CA ASN A 641 44.14 -18.03 -0.34
C ASN A 641 43.36 -16.78 0.02
N VAL A 642 44.10 -15.76 0.47
CA VAL A 642 43.55 -14.47 0.83
C VAL A 642 44.22 -13.41 -0.05
N PHE A 643 43.41 -12.65 -0.78
CA PHE A 643 43.93 -11.61 -1.66
C PHE A 643 43.25 -10.29 -1.33
N GLN A 644 44.06 -9.23 -1.19
CA GLN A 644 43.54 -7.91 -0.88
C GLN A 644 43.43 -7.09 -2.15
N THR A 645 42.21 -6.66 -2.47
CA THR A 645 41.94 -5.85 -3.65
C THR A 645 41.39 -4.50 -3.23
N ARG A 646 41.24 -3.61 -4.21
CA ARG A 646 40.57 -2.35 -3.97
C ARG A 646 39.08 -2.56 -3.72
N ALA A 647 38.50 -3.57 -4.37
CA ALA A 647 37.10 -3.92 -4.12
C ALA A 647 36.93 -4.48 -2.72
N GLY A 648 37.86 -5.31 -2.26
CA GLY A 648 37.76 -5.91 -0.95
C GLY A 648 38.72 -7.08 -0.82
N CYS A 649 38.37 -7.97 0.09
CA CYS A 649 39.17 -9.16 0.38
C CYS A 649 38.53 -10.39 -0.25
N LEU A 650 39.27 -11.07 -1.10
CA LEU A 650 38.80 -12.27 -1.77
C LEU A 650 39.41 -13.50 -1.11
N ILE A 651 38.54 -14.42 -0.67
CA ILE A 651 38.98 -15.65 -0.02
C ILE A 651 38.33 -16.84 -0.72
N GLY A 652 39.14 -17.83 -1.06
CA GLY A 652 38.67 -19.01 -1.74
C GLY A 652 39.22 -19.22 -3.13
N ALA A 653 40.07 -18.32 -3.60
CA ALA A 653 40.71 -18.46 -4.90
C ALA A 653 42.16 -18.05 -4.80
N GLU A 654 43.00 -18.65 -5.64
CA GLU A 654 44.41 -18.34 -5.69
C GLU A 654 44.66 -17.34 -6.82
N HIS A 655 45.45 -16.33 -6.53
CA HIS A 655 45.77 -15.33 -7.55
C HIS A 655 46.94 -15.81 -8.39
N VAL A 656 46.91 -15.50 -9.68
CA VAL A 656 47.95 -15.92 -10.61
C VAL A 656 48.59 -14.70 -11.25
N ASN A 657 49.91 -14.77 -11.44
CA ASN A 657 50.62 -13.69 -12.12
C ASN A 657 50.27 -13.65 -13.60
N ASN A 658 49.97 -14.82 -14.18
CA ASN A 658 49.57 -14.87 -15.58
C ASN A 658 48.21 -14.21 -15.77
N SER A 659 48.03 -13.57 -16.92
CA SER A 659 46.83 -12.80 -17.20
C SER A 659 45.94 -13.56 -18.17
N TYR A 660 44.66 -13.68 -17.83
CA TYR A 660 43.68 -14.33 -18.67
C TYR A 660 42.47 -13.43 -18.84
N GLU A 661 41.62 -13.79 -19.79
CA GLU A 661 40.41 -13.01 -20.06
C GLU A 661 39.42 -13.16 -18.91
N CYS A 662 38.66 -12.09 -18.67
CA CYS A 662 37.71 -12.09 -17.57
C CYS A 662 36.52 -12.99 -17.88
N ASP A 663 36.19 -13.88 -16.94
CA ASP A 663 34.99 -14.69 -17.00
C ASP A 663 33.94 -14.23 -15.99
N ILE A 664 34.35 -14.05 -14.74
CA ILE A 664 33.48 -13.56 -13.68
C ILE A 664 33.99 -12.19 -13.25
N PRO A 665 33.20 -11.12 -13.39
CA PRO A 665 33.69 -9.78 -13.08
C PRO A 665 33.74 -9.47 -11.58
N ILE A 666 34.85 -9.82 -10.93
CA ILE A 666 35.03 -9.46 -9.52
C ILE A 666 35.06 -7.94 -9.36
N GLY A 667 35.82 -7.26 -10.21
CA GLY A 667 35.90 -5.82 -10.13
C GLY A 667 37.25 -5.34 -9.64
N ALA A 668 37.48 -4.02 -9.76
CA ALA A 668 38.71 -3.35 -9.30
C ALA A 668 39.95 -3.97 -9.94
N GLY A 669 39.83 -4.39 -11.19
CA GLY A 669 40.94 -5.03 -11.87
C GLY A 669 41.13 -6.50 -11.56
N ILE A 670 40.15 -7.17 -10.97
CA ILE A 670 40.24 -8.58 -10.63
C ILE A 670 39.10 -9.32 -11.31
N CYS A 671 39.40 -10.53 -11.83
CA CYS A 671 38.39 -11.43 -12.34
C CYS A 671 38.74 -12.88 -12.03
N ALA A 672 37.71 -13.72 -11.97
CA ALA A 672 37.84 -15.12 -11.61
C ALA A 672 37.40 -16.02 -12.76
N SER A 673 37.89 -17.26 -12.73
CA SER A 673 37.50 -18.28 -13.68
C SER A 673 37.66 -19.64 -13.01
N TYR A 674 37.20 -20.68 -13.70
CA TYR A 674 37.35 -22.06 -13.23
C TYR A 674 38.29 -22.79 -14.19
N GLN A 675 39.46 -23.18 -13.70
CA GLN A 675 40.46 -23.81 -14.55
C GLN A 675 41.36 -24.70 -13.72
N THR A 676 42.08 -25.58 -14.40
CA THR A 676 43.01 -26.49 -13.73
C THR A 676 44.26 -25.75 -13.26
N SER A 689 43.21 -30.22 -9.01
CA SER A 689 43.09 -29.99 -10.44
C SER A 689 42.27 -28.75 -10.74
N GLN A 690 41.00 -28.96 -11.10
CA GLN A 690 40.10 -27.85 -11.40
C GLN A 690 39.81 -27.04 -10.14
N SER A 691 39.93 -25.72 -10.25
CA SER A 691 39.75 -24.85 -9.10
C SER A 691 39.43 -23.45 -9.59
N ILE A 692 38.97 -22.61 -8.65
CA ILE A 692 38.71 -21.21 -8.94
C ILE A 692 40.03 -20.44 -8.91
N ILE A 693 40.36 -19.78 -10.01
CA ILE A 693 41.55 -18.97 -10.12
C ILE A 693 41.14 -17.52 -10.24
N ALA A 694 41.95 -16.63 -9.67
CA ALA A 694 41.74 -15.19 -9.73
C ALA A 694 42.95 -14.56 -10.41
N TYR A 695 42.71 -13.49 -11.16
CA TYR A 695 43.75 -12.86 -11.95
C TYR A 695 43.45 -11.39 -12.17
N THR A 696 44.50 -10.63 -12.44
CA THR A 696 44.34 -9.25 -12.88
C THR A 696 43.84 -9.22 -14.31
N MET A 697 43.43 -8.03 -14.76
CA MET A 697 43.01 -7.85 -16.14
C MET A 697 44.11 -8.16 -17.14
N SER A 698 43.77 -9.00 -18.11
CA SER A 698 44.57 -9.16 -19.31
C SER A 698 44.12 -8.07 -20.26
N LEU A 699 44.82 -6.93 -20.21
CA LEU A 699 44.52 -5.82 -21.11
C LEU A 699 44.77 -6.22 -22.56
N GLY A 700 45.68 -7.14 -22.78
CA GLY A 700 45.86 -7.75 -24.08
C GLY A 700 47.30 -8.19 -24.27
N ALA A 701 47.56 -8.75 -25.44
CA ALA A 701 48.92 -9.06 -25.81
C ALA A 701 49.69 -7.77 -26.06
N GLU A 702 50.99 -7.81 -25.80
CA GLU A 702 51.86 -6.66 -25.98
C GLU A 702 52.57 -6.77 -27.32
N ASN A 703 52.28 -5.84 -28.21
CA ASN A 703 52.91 -5.78 -29.52
C ASN A 703 53.62 -4.45 -29.67
N SER A 704 54.85 -4.51 -30.16
CA SER A 704 55.69 -3.33 -30.31
C SER A 704 55.79 -2.98 -31.79
N VAL A 705 55.44 -1.73 -32.12
CA VAL A 705 55.59 -1.20 -33.46
C VAL A 705 56.67 -0.13 -33.41
N ALA A 706 57.58 -0.17 -34.37
CA ALA A 706 58.71 0.75 -34.40
C ALA A 706 58.43 1.83 -35.44
N TYR A 707 58.15 3.05 -34.97
CA TYR A 707 57.96 4.16 -35.88
C TYR A 707 59.28 4.58 -36.49
N SER A 708 59.28 4.76 -37.81
CA SER A 708 60.39 5.39 -38.50
C SER A 708 59.81 6.25 -39.61
N ASN A 709 60.46 7.38 -39.88
CA ASN A 709 59.91 8.33 -40.84
C ASN A 709 60.21 7.94 -42.27
N ASN A 710 60.95 6.85 -42.49
CA ASN A 710 61.27 6.37 -43.83
C ASN A 710 60.99 4.89 -44.02
N SER A 711 60.17 4.29 -43.16
CA SER A 711 59.86 2.87 -43.23
C SER A 711 58.37 2.69 -43.48
N ILE A 712 58.01 1.54 -44.03
CA ILE A 712 56.62 1.20 -44.32
C ILE A 712 56.46 -0.30 -44.23
N ALA A 713 55.31 -0.76 -43.74
CA ALA A 713 55.01 -2.17 -43.62
C ALA A 713 53.93 -2.53 -44.63
N ILE A 714 54.18 -3.54 -45.45
CA ILE A 714 53.19 -4.02 -46.41
C ILE A 714 53.00 -5.52 -46.19
N PRO A 715 51.77 -5.99 -46.01
CA PRO A 715 51.55 -7.44 -45.96
C PRO A 715 51.78 -8.09 -47.32
N THR A 716 52.26 -9.33 -47.27
CA THR A 716 52.47 -10.12 -48.48
C THR A 716 51.49 -11.26 -48.64
N ASN A 717 50.62 -11.50 -47.67
CA ASN A 717 49.64 -12.57 -47.77
C ASN A 717 48.33 -12.15 -47.13
N PHE A 718 47.26 -12.85 -47.50
CA PHE A 718 45.92 -12.55 -47.05
C PHE A 718 45.30 -13.79 -46.43
N THR A 719 44.45 -13.59 -45.42
CA THR A 719 43.73 -14.67 -44.77
C THR A 719 42.24 -14.32 -44.79
N ILE A 720 41.43 -15.22 -45.34
CA ILE A 720 40.00 -15.03 -45.30
C ILE A 720 39.43 -15.69 -44.05
N SER A 721 38.76 -14.89 -43.21
CA SER A 721 38.34 -15.38 -41.91
C SER A 721 36.83 -15.28 -41.80
N VAL A 722 36.23 -16.26 -41.13
CA VAL A 722 34.79 -16.30 -40.88
C VAL A 722 34.59 -16.21 -39.37
N THR A 723 33.85 -15.19 -38.94
CA THR A 723 33.72 -14.84 -37.53
C THR A 723 32.26 -14.89 -37.10
N THR A 724 32.02 -15.40 -35.89
CA THR A 724 30.71 -15.41 -35.25
C THR A 724 30.49 -14.07 -34.58
N GLU A 725 29.24 -13.60 -34.69
CA GLU A 725 28.77 -12.37 -34.00
C GLU A 725 27.33 -12.68 -33.61
N ILE A 726 27.05 -12.98 -32.34
CA ILE A 726 25.74 -13.43 -31.89
C ILE A 726 25.01 -12.24 -31.28
N LEU A 727 23.85 -11.91 -31.84
CA LEU A 727 23.09 -10.73 -31.40
C LEU A 727 21.67 -11.13 -31.02
N PRO A 728 21.17 -10.70 -29.87
CA PRO A 728 19.76 -10.94 -29.53
C PRO A 728 18.83 -10.17 -30.47
N VAL A 729 17.64 -10.74 -30.66
CA VAL A 729 16.62 -10.14 -31.53
C VAL A 729 15.37 -9.84 -30.72
N SER A 730 14.87 -10.84 -30.00
CA SER A 730 13.63 -10.69 -29.25
C SER A 730 13.62 -11.69 -28.11
N MET A 731 12.71 -11.47 -27.17
CA MET A 731 12.51 -12.38 -26.05
C MET A 731 11.09 -12.95 -26.11
N THR A 732 10.74 -13.72 -25.10
CA THR A 732 9.43 -14.35 -25.05
C THR A 732 8.35 -13.31 -24.77
N LYS A 733 7.32 -13.29 -25.61
CA LYS A 733 6.20 -12.38 -25.40
C LYS A 733 5.38 -12.85 -24.21
N THR A 734 5.30 -12.01 -23.18
CA THR A 734 4.62 -12.33 -21.94
C THR A 734 3.40 -11.44 -21.80
N SER A 735 2.27 -12.03 -21.42
CA SER A 735 1.05 -11.29 -21.18
C SER A 735 0.45 -11.74 -19.86
N VAL A 736 -0.54 -10.99 -19.38
CA VAL A 736 -1.26 -11.32 -18.16
C VAL A 736 -2.76 -11.24 -18.44
N ASP A 737 -3.50 -12.26 -18.02
CA ASP A 737 -4.95 -12.15 -17.94
C ASP A 737 -5.26 -11.57 -16.57
N CYS A 738 -6.03 -10.48 -16.56
CA CYS A 738 -6.02 -9.60 -15.40
C CYS A 738 -6.87 -10.15 -14.26
N THR A 739 -8.15 -10.39 -14.51
CA THR A 739 -9.10 -10.67 -13.43
C THR A 739 -8.81 -12.01 -12.75
N MET A 740 -8.40 -13.01 -13.52
CA MET A 740 -8.10 -14.31 -12.92
C MET A 740 -6.80 -14.26 -12.12
N TYR A 741 -5.97 -13.25 -12.38
CA TYR A 741 -4.81 -13.01 -11.53
C TYR A 741 -5.22 -12.34 -10.23
N ILE A 742 -5.85 -11.16 -10.32
CA ILE A 742 -6.06 -10.34 -9.13
C ILE A 742 -7.17 -10.93 -8.26
N CYS A 743 -8.02 -11.78 -8.83
CA CYS A 743 -9.17 -12.30 -8.13
C CYS A 743 -9.17 -13.80 -7.96
N GLY A 744 -8.71 -14.54 -8.97
CA GLY A 744 -8.74 -15.99 -8.85
C GLY A 744 -10.15 -16.52 -8.99
N ASP A 745 -10.71 -16.96 -7.86
CA ASP A 745 -11.97 -17.68 -7.84
C ASP A 745 -13.06 -16.99 -7.02
N SER A 746 -12.82 -15.79 -6.53
CA SER A 746 -13.79 -15.15 -5.63
C SER A 746 -14.72 -14.20 -6.39
N THR A 747 -15.94 -14.06 -5.89
CA THR A 747 -16.91 -13.16 -6.52
C THR A 747 -16.81 -11.75 -5.95
N GLU A 748 -16.37 -11.61 -4.70
CA GLU A 748 -16.29 -10.30 -4.08
C GLU A 748 -15.13 -9.49 -4.68
N CYS A 749 -14.07 -10.19 -5.11
CA CYS A 749 -13.03 -9.51 -5.86
C CYS A 749 -13.55 -9.03 -7.22
N SER A 750 -14.54 -9.72 -7.79
CA SER A 750 -15.17 -9.20 -9.00
C SER A 750 -16.00 -7.96 -8.69
N ASN A 751 -16.45 -7.82 -7.44
CA ASN A 751 -17.13 -6.59 -7.03
C ASN A 751 -16.13 -5.45 -6.87
N LEU A 752 -14.97 -5.74 -6.30
CA LEU A 752 -13.92 -4.73 -6.16
C LEU A 752 -13.05 -4.60 -7.42
N LEU A 753 -13.40 -5.34 -8.48
CA LEU A 753 -12.71 -5.21 -9.75
C LEU A 753 -12.82 -3.80 -10.32
N LEU A 754 -13.99 -3.18 -10.20
CA LEU A 754 -14.17 -1.82 -10.68
C LEU A 754 -13.29 -0.84 -9.90
N GLN A 755 -12.89 -1.20 -8.68
CA GLN A 755 -11.97 -0.37 -7.93
C GLN A 755 -10.52 -0.62 -8.33
N TYR A 756 -10.14 -1.90 -8.47
CA TYR A 756 -8.72 -2.25 -8.48
C TYR A 756 -8.19 -2.94 -9.73
N GLY A 757 -8.99 -3.13 -10.78
CA GLY A 757 -8.52 -3.91 -11.90
C GLY A 757 -7.95 -3.05 -13.02
N SER A 758 -8.20 -1.75 -12.97
CA SER A 758 -7.78 -0.90 -14.08
C SER A 758 -6.28 -0.65 -14.06
N PHE A 759 -5.66 -0.67 -12.88
CA PHE A 759 -4.21 -0.57 -12.78
C PHE A 759 -3.56 -1.75 -13.48
N CYS A 760 -4.05 -2.95 -13.17
CA CYS A 760 -3.70 -4.16 -13.89
C CYS A 760 -4.01 -4.06 -15.37
N THR A 761 -5.06 -3.31 -15.74
CA THR A 761 -5.38 -3.14 -17.16
C THR A 761 -4.31 -2.32 -17.88
N GLN A 762 -3.84 -1.22 -17.28
CA GLN A 762 -2.74 -0.47 -17.92
C GLN A 762 -1.45 -1.28 -17.90
N LEU A 763 -1.25 -2.12 -16.88
CA LEU A 763 -0.07 -2.97 -16.88
C LEU A 763 -0.14 -4.01 -18.00
N ASN A 764 -1.34 -4.55 -18.25
CA ASN A 764 -1.53 -5.46 -19.37
C ASN A 764 -1.33 -4.75 -20.70
N ARG A 765 -1.69 -3.47 -20.74
CA ARG A 765 -1.46 -2.67 -21.97
C ARG A 765 0.06 -2.51 -22.15
N ALA A 766 0.78 -2.32 -21.03
CA ALA A 766 2.22 -2.19 -21.11
C ALA A 766 2.87 -3.47 -21.63
N LEU A 767 2.42 -4.63 -21.15
CA LEU A 767 2.94 -5.90 -21.69
C LEU A 767 2.56 -6.09 -23.16
N THR A 768 1.36 -5.63 -23.55
CA THR A 768 0.97 -5.67 -24.96
C THR A 768 1.89 -4.80 -25.80
N GLY A 769 2.24 -3.61 -25.30
CA GLY A 769 3.18 -2.76 -25.99
C GLY A 769 4.57 -3.37 -26.08
N ILE A 770 4.99 -4.09 -25.03
CA ILE A 770 6.26 -4.81 -25.07
C ILE A 770 6.24 -5.88 -26.15
N ALA A 771 5.15 -6.65 -26.21
CA ALA A 771 5.04 -7.72 -27.22
C ALA A 771 5.02 -7.15 -28.63
N VAL A 772 4.30 -6.04 -28.84
CA VAL A 772 4.29 -5.36 -30.13
C VAL A 772 5.68 -4.85 -30.47
N GLU A 773 6.41 -4.33 -29.48
CA GLU A 773 7.77 -3.87 -29.70
C GLU A 773 8.69 -5.00 -30.13
N GLN A 774 8.57 -6.16 -29.49
CA GLN A 774 9.40 -7.31 -29.88
C GLN A 774 9.05 -7.79 -31.28
N ASP A 775 7.76 -7.81 -31.62
CA ASP A 775 7.33 -8.21 -32.95
C ASP A 775 7.85 -7.23 -34.01
N LYS A 776 7.82 -5.94 -33.70
CA LYS A 776 8.35 -4.95 -34.64
C LYS A 776 9.87 -5.06 -34.73
N ASN A 777 10.54 -5.44 -33.65
CA ASN A 777 11.98 -5.67 -33.73
C ASN A 777 12.32 -6.81 -34.67
N THR A 778 11.59 -7.93 -34.55
CA THR A 778 11.78 -9.06 -35.46
C THR A 778 11.45 -8.66 -36.90
N GLN A 779 10.34 -7.92 -37.07
CA GLN A 779 9.95 -7.39 -38.38
C GLN A 779 11.02 -6.50 -38.97
N GLU A 780 11.69 -5.71 -38.14
CA GLU A 780 12.74 -4.82 -38.59
C GLU A 780 13.97 -5.60 -39.02
N VAL A 781 14.40 -6.57 -38.21
CA VAL A 781 15.71 -7.18 -38.44
C VAL A 781 15.64 -8.25 -39.53
N PHE A 782 14.49 -8.90 -39.70
CA PHE A 782 14.43 -10.00 -40.65
C PHE A 782 13.71 -9.66 -41.95
N ALA A 783 13.14 -8.46 -42.08
CA ALA A 783 12.34 -8.14 -43.26
C ALA A 783 12.65 -6.76 -43.83
N GLN A 784 13.92 -6.43 -44.05
CA GLN A 784 14.25 -5.19 -44.76
C GLN A 784 13.72 -5.22 -46.17
N VAL A 785 13.82 -6.35 -46.85
CA VAL A 785 13.29 -6.49 -48.19
C VAL A 785 11.96 -7.24 -48.14
N LYS A 786 11.20 -7.15 -49.24
CA LYS A 786 9.89 -7.77 -49.33
C LYS A 786 9.76 -8.70 -50.53
N GLN A 787 10.85 -9.31 -50.97
CA GLN A 787 10.83 -10.20 -52.12
C GLN A 787 11.53 -11.50 -51.76
N ILE A 788 11.02 -12.60 -52.32
CA ILE A 788 11.54 -13.95 -52.03
C ILE A 788 12.25 -14.47 -53.27
N TYR A 789 13.48 -14.95 -53.09
CA TYR A 789 14.28 -15.48 -54.18
C TYR A 789 14.68 -16.91 -53.89
N LYS A 790 14.98 -17.67 -54.95
CA LYS A 790 15.39 -19.09 -54.80
C LYS A 790 16.69 -19.33 -55.58
N THR A 791 17.50 -20.31 -55.16
CA THR A 791 18.78 -20.60 -55.84
C THR A 791 18.71 -21.96 -56.54
N PRO A 792 18.64 -22.00 -57.90
CA PRO A 792 18.61 -23.27 -58.64
C PRO A 792 19.83 -24.20 -58.52
N PRO A 793 21.11 -23.75 -58.57
CA PRO A 793 22.26 -24.64 -58.37
C PRO A 793 22.88 -24.56 -56.97
N ILE A 794 23.00 -25.71 -56.30
CA ILE A 794 23.63 -25.72 -54.95
C ILE A 794 25.11 -25.34 -55.08
N LYS A 795 25.71 -25.60 -56.25
CA LYS A 795 27.12 -25.18 -56.49
C LYS A 795 27.16 -24.16 -57.63
N ASP A 796 28.27 -24.09 -58.38
CA ASP A 796 28.44 -23.13 -59.51
C ASP A 796 28.85 -21.76 -58.95
N PHE A 797 29.03 -21.66 -57.63
CA PHE A 797 29.50 -20.39 -57.03
C PHE A 797 31.03 -20.36 -57.02
N GLY A 798 31.66 -20.42 -58.20
CA GLY A 798 33.12 -20.36 -58.32
C GLY A 798 33.85 -21.16 -57.25
N GLY A 799 33.35 -22.36 -56.88
CA GLY A 799 34.13 -23.19 -55.94
C GLY A 799 33.90 -22.82 -54.49
N PHE A 800 32.97 -21.90 -54.22
CA PHE A 800 32.65 -21.57 -52.81
C PHE A 800 31.54 -22.50 -52.32
N ASN A 801 31.88 -23.51 -51.54
CA ASN A 801 30.91 -24.46 -51.01
C ASN A 801 29.96 -23.69 -50.10
N PHE A 802 28.66 -23.79 -50.40
CA PHE A 802 27.62 -23.07 -49.67
C PHE A 802 26.52 -24.00 -49.20
N SER A 803 26.79 -25.31 -49.12
CA SER A 803 25.74 -26.27 -48.81
C SER A 803 25.30 -26.18 -47.36
N GLN A 804 26.22 -25.81 -46.46
CA GLN A 804 25.91 -25.83 -45.04
C GLN A 804 25.00 -24.68 -44.64
N ILE A 805 25.22 -23.50 -45.21
CA ILE A 805 24.47 -22.32 -44.78
C ILE A 805 23.16 -22.19 -45.53
N LEU A 806 23.10 -22.68 -46.76
CA LEU A 806 21.87 -22.65 -47.53
C LEU A 806 20.90 -23.71 -47.03
N PRO A 807 19.59 -23.47 -47.19
CA PRO A 807 18.62 -24.52 -46.83
C PRO A 807 18.77 -25.76 -47.68
N ASP A 808 18.57 -26.91 -47.05
CA ASP A 808 18.73 -28.17 -47.75
C ASP A 808 17.55 -28.41 -48.68
N PRO A 809 17.80 -28.66 -49.97
CA PRO A 809 16.69 -28.97 -50.88
C PRO A 809 16.06 -30.32 -50.56
N SER A 810 14.78 -30.44 -50.92
CA SER A 810 13.96 -31.64 -50.66
C SER A 810 13.93 -31.98 -49.17
N LYS A 811 13.68 -30.98 -48.34
CA LYS A 811 13.61 -31.15 -46.89
C LYS A 811 12.22 -30.75 -46.39
N PRO A 812 11.74 -31.38 -45.31
CA PRO A 812 10.43 -30.98 -44.77
C PRO A 812 10.42 -29.56 -44.23
N SER A 813 11.48 -29.15 -43.54
CA SER A 813 11.61 -27.79 -43.06
C SER A 813 12.67 -27.04 -43.86
N LYS A 814 12.50 -25.72 -43.95
CA LYS A 814 13.39 -24.88 -44.74
C LYS A 814 14.62 -24.41 -43.97
N ARG A 815 14.91 -25.00 -42.82
CA ARG A 815 16.01 -24.56 -42.00
C ARG A 815 17.32 -25.17 -42.50
N SER A 816 18.44 -24.55 -42.12
CA SER A 816 19.76 -24.98 -42.55
C SER A 816 20.43 -25.84 -41.49
N PHE A 817 21.50 -26.53 -41.91
CA PHE A 817 22.20 -27.46 -41.02
C PHE A 817 22.87 -26.72 -39.87
N ILE A 818 23.55 -25.61 -40.18
CA ILE A 818 24.10 -24.77 -39.13
C ILE A 818 22.98 -24.19 -38.28
N GLU A 819 21.89 -23.79 -38.93
CA GLU A 819 20.72 -23.31 -38.21
C GLU A 819 20.10 -24.42 -37.35
N ASP A 820 20.16 -25.67 -37.84
CA ASP A 820 19.70 -26.79 -37.03
C ASP A 820 20.57 -26.98 -35.79
N LEU A 821 21.87 -26.78 -35.93
CA LEU A 821 22.76 -26.83 -34.76
C LEU A 821 22.41 -25.75 -33.75
N LEU A 822 22.20 -24.51 -34.23
CA LEU A 822 21.80 -23.43 -33.32
C LEU A 822 20.43 -23.71 -32.69
N PHE A 823 19.55 -24.39 -33.43
CA PHE A 823 18.22 -24.67 -32.92
C PHE A 823 18.26 -25.73 -31.82
N ASN A 824 19.03 -26.80 -32.03
CA ASN A 824 18.97 -27.90 -31.07
C ASN A 824 19.98 -27.71 -29.93
N LYS A 825 20.81 -26.67 -30.02
CA LYS A 825 21.78 -26.40 -28.91
C LYS A 825 21.14 -25.47 -27.87
N VAL A 826 20.13 -24.70 -28.27
CA VAL A 826 19.42 -23.84 -27.32
C VAL A 826 18.44 -24.68 -26.53
N THR A 827 18.50 -24.57 -25.21
CA THR A 827 17.63 -25.30 -24.30
C THR A 827 16.61 -24.33 -23.71
N LEU A 828 15.34 -24.72 -23.75
CA LEU A 828 14.27 -23.88 -23.22
C LEU A 828 13.79 -24.39 -21.86
N ALA A 852 -0.17 -21.14 -17.88
CA ALA A 852 -1.53 -20.53 -17.86
C ALA A 852 -2.04 -20.51 -16.42
N GLN A 853 -2.91 -21.45 -16.05
CA GLN A 853 -3.33 -21.53 -14.64
C GLN A 853 -2.10 -21.87 -13.79
N LYS A 854 -1.19 -22.67 -14.35
CA LYS A 854 0.05 -23.03 -13.61
C LYS A 854 0.80 -21.73 -13.29
N PHE A 855 0.83 -20.80 -14.25
CA PHE A 855 1.49 -19.50 -14.02
C PHE A 855 0.49 -18.50 -13.42
N ASN A 856 -0.76 -18.94 -13.22
CA ASN A 856 -1.82 -18.07 -12.63
C ASN A 856 -1.96 -16.76 -13.41
N GLY A 857 -1.99 -16.82 -14.74
CA GLY A 857 -2.24 -15.62 -15.55
C GLY A 857 -1.01 -15.03 -16.22
N LEU A 858 0.18 -15.37 -15.77
CA LEU A 858 1.37 -14.91 -16.54
C LEU A 858 1.35 -15.80 -17.78
N THR A 859 0.67 -15.38 -18.85
CA THR A 859 0.50 -16.33 -19.97
C THR A 859 1.49 -15.98 -21.08
N VAL A 860 1.84 -16.93 -21.95
CA VAL A 860 2.87 -16.67 -23.01
C VAL A 860 2.17 -16.52 -24.36
N LEU A 861 2.48 -15.45 -25.09
CA LEU A 861 1.87 -15.23 -26.43
C LEU A 861 2.83 -15.73 -27.53
N PRO A 862 2.40 -16.49 -28.58
CA PRO A 862 3.34 -16.88 -29.63
C PRO A 862 3.74 -15.69 -30.47
N PRO A 863 4.90 -15.73 -31.11
CA PRO A 863 5.30 -14.63 -32.00
C PRO A 863 4.45 -14.56 -33.25
N LEU A 864 4.39 -13.36 -33.82
CA LEU A 864 3.69 -13.16 -35.09
C LEU A 864 4.35 -13.95 -36.21
N LEU A 865 5.68 -13.94 -36.26
CA LEU A 865 6.42 -14.68 -37.27
C LEU A 865 6.89 -16.00 -36.68
N THR A 866 6.58 -17.09 -37.37
CA THR A 866 7.02 -18.41 -36.93
C THR A 866 8.50 -18.61 -37.26
N ASP A 867 9.06 -19.70 -36.71
CA ASP A 867 10.46 -20.02 -36.96
C ASP A 867 10.69 -20.37 -38.42
N GLU A 868 9.74 -21.07 -39.05
CA GLU A 868 9.87 -21.44 -40.45
C GLU A 868 9.81 -20.20 -41.35
N MET A 869 8.97 -19.23 -40.99
CA MET A 869 8.88 -18.00 -41.79
C MET A 869 10.15 -17.17 -41.67
N ILE A 870 10.72 -17.11 -40.46
CA ILE A 870 11.98 -16.40 -40.27
C ILE A 870 13.10 -17.09 -41.04
N ALA A 871 13.10 -18.43 -41.03
CA ALA A 871 14.08 -19.19 -41.81
C ALA A 871 13.90 -18.94 -43.31
N GLN A 872 12.65 -18.80 -43.76
CA GLN A 872 12.39 -18.49 -45.16
C GLN A 872 12.92 -17.11 -45.53
N TYR A 873 12.71 -16.12 -44.65
CA TYR A 873 13.28 -14.79 -44.88
C TYR A 873 14.79 -14.83 -44.96
N THR A 874 15.43 -15.56 -44.04
CA THR A 874 16.90 -15.64 -44.07
C THR A 874 17.39 -16.36 -45.33
N SER A 875 16.71 -17.44 -45.73
CA SER A 875 17.11 -18.17 -46.92
C SER A 875 16.97 -17.30 -48.16
N ALA A 876 15.90 -16.51 -48.24
CA ALA A 876 15.74 -15.56 -49.33
C ALA A 876 16.84 -14.51 -49.31
N LEU A 877 17.24 -14.07 -48.10
CA LEU A 877 18.31 -13.09 -47.98
C LEU A 877 19.63 -13.62 -48.52
N LEU A 878 20.03 -14.83 -48.10
CA LEU A 878 21.27 -15.41 -48.62
C LEU A 878 21.19 -15.66 -50.12
N ALA A 879 20.06 -16.18 -50.61
CA ALA A 879 19.95 -16.49 -52.03
C ALA A 879 20.05 -15.22 -52.88
N GLY A 880 19.29 -14.18 -52.51
CA GLY A 880 19.38 -12.93 -53.23
C GLY A 880 20.74 -12.28 -53.12
N THR A 881 21.38 -12.40 -51.95
CA THR A 881 22.72 -11.83 -51.77
C THR A 881 23.72 -12.50 -52.71
N ILE A 882 23.79 -13.83 -52.70
CA ILE A 882 24.82 -14.51 -53.48
C ILE A 882 24.49 -14.46 -54.97
N THR A 883 23.24 -14.17 -55.32
CA THR A 883 22.90 -14.10 -56.73
C THR A 883 23.06 -12.68 -57.29
N SER A 884 22.95 -11.66 -56.43
CA SER A 884 22.92 -10.29 -56.94
C SER A 884 23.95 -9.34 -56.36
N GLY A 885 24.23 -9.38 -55.06
CA GLY A 885 25.11 -8.38 -54.50
C GLY A 885 24.34 -7.17 -54.00
N TRP A 886 24.79 -5.98 -54.40
CA TRP A 886 24.22 -4.75 -53.87
C TRP A 886 22.84 -4.47 -54.43
N THR A 887 22.55 -5.00 -55.63
CA THR A 887 21.32 -4.63 -56.32
C THR A 887 20.08 -5.26 -55.67
N PHE A 888 20.29 -6.22 -54.77
CA PHE A 888 19.23 -6.87 -54.01
C PHE A 888 18.36 -5.90 -53.23
N GLY A 889 18.99 -4.97 -52.50
CA GLY A 889 18.20 -3.99 -51.78
C GLY A 889 17.65 -2.89 -52.67
N ALA A 890 18.26 -2.71 -53.85
CA ALA A 890 17.86 -1.61 -54.73
C ALA A 890 16.51 -1.87 -55.38
N GLY A 891 16.31 -3.07 -55.90
CA GLY A 891 15.09 -3.37 -56.62
C GLY A 891 15.10 -4.79 -57.13
N ALA A 892 14.73 -4.93 -58.40
CA ALA A 892 14.82 -6.24 -59.06
C ALA A 892 16.26 -6.69 -59.17
N ALA A 893 16.50 -7.96 -58.85
CA ALA A 893 17.86 -8.46 -58.74
C ALA A 893 18.51 -8.63 -60.11
N LEU A 894 19.78 -8.25 -60.19
CA LEU A 894 20.61 -8.48 -61.37
C LEU A 894 21.54 -9.64 -61.05
N GLN A 895 21.50 -10.69 -61.87
CA GLN A 895 22.29 -11.87 -61.55
C GLN A 895 23.77 -11.63 -61.83
N ILE A 896 24.59 -11.93 -60.82
CA ILE A 896 26.04 -11.80 -60.90
C ILE A 896 26.68 -13.11 -60.50
N PRO A 897 27.76 -13.49 -61.19
CA PRO A 897 28.60 -14.58 -60.67
C PRO A 897 29.25 -14.16 -59.35
N PHE A 898 29.42 -15.14 -58.47
CA PHE A 898 29.89 -14.84 -57.12
C PHE A 898 31.34 -14.39 -57.12
N ALA A 899 32.13 -14.88 -58.08
CA ALA A 899 33.51 -14.44 -58.20
C ALA A 899 33.61 -12.97 -58.55
N MET A 900 32.73 -12.49 -59.43
CA MET A 900 32.75 -11.06 -59.78
C MET A 900 32.31 -10.20 -58.60
N GLN A 901 31.38 -10.71 -57.79
CA GLN A 901 30.99 -10.00 -56.58
C GLN A 901 32.17 -9.92 -55.59
N MET A 902 32.93 -11.01 -55.46
CA MET A 902 34.11 -10.96 -54.60
C MET A 902 35.18 -10.02 -55.15
N ALA A 903 35.31 -9.95 -56.49
CA ALA A 903 36.24 -9.01 -57.09
C ALA A 903 35.83 -7.57 -56.81
N TYR A 904 34.54 -7.28 -56.90
CA TYR A 904 34.05 -5.93 -56.62
C TYR A 904 34.19 -5.59 -55.13
N ARG A 905 34.05 -6.59 -54.25
CA ARG A 905 34.22 -6.32 -52.83
C ARG A 905 35.70 -6.12 -52.49
N PHE A 906 36.60 -6.84 -53.19
CA PHE A 906 38.03 -6.54 -53.08
C PHE A 906 38.34 -5.13 -53.53
N ASN A 907 37.74 -4.70 -54.64
CA ASN A 907 37.90 -3.32 -55.09
C ASN A 907 37.35 -2.34 -54.07
N GLY A 908 36.27 -2.71 -53.39
CA GLY A 908 35.73 -1.87 -52.33
C GLY A 908 36.65 -1.75 -51.14
N ILE A 909 37.37 -2.83 -50.80
CA ILE A 909 38.40 -2.77 -49.77
C ILE A 909 39.57 -1.88 -50.19
N GLY A 910 39.96 -1.90 -51.45
CA GLY A 910 41.11 -1.16 -51.92
C GLY A 910 42.22 -2.01 -52.47
N VAL A 911 42.13 -3.34 -52.37
CA VAL A 911 43.04 -4.25 -53.03
C VAL A 911 42.51 -4.49 -54.44
N THR A 912 43.42 -4.55 -55.41
CA THR A 912 42.98 -4.76 -56.78
C THR A 912 42.46 -6.18 -56.97
N GLN A 913 41.46 -6.30 -57.85
CA GLN A 913 40.77 -7.57 -58.07
C GLN A 913 41.63 -8.60 -58.79
N ASN A 914 42.77 -8.17 -59.36
CA ASN A 914 43.64 -9.09 -60.09
C ASN A 914 44.19 -10.20 -59.19
N VAL A 915 44.22 -9.95 -57.88
CA VAL A 915 44.62 -10.99 -56.92
C VAL A 915 43.63 -12.15 -56.96
N LEU A 916 42.33 -11.83 -57.00
CA LEU A 916 41.30 -12.85 -56.82
C LEU A 916 41.31 -13.88 -57.93
N TYR A 917 41.38 -13.42 -59.18
CA TYR A 917 41.43 -14.36 -60.30
C TYR A 917 42.79 -15.03 -60.40
N GLU A 918 43.79 -14.50 -59.68
CA GLU A 918 45.05 -15.22 -59.56
C GLU A 918 44.97 -16.33 -58.53
N ASN A 919 44.18 -16.12 -57.47
CA ASN A 919 44.12 -17.04 -56.34
C ASN A 919 42.68 -17.40 -55.96
N GLN A 920 41.85 -17.76 -56.93
CA GLN A 920 40.46 -18.09 -56.64
C GLN A 920 40.35 -19.41 -55.88
N LYS A 921 41.14 -20.40 -56.30
CA LYS A 921 41.07 -21.73 -55.68
C LYS A 921 41.53 -21.68 -54.23
N LEU A 922 42.59 -20.92 -53.95
CA LEU A 922 43.13 -20.84 -52.60
C LEU A 922 42.15 -20.14 -51.66
N ILE A 923 41.51 -19.07 -52.13
CA ILE A 923 40.53 -18.36 -51.31
C ILE A 923 39.29 -19.23 -51.08
N ALA A 924 38.87 -19.97 -52.12
CA ALA A 924 37.73 -20.87 -51.96
C ALA A 924 38.05 -21.98 -50.96
N ASN A 925 39.26 -22.54 -51.02
CA ASN A 925 39.66 -23.57 -50.08
C ASN A 925 39.76 -23.02 -48.67
N GLN A 926 40.26 -21.79 -48.53
CA GLN A 926 40.33 -21.15 -47.21
C GLN A 926 38.94 -20.94 -46.62
N PHE A 927 37.99 -20.50 -47.46
CA PHE A 927 36.62 -20.30 -46.98
C PHE A 927 35.96 -21.62 -46.61
N ASN A 928 36.20 -22.68 -47.40
CA ASN A 928 35.64 -23.98 -47.07
C ASN A 928 36.23 -24.55 -45.80
N SER A 929 37.54 -24.38 -45.60
CA SER A 929 38.17 -24.78 -44.34
C SER A 929 37.61 -23.98 -43.17
N ALA A 930 37.37 -22.68 -43.38
CA ALA A 930 36.81 -21.84 -42.33
C ALA A 930 35.41 -22.27 -41.95
N ILE A 931 34.56 -22.58 -42.94
CA ILE A 931 33.20 -22.97 -42.60
C ILE A 931 33.18 -24.36 -41.97
N GLY A 932 34.11 -25.23 -42.37
CA GLY A 932 34.25 -26.50 -41.68
C GLY A 932 34.67 -26.34 -40.22
N LYS A 933 35.65 -25.45 -39.97
CA LYS A 933 36.09 -25.19 -38.60
C LYS A 933 34.98 -24.59 -37.76
N ILE A 934 34.21 -23.65 -38.33
CA ILE A 934 33.16 -23.01 -37.54
C ILE A 934 32.02 -23.99 -37.28
N GLN A 935 31.74 -24.88 -38.23
CA GLN A 935 30.76 -25.94 -37.98
C GLN A 935 31.22 -26.86 -36.87
N ASP A 936 32.51 -27.24 -36.87
CA ASP A 936 33.03 -28.10 -35.82
C ASP A 936 33.05 -27.39 -34.47
N SER A 937 33.39 -26.10 -34.48
CA SER A 937 33.46 -25.33 -33.21
C SER A 937 32.06 -25.25 -32.62
N LEU A 938 31.09 -24.89 -33.47
CA LEU A 938 29.69 -24.79 -33.01
C LEU A 938 29.21 -26.17 -32.56
N SER A 939 29.76 -27.23 -33.14
CA SER A 939 29.22 -28.59 -32.83
C SER A 939 29.32 -28.94 -31.35
N SER A 940 30.40 -28.57 -30.66
CA SER A 940 30.54 -29.07 -29.26
C SER A 940 30.77 -27.99 -28.20
N THR A 941 31.54 -26.93 -28.49
CA THR A 941 31.89 -25.98 -27.41
C THR A 941 30.64 -25.31 -26.81
N ALA A 942 29.71 -24.83 -27.64
CA ALA A 942 28.42 -24.25 -27.17
C ALA A 942 28.65 -22.89 -26.50
N SER A 943 29.88 -22.39 -26.51
CA SER A 943 30.20 -21.10 -25.84
C SER A 943 29.52 -19.94 -26.56
N ALA A 944 29.54 -19.94 -27.89
CA ALA A 944 28.98 -18.81 -28.66
C ALA A 944 27.48 -18.68 -28.41
N LEU A 945 26.75 -19.80 -28.37
CA LEU A 945 25.28 -19.76 -28.22
C LEU A 945 24.90 -19.38 -26.79
N GLY A 946 25.87 -19.38 -25.88
CA GLY A 946 25.56 -19.11 -24.46
C GLY A 946 24.93 -17.74 -24.28
N LYS A 947 25.36 -16.76 -25.06
CA LYS A 947 24.86 -15.37 -24.86
C LYS A 947 23.33 -15.35 -25.03
N LEU A 948 22.82 -16.06 -26.03
CA LEU A 948 21.36 -16.08 -26.28
C LEU A 948 20.68 -16.85 -25.14
N GLN A 949 21.26 -17.99 -24.76
CA GLN A 949 20.64 -18.83 -23.70
C GLN A 949 20.42 -17.94 -22.47
N ASP A 950 21.39 -17.10 -22.15
CA ASP A 950 21.32 -16.24 -20.97
C ASP A 950 20.04 -15.42 -20.99
N VAL A 951 19.70 -14.86 -22.16
CA VAL A 951 18.49 -14.06 -22.31
C VAL A 951 17.28 -14.89 -21.90
N VAL A 952 17.19 -16.12 -22.42
CA VAL A 952 16.08 -17.00 -22.07
C VAL A 952 16.06 -17.25 -20.58
N ASN A 953 17.23 -17.55 -20.00
CA ASN A 953 17.31 -17.76 -18.56
C ASN A 953 16.89 -16.53 -17.81
N GLN A 954 17.36 -15.35 -18.27
CA GLN A 954 16.95 -14.09 -17.66
C GLN A 954 15.44 -13.95 -17.71
N ASN A 955 14.85 -14.22 -18.89
CA ASN A 955 13.40 -14.19 -19.04
C ASN A 955 12.76 -15.15 -18.04
N ALA A 956 13.24 -16.41 -18.03
CA ALA A 956 12.66 -17.42 -17.16
C ALA A 956 12.78 -17.00 -15.70
N GLN A 957 13.95 -16.46 -15.34
CA GLN A 957 14.18 -16.04 -13.94
C GLN A 957 13.09 -15.07 -13.53
N ALA A 958 12.84 -14.04 -14.34
CA ALA A 958 11.85 -13.03 -13.97
C ALA A 958 10.50 -13.67 -13.71
N LEU A 959 10.09 -14.58 -14.60
CA LEU A 959 8.77 -15.19 -14.47
C LEU A 959 8.71 -16.02 -13.19
N ASN A 960 9.82 -16.69 -12.86
CA ASN A 960 9.87 -17.53 -11.68
C ASN A 960 9.60 -16.71 -10.43
N THR A 961 10.20 -15.52 -10.38
CA THR A 961 10.05 -14.66 -9.20
C THR A 961 8.59 -14.31 -8.98
N LEU A 962 7.88 -13.98 -10.07
CA LEU A 962 6.46 -13.58 -9.97
C LEU A 962 5.62 -14.73 -9.41
N VAL A 963 5.96 -15.98 -9.75
CA VAL A 963 5.26 -17.12 -9.17
C VAL A 963 5.48 -17.13 -7.66
N LYS A 964 6.73 -16.96 -7.26
CA LYS A 964 7.01 -16.87 -5.80
C LYS A 964 6.35 -15.59 -5.25
N GLN A 965 6.26 -14.55 -6.07
CA GLN A 965 5.69 -13.30 -5.58
C GLN A 965 4.19 -13.44 -5.35
N LEU A 966 3.57 -14.48 -5.91
CA LEU A 966 2.17 -14.69 -5.61
C LEU A 966 2.03 -15.50 -4.33
N SER A 967 3.12 -16.14 -3.90
CA SER A 967 3.06 -17.01 -2.73
C SER A 967 3.03 -16.23 -1.42
N SER A 968 3.62 -15.03 -1.41
CA SER A 968 3.73 -14.26 -0.17
C SER A 968 2.39 -13.69 0.25
N ASN A 969 2.13 -13.69 1.55
CA ASN A 969 0.86 -13.17 2.07
C ASN A 969 0.80 -11.65 2.02
N PHE A 970 1.96 -10.99 2.02
CA PHE A 970 2.08 -9.52 2.00
C PHE A 970 1.33 -8.88 3.15
N GLY A 971 1.50 -9.43 4.35
CA GLY A 971 0.86 -8.87 5.53
C GLY A 971 -0.55 -9.32 5.80
N ALA A 972 -1.13 -10.15 4.92
CA ALA A 972 -2.47 -10.66 5.15
C ALA A 972 -2.44 -11.79 6.18
N ILE A 973 -3.62 -12.12 6.68
CA ILE A 973 -3.73 -13.23 7.64
C ILE A 973 -3.48 -14.56 6.95
N SER A 974 -4.00 -14.72 5.73
CA SER A 974 -3.77 -15.92 4.96
C SER A 974 -3.25 -15.53 3.58
N SER A 975 -2.43 -16.41 3.00
CA SER A 975 -1.84 -16.13 1.70
C SER A 975 -2.85 -16.29 0.57
N VAL A 976 -3.82 -17.18 0.75
CA VAL A 976 -4.78 -17.45 -0.31
C VAL A 976 -6.04 -16.62 -0.06
N LEU A 977 -6.56 -16.02 -1.13
CA LEU A 977 -7.66 -15.07 -1.01
C LEU A 977 -8.98 -15.76 -0.73
N ASN A 978 -9.10 -17.04 -1.10
CA ASN A 978 -10.29 -17.80 -0.78
C ASN A 978 -10.46 -17.97 0.73
N ASP A 979 -9.35 -18.08 1.46
CA ASP A 979 -9.44 -18.22 2.91
C ASP A 979 -9.91 -16.94 3.58
N ILE A 980 -9.40 -15.79 3.14
CA ILE A 980 -9.82 -14.52 3.76
C ILE A 980 -11.26 -14.20 3.39
N LEU A 981 -11.71 -14.66 2.20
CA LEU A 981 -13.14 -14.57 1.91
C LEU A 981 -13.97 -15.53 2.77
N SER A 982 -13.45 -16.73 3.03
CA SER A 982 -14.24 -17.73 3.74
C SER A 982 -14.35 -17.41 5.23
N ARG A 983 -13.25 -17.03 5.88
CA ARG A 983 -13.33 -16.89 7.36
C ARG A 983 -13.55 -15.44 7.82
N LEU A 984 -13.84 -14.52 6.91
CA LEU A 984 -14.08 -13.14 7.31
C LEU A 984 -15.31 -12.58 6.63
N ASP A 985 -16.15 -11.91 7.41
CA ASP A 985 -17.20 -11.08 6.85
C ASP A 985 -16.58 -9.90 6.13
N PRO A 986 -17.22 -9.38 5.08
CA PRO A 986 -16.62 -8.32 4.23
C PRO A 986 -16.10 -7.09 4.98
N PRO A 987 -16.90 -6.42 5.86
CA PRO A 987 -16.61 -4.99 6.16
C PRO A 987 -15.22 -4.70 6.73
N GLU A 988 -14.59 -5.67 7.39
CA GLU A 988 -13.18 -5.49 7.72
C GLU A 988 -12.29 -6.35 6.83
N ALA A 989 -12.90 -7.24 6.04
CA ALA A 989 -12.10 -8.11 5.17
C ALA A 989 -11.60 -7.36 3.94
N GLU A 990 -12.23 -6.26 3.56
CA GLU A 990 -11.74 -5.52 2.38
C GLU A 990 -10.34 -4.98 2.61
N VAL A 991 -9.97 -4.71 3.87
CA VAL A 991 -8.64 -4.22 4.18
C VAL A 991 -7.59 -5.29 3.88
N GLN A 992 -7.86 -6.53 4.30
CA GLN A 992 -6.96 -7.63 3.96
C GLN A 992 -6.94 -7.86 2.45
N ILE A 993 -8.10 -7.72 1.80
CA ILE A 993 -8.18 -7.95 0.37
C ILE A 993 -7.34 -6.94 -0.40
N ASP A 994 -7.47 -5.64 -0.11
CA ASP A 994 -6.75 -4.69 -0.94
C ASP A 994 -5.28 -4.62 -0.51
N ARG A 995 -4.97 -5.03 0.73
CA ARG A 995 -3.56 -5.23 1.07
C ARG A 995 -2.92 -6.32 0.20
N LEU A 996 -3.59 -7.47 0.11
CA LEU A 996 -3.03 -8.59 -0.66
C LEU A 996 -2.94 -8.27 -2.15
N ILE A 997 -4.00 -7.68 -2.71
CA ILE A 997 -3.99 -7.42 -4.15
C ILE A 997 -3.12 -6.21 -4.46
N THR A 998 -2.92 -5.32 -3.49
CA THR A 998 -1.98 -4.22 -3.66
C THR A 998 -0.55 -4.75 -3.72
N GLY A 999 -0.23 -5.72 -2.86
CA GLY A 999 1.08 -6.35 -2.94
C GLY A 999 1.29 -7.08 -4.26
N ARG A 1000 0.24 -7.79 -4.72
CA ARG A 1000 0.33 -8.47 -6.00
C ARG A 1000 0.53 -7.48 -7.15
N LEU A 1001 -0.22 -6.37 -7.14
CA LEU A 1001 -0.07 -5.35 -8.15
C LEU A 1001 1.31 -4.71 -8.10
N GLN A 1002 1.85 -4.49 -6.89
CA GLN A 1002 3.20 -3.97 -6.71
C GLN A 1002 4.22 -4.87 -7.40
N SER A 1003 4.11 -6.19 -7.16
CA SER A 1003 4.96 -7.15 -7.86
C SER A 1003 4.76 -7.05 -9.37
N LEU A 1004 3.53 -6.79 -9.81
CA LEU A 1004 3.29 -6.62 -11.24
C LEU A 1004 4.03 -5.41 -11.82
N GLN A 1005 3.99 -4.25 -11.16
CA GLN A 1005 4.65 -3.12 -11.81
C GLN A 1005 6.17 -3.23 -11.71
N THR A 1006 6.69 -3.91 -10.68
CA THR A 1006 8.13 -4.20 -10.70
C THR A 1006 8.48 -5.14 -11.85
N TYR A 1007 7.62 -6.14 -12.08
CA TYR A 1007 7.88 -7.05 -13.22
C TYR A 1007 7.89 -6.18 -14.47
N VAL A 1008 6.94 -5.26 -14.57
CA VAL A 1008 6.84 -4.46 -15.82
C VAL A 1008 8.15 -3.69 -15.97
N THR A 1009 8.64 -3.09 -14.89
CA THR A 1009 9.87 -2.26 -14.98
C THR A 1009 11.05 -3.14 -15.38
N GLN A 1010 11.18 -4.31 -14.75
CA GLN A 1010 12.33 -5.19 -15.06
C GLN A 1010 12.25 -5.54 -16.53
N GLN A 1011 11.03 -5.80 -17.02
CA GLN A 1011 10.86 -6.11 -18.45
C GLN A 1011 11.27 -4.89 -19.27
N LEU A 1012 10.92 -3.68 -18.83
CA LEU A 1012 11.21 -2.48 -19.64
C LEU A 1012 12.72 -2.28 -19.82
N ILE A 1013 13.51 -2.48 -18.78
CA ILE A 1013 14.99 -2.38 -18.93
C ILE A 1013 15.49 -3.49 -19.85
N ARG A 1014 14.97 -4.70 -19.70
CA ARG A 1014 15.38 -5.77 -20.62
C ARG A 1014 14.93 -5.37 -22.03
N ALA A 1015 13.72 -4.81 -22.14
CA ALA A 1015 13.19 -4.43 -23.47
C ALA A 1015 14.14 -3.40 -24.07
N ALA A 1016 14.62 -2.47 -23.24
CA ALA A 1016 15.53 -1.42 -23.74
C ALA A 1016 16.80 -2.08 -24.26
N GLU A 1017 17.32 -3.05 -23.51
CA GLU A 1017 18.57 -3.73 -23.93
C GLU A 1017 18.30 -4.43 -25.26
N ILE A 1018 17.15 -5.09 -25.36
CA ILE A 1018 16.78 -5.81 -26.61
C ILE A 1018 16.60 -4.78 -27.72
N ARG A 1019 15.97 -3.64 -27.43
CA ARG A 1019 15.69 -2.65 -28.50
C ARG A 1019 17.03 -2.19 -29.06
N ALA A 1020 17.99 -1.93 -28.17
CA ALA A 1020 19.31 -1.45 -28.61
C ALA A 1020 19.97 -2.53 -29.46
N SER A 1021 19.88 -3.79 -28.99
CA SER A 1021 20.48 -4.90 -29.75
C SER A 1021 19.76 -5.03 -31.10
N ALA A 1022 18.43 -4.83 -31.09
CA ALA A 1022 17.65 -4.95 -32.34
C ALA A 1022 18.14 -3.89 -33.32
N ASN A 1023 18.35 -2.68 -32.81
CA ASN A 1023 18.80 -1.58 -33.69
C ASN A 1023 20.17 -1.97 -34.26
N LEU A 1024 21.04 -2.51 -33.41
CA LEU A 1024 22.39 -2.90 -33.87
C LEU A 1024 22.22 -3.95 -34.96
N ALA A 1025 21.36 -4.95 -34.72
CA ALA A 1025 21.20 -6.03 -35.70
C ALA A 1025 20.63 -5.52 -37.02
N ALA A 1026 19.67 -4.60 -36.97
CA ALA A 1026 19.12 -4.04 -38.19
C ALA A 1026 20.16 -3.18 -38.91
N THR A 1027 20.99 -2.47 -38.15
CA THR A 1027 22.09 -1.72 -38.75
C THR A 1027 23.09 -2.67 -39.40
N LYS A 1028 23.31 -3.82 -38.77
CA LYS A 1028 24.26 -4.79 -39.35
C LYS A 1028 23.65 -5.32 -40.65
N MET A 1029 22.37 -5.65 -40.64
CA MET A 1029 21.71 -6.11 -41.86
C MET A 1029 21.82 -5.08 -42.98
N SER A 1030 21.56 -3.82 -42.66
CA SER A 1030 21.52 -2.81 -43.75
C SER A 1030 22.91 -2.32 -44.12
N GLU A 1031 23.96 -2.75 -43.41
CA GLU A 1031 25.29 -2.17 -43.73
C GLU A 1031 26.32 -3.27 -44.01
N CYS A 1032 26.22 -4.41 -43.31
CA CYS A 1032 27.25 -5.43 -43.49
C CYS A 1032 26.83 -6.49 -44.50
N VAL A 1033 25.53 -6.81 -44.59
CA VAL A 1033 25.09 -7.90 -45.46
C VAL A 1033 24.71 -7.37 -46.83
N LEU A 1034 23.72 -6.46 -46.88
CA LEU A 1034 23.24 -5.97 -48.17
C LEU A 1034 24.27 -5.09 -48.86
N GLY A 1035 25.07 -4.38 -48.08
CA GLY A 1035 26.13 -3.55 -48.65
C GLY A 1035 27.46 -3.87 -48.01
N GLN A 1036 28.51 -3.28 -48.57
CA GLN A 1036 29.83 -3.43 -47.99
C GLN A 1036 30.14 -2.25 -47.08
N SER A 1037 30.76 -2.54 -45.94
CA SER A 1037 30.98 -1.54 -44.89
C SER A 1037 32.44 -1.13 -44.88
N LYS A 1038 32.70 0.18 -44.92
CA LYS A 1038 34.09 0.65 -44.82
C LYS A 1038 34.42 0.79 -43.33
N ARG A 1039 33.40 0.70 -42.47
CA ARG A 1039 33.62 0.80 -41.00
C ARG A 1039 34.44 -0.40 -40.54
N VAL A 1040 35.34 -0.19 -39.58
CA VAL A 1040 36.23 -1.29 -39.12
C VAL A 1040 35.80 -1.70 -37.72
N ASP A 1041 35.67 -3.00 -37.46
CA ASP A 1041 35.30 -3.52 -36.12
C ASP A 1041 33.81 -3.30 -35.88
N PHE A 1042 33.06 -2.89 -36.91
CA PHE A 1042 31.60 -2.75 -36.78
C PHE A 1042 30.97 -4.04 -37.28
N CYS A 1043 31.56 -4.62 -38.33
CA CYS A 1043 31.04 -5.86 -38.87
C CYS A 1043 32.14 -6.93 -38.77
N GLY A 1044 32.90 -6.90 -37.67
CA GLY A 1044 33.89 -7.95 -37.50
C GLY A 1044 35.31 -7.42 -37.61
N LYS A 1045 36.23 -8.21 -37.07
CA LYS A 1045 37.64 -7.82 -37.04
C LYS A 1045 38.26 -7.94 -38.42
N GLY A 1046 39.08 -6.95 -38.77
CA GLY A 1046 39.71 -6.91 -40.08
C GLY A 1046 38.85 -6.21 -41.11
N TYR A 1047 39.40 -6.12 -42.33
CA TYR A 1047 38.64 -5.55 -43.44
C TYR A 1047 37.47 -6.45 -43.81
N HIS A 1048 36.27 -5.87 -43.81
CA HIS A 1048 35.04 -6.61 -44.01
C HIS A 1048 34.72 -6.83 -45.49
N LEU A 1049 34.66 -8.10 -45.88
CA LEU A 1049 34.28 -8.48 -47.23
C LEU A 1049 32.76 -8.60 -47.37
N MET A 1050 32.13 -9.51 -46.64
CA MET A 1050 30.68 -9.58 -46.62
C MET A 1050 30.25 -10.35 -45.37
N SER A 1051 28.97 -10.69 -45.31
CA SER A 1051 28.41 -11.41 -44.17
C SER A 1051 27.25 -12.29 -44.61
N PHE A 1052 26.99 -13.32 -43.79
CA PHE A 1052 25.81 -14.18 -43.93
C PHE A 1052 24.99 -14.10 -42.65
N PRO A 1053 23.72 -13.72 -42.72
CA PRO A 1053 22.86 -13.82 -41.53
C PRO A 1053 22.32 -15.23 -41.38
N GLN A 1054 22.17 -15.67 -40.13
CA GLN A 1054 21.50 -16.93 -39.85
C GLN A 1054 20.56 -16.76 -38.67
N SER A 1055 19.34 -17.25 -38.83
CA SER A 1055 18.34 -17.15 -37.78
C SER A 1055 18.71 -18.01 -36.59
N ALA A 1056 18.36 -17.53 -35.39
CA ALA A 1056 18.65 -18.23 -34.16
C ALA A 1056 17.44 -18.13 -33.25
N PRO A 1057 17.20 -19.13 -32.40
CA PRO A 1057 16.07 -19.05 -31.46
C PRO A 1057 16.21 -17.86 -30.52
N HIS A 1058 15.27 -16.92 -30.65
CA HIS A 1058 15.29 -15.63 -29.95
C HIS A 1058 16.56 -14.85 -30.24
N GLY A 1059 17.06 -14.90 -31.47
CA GLY A 1059 18.27 -14.17 -31.78
C GLY A 1059 18.64 -14.27 -33.25
N VAL A 1060 19.89 -13.92 -33.53
CA VAL A 1060 20.45 -14.01 -34.86
C VAL A 1060 21.97 -14.17 -34.69
N VAL A 1061 22.61 -14.80 -35.67
CA VAL A 1061 24.07 -14.84 -35.71
C VAL A 1061 24.52 -14.29 -37.06
N PHE A 1062 25.67 -13.62 -37.06
CA PHE A 1062 26.25 -13.02 -38.24
C PHE A 1062 27.57 -13.72 -38.52
N LEU A 1063 27.70 -14.27 -39.73
CA LEU A 1063 28.87 -14.98 -40.18
C LEU A 1063 29.66 -14.02 -41.05
N HIS A 1064 30.64 -13.34 -40.46
CA HIS A 1064 31.38 -12.30 -41.17
C HIS A 1064 32.55 -12.92 -41.90
N VAL A 1065 32.54 -12.78 -43.23
CA VAL A 1065 33.69 -13.11 -44.07
C VAL A 1065 34.51 -11.85 -44.22
N THR A 1066 35.77 -11.90 -43.78
CA THR A 1066 36.59 -10.73 -43.61
C THR A 1066 38.01 -10.98 -44.12
N TYR A 1067 38.67 -9.89 -44.49
CA TYR A 1067 40.06 -9.91 -44.94
C TYR A 1067 40.98 -9.67 -43.74
N VAL A 1068 42.06 -10.42 -43.63
CA VAL A 1068 43.07 -10.23 -42.59
C VAL A 1068 44.43 -10.19 -43.27
N PRO A 1069 45.18 -9.09 -43.18
CA PRO A 1069 46.55 -9.09 -43.68
C PRO A 1069 47.45 -10.00 -42.85
N ALA A 1070 48.47 -10.57 -43.50
CA ALA A 1070 49.42 -11.43 -42.83
C ALA A 1070 50.73 -11.43 -43.58
N GLN A 1071 51.80 -11.81 -42.86
CA GLN A 1071 53.17 -11.86 -43.37
C GLN A 1071 53.61 -10.49 -43.88
N GLU A 1072 53.60 -9.51 -42.97
CA GLU A 1072 54.01 -8.16 -43.32
C GLU A 1072 55.52 -8.09 -43.51
N LYS A 1073 55.95 -7.09 -44.29
CA LYS A 1073 57.35 -6.95 -44.65
C LYS A 1073 57.74 -5.47 -44.64
N ASN A 1074 58.95 -5.21 -44.19
CA ASN A 1074 59.53 -3.87 -44.20
C ASN A 1074 59.88 -3.42 -45.61
N PHE A 1075 59.71 -2.13 -45.86
CA PHE A 1075 60.17 -1.49 -47.09
C PHE A 1075 60.53 -0.04 -46.77
N THR A 1076 61.31 0.57 -47.66
CA THR A 1076 61.76 1.94 -47.52
C THR A 1076 60.93 2.83 -48.43
N THR A 1077 60.39 3.92 -47.89
CA THR A 1077 59.37 4.70 -48.57
C THR A 1077 59.80 6.17 -48.71
N ALA A 1078 59.18 6.84 -49.69
CA ALA A 1078 59.34 8.28 -49.89
C ALA A 1078 57.98 8.87 -50.27
N PRO A 1079 57.67 10.09 -49.85
CA PRO A 1079 56.35 10.67 -50.18
C PRO A 1079 56.17 11.03 -51.64
N ALA A 1080 57.25 11.35 -52.36
CA ALA A 1080 57.15 11.78 -53.74
C ALA A 1080 58.45 11.46 -54.46
N ILE A 1081 58.42 11.49 -55.79
CA ILE A 1081 59.57 11.16 -56.62
C ILE A 1081 59.84 12.33 -57.55
N CYS A 1082 61.07 12.83 -57.55
CA CYS A 1082 61.46 13.95 -58.40
C CYS A 1082 62.13 13.42 -59.66
N HIS A 1083 61.68 13.91 -60.81
CA HIS A 1083 62.31 13.62 -62.09
C HIS A 1083 62.16 14.80 -63.00
N ASP A 1084 63.29 15.25 -63.57
CA ASP A 1084 63.37 16.37 -64.51
C ASP A 1084 62.80 17.66 -63.91
N GLY A 1085 62.97 17.84 -62.60
CA GLY A 1085 62.45 18.99 -61.90
C GLY A 1085 60.99 18.91 -61.53
N LYS A 1086 60.31 17.80 -61.84
CA LYS A 1086 58.90 17.63 -61.54
C LYS A 1086 58.74 16.66 -60.37
N ALA A 1087 57.93 17.05 -59.39
CA ALA A 1087 57.69 16.23 -58.21
C ALA A 1087 56.41 15.43 -58.43
N HIS A 1088 56.56 14.19 -58.87
CA HIS A 1088 55.43 13.30 -59.06
C HIS A 1088 54.97 12.71 -57.72
N PHE A 1089 53.66 12.65 -57.55
CA PHE A 1089 53.00 12.13 -56.36
C PHE A 1089 52.22 10.88 -56.75
N PRO A 1090 52.15 9.88 -55.87
CA PRO A 1090 51.48 8.62 -56.24
C PRO A 1090 49.97 8.81 -56.28
N ARG A 1091 49.30 8.10 -57.19
CA ARG A 1091 47.88 8.35 -57.38
C ARG A 1091 47.01 7.36 -56.60
N GLU A 1092 47.32 6.06 -56.67
CA GLU A 1092 46.49 5.07 -56.00
C GLU A 1092 47.33 4.10 -55.15
N GLY A 1093 48.49 4.56 -54.69
CA GLY A 1093 49.36 3.64 -53.99
C GLY A 1093 50.45 4.35 -53.21
N VAL A 1094 51.47 3.57 -52.86
CA VAL A 1094 52.58 4.03 -52.04
C VAL A 1094 53.85 3.90 -52.87
N PHE A 1095 54.86 4.71 -52.55
CA PHE A 1095 56.18 4.46 -53.10
C PHE A 1095 57.01 3.64 -52.11
N VAL A 1096 57.47 2.48 -52.56
CA VAL A 1096 58.32 1.63 -51.73
C VAL A 1096 59.57 1.28 -52.52
N SER A 1097 60.53 0.68 -51.83
CA SER A 1097 61.78 0.30 -52.51
C SER A 1097 62.29 -1.03 -51.97
N ASN A 1098 62.74 -1.91 -52.86
CA ASN A 1098 63.34 -3.19 -52.40
C ASN A 1098 64.80 -2.85 -52.09
N GLY A 1099 65.16 -1.59 -52.30
CA GLY A 1099 66.54 -1.12 -52.02
C GLY A 1099 67.38 -1.07 -53.28
N THR A 1100 66.91 -1.73 -54.35
CA THR A 1100 67.64 -1.64 -55.64
C THR A 1100 66.89 -0.68 -56.57
N HIS A 1101 65.57 -0.85 -56.68
CA HIS A 1101 64.75 0.01 -57.56
C HIS A 1101 63.52 0.46 -56.77
N TRP A 1102 62.93 1.59 -57.14
CA TRP A 1102 61.69 2.01 -56.46
C TRP A 1102 60.48 1.45 -57.21
N PHE A 1103 59.41 1.13 -56.49
CA PHE A 1103 58.20 0.61 -57.10
C PHE A 1103 56.97 1.25 -56.43
N VAL A 1104 55.83 1.09 -57.08
CA VAL A 1104 54.53 1.50 -56.55
C VAL A 1104 53.69 0.25 -56.31
N THR A 1105 53.03 0.19 -55.15
CA THR A 1105 52.18 -0.93 -54.82
C THR A 1105 50.96 -0.52 -54.00
N GLN A 1106 50.11 -1.48 -53.70
CA GLN A 1106 48.85 -1.24 -53.00
C GLN A 1106 49.10 -1.22 -51.49
N ARG A 1107 48.16 -0.63 -50.76
CA ARG A 1107 48.37 -0.45 -49.33
C ARG A 1107 48.16 -1.75 -48.56
N ASN A 1108 47.18 -2.56 -48.97
CA ASN A 1108 46.83 -3.77 -48.25
C ASN A 1108 47.38 -5.04 -48.90
N PHE A 1109 48.17 -4.93 -49.96
CA PHE A 1109 48.77 -6.09 -50.59
C PHE A 1109 50.01 -5.64 -51.35
N TYR A 1110 51.01 -6.52 -51.38
CA TYR A 1110 52.27 -6.19 -52.05
C TYR A 1110 52.20 -6.63 -53.51
N GLU A 1111 51.91 -5.69 -54.40
CA GLU A 1111 51.94 -5.93 -55.85
C GLU A 1111 52.74 -4.79 -56.46
N PRO A 1112 54.07 -4.90 -56.46
CA PRO A 1112 54.90 -3.80 -56.95
C PRO A 1112 54.75 -3.58 -58.45
N GLN A 1113 54.81 -2.32 -58.86
CA GLN A 1113 54.71 -1.92 -60.26
C GLN A 1113 55.75 -0.86 -60.55
N ILE A 1114 56.22 -0.82 -61.80
CA ILE A 1114 57.24 0.14 -62.18
C ILE A 1114 56.61 1.54 -62.24
N ILE A 1115 57.39 2.53 -61.80
CA ILE A 1115 56.93 3.91 -61.75
C ILE A 1115 56.75 4.42 -63.18
N THR A 1116 55.49 4.61 -63.58
CA THR A 1116 55.16 5.13 -64.90
C THR A 1116 54.40 6.45 -64.73
N THR A 1117 54.21 7.14 -65.84
CA THR A 1117 53.50 8.42 -65.82
C THR A 1117 52.02 8.22 -65.54
N ASP A 1118 51.48 7.04 -65.85
CA ASP A 1118 50.08 6.77 -65.59
C ASP A 1118 49.82 6.52 -64.12
N ASN A 1119 50.80 5.94 -63.42
CA ASN A 1119 50.59 5.57 -62.02
C ASN A 1119 50.67 6.76 -61.08
N THR A 1120 51.26 7.87 -61.55
CA THR A 1120 51.51 9.03 -60.71
C THR A 1120 50.94 10.27 -61.36
N PHE A 1121 50.87 11.38 -60.62
CA PHE A 1121 50.43 12.66 -61.16
C PHE A 1121 51.44 13.74 -60.82
N VAL A 1122 51.61 14.70 -61.73
CA VAL A 1122 52.64 15.72 -61.59
C VAL A 1122 52.05 16.96 -60.92
N SER A 1123 52.73 17.45 -59.89
CA SER A 1123 52.29 18.67 -59.23
C SER A 1123 53.48 19.30 -58.50
N GLY A 1124 53.62 20.62 -58.66
CA GLY A 1124 54.60 21.38 -57.90
C GLY A 1124 56.04 21.14 -58.32
N ASN A 1125 56.94 21.50 -57.41
CA ASN A 1125 58.37 21.37 -57.60
C ASN A 1125 58.98 20.58 -56.46
N CYS A 1126 60.21 20.10 -56.68
CA CYS A 1126 60.78 19.09 -55.80
C CYS A 1126 61.35 19.69 -54.52
N ASP A 1127 61.60 21.00 -54.51
CA ASP A 1127 62.31 21.59 -53.37
C ASP A 1127 61.41 21.77 -52.16
N VAL A 1128 60.11 21.94 -52.38
CA VAL A 1128 59.22 22.30 -51.28
C VAL A 1128 58.80 21.08 -50.47
N VAL A 1129 58.95 19.89 -51.04
CA VAL A 1129 58.50 18.67 -50.37
C VAL A 1129 59.64 18.09 -49.56
N ILE A 1130 59.33 17.61 -48.35
CA ILE A 1130 60.33 17.00 -47.48
C ILE A 1130 60.30 15.49 -47.67
N GLY A 1131 61.49 14.91 -47.89
CA GLY A 1131 61.60 13.49 -48.15
C GLY A 1131 61.67 13.11 -49.60
N ILE A 1132 61.98 14.06 -50.49
CA ILE A 1132 62.02 13.77 -51.92
C ILE A 1132 63.21 12.86 -52.24
N VAL A 1133 63.01 11.98 -53.22
CA VAL A 1133 64.02 11.00 -53.61
C VAL A 1133 64.16 11.01 -55.12
N ASN A 1134 65.39 11.12 -55.59
CA ASN A 1134 65.65 11.13 -57.04
C ASN A 1134 65.48 9.72 -57.59
N ASN A 1135 64.60 9.60 -58.60
CA ASN A 1135 64.39 8.34 -59.30
C ASN A 1135 63.73 8.65 -60.64
N THR A 1136 64.17 7.94 -61.69
CA THR A 1136 63.62 8.18 -63.02
C THR A 1136 62.21 7.62 -63.12
N VAL A 1137 61.43 8.17 -64.04
CA VAL A 1137 60.07 7.73 -64.32
C VAL A 1137 60.03 7.23 -65.75
N TYR A 1138 59.64 5.97 -65.93
CA TYR A 1138 59.64 5.38 -67.26
C TYR A 1138 58.29 5.55 -67.94
N ASP A 1139 58.31 6.20 -69.10
CA ASP A 1139 57.10 6.59 -69.80
C ASP A 1139 56.85 5.66 -70.98
N PRO A 1140 55.65 5.09 -71.11
CA PRO A 1140 55.44 4.06 -72.16
C PRO A 1140 55.37 4.61 -73.57
N LEU A 1141 55.33 5.93 -73.75
CA LEU A 1141 55.26 6.49 -75.09
C LEU A 1141 56.58 6.29 -75.84
N GLN A 1142 57.69 6.36 -75.13
CA GLN A 1142 59.01 6.24 -75.76
C GLN A 1142 59.28 4.86 -76.39
N PRO A 1143 59.02 3.72 -75.72
CA PRO A 1143 59.19 2.44 -76.43
C PRO A 1143 58.23 2.25 -77.59
N GLU A 1144 57.02 2.82 -77.50
CA GLU A 1144 56.08 2.72 -78.62
C GLU A 1144 56.56 3.55 -79.81
N LEU A 1145 57.15 4.71 -79.54
CA LEU A 1145 57.68 5.54 -80.62
C LEU A 1145 58.93 4.92 -81.23
N ASP A 1146 59.79 4.33 -80.39
CA ASP A 1146 61.00 3.70 -80.89
C ASP A 1146 60.69 2.44 -81.69
N SER A 1147 59.71 1.67 -81.25
CA SER A 1147 59.32 0.44 -81.95
C SER A 1147 58.15 0.71 -82.89
N GLN B 14 -0.46 47.06 45.78
CA GLN B 14 -0.69 48.52 45.58
C GLN B 14 -0.54 48.84 44.09
N CYS B 15 -1.09 49.96 43.63
CA CYS B 15 -1.06 50.31 42.20
C CYS B 15 -0.74 51.79 42.02
N VAL B 16 -0.06 52.12 40.92
CA VAL B 16 0.20 53.55 40.63
C VAL B 16 -0.32 53.77 39.22
N ASN B 17 -1.26 54.71 39.05
CA ASN B 17 -1.86 54.86 37.72
C ASN B 17 -0.95 55.70 36.85
N LEU B 18 0.16 55.11 36.40
CA LEU B 18 0.98 55.88 35.45
C LEU B 18 0.02 56.13 34.30
N THR B 19 -0.07 57.35 33.80
CA THR B 19 -1.08 57.59 32.74
C THR B 19 -0.40 58.11 31.49
N THR B 20 -0.62 57.45 30.36
CA THR B 20 -0.08 58.00 29.10
C THR B 20 -1.19 58.91 28.58
N ARG B 21 -0.94 60.23 28.57
CA ARG B 21 -1.99 61.19 28.13
C ARG B 21 -2.70 60.55 26.94
N THR B 22 -1.93 59.93 26.05
CA THR B 22 -2.49 59.24 24.86
C THR B 22 -1.47 58.18 24.42
N GLN B 23 -1.88 57.11 23.75
CA GLN B 23 -0.87 56.15 23.25
C GLN B 23 -0.19 56.75 22.03
N LEU B 24 1.15 56.76 22.00
CA LEU B 24 1.86 57.23 20.79
C LEU B 24 1.56 56.24 19.66
N PRO B 25 1.52 56.67 18.37
CA PRO B 25 1.15 55.75 17.30
C PRO B 25 2.16 54.60 17.26
N PRO B 26 1.73 53.34 17.04
CA PRO B 26 2.65 52.20 17.09
C PRO B 26 3.76 52.36 16.04
N ALA B 27 5.00 52.06 16.42
CA ALA B 27 6.14 52.22 15.49
C ALA B 27 6.50 50.85 14.92
N TYR B 28 6.66 50.77 13.60
CA TYR B 28 6.94 49.45 12.97
C TYR B 28 8.40 49.39 12.53
N THR B 29 9.10 48.34 12.96
CA THR B 29 10.52 48.15 12.57
C THR B 29 10.60 46.79 11.87
N ASN B 30 11.55 46.61 10.94
CA ASN B 30 11.58 45.34 10.19
C ASN B 30 12.37 44.32 10.98
N SER B 31 11.75 43.18 11.32
CA SER B 31 12.52 42.10 11.98
C SER B 31 13.53 41.59 10.96
N PHE B 32 14.75 41.30 11.38
CA PHE B 32 15.77 40.89 10.38
C PHE B 32 16.02 39.40 10.50
N THR B 33 15.09 38.58 9.98
CA THR B 33 15.30 37.11 9.98
C THR B 33 15.83 36.64 11.33
N ARG B 34 15.21 37.08 12.42
CA ARG B 34 15.66 36.66 13.77
C ARG B 34 14.56 35.81 14.40
N GLY B 35 14.94 34.78 15.15
CA GLY B 35 13.95 33.98 15.88
C GLY B 35 13.56 32.66 15.25
N VAL B 36 14.41 31.63 15.39
CA VAL B 36 14.05 30.26 14.95
C VAL B 36 14.43 29.36 16.12
N TYR B 37 13.48 28.59 16.65
CA TYR B 37 13.75 27.77 17.86
C TYR B 37 13.93 26.29 17.46
N TYR B 38 14.57 25.50 18.34
CA TYR B 38 14.72 24.05 18.05
C TYR B 38 13.34 23.39 18.07
N PRO B 39 13.01 22.55 17.06
CA PRO B 39 11.72 21.84 17.05
C PRO B 39 11.61 20.84 18.21
N ASP B 40 12.68 20.12 18.51
CA ASP B 40 12.65 19.07 19.57
C ASP B 40 14.04 18.95 20.20
N LYS B 41 14.13 18.31 21.37
CA LYS B 41 15.46 18.09 22.01
C LYS B 41 16.11 16.84 21.42
N VAL B 42 16.49 16.89 20.13
CA VAL B 42 17.20 15.74 19.48
C VAL B 42 18.48 16.29 18.87
N PHE B 43 19.61 15.62 19.10
CA PHE B 43 20.90 16.07 18.53
C PHE B 43 20.94 15.73 17.04
N ARG B 44 21.17 16.74 16.19
CA ARG B 44 21.26 16.51 14.72
C ARG B 44 22.49 17.25 14.20
N SER B 45 23.25 16.65 13.28
CA SER B 45 24.51 17.29 12.82
C SER B 45 24.54 17.47 11.30
N SER B 46 24.77 18.70 10.81
CA SER B 46 24.95 18.96 9.36
C SER B 46 23.78 18.41 8.52
N VAL B 47 22.53 18.61 8.97
CA VAL B 47 21.36 18.03 8.24
C VAL B 47 20.37 19.15 7.89
N LEU B 48 19.90 19.20 6.64
CA LEU B 48 18.87 20.19 6.25
C LEU B 48 17.49 19.56 6.53
N HIS B 49 17.07 19.57 7.80
CA HIS B 49 15.80 18.92 8.21
C HIS B 49 14.65 19.93 8.20
N SER B 50 13.58 19.63 7.47
CA SER B 50 12.44 20.57 7.37
C SER B 50 11.44 20.26 8.47
N THR B 51 10.68 21.26 8.91
CA THR B 51 9.66 21.06 9.95
C THR B 51 8.54 22.07 9.78
N GLN B 52 7.37 21.80 10.33
CA GLN B 52 6.25 22.78 10.29
C GLN B 52 5.88 23.09 11.74
N ASP B 53 5.85 24.36 12.11
CA ASP B 53 5.51 24.76 13.51
C ASP B 53 5.19 26.24 13.50
N LEU B 54 4.77 26.80 14.63
CA LEU B 54 4.36 28.22 14.68
C LEU B 54 5.65 29.04 14.72
N PHE B 55 6.13 29.52 13.58
CA PHE B 55 7.36 30.35 13.55
C PHE B 55 7.01 31.78 13.14
N LEU B 56 7.74 32.78 13.63
CA LEU B 56 7.52 34.19 13.19
C LEU B 56 7.97 34.26 11.74
N PRO B 57 7.21 34.88 10.83
CA PRO B 57 7.67 35.02 9.46
C PRO B 57 8.92 35.90 9.46
N PHE B 58 9.87 35.59 8.59
CA PHE B 58 11.10 36.42 8.49
C PHE B 58 10.70 37.80 7.93
N PHE B 59 11.43 38.85 8.33
CA PHE B 59 11.17 40.22 7.81
C PHE B 59 9.74 40.65 8.12
N SER B 60 9.21 40.26 9.28
CA SER B 60 7.85 40.71 9.68
C SER B 60 7.90 42.13 10.23
N ASN B 61 6.75 42.81 10.27
CA ASN B 61 6.70 44.16 10.88
C ASN B 61 6.56 44.02 12.39
N VAL B 62 7.65 44.11 13.13
CA VAL B 62 7.62 43.97 14.62
C VAL B 62 7.42 45.34 15.27
N THR B 63 7.01 45.38 16.54
CA THR B 63 6.76 46.65 17.26
C THR B 63 8.07 47.29 17.73
N TRP B 64 8.08 48.60 17.97
CA TRP B 64 9.29 49.34 18.41
C TRP B 64 8.98 49.99 19.76
N PHE B 65 8.08 49.40 20.56
CA PHE B 65 7.64 50.06 21.82
C PHE B 65 8.82 50.35 22.74
N HIS B 66 8.84 51.55 23.34
CA HIS B 66 9.93 51.95 24.27
C HIS B 66 9.46 51.85 25.72
N ALA B 67 10.16 52.51 26.64
CA ALA B 67 9.78 52.49 28.06
C ALA B 67 9.64 53.92 28.60
N ILE B 68 10.67 54.75 28.43
CA ILE B 68 10.58 56.16 28.88
C ILE B 68 10.94 57.08 27.72
N HIS B 69 10.09 58.07 27.42
CA HIS B 69 10.44 59.05 26.37
C HIS B 69 10.96 60.34 27.02
N LYS B 77 8.01 61.70 28.84
CA LYS B 77 8.23 60.94 30.09
C LYS B 77 7.10 59.95 30.32
N ARG B 78 6.55 59.40 29.22
CA ARG B 78 5.41 58.46 29.33
C ARG B 78 5.87 57.08 29.78
N PHE B 79 5.00 56.32 30.44
CA PHE B 79 5.34 54.92 30.79
C PHE B 79 4.34 54.07 30.03
N ASP B 80 4.68 53.73 28.78
CA ASP B 80 3.69 53.03 27.91
C ASP B 80 3.97 51.53 27.91
N ASN B 81 3.10 50.74 28.53
CA ASN B 81 3.26 49.26 28.49
C ASN B 81 1.87 48.70 28.17
N PRO B 82 1.31 48.93 26.97
CA PRO B 82 -0.06 48.53 26.69
C PRO B 82 -0.20 47.02 26.48
N VAL B 83 -1.43 46.52 26.61
CA VAL B 83 -1.69 45.07 26.38
C VAL B 83 -1.73 44.82 24.87
N LEU B 84 -1.24 43.67 24.44
CA LEU B 84 -1.29 43.31 23.01
C LEU B 84 -1.93 41.94 22.91
N PRO B 85 -2.65 41.62 21.82
CA PRO B 85 -3.23 40.28 21.67
C PRO B 85 -2.21 39.14 21.54
N PHE B 86 -2.55 37.95 22.04
CA PHE B 86 -1.69 36.77 21.89
C PHE B 86 -2.47 35.85 20.96
N ASN B 87 -2.26 35.99 19.66
CA ASN B 87 -3.11 35.21 18.72
C ASN B 87 -2.63 33.76 18.68
N ASP B 88 -1.37 33.55 18.34
CA ASP B 88 -0.82 32.17 18.28
C ASP B 88 0.43 32.12 19.14
N GLY B 89 1.35 33.05 18.92
CA GLY B 89 2.57 33.11 19.75
C GLY B 89 3.23 34.46 19.65
N VAL B 90 4.07 34.80 20.62
CA VAL B 90 4.67 36.16 20.60
C VAL B 90 6.18 36.01 20.59
N TYR B 91 6.86 36.67 19.67
CA TYR B 91 8.35 36.66 19.69
C TYR B 91 8.75 37.94 20.40
N PHE B 92 9.27 37.85 21.63
CA PHE B 92 9.60 39.08 22.41
C PHE B 92 11.10 39.33 22.35
N ALA B 93 11.54 40.57 22.57
CA ALA B 93 12.99 40.88 22.60
C ALA B 93 13.24 42.09 23.49
N SER B 94 14.48 42.30 23.95
CA SER B 94 14.81 43.42 24.86
C SER B 94 16.26 43.84 24.68
N THR B 95 16.52 45.16 24.70
CA THR B 95 17.89 45.67 24.43
C THR B 95 18.30 46.74 25.46
N GLU B 96 18.59 46.34 26.70
CA GLU B 96 19.10 47.37 27.66
C GLU B 96 20.23 46.81 28.51
N LYS B 97 21.28 47.62 28.77
CA LYS B 97 22.38 47.16 29.64
C LYS B 97 21.85 46.93 31.05
N SER B 98 21.07 47.88 31.57
CA SER B 98 20.43 47.67 32.90
C SER B 98 19.21 46.79 32.67
N ASN B 99 18.89 45.91 33.60
CA ASN B 99 17.75 44.99 33.30
C ASN B 99 16.44 45.71 33.63
N ILE B 100 16.03 46.67 32.79
CA ILE B 100 14.76 47.40 33.02
C ILE B 100 13.60 46.41 32.91
N ILE B 101 13.62 45.53 31.91
CA ILE B 101 12.48 44.59 31.69
C ILE B 101 12.75 43.35 32.52
N ARG B 102 11.72 42.70 33.04
CA ARG B 102 11.95 41.55 33.95
C ARG B 102 11.08 40.37 33.55
N GLY B 103 9.77 40.54 33.53
CA GLY B 103 8.85 39.42 33.26
C GLY B 103 7.64 39.81 32.44
N TRP B 104 6.69 38.89 32.28
CA TRP B 104 5.47 39.16 31.48
C TRP B 104 4.24 38.61 32.18
N ILE B 105 3.06 39.04 31.75
CA ILE B 105 1.81 38.43 32.30
C ILE B 105 1.01 37.94 31.10
N PHE B 106 0.36 36.77 31.21
CA PHE B 106 -0.41 36.21 30.09
C PHE B 106 -1.80 35.86 30.59
N GLY B 107 -2.82 36.11 29.77
CA GLY B 107 -4.19 35.86 30.22
C GLY B 107 -5.18 36.15 29.12
N THR B 108 -6.47 36.06 29.43
CA THR B 108 -7.51 36.33 28.42
C THR B 108 -8.38 37.51 28.85
N THR B 109 -8.52 37.76 30.14
CA THR B 109 -9.38 38.87 30.64
C THR B 109 -8.60 39.79 31.56
N LEU B 110 -7.66 39.25 32.34
CA LEU B 110 -6.77 40.06 33.22
C LEU B 110 -7.60 40.89 34.21
N ASP B 111 -8.73 40.37 34.70
CA ASP B 111 -9.50 41.09 35.75
C ASP B 111 -9.97 40.10 36.83
N SER B 112 -9.21 39.04 37.07
CA SER B 112 -9.54 38.06 38.15
C SER B 112 -10.84 37.32 37.88
N LYS B 113 -11.24 37.15 36.62
CA LYS B 113 -12.44 36.31 36.36
C LYS B 113 -11.96 34.99 35.78
N THR B 114 -10.76 34.99 35.20
CA THR B 114 -10.20 33.77 34.60
C THR B 114 -8.84 33.50 35.23
N GLN B 115 -8.13 32.48 34.76
CA GLN B 115 -6.79 32.14 35.31
C GLN B 115 -5.73 32.85 34.45
N SER B 116 -4.77 33.51 35.09
CA SER B 116 -3.74 34.26 34.34
C SER B 116 -2.35 33.73 34.72
N LEU B 117 -1.36 33.91 33.84
CA LEU B 117 0.00 33.38 34.08
C LEU B 117 0.90 34.54 34.49
N LEU B 118 1.62 34.40 35.60
CA LEU B 118 2.46 35.51 36.10
C LEU B 118 3.92 35.11 35.93
N ILE B 119 4.71 35.96 35.29
CA ILE B 119 6.17 35.69 35.21
C ILE B 119 6.85 36.94 35.76
N VAL B 120 7.67 36.80 36.79
CA VAL B 120 8.29 38.00 37.42
C VAL B 120 9.69 37.59 37.83
N ASN B 121 10.65 38.49 37.68
CA ASN B 121 12.05 38.11 37.98
C ASN B 121 12.64 39.11 38.97
N ASN B 122 13.06 38.66 40.14
CA ASN B 122 13.75 39.57 41.08
C ASN B 122 15.20 39.09 41.15
N ALA B 123 16.05 39.80 41.89
CA ALA B 123 17.49 39.47 41.91
C ALA B 123 17.78 38.03 42.36
N THR B 124 17.00 37.47 43.28
CA THR B 124 17.37 36.12 43.83
C THR B 124 16.73 34.97 43.05
N ASN B 125 15.49 35.10 42.62
CA ASN B 125 14.80 33.92 42.04
C ASN B 125 13.83 34.35 40.93
N VAL B 126 13.21 33.38 40.24
CA VAL B 126 12.17 33.72 39.23
C VAL B 126 10.90 33.01 39.65
N VAL B 127 9.79 33.74 39.80
CA VAL B 127 8.57 33.08 40.35
C VAL B 127 7.53 33.00 39.24
N ILE B 128 7.04 31.81 38.94
CA ILE B 128 5.96 31.68 37.92
C ILE B 128 4.73 31.15 38.65
N LYS B 129 3.64 31.92 38.63
CA LYS B 129 2.44 31.52 39.39
C LYS B 129 1.22 31.54 38.47
N VAL B 130 0.39 30.51 38.53
CA VAL B 130 -0.88 30.51 37.73
C VAL B 130 -2.00 30.62 38.75
N CYS B 131 -2.67 31.76 38.78
CA CYS B 131 -3.60 32.16 39.84
C CYS B 131 -4.62 33.05 39.23
N GLU B 132 -5.65 33.40 40.01
CA GLU B 132 -6.65 34.38 39.50
C GLU B 132 -6.16 35.74 39.94
N PHE B 133 -5.53 36.49 39.04
CA PHE B 133 -4.90 37.77 39.46
C PHE B 133 -5.72 38.97 39.04
N GLN B 134 -5.89 39.95 39.93
CA GLN B 134 -6.58 41.20 39.55
C GLN B 134 -5.46 42.17 39.16
N PHE B 135 -5.08 42.19 37.90
CA PHE B 135 -3.92 43.02 37.50
C PHE B 135 -4.28 44.50 37.55
N CYS B 136 -3.30 45.35 37.88
CA CYS B 136 -3.56 46.81 37.91
C CYS B 136 -3.58 47.33 36.48
N ASN B 137 -4.03 48.56 36.28
CA ASN B 137 -4.09 49.18 34.93
C ASN B 137 -2.68 49.31 34.36
N ASP B 138 -1.71 49.74 35.17
CA ASP B 138 -0.32 49.87 34.72
C ASP B 138 0.60 49.18 35.73
N PRO B 139 0.78 47.86 35.61
CA PRO B 139 1.65 47.16 36.56
C PRO B 139 3.13 47.41 36.30
N PHE B 140 3.93 47.31 37.36
CA PHE B 140 5.40 47.49 37.25
C PHE B 140 6.06 46.87 38.47
N LEU B 141 7.39 46.90 38.54
CA LEU B 141 8.10 46.39 39.75
C LEU B 141 8.85 47.57 40.37
N GLY B 142 8.70 47.78 41.67
CA GLY B 142 9.33 48.95 42.30
C GLY B 142 10.72 48.65 42.82
N VAL B 143 11.71 49.40 42.38
CA VAL B 143 13.11 49.22 42.89
C VAL B 143 13.44 50.44 43.74
N TYR B 144 13.80 50.24 45.01
CA TYR B 144 14.05 51.38 45.92
C TYR B 144 15.52 51.36 46.34
N TYR B 145 16.22 52.49 46.18
CA TYR B 145 17.68 52.52 46.48
C TYR B 145 17.95 53.35 47.72
N HIS B 146 18.69 52.80 48.67
CA HIS B 146 19.08 53.59 49.88
C HIS B 146 19.95 54.75 49.42
N LYS B 147 19.78 55.92 50.01
CA LYS B 147 20.54 57.12 49.60
C LYS B 147 22.04 56.89 49.78
N ASN B 148 22.86 57.27 48.80
CA ASN B 148 24.34 57.21 48.97
C ASN B 148 24.83 55.76 48.92
N ASN B 149 23.94 54.79 48.74
CA ASN B 149 24.41 53.39 48.57
C ASN B 149 23.44 52.67 47.65
N LYS B 150 23.78 52.59 46.37
CA LYS B 150 22.92 51.91 45.38
C LYS B 150 22.89 50.42 45.72
N SER B 151 23.86 49.95 46.51
CA SER B 151 23.97 48.50 46.80
C SER B 151 22.69 48.02 47.48
N TRP B 152 22.16 48.81 48.42
CA TRP B 152 20.92 48.42 49.16
C TRP B 152 19.72 48.55 48.24
N MET B 153 19.21 47.44 47.72
CA MET B 153 18.00 47.47 46.86
C MET B 153 16.86 46.70 47.54
N GLU B 154 15.69 47.32 47.70
CA GLU B 154 14.52 46.62 48.27
C GLU B 154 13.42 46.64 47.20
N SER B 155 12.77 45.51 46.94
CA SER B 155 11.79 45.44 45.82
C SER B 155 10.36 45.26 46.31
N GLU B 156 9.42 46.04 45.79
CA GLU B 156 7.99 45.87 46.15
C GLU B 156 7.21 45.52 44.88
N PHE B 157 6.40 44.46 44.92
CA PHE B 157 5.68 44.01 43.71
C PHE B 157 4.43 44.88 43.53
N ARG B 158 4.36 45.60 42.41
CA ARG B 158 3.18 46.47 42.14
C ARG B 158 2.50 45.95 40.89
N VAL B 159 2.44 44.63 40.72
CA VAL B 159 1.77 44.02 39.54
C VAL B 159 0.35 43.57 39.85
N TYR B 160 0.15 42.78 40.90
CA TYR B 160 -1.17 42.20 41.13
C TYR B 160 -1.79 42.80 42.39
N SER B 161 -3.06 43.16 42.31
CA SER B 161 -3.78 43.66 43.47
C SER B 161 -4.05 42.54 44.47
N SER B 162 -4.42 41.36 43.97
CA SER B 162 -4.70 40.21 44.83
C SER B 162 -4.49 38.94 44.02
N ALA B 163 -4.32 37.84 44.74
CA ALA B 163 -4.15 36.52 44.14
C ALA B 163 -5.07 35.53 44.82
N ASN B 164 -5.59 34.59 44.03
CA ASN B 164 -6.54 33.60 44.55
C ASN B 164 -6.48 32.36 43.69
N ASN B 165 -6.55 31.20 44.37
CA ASN B 165 -6.63 29.87 43.76
C ASN B 165 -5.45 29.59 42.85
N CYS B 166 -4.26 29.53 43.43
CA CYS B 166 -3.03 29.26 42.69
C CYS B 166 -2.91 27.76 42.44
N THR B 167 -2.77 27.38 41.17
CA THR B 167 -2.67 25.97 40.80
C THR B 167 -1.21 25.54 40.66
N PHE B 168 -0.44 26.27 39.86
CA PHE B 168 0.95 25.93 39.57
C PHE B 168 1.86 27.05 40.07
N GLU B 169 2.86 26.67 40.86
CA GLU B 169 3.88 27.59 41.36
C GLU B 169 5.24 27.01 41.03
N TYR B 170 6.15 27.88 40.58
CA TYR B 170 7.48 27.46 40.15
C TYR B 170 8.50 28.51 40.59
N VAL B 171 9.52 28.08 41.31
CA VAL B 171 10.62 28.94 41.74
C VAL B 171 11.93 28.27 41.35
N SER B 172 12.85 29.04 40.79
CA SER B 172 14.12 28.50 40.29
C SER B 172 15.15 29.62 40.23
N GLN B 173 16.29 29.33 39.60
CA GLN B 173 17.39 30.31 39.48
C GLN B 173 16.99 31.42 38.51
N PRO B 174 17.50 32.66 38.66
CA PRO B 174 17.13 33.77 37.79
C PRO B 174 17.57 33.57 36.34
N PHE B 175 16.77 34.05 35.38
CA PHE B 175 17.21 33.98 33.96
C PHE B 175 18.45 34.88 33.84
N LEU B 176 19.35 34.59 32.91
CA LEU B 176 20.60 35.39 32.89
C LEU B 176 20.21 36.86 32.81
N MET B 177 20.72 37.68 33.72
CA MET B 177 20.39 39.12 33.75
C MET B 177 21.66 39.91 34.08
N ASP B 178 21.82 41.10 33.47
CA ASP B 178 23.01 41.94 33.76
C ASP B 178 22.94 42.45 35.21
N LEU B 179 24.09 42.52 35.88
CA LEU B 179 24.12 43.03 37.28
C LEU B 179 24.69 44.46 37.27
N GLY B 184 34.16 48.55 28.69
CA GLY B 184 33.63 47.28 28.17
C GLY B 184 32.12 47.31 28.11
N ASN B 185 31.55 48.50 27.91
CA ASN B 185 30.06 48.63 27.92
C ASN B 185 29.50 47.75 26.80
N PHE B 186 28.45 46.99 27.11
CA PHE B 186 27.80 46.15 26.07
C PHE B 186 26.30 46.14 26.29
N LYS B 187 25.53 45.94 25.22
CA LYS B 187 24.06 45.81 25.38
C LYS B 187 23.70 44.35 25.16
N ASN B 188 22.93 43.74 26.06
CA ASN B 188 22.64 42.28 25.95
C ASN B 188 21.22 42.06 25.41
N LEU B 189 21.09 41.58 24.17
CA LEU B 189 19.76 41.29 23.58
C LEU B 189 19.19 40.01 24.20
N ARG B 190 17.96 40.03 24.68
CA ARG B 190 17.33 38.79 25.21
C ARG B 190 16.06 38.52 24.40
N GLU B 191 15.94 37.34 23.80
CA GLU B 191 14.78 37.04 22.91
C GLU B 191 13.96 35.92 23.54
N PHE B 192 12.63 36.07 23.60
CA PHE B 192 11.80 35.05 24.29
C PHE B 192 10.55 34.70 23.46
N VAL B 193 10.54 33.54 22.80
CA VAL B 193 9.40 33.05 22.05
C VAL B 193 8.47 32.31 23.01
N PHE B 194 7.20 32.73 23.07
CA PHE B 194 6.20 32.10 23.90
C PHE B 194 5.18 31.39 23.02
N LYS B 195 4.90 30.12 23.34
CA LYS B 195 3.95 29.33 22.57
C LYS B 195 3.06 28.55 23.53
N ASN B 196 1.79 28.40 23.15
CA ASN B 196 0.80 27.67 23.96
C ASN B 196 0.18 26.59 23.08
N ILE B 197 0.71 25.38 23.17
CA ILE B 197 0.23 24.25 22.38
C ILE B 197 -0.09 23.10 23.33
N ASP B 198 -1.33 22.59 23.25
CA ASP B 198 -1.80 21.43 24.02
C ASP B 198 -1.66 21.65 25.53
N GLY B 199 -1.92 22.87 25.97
CA GLY B 199 -1.82 23.18 27.38
C GLY B 199 -0.40 23.27 27.91
N TYR B 200 0.59 23.39 27.02
CA TYR B 200 1.99 23.49 27.41
C TYR B 200 2.52 24.86 27.01
N PHE B 201 3.16 25.55 27.94
CA PHE B 201 3.75 26.85 27.70
C PHE B 201 5.24 26.67 27.44
N LYS B 202 5.63 26.75 26.18
CA LYS B 202 7.01 26.53 25.77
C LYS B 202 7.72 27.87 25.62
N ILE B 203 8.87 28.01 26.25
CA ILE B 203 9.67 29.23 26.22
C ILE B 203 11.04 28.90 25.65
N TYR B 204 11.45 29.66 24.63
CA TYR B 204 12.74 29.48 23.99
C TYR B 204 13.48 30.82 24.02
N SER B 205 14.78 30.77 24.31
CA SER B 205 15.50 32.01 24.55
C SER B 205 16.99 31.82 24.32
N LYS B 206 17.66 32.95 24.07
CA LYS B 206 19.14 32.99 23.88
C LYS B 206 19.59 34.45 23.97
N HIS B 207 20.62 34.74 24.74
CA HIS B 207 21.10 36.10 24.95
C HIS B 207 22.43 36.28 24.22
N THR B 208 22.52 37.36 23.43
CA THR B 208 23.68 37.65 22.61
C THR B 208 24.10 39.11 22.84
N PRO B 209 25.39 39.42 22.69
CA PRO B 209 25.82 40.82 22.79
C PRO B 209 25.34 41.66 21.62
N ILE B 210 25.25 42.97 21.88
CA ILE B 210 24.85 43.94 20.81
C ILE B 210 26.00 44.95 20.72
N ASN B 211 26.49 45.21 19.52
CA ASN B 211 27.63 46.10 19.31
C ASN B 211 27.42 46.89 18.02
N LEU B 212 27.31 48.21 18.15
CA LEU B 212 27.15 49.14 17.02
C LEU B 212 25.93 48.81 16.15
N VAL B 213 24.75 48.77 16.78
CA VAL B 213 23.49 48.72 16.05
C VAL B 213 22.41 49.30 16.95
N ARG B 214 21.40 49.95 16.35
CA ARG B 214 20.35 50.63 17.16
C ARG B 214 19.06 49.80 17.14
N ASP B 215 18.90 48.94 16.13
CA ASP B 215 17.65 48.20 15.99
C ASP B 215 17.99 46.71 16.08
N LEU B 216 17.03 45.86 15.71
CA LEU B 216 17.24 44.42 15.76
C LEU B 216 18.37 44.01 14.83
N PRO B 217 19.40 43.32 15.33
CA PRO B 217 20.59 43.06 14.53
C PRO B 217 20.38 41.97 13.50
N GLN B 218 21.28 41.96 12.52
CA GLN B 218 21.26 40.94 11.47
C GLN B 218 21.90 39.66 11.99
N GLY B 219 22.10 38.71 11.08
CA GLY B 219 22.64 37.42 11.46
C GLY B 219 21.58 36.46 11.93
N PHE B 220 22.03 35.31 12.43
CA PHE B 220 21.15 34.24 12.86
C PHE B 220 21.47 33.85 14.30
N SER B 221 20.42 33.75 15.12
CA SER B 221 20.54 33.26 16.48
C SER B 221 19.42 32.25 16.73
N ALA B 222 19.78 31.09 17.26
CA ALA B 222 18.85 29.99 17.47
C ALA B 222 18.51 29.91 18.95
N LEU B 223 17.22 29.82 19.26
CA LEU B 223 16.77 29.80 20.64
C LEU B 223 16.59 28.36 21.12
N GLU B 224 17.16 28.13 22.32
CA GLU B 224 17.15 26.77 22.90
C GLU B 224 16.07 26.66 23.99
N PRO B 225 15.36 25.51 24.14
CA PRO B 225 14.32 25.34 25.16
C PRO B 225 14.85 25.54 26.57
N LEU B 226 14.03 26.17 27.40
CA LEU B 226 14.43 26.44 28.77
C LEU B 226 13.49 25.83 29.80
N VAL B 227 12.17 26.05 29.65
CA VAL B 227 11.16 25.37 30.48
C VAL B 227 10.03 24.87 29.59
N ASP B 228 9.19 23.99 30.13
CA ASP B 228 7.98 23.51 29.49
C ASP B 228 6.91 23.44 30.58
N LEU B 229 6.16 24.53 30.74
CA LEU B 229 5.18 24.65 31.82
C LEU B 229 3.81 24.15 31.36
N PRO B 230 3.20 23.22 32.12
CA PRO B 230 1.84 22.75 31.80
C PRO B 230 0.78 23.62 32.47
N ILE B 231 0.66 24.86 31.99
CA ILE B 231 -0.26 25.82 32.60
C ILE B 231 -1.72 25.46 32.28
N GLY B 232 -1.99 25.03 31.05
CA GLY B 232 -3.33 24.60 30.66
C GLY B 232 -4.42 25.64 30.77
N ILE B 233 -4.13 26.89 30.39
CA ILE B 233 -5.10 27.97 30.51
C ILE B 233 -5.20 28.69 29.17
N ASN B 234 -6.30 29.45 29.02
CA ASN B 234 -6.55 30.20 27.81
C ASN B 234 -5.79 31.52 27.86
N ILE B 235 -5.03 31.81 26.80
CA ILE B 235 -4.24 33.02 26.69
C ILE B 235 -4.69 33.79 25.47
N THR B 236 -5.04 35.07 25.65
CA THR B 236 -5.52 35.89 24.55
C THR B 236 -4.75 37.20 24.48
N ARG B 237 -4.31 37.71 25.63
CA ARG B 237 -3.59 38.97 25.70
C ARG B 237 -2.40 38.85 26.62
N PHE B 238 -1.41 39.73 26.42
CA PHE B 238 -0.22 39.75 27.25
C PHE B 238 0.25 41.19 27.42
N GLN B 239 1.04 41.41 28.48
CA GLN B 239 1.52 42.74 28.80
C GLN B 239 2.94 42.63 29.36
N THR B 240 3.77 43.63 29.06
CA THR B 240 5.16 43.64 29.49
C THR B 240 5.30 44.31 30.85
N LEU B 241 6.13 43.72 31.71
CA LEU B 241 6.43 44.26 33.03
C LEU B 241 7.76 45.00 33.00
N LEU B 242 7.79 46.17 33.65
CA LEU B 242 8.97 47.00 33.71
C LEU B 242 9.37 47.23 35.17
N ALA B 243 10.67 47.22 35.43
CA ALA B 243 11.21 47.56 36.74
C ALA B 243 11.71 48.99 36.69
N LEU B 244 11.10 49.87 37.49
CA LEU B 244 11.38 51.29 37.47
C LEU B 244 12.09 51.69 38.76
N HIS B 245 13.23 52.35 38.63
CA HIS B 245 13.92 52.91 39.78
C HIS B 245 13.11 54.07 40.36
N ARG B 246 13.06 54.08 41.69
CA ARG B 246 12.23 55.09 42.39
C ARG B 246 13.00 56.36 42.71
N SER B 247 12.45 57.50 42.33
CA SER B 247 13.01 58.81 42.64
C SER B 247 12.16 59.43 43.74
N TYR B 248 12.81 59.87 44.82
CA TYR B 248 12.12 60.38 46.00
C TYR B 248 11.90 61.89 45.97
N LEU B 249 12.37 62.57 44.92
CA LEU B 249 12.18 64.03 44.86
C LEU B 249 10.72 64.39 44.65
N THR B 250 10.02 63.62 43.82
CA THR B 250 8.59 63.76 43.59
C THR B 250 7.84 62.60 44.24
N PRO B 251 6.53 62.72 44.62
CA PRO B 251 5.84 61.64 45.34
C PRO B 251 5.62 60.35 44.53
N GLY B 252 5.49 59.22 45.21
CA GLY B 252 5.33 57.92 44.54
C GLY B 252 4.04 57.78 43.75
N ASP B 253 2.93 58.31 44.26
CA ASP B 253 1.62 58.10 43.58
C ASP B 253 1.64 58.70 42.18
N SER B 254 2.28 59.86 42.01
CA SER B 254 2.35 60.53 40.68
C SER B 254 3.20 59.71 39.73
N SER B 255 2.93 59.80 38.42
CA SER B 255 3.77 59.10 37.42
C SER B 255 5.23 59.49 37.61
N SER B 256 5.51 60.76 37.92
CA SER B 256 6.88 61.19 38.16
C SER B 256 7.45 60.48 39.38
N GLY B 257 8.77 60.29 39.37
CA GLY B 257 9.45 59.59 40.43
C GLY B 257 9.76 58.14 40.15
N TRP B 258 9.38 57.63 38.99
CA TRP B 258 9.64 56.25 38.60
C TRP B 258 10.57 56.19 37.39
N THR B 259 11.61 57.01 37.39
CA THR B 259 12.48 57.14 36.23
C THR B 259 13.36 55.90 36.05
N ALA B 260 13.56 55.52 34.81
CA ALA B 260 14.45 54.41 34.46
C ALA B 260 15.12 54.71 33.13
N GLY B 261 16.00 53.81 32.71
CA GLY B 261 16.71 53.98 31.46
C GLY B 261 15.82 53.76 30.25
N ALA B 262 16.35 54.17 29.10
CA ALA B 262 15.62 54.03 27.84
C ALA B 262 15.80 52.62 27.29
N ALA B 263 14.71 51.84 27.32
CA ALA B 263 14.74 50.46 26.82
C ALA B 263 13.59 50.26 25.86
N ALA B 264 13.88 49.67 24.71
CA ALA B 264 12.88 49.38 23.68
C ALA B 264 12.75 47.87 23.53
N TYR B 265 11.53 47.38 23.51
CA TYR B 265 11.26 45.95 23.41
C TYR B 265 10.48 45.65 22.13
N TYR B 266 10.76 44.49 21.54
CA TYR B 266 10.14 44.08 20.29
C TYR B 266 9.07 43.04 20.56
N VAL B 267 7.99 43.10 19.79
CA VAL B 267 6.91 42.11 19.86
C VAL B 267 6.57 41.67 18.43
N GLY B 268 6.66 40.36 18.18
CA GLY B 268 6.24 39.80 16.92
C GLY B 268 5.11 38.81 17.13
N TYR B 269 4.50 38.38 16.02
CA TYR B 269 3.39 37.45 16.05
C TYR B 269 3.74 36.22 15.21
N LEU B 270 3.45 35.05 15.74
CA LEU B 270 3.75 33.80 15.07
C LEU B 270 2.57 33.34 14.22
N GLN B 271 2.89 32.94 12.98
CA GLN B 271 1.86 32.44 12.04
C GLN B 271 2.36 31.09 11.56
N PRO B 272 1.51 30.06 11.37
CA PRO B 272 2.01 28.74 11.02
C PRO B 272 2.75 28.80 9.69
N ARG B 273 3.97 28.23 9.64
CA ARG B 273 4.79 28.26 8.41
C ARG B 273 5.70 27.04 8.39
N THR B 274 6.26 26.70 7.22
CA THR B 274 7.13 25.49 7.10
C THR B 274 8.56 25.95 6.84
N PHE B 275 9.47 25.72 7.78
CA PHE B 275 10.84 26.24 7.64
C PHE B 275 11.87 25.11 7.60
N LEU B 276 12.74 25.11 6.59
CA LEU B 276 13.85 24.12 6.53
C LEU B 276 14.95 24.61 7.48
N LEU B 277 15.53 23.73 8.29
CA LEU B 277 16.53 24.18 9.30
C LEU B 277 17.87 23.50 8.97
N LYS B 278 18.98 24.26 9.02
CA LYS B 278 20.30 23.68 8.67
C LYS B 278 21.13 23.52 9.93
N TYR B 279 21.54 22.30 10.23
CA TYR B 279 22.40 22.05 11.41
C TYR B 279 23.87 22.12 10.97
N ASN B 280 24.80 21.97 11.91
CA ASN B 280 26.24 22.09 11.57
C ASN B 280 27.00 20.93 12.19
N GLU B 281 28.24 20.71 11.76
CA GLU B 281 29.08 19.61 12.30
C GLU B 281 28.89 19.47 13.81
N ASN B 282 28.85 20.59 14.55
CA ASN B 282 28.76 20.47 16.00
C ASN B 282 27.33 20.25 16.49
N GLY B 283 26.33 20.49 15.66
CA GLY B 283 24.95 20.27 16.02
C GLY B 283 24.16 21.51 16.42
N THR B 284 24.52 22.68 15.91
CA THR B 284 23.82 23.93 16.22
C THR B 284 23.21 24.50 14.94
N ILE B 285 22.08 25.18 15.09
CA ILE B 285 21.39 25.76 13.93
C ILE B 285 22.16 26.98 13.46
N THR B 286 22.46 27.03 12.17
CA THR B 286 23.20 28.14 11.57
C THR B 286 22.39 28.94 10.57
N ASP B 287 21.66 28.27 9.66
CA ASP B 287 20.90 28.95 8.63
C ASP B 287 19.51 28.33 8.53
N ALA B 288 18.57 29.12 8.03
CA ALA B 288 17.21 28.64 7.82
C ALA B 288 16.68 29.19 6.51
N VAL B 289 15.69 28.51 5.92
CA VAL B 289 15.04 29.08 4.70
C VAL B 289 13.53 29.16 4.96
N ASP B 290 12.93 30.32 4.72
CA ASP B 290 11.46 30.49 4.88
C ASP B 290 10.85 30.40 3.49
N CYS B 291 9.92 29.47 3.27
CA CYS B 291 9.35 29.25 1.92
C CYS B 291 8.60 30.47 1.41
N ALA B 292 7.78 31.09 2.26
CA ALA B 292 6.93 32.22 1.81
C ALA B 292 7.76 33.49 1.62
N LEU B 293 8.99 33.50 2.12
CA LEU B 293 9.82 34.74 2.07
C LEU B 293 10.05 35.19 0.64
N ASP B 294 10.26 34.27 -0.30
CA ASP B 294 10.59 34.69 -1.69
C ASP B 294 10.18 33.58 -2.66
N PRO B 295 10.01 33.87 -3.97
CA PRO B 295 10.03 32.82 -4.97
C PRO B 295 11.35 32.05 -4.96
N LEU B 296 12.48 32.75 -4.81
CA LEU B 296 13.77 32.03 -4.69
C LEU B 296 13.73 31.16 -3.44
N SER B 297 13.17 31.71 -2.36
CA SER B 297 13.10 30.95 -1.09
C SER B 297 12.24 29.70 -1.28
N GLU B 298 11.14 29.84 -2.02
CA GLU B 298 10.27 28.67 -2.30
C GLU B 298 11.08 27.63 -3.09
N THR B 299 11.90 28.09 -4.04
CA THR B 299 12.70 27.15 -4.87
C THR B 299 13.63 26.37 -3.94
N LYS B 300 14.22 27.06 -2.98
CA LYS B 300 15.13 26.40 -2.01
C LYS B 300 14.32 25.35 -1.23
N CYS B 301 13.08 25.68 -0.88
CA CYS B 301 12.23 24.70 -0.16
C CYS B 301 11.98 23.48 -1.04
N THR B 302 11.64 23.68 -2.31
CA THR B 302 11.31 22.53 -3.19
C THR B 302 12.56 21.67 -3.41
N LEU B 303 13.70 22.33 -3.67
CA LEU B 303 14.98 21.60 -3.86
C LEU B 303 15.39 20.93 -2.54
N LYS B 304 15.10 21.58 -1.40
CA LYS B 304 15.49 21.05 -0.06
C LYS B 304 17.01 21.23 0.10
N SER B 305 17.64 21.97 -0.82
CA SER B 305 19.06 22.25 -0.71
C SER B 305 19.28 23.76 -0.74
N PHE B 306 20.27 24.22 0.01
CA PHE B 306 20.59 25.64 0.02
C PHE B 306 21.19 26.08 -1.31
N THR B 307 22.06 25.26 -1.88
CA THR B 307 22.66 25.58 -3.16
C THR B 307 21.66 25.28 -4.29
N VAL B 308 21.45 26.28 -5.15
CA VAL B 308 20.54 26.15 -6.28
C VAL B 308 21.32 26.51 -7.54
N GLU B 309 21.36 25.57 -8.49
CA GLU B 309 22.09 25.80 -9.73
C GLU B 309 21.25 26.63 -10.70
N LYS B 310 21.91 27.12 -11.74
CA LYS B 310 21.24 27.95 -12.75
C LYS B 310 20.27 27.11 -13.58
N GLY B 311 19.06 27.61 -13.74
CA GLY B 311 18.10 26.96 -14.60
C GLY B 311 16.68 27.40 -14.27
N ILE B 312 15.73 26.69 -14.89
CA ILE B 312 14.31 26.88 -14.69
C ILE B 312 13.78 25.68 -13.91
N TYR B 313 12.93 25.94 -12.91
CA TYR B 313 12.41 24.90 -12.04
C TYR B 313 10.91 25.11 -11.83
N GLN B 314 10.22 23.99 -11.59
CA GLN B 314 8.77 24.05 -11.29
C GLN B 314 8.62 24.02 -9.77
N THR B 315 8.06 25.07 -9.20
CA THR B 315 7.93 25.19 -7.75
C THR B 315 6.46 25.35 -7.39
N SER B 316 5.99 24.52 -6.46
CA SER B 316 4.63 24.60 -5.96
C SER B 316 4.64 24.18 -4.50
N ASN B 317 4.24 25.09 -3.60
CA ASN B 317 4.40 24.85 -2.17
C ASN B 317 3.17 25.39 -1.43
N PHE B 318 2.12 25.80 -2.15
CA PHE B 318 0.86 26.34 -1.62
C PHE B 318 1.10 27.57 -0.74
N ARG B 319 1.50 28.71 -1.34
CA ARG B 319 2.15 29.86 -0.70
C ARG B 319 1.40 30.32 0.55
N VAL B 320 0.17 30.82 0.43
CA VAL B 320 -0.53 31.41 1.57
C VAL B 320 -1.89 30.74 1.73
N GLN B 321 -2.15 30.25 2.93
CA GLN B 321 -3.44 29.69 3.30
C GLN B 321 -4.26 30.77 4.01
N PRO B 322 -5.39 31.18 3.45
CA PRO B 322 -6.14 32.29 4.05
C PRO B 322 -6.81 31.91 5.36
N THR B 323 -7.03 32.92 6.20
CA THR B 323 -7.70 32.75 7.48
C THR B 323 -9.20 32.98 7.40
N GLU B 324 -9.72 33.29 6.22
CA GLU B 324 -11.15 33.55 6.07
C GLU B 324 -11.93 32.25 6.17
N SER B 325 -13.09 32.31 6.84
CA SER B 325 -13.96 31.16 7.03
C SER B 325 -15.36 31.50 6.51
N ILE B 326 -15.91 30.61 5.70
CA ILE B 326 -17.26 30.77 5.14
C ILE B 326 -18.10 29.59 5.62
N VAL B 327 -19.26 29.90 6.21
CA VAL B 327 -20.21 28.89 6.65
C VAL B 327 -21.55 29.21 6.01
N ARG B 328 -22.06 28.29 5.20
CA ARG B 328 -23.36 28.44 4.56
C ARG B 328 -24.19 27.19 4.82
N PHE B 329 -25.23 27.34 5.62
CA PHE B 329 -26.12 26.26 6.03
C PHE B 329 -27.55 26.68 5.72
N PRO B 330 -28.50 25.75 5.44
CA PRO B 330 -29.86 26.17 5.06
C PRO B 330 -30.59 26.77 6.27
N ASN B 331 -31.66 27.53 6.01
CA ASN B 331 -32.38 28.22 7.12
C ASN B 331 -33.05 27.20 8.04
N ILE B 332 -33.07 27.52 9.34
CA ILE B 332 -33.75 26.67 10.36
C ILE B 332 -35.18 27.21 10.48
N THR B 333 -36.18 26.34 10.54
CA THR B 333 -37.56 26.82 10.77
C THR B 333 -38.06 26.28 12.11
N ASN B 334 -37.80 25.02 12.41
CA ASN B 334 -38.27 24.39 13.64
C ASN B 334 -37.13 23.63 14.28
N LEU B 335 -37.30 23.33 15.56
CA LEU B 335 -36.39 22.44 16.26
C LEU B 335 -36.82 21.00 16.04
N CYS B 336 -35.83 20.11 15.98
CA CYS B 336 -36.07 18.72 15.64
C CYS B 336 -36.85 18.01 16.75
N PRO B 337 -37.78 17.05 16.45
CA PRO B 337 -38.46 16.32 17.51
C PRO B 337 -37.59 15.19 18.08
N PHE B 338 -36.28 15.45 18.22
CA PHE B 338 -35.37 14.44 18.80
C PHE B 338 -35.86 14.15 20.22
N GLY B 339 -36.26 15.19 20.94
CA GLY B 339 -36.70 15.01 22.33
C GLY B 339 -37.90 14.08 22.39
N GLU B 340 -38.81 14.18 21.42
CA GLU B 340 -40.04 13.35 21.48
C GLU B 340 -39.64 11.87 21.45
N VAL B 341 -38.72 11.50 20.56
CA VAL B 341 -38.32 10.07 20.43
C VAL B 341 -37.68 9.61 21.75
N PHE B 342 -36.78 10.43 22.30
CA PHE B 342 -36.03 10.01 23.52
C PHE B 342 -36.96 9.86 24.73
N ASN B 343 -37.93 10.76 24.90
CA ASN B 343 -38.79 10.69 26.12
C ASN B 343 -40.09 9.96 25.78
N ALA B 344 -40.16 9.29 24.63
CA ALA B 344 -41.42 8.64 24.22
C ALA B 344 -41.81 7.61 25.28
N THR B 345 -43.11 7.51 25.60
CA THR B 345 -43.55 6.63 26.71
C THR B 345 -43.35 5.16 26.36
N ARG B 346 -43.92 4.68 25.26
CA ARG B 346 -43.88 3.23 24.96
C ARG B 346 -42.98 2.91 23.76
N PHE B 347 -41.83 2.26 24.00
CA PHE B 347 -40.97 1.81 22.91
C PHE B 347 -41.46 0.45 22.44
N ALA B 348 -41.56 0.27 21.13
CA ALA B 348 -42.07 -0.98 20.59
C ALA B 348 -41.05 -2.10 20.74
N SER B 349 -41.53 -3.32 20.56
CA SER B 349 -40.67 -4.49 20.65
C SER B 349 -39.71 -4.56 19.47
N VAL B 350 -38.69 -5.40 19.62
CA VAL B 350 -37.60 -5.42 18.65
C VAL B 350 -37.99 -6.07 17.33
N TYR B 351 -39.01 -6.94 17.32
CA TYR B 351 -39.43 -7.55 16.06
C TYR B 351 -40.19 -6.55 15.20
N ALA B 352 -40.85 -5.57 15.83
CA ALA B 352 -41.57 -4.53 15.12
C ALA B 352 -40.99 -3.18 15.55
N TRP B 353 -39.90 -2.77 14.89
CA TRP B 353 -39.26 -1.51 15.22
C TRP B 353 -39.86 -0.38 14.41
N ASN B 354 -40.29 0.68 15.10
CA ASN B 354 -40.94 1.82 14.45
C ASN B 354 -39.88 2.70 13.80
N ARG B 355 -39.82 2.65 12.48
CA ARG B 355 -38.94 3.55 11.75
C ARG B 355 -39.60 4.91 11.61
N LYS B 356 -38.90 5.95 12.05
CA LYS B 356 -39.43 7.31 12.05
C LYS B 356 -38.53 8.21 11.22
N ARG B 357 -39.11 9.29 10.71
CA ARG B 357 -38.41 10.23 9.85
C ARG B 357 -38.20 11.54 10.59
N ILE B 358 -36.98 12.06 10.53
CA ILE B 358 -36.65 13.36 11.11
C ILE B 358 -36.18 14.26 9.97
N SER B 359 -36.88 15.37 9.76
CA SER B 359 -36.60 16.24 8.62
C SER B 359 -37.06 17.66 8.91
N ASN B 360 -36.57 18.58 8.08
CA ASN B 360 -36.98 19.99 8.06
C ASN B 360 -36.70 20.69 9.39
N CYS B 361 -35.52 20.45 9.95
CA CYS B 361 -35.15 20.98 11.25
C CYS B 361 -33.64 20.86 11.45
N VAL B 362 -33.18 21.36 12.60
CA VAL B 362 -31.71 21.34 12.90
C VAL B 362 -31.58 20.86 14.35
N ALA B 363 -30.72 19.85 14.59
CA ALA B 363 -30.61 19.29 15.95
C ALA B 363 -29.15 19.25 16.38
N ASP B 364 -28.91 19.45 17.68
CA ASP B 364 -27.52 19.34 18.18
C ASP B 364 -27.45 18.15 19.11
N TYR B 365 -26.46 17.28 18.91
CA TYR B 365 -26.29 16.09 19.78
C TYR B 365 -26.01 16.59 21.19
N SER B 366 -25.47 17.81 21.29
CA SER B 366 -25.13 18.39 22.60
C SER B 366 -26.39 18.50 23.46
N VAL B 367 -27.51 18.89 22.84
CA VAL B 367 -28.76 19.07 23.64
C VAL B 367 -29.15 17.71 24.22
N LEU B 368 -28.96 16.64 23.44
CA LEU B 368 -29.29 15.27 23.93
C LEU B 368 -28.40 14.94 25.13
N TYR B 369 -27.11 15.31 25.06
CA TYR B 369 -26.17 14.93 26.15
C TYR B 369 -26.60 15.59 27.45
N ASN B 370 -26.99 16.86 27.38
CA ASN B 370 -27.49 17.55 28.59
C ASN B 370 -28.77 16.86 29.07
N SER B 371 -29.68 16.52 28.16
CA SER B 371 -30.99 15.96 28.57
C SER B 371 -30.84 14.61 29.27
N ALA B 372 -29.98 13.73 28.75
CA ALA B 372 -29.87 12.37 29.33
C ALA B 372 -28.48 11.80 29.02
N SER B 373 -28.05 10.77 29.75
CA SER B 373 -26.71 10.19 29.52
C SER B 373 -26.83 8.86 28.80
N PHE B 374 -26.01 8.63 27.78
CA PHE B 374 -26.14 7.42 26.95
C PHE B 374 -25.01 6.45 27.25
N SER B 375 -25.34 5.17 27.45
CA SER B 375 -24.31 4.13 27.69
C SER B 375 -23.40 3.98 26.47
N THR B 376 -23.97 3.99 25.26
CA THR B 376 -23.15 3.80 24.03
C THR B 376 -23.51 4.82 22.97
N PHE B 377 -22.52 5.45 22.33
CA PHE B 377 -22.81 6.40 21.22
C PHE B 377 -21.99 5.96 20.01
N LYS B 378 -21.53 4.71 19.98
CA LYS B 378 -20.64 4.27 18.88
C LYS B 378 -21.20 4.70 17.53
N CYS B 379 -20.42 5.43 16.73
CA CYS B 379 -20.86 5.84 15.40
C CYS B 379 -19.99 5.17 14.33
N TYR B 380 -20.64 4.70 13.28
CA TYR B 380 -19.97 4.01 12.19
C TYR B 380 -20.01 4.88 10.95
N GLY B 381 -18.84 5.10 10.34
CA GLY B 381 -18.73 5.91 9.15
C GLY B 381 -18.62 7.40 9.40
N VAL B 382 -19.12 7.89 10.53
CA VAL B 382 -19.00 9.30 10.91
C VAL B 382 -18.42 9.36 12.31
N SER B 383 -17.87 10.52 12.65
CA SER B 383 -17.26 10.67 13.96
C SER B 383 -18.07 11.62 14.83
N PRO B 384 -18.13 11.38 16.13
CA PRO B 384 -18.84 12.32 17.02
C PRO B 384 -18.18 13.69 17.10
N THR B 385 -16.88 13.78 16.83
CA THR B 385 -16.21 15.08 16.84
C THR B 385 -16.69 15.95 15.68
N LYS B 386 -16.84 15.38 14.50
CA LYS B 386 -17.26 16.11 13.32
C LYS B 386 -18.77 16.08 13.09
N LEU B 387 -19.53 15.52 14.02
CA LEU B 387 -20.96 15.31 13.80
C LEU B 387 -21.71 16.64 13.77
N ASN B 388 -21.24 17.63 14.52
CA ASN B 388 -21.86 18.95 14.51
C ASN B 388 -21.67 19.65 13.18
N ASP B 389 -20.50 19.49 12.57
CA ASP B 389 -20.12 20.23 11.37
C ASP B 389 -20.90 19.79 10.14
N LEU B 390 -21.36 18.55 10.09
CA LEU B 390 -21.87 17.95 8.87
C LEU B 390 -23.36 18.17 8.71
N CYS B 391 -23.83 17.88 7.49
CA CYS B 391 -25.24 17.84 7.14
C CYS B 391 -25.66 16.42 6.83
N PHE B 392 -26.94 16.12 7.04
CA PHE B 392 -27.50 14.81 6.80
C PHE B 392 -28.58 14.94 5.74
N THR B 393 -28.48 14.14 4.67
CA THR B 393 -29.47 14.21 3.59
C THR B 393 -30.82 13.69 4.04
N ASN B 394 -30.85 12.52 4.66
CA ASN B 394 -32.07 11.95 5.22
C ASN B 394 -31.72 11.17 6.47
N VAL B 395 -32.62 11.21 7.45
CA VAL B 395 -32.38 10.62 8.77
C VAL B 395 -33.48 9.62 9.05
N TYR B 396 -33.10 8.40 9.42
CA TYR B 396 -34.10 7.43 9.83
C TYR B 396 -33.77 6.94 11.24
N ALA B 397 -34.74 7.07 12.13
CA ALA B 397 -34.56 6.76 13.55
C ALA B 397 -35.37 5.52 13.89
N ASP B 398 -34.68 4.43 14.18
CA ASP B 398 -35.33 3.20 14.63
C ASP B 398 -35.14 3.07 16.13
N SER B 399 -36.12 2.48 16.80
CA SER B 399 -36.07 2.41 18.26
C SER B 399 -36.72 1.12 18.74
N PHE B 400 -36.11 0.50 19.74
CA PHE B 400 -36.61 -0.74 20.31
C PHE B 400 -36.02 -0.93 21.71
N VAL B 401 -36.40 -2.05 22.33
CA VAL B 401 -36.00 -2.38 23.69
C VAL B 401 -35.43 -3.78 23.69
N ILE B 402 -34.23 -3.95 24.26
CA ILE B 402 -33.61 -5.26 24.40
C ILE B 402 -33.19 -5.45 25.85
N ARG B 403 -32.56 -6.58 26.16
CA ARG B 403 -31.90 -6.73 27.44
C ARG B 403 -30.41 -6.42 27.26
N GLY B 404 -29.67 -6.51 28.38
CA GLY B 404 -28.34 -5.90 28.43
C GLY B 404 -27.32 -6.58 27.55
N ASP B 405 -27.50 -7.87 27.27
CA ASP B 405 -26.44 -8.64 26.64
C ASP B 405 -26.29 -8.34 25.15
N GLU B 406 -27.33 -7.81 24.49
CA GLU B 406 -27.30 -7.69 23.04
C GLU B 406 -27.08 -6.27 22.54
N VAL B 407 -26.59 -5.36 23.39
CA VAL B 407 -26.20 -4.04 22.90
C VAL B 407 -25.02 -4.16 21.96
N ARG B 408 -24.10 -5.08 22.23
CA ARG B 408 -23.02 -5.39 21.30
C ARG B 408 -23.56 -5.98 20.00
N GLN B 409 -24.70 -6.68 20.07
CA GLN B 409 -25.23 -7.33 18.88
C GLN B 409 -25.98 -6.35 17.99
N ILE B 410 -26.28 -5.15 18.49
CA ILE B 410 -26.83 -4.10 17.66
C ILE B 410 -25.63 -3.36 17.07
N ALA B 411 -25.06 -3.92 16.01
CA ALA B 411 -23.81 -3.47 15.42
C ALA B 411 -23.60 -4.22 14.12
N PRO B 412 -22.92 -3.62 13.14
CA PRO B 412 -22.59 -4.37 11.92
C PRO B 412 -21.65 -5.51 12.19
N GLY B 413 -21.85 -6.60 11.45
CA GLY B 413 -20.98 -7.77 11.51
C GLY B 413 -20.99 -8.54 12.82
N GLN B 414 -22.17 -8.70 13.42
CA GLN B 414 -22.34 -9.55 14.59
C GLN B 414 -23.61 -10.36 14.44
N THR B 415 -23.68 -11.47 15.19
CA THR B 415 -24.79 -12.41 15.08
C THR B 415 -25.28 -12.78 16.47
N GLY B 416 -26.41 -13.48 16.49
CA GLY B 416 -26.99 -13.98 17.71
C GLY B 416 -28.49 -13.96 17.65
N LYS B 417 -29.11 -13.78 18.83
CA LYS B 417 -30.56 -13.88 18.93
C LYS B 417 -31.25 -12.69 18.27
N ILE B 418 -30.77 -11.48 18.55
CA ILE B 418 -31.40 -10.26 18.05
C ILE B 418 -30.85 -9.85 16.69
N ALA B 419 -29.57 -10.10 16.44
CA ALA B 419 -28.94 -9.70 15.19
C ALA B 419 -29.36 -10.53 13.99
N ASP B 420 -29.82 -11.77 14.18
CA ASP B 420 -30.16 -12.62 13.05
C ASP B 420 -31.66 -12.75 12.82
N TYR B 421 -32.47 -12.69 13.86
CA TYR B 421 -33.90 -12.90 13.73
C TYR B 421 -34.75 -11.67 14.07
N ASN B 422 -34.16 -10.62 14.60
CA ASN B 422 -34.98 -9.49 15.04
C ASN B 422 -34.61 -8.20 14.32
N TYR B 423 -33.32 -7.88 14.22
CA TYR B 423 -32.88 -6.64 13.58
C TYR B 423 -31.45 -6.79 13.11
N LYS B 424 -31.22 -6.57 11.82
CA LYS B 424 -29.91 -6.70 11.20
C LYS B 424 -29.48 -5.35 10.64
N LEU B 425 -28.24 -4.93 10.97
CA LEU B 425 -27.60 -3.77 10.40
C LEU B 425 -26.69 -4.18 9.24
N PRO B 426 -26.63 -3.38 8.17
CA PRO B 426 -25.75 -3.71 7.05
C PRO B 426 -24.28 -3.52 7.39
N ASP B 427 -23.44 -4.16 6.57
CA ASP B 427 -22.00 -4.07 6.78
C ASP B 427 -21.47 -2.68 6.49
N ASP B 428 -22.08 -1.98 5.53
CA ASP B 428 -21.69 -0.61 5.19
C ASP B 428 -22.57 0.43 5.87
N PHE B 429 -23.03 0.15 7.08
CA PHE B 429 -23.92 1.05 7.81
C PHE B 429 -23.22 2.34 8.17
N THR B 430 -23.88 3.47 7.89
CA THR B 430 -23.39 4.80 8.23
C THR B 430 -24.38 5.43 9.19
N GLY B 431 -24.01 5.51 10.46
CA GLY B 431 -24.91 6.09 11.45
C GLY B 431 -24.37 5.89 12.85
N CYS B 432 -25.27 6.03 13.82
CA CYS B 432 -24.90 5.94 15.23
C CYS B 432 -25.90 5.06 15.98
N VAL B 433 -25.44 4.48 17.09
CA VAL B 433 -26.25 3.64 17.96
C VAL B 433 -26.22 4.25 19.35
N ILE B 434 -27.41 4.45 19.94
CA ILE B 434 -27.55 5.08 21.24
C ILE B 434 -28.30 4.12 22.15
N ALA B 435 -27.74 3.87 23.34
CA ALA B 435 -28.37 2.96 24.28
C ALA B 435 -28.29 3.53 25.68
N TRP B 436 -29.33 3.26 26.48
CA TRP B 436 -29.35 3.70 27.87
C TRP B 436 -30.24 2.77 28.69
N ASN B 437 -29.96 2.70 29.99
CA ASN B 437 -30.73 1.88 30.91
C ASN B 437 -32.13 2.45 31.09
N SER B 438 -33.12 1.57 31.15
CA SER B 438 -34.50 1.94 31.44
C SER B 438 -35.13 0.90 32.37
N ASN B 439 -34.37 0.49 33.38
CA ASN B 439 -34.89 -0.46 34.37
C ASN B 439 -35.98 0.18 35.22
N ASN B 440 -35.87 1.49 35.47
CA ASN B 440 -36.91 2.19 36.22
C ASN B 440 -38.14 2.42 35.36
N LEU B 441 -37.96 2.54 34.04
CA LEU B 441 -39.06 2.90 33.17
C LEU B 441 -39.81 1.68 32.66
N ASP B 442 -39.09 0.68 32.16
CA ASP B 442 -39.67 -0.43 31.42
C ASP B 442 -39.83 -1.70 32.25
N SER B 443 -39.67 -1.62 33.57
CA SER B 443 -39.83 -2.78 34.44
C SER B 443 -40.76 -2.44 35.60
N LYS B 444 -41.63 -3.39 35.93
CA LYS B 444 -42.55 -3.25 37.05
C LYS B 444 -42.46 -4.49 37.93
N VAL B 445 -43.08 -4.42 39.10
CA VAL B 445 -43.11 -5.56 40.00
C VAL B 445 -44.00 -6.64 39.42
N GLY B 446 -43.49 -7.87 39.41
CA GLY B 446 -44.18 -8.98 38.79
C GLY B 446 -43.82 -9.23 37.34
N GLY B 447 -43.03 -8.35 36.74
CA GLY B 447 -42.60 -8.54 35.36
C GLY B 447 -43.41 -7.74 34.37
N ASN B 448 -42.73 -7.27 33.33
CA ASN B 448 -43.35 -6.56 32.22
C ASN B 448 -43.22 -7.42 30.98
N TYR B 449 -44.34 -7.96 30.51
CA TYR B 449 -44.35 -8.93 29.42
C TYR B 449 -44.78 -8.31 28.10
N ASN B 450 -44.83 -6.98 28.00
CA ASN B 450 -45.23 -6.35 26.75
C ASN B 450 -44.16 -6.51 25.68
N TYR B 451 -42.89 -6.45 26.07
CA TYR B 451 -41.80 -6.55 25.12
C TYR B 451 -41.57 -7.99 24.70
N LEU B 452 -41.48 -8.22 23.39
CA LEU B 452 -41.30 -9.56 22.85
C LEU B 452 -40.15 -9.56 21.85
N TYR B 453 -39.58 -10.74 21.63
CA TYR B 453 -38.51 -10.92 20.66
C TYR B 453 -38.74 -12.21 19.89
N ARG B 454 -38.32 -12.21 18.62
CA ARG B 454 -38.47 -13.39 17.78
C ARG B 454 -37.45 -14.44 18.19
N LEU B 455 -37.93 -15.67 18.34
CA LEU B 455 -37.12 -16.75 18.92
C LEU B 455 -36.69 -17.80 17.91
N PHE B 456 -37.58 -18.22 17.00
CA PHE B 456 -37.25 -19.19 15.96
C PHE B 456 -37.52 -18.58 14.59
N ARG B 457 -36.60 -18.81 13.65
CA ARG B 457 -36.82 -18.42 12.26
C ARG B 457 -35.95 -19.30 11.37
N LYS B 458 -36.40 -19.49 10.12
CA LYS B 458 -35.70 -20.36 9.18
C LYS B 458 -34.34 -19.81 8.80
N SER B 459 -34.26 -18.51 8.49
CA SER B 459 -33.03 -17.92 7.98
C SER B 459 -32.82 -16.55 8.61
N ASN B 460 -31.58 -16.07 8.51
CA ASN B 460 -31.23 -14.76 9.05
C ASN B 460 -31.84 -13.64 8.23
N LEU B 461 -32.06 -12.50 8.88
CA LEU B 461 -32.73 -11.37 8.25
C LEU B 461 -31.80 -10.65 7.26
N LYS B 462 -32.42 -10.02 6.26
CA LYS B 462 -31.73 -9.05 5.44
C LYS B 462 -31.53 -7.77 6.26
N PRO B 463 -30.57 -6.91 5.86
CA PRO B 463 -30.39 -5.64 6.56
C PRO B 463 -31.63 -4.76 6.48
N PHE B 464 -31.96 -4.12 7.60
CA PHE B 464 -33.13 -3.24 7.76
C PHE B 464 -34.43 -3.94 7.37
N GLU B 465 -34.59 -5.20 7.75
CA GLU B 465 -35.80 -5.94 7.43
C GLU B 465 -36.67 -6.09 8.66
N ARG B 466 -37.97 -5.95 8.47
CA ARG B 466 -38.95 -6.03 9.56
C ARG B 466 -39.82 -7.25 9.38
N ASP B 467 -39.88 -8.10 10.40
CA ASP B 467 -40.69 -9.32 10.37
C ASP B 467 -41.75 -9.20 11.45
N ILE B 468 -43.02 -9.40 11.07
CA ILE B 468 -44.15 -9.22 11.96
C ILE B 468 -44.95 -10.51 12.11
N SER B 469 -44.67 -11.51 11.27
CA SER B 469 -45.51 -12.70 11.19
C SER B 469 -45.44 -13.53 12.46
N THR B 470 -46.60 -14.01 12.90
CA THR B 470 -46.74 -14.86 14.07
C THR B 470 -47.13 -16.28 13.66
N GLU B 471 -46.69 -16.70 12.49
CA GLU B 471 -46.94 -18.06 12.02
C GLU B 471 -46.20 -19.07 12.88
N ILE B 472 -46.86 -20.18 13.19
CA ILE B 472 -46.27 -21.19 14.06
C ILE B 472 -45.08 -21.83 13.38
N TYR B 473 -43.95 -21.86 14.10
CA TYR B 473 -42.69 -22.34 13.56
C TYR B 473 -42.74 -23.86 13.40
N GLN B 474 -42.39 -24.33 12.21
CA GLN B 474 -42.37 -25.76 11.91
C GLN B 474 -40.93 -26.25 12.04
N ALA B 475 -40.63 -26.90 13.16
CA ALA B 475 -39.28 -27.40 13.43
C ALA B 475 -39.03 -28.79 12.85
N GLY B 476 -40.05 -29.41 12.26
CA GLY B 476 -39.89 -30.72 11.66
C GLY B 476 -40.58 -30.85 10.33
N SER B 477 -40.83 -32.08 9.89
CA SER B 477 -41.51 -32.33 8.63
CA SER B 477 -41.51 -32.33 8.63
C SER B 477 -43.03 -32.33 8.77
N THR B 478 -43.56 -32.28 9.99
CA THR B 478 -44.99 -32.30 10.22
C THR B 478 -45.53 -30.87 10.26
N PRO B 479 -46.52 -30.53 9.42
CA PRO B 479 -47.13 -29.20 9.50
C PRO B 479 -47.84 -28.99 10.82
N CYS B 480 -47.83 -27.74 11.30
CA CYS B 480 -48.39 -27.41 12.60
C CYS B 480 -49.87 -27.10 12.55
N ASN B 481 -50.34 -26.55 11.42
CA ASN B 481 -51.75 -26.15 11.23
C ASN B 481 -52.21 -25.16 12.30
N GLY B 482 -51.31 -24.27 12.69
CA GLY B 482 -51.64 -23.27 13.70
C GLY B 482 -51.76 -23.79 15.11
N VAL B 483 -51.28 -25.00 15.39
CA VAL B 483 -51.39 -25.61 16.71
C VAL B 483 -49.98 -25.81 17.26
N GLU B 484 -49.72 -25.24 18.43
CA GLU B 484 -48.42 -25.40 19.08
C GLU B 484 -48.29 -26.80 19.66
N GLY B 485 -47.04 -27.24 19.82
CA GLY B 485 -46.78 -28.57 20.36
C GLY B 485 -45.35 -28.97 20.10
N PHE B 486 -45.14 -30.28 19.96
CA PHE B 486 -43.82 -30.80 19.62
C PHE B 486 -43.44 -30.38 18.21
N ASN B 487 -42.25 -29.79 18.07
CA ASN B 487 -41.75 -29.19 16.83
C ASN B 487 -42.69 -28.13 16.28
N CYS B 488 -43.44 -27.46 17.15
CA CYS B 488 -44.41 -26.44 16.77
C CYS B 488 -44.40 -25.39 17.87
N TYR B 489 -43.60 -24.34 17.68
CA TYR B 489 -43.35 -23.34 18.70
C TYR B 489 -43.86 -21.98 18.24
N PHE B 490 -44.35 -21.19 19.17
CA PHE B 490 -44.70 -19.81 18.87
C PHE B 490 -43.41 -19.00 18.66
N PRO B 491 -43.27 -18.27 17.55
CA PRO B 491 -41.98 -17.65 17.24
C PRO B 491 -41.61 -16.48 18.14
N LEU B 492 -42.55 -15.91 18.88
CA LEU B 492 -42.27 -14.76 19.74
C LEU B 492 -42.23 -15.19 21.20
N GLN B 493 -41.26 -14.65 21.93
CA GLN B 493 -41.07 -14.95 23.34
C GLN B 493 -41.00 -13.65 24.11
N SER B 494 -41.61 -13.64 25.30
CA SER B 494 -41.61 -12.47 26.16
C SER B 494 -40.31 -12.36 26.94
N TYR B 495 -39.82 -11.13 27.07
CA TYR B 495 -38.62 -10.89 27.86
C TYR B 495 -38.87 -11.12 29.34
N GLY B 496 -39.93 -10.55 29.88
CA GLY B 496 -40.19 -10.65 31.31
C GLY B 496 -39.20 -9.87 32.15
N PHE B 497 -39.01 -8.58 31.87
CA PHE B 497 -38.08 -7.76 32.62
C PHE B 497 -38.56 -7.57 34.06
N GLN B 498 -37.63 -7.69 35.00
CA GLN B 498 -37.90 -7.51 36.42
C GLN B 498 -36.93 -6.51 37.02
N PRO B 499 -37.34 -5.75 38.04
CA PRO B 499 -36.40 -4.81 38.69
C PRO B 499 -35.27 -5.50 39.43
N THR B 500 -35.42 -6.77 39.81
CA THR B 500 -34.38 -7.50 40.51
C THR B 500 -33.43 -8.24 39.58
N ASN B 501 -33.58 -8.06 38.27
CA ASN B 501 -32.73 -8.74 37.31
C ASN B 501 -31.31 -8.17 37.35
N GLY B 502 -30.37 -8.92 36.78
CA GLY B 502 -29.01 -8.46 36.71
C GLY B 502 -28.81 -7.39 35.65
N VAL B 503 -27.57 -6.90 35.58
CA VAL B 503 -27.23 -5.84 34.62
C VAL B 503 -27.40 -6.33 33.19
N GLY B 504 -26.98 -7.57 32.90
CA GLY B 504 -27.16 -8.13 31.58
C GLY B 504 -28.60 -8.50 31.25
N TYR B 505 -29.48 -8.52 32.25
CA TYR B 505 -30.89 -8.81 32.05
C TYR B 505 -31.78 -7.60 32.20
N GLN B 506 -31.22 -6.42 32.54
CA GLN B 506 -32.02 -5.22 32.62
C GLN B 506 -32.38 -4.71 31.23
N PRO B 507 -33.55 -4.10 31.07
CA PRO B 507 -33.94 -3.60 29.75
C PRO B 507 -33.22 -2.32 29.39
N TYR B 508 -32.65 -2.30 28.19
CA TYR B 508 -31.99 -1.14 27.62
C TYR B 508 -32.75 -0.67 26.40
N ARG B 509 -32.92 0.65 26.30
CA ARG B 509 -33.59 1.23 25.14
C ARG B 509 -32.56 1.62 24.09
N VAL B 510 -32.71 1.08 22.89
CA VAL B 510 -31.74 1.30 21.83
C VAL B 510 -32.42 2.07 20.70
N VAL B 511 -31.85 3.21 20.36
CA VAL B 511 -32.25 4.01 19.22
C VAL B 511 -31.07 4.10 18.26
N VAL B 512 -31.28 3.63 17.03
CA VAL B 512 -30.25 3.68 16.01
C VAL B 512 -30.64 4.74 14.98
N LEU B 513 -29.69 5.61 14.66
CA LEU B 513 -29.88 6.64 13.67
C LEU B 513 -29.09 6.27 12.42
N SER B 514 -29.79 6.16 11.29
CA SER B 514 -29.18 5.85 10.01
C SER B 514 -29.17 7.09 9.15
N PHE B 515 -28.02 7.37 8.53
CA PHE B 515 -27.77 8.61 7.82
C PHE B 515 -27.32 8.28 6.40
N GLU B 516 -27.49 9.26 5.52
CA GLU B 516 -26.80 9.31 4.24
C GLU B 516 -26.24 10.71 4.09
N LEU B 517 -24.96 10.82 3.72
CA LEU B 517 -24.25 12.09 3.76
C LEU B 517 -23.75 12.47 2.37
N LEU B 518 -24.08 13.70 1.96
CA LEU B 518 -23.44 14.38 0.83
C LEU B 518 -23.71 13.69 -0.50
N HIS B 519 -24.95 13.21 -0.69
CA HIS B 519 -25.38 12.69 -1.97
C HIS B 519 -26.81 13.09 -2.34
N ALA B 520 -27.44 13.95 -1.56
CA ALA B 520 -28.83 14.33 -1.79
C ALA B 520 -29.06 15.68 -1.12
N PRO B 521 -30.16 16.37 -1.45
CA PRO B 521 -30.54 17.55 -0.68
C PRO B 521 -30.77 17.20 0.79
N ALA B 522 -30.31 18.10 1.66
CA ALA B 522 -30.29 17.85 3.10
C ALA B 522 -31.43 18.61 3.77
N THR B 523 -32.37 17.87 4.36
CA THR B 523 -33.44 18.51 5.11
C THR B 523 -32.96 18.94 6.50
N VAL B 524 -31.93 18.27 7.02
CA VAL B 524 -31.44 18.50 8.37
C VAL B 524 -29.95 18.79 8.30
N CYS B 525 -29.50 19.76 9.10
CA CYS B 525 -28.10 20.13 9.17
C CYS B 525 -27.73 20.50 10.60
N GLY B 526 -26.43 20.57 10.86
CA GLY B 526 -25.92 20.93 12.15
C GLY B 526 -26.06 22.41 12.44
N PRO B 527 -26.16 22.78 13.72
CA PRO B 527 -26.31 24.20 14.11
C PRO B 527 -25.02 25.00 14.03
N LYS B 528 -24.57 25.20 12.78
CA LYS B 528 -23.37 26.06 12.56
C LYS B 528 -23.89 27.41 12.08
N LYS B 529 -23.39 28.48 12.68
CA LYS B 529 -23.87 29.85 12.35
C LYS B 529 -23.48 30.23 10.92
N SER B 530 -24.46 30.65 10.12
CA SER B 530 -24.20 31.03 8.73
C SER B 530 -23.45 32.36 8.67
N THR B 531 -22.47 32.43 7.77
CA THR B 531 -21.69 33.63 7.56
C THR B 531 -21.94 34.18 6.16
N ASN B 532 -21.41 35.36 5.91
CA ASN B 532 -21.55 35.99 4.60
C ASN B 532 -20.72 35.22 3.57
N LEU B 533 -21.25 35.12 2.35
CA LEU B 533 -20.57 34.39 1.30
C LEU B 533 -19.64 35.33 0.53
N VAL B 534 -18.36 34.97 0.48
CA VAL B 534 -17.34 35.76 -0.22
C VAL B 534 -16.84 34.93 -1.41
N LYS B 535 -16.86 35.55 -2.59
CA LYS B 535 -16.53 34.86 -3.83
C LYS B 535 -15.31 35.51 -4.48
N ASN B 536 -14.84 34.83 -5.54
CA ASN B 536 -13.69 35.35 -6.33
C ASN B 536 -12.42 35.47 -5.49
N LYS B 537 -12.37 34.86 -4.31
CA LYS B 537 -11.11 34.89 -3.54
C LYS B 537 -10.88 33.57 -2.80
N CYS B 538 -9.62 33.25 -2.50
CA CYS B 538 -9.32 32.01 -1.73
C CYS B 538 -9.94 32.14 -0.34
N VAL B 539 -10.67 31.12 0.10
CA VAL B 539 -11.34 31.16 1.43
C VAL B 539 -11.44 29.74 1.96
N ASN B 540 -11.57 29.56 3.27
CA ASN B 540 -11.84 28.20 3.81
C ASN B 540 -13.36 28.11 3.85
N PHE B 541 -13.96 27.14 3.18
CA PHE B 541 -15.44 27.15 3.10
C PHE B 541 -16.06 25.81 3.49
N ASN B 542 -17.21 25.86 4.17
CA ASN B 542 -17.97 24.61 4.46
C ASN B 542 -19.38 24.81 3.91
N PHE B 543 -19.74 24.10 2.84
CA PHE B 543 -21.09 24.29 2.23
C PHE B 543 -21.88 22.98 2.36
N ASN B 544 -23.00 23.03 3.07
CA ASN B 544 -23.87 21.83 3.21
C ASN B 544 -23.03 20.66 3.73
N GLY B 545 -22.11 20.91 4.66
CA GLY B 545 -21.32 19.82 5.26
C GLY B 545 -20.13 19.38 4.42
N LEU B 546 -19.80 20.11 3.34
CA LEU B 546 -18.59 19.76 2.53
C LEU B 546 -17.46 20.71 2.92
N THR B 547 -16.31 20.19 3.35
CA THR B 547 -15.23 21.08 3.85
C THR B 547 -14.10 21.17 2.81
N GLY B 548 -13.83 22.38 2.30
CA GLY B 548 -12.71 22.56 1.35
C GLY B 548 -12.27 24.01 1.30
N THR B 549 -11.04 24.27 0.85
CA THR B 549 -10.58 25.67 0.66
C THR B 549 -10.28 25.88 -0.83
N GLY B 550 -11.04 26.77 -1.48
CA GLY B 550 -10.84 26.98 -2.93
C GLY B 550 -11.46 28.28 -3.41
N VAL B 551 -11.04 28.76 -4.58
CA VAL B 551 -11.68 29.97 -5.16
C VAL B 551 -13.14 29.59 -5.45
N LEU B 552 -14.07 30.49 -5.15
CA LEU B 552 -15.51 30.22 -5.42
C LEU B 552 -15.93 31.04 -6.64
N THR B 553 -16.46 30.38 -7.67
CA THR B 553 -16.83 31.10 -8.92
C THR B 553 -18.33 30.91 -9.19
N GLU B 554 -19.03 31.99 -9.57
CA GLU B 554 -20.46 31.89 -9.92
C GLU B 554 -20.60 31.12 -11.24
N SER B 555 -21.33 30.01 -11.24
CA SER B 555 -21.43 29.16 -12.46
C SER B 555 -22.88 29.08 -12.94
N ASN B 556 -23.12 29.33 -14.23
CA ASN B 556 -24.49 29.16 -14.79
C ASN B 556 -24.68 27.70 -15.21
N LYS B 557 -24.84 26.80 -14.23
CA LYS B 557 -24.95 25.35 -14.54
C LYS B 557 -26.37 24.87 -14.30
N LYS B 558 -27.01 24.27 -15.30
CA LYS B 558 -28.36 23.69 -15.09
C LYS B 558 -28.20 22.53 -14.09
N PHE B 559 -29.10 22.45 -13.10
CA PHE B 559 -29.00 21.38 -12.07
C PHE B 559 -30.32 20.61 -11.99
N LEU B 560 -30.25 19.28 -12.05
CA LEU B 560 -31.48 18.47 -11.88
C LEU B 560 -31.94 18.61 -10.43
N PRO B 561 -33.26 18.64 -10.13
CA PRO B 561 -33.72 18.89 -8.75
C PRO B 561 -33.25 17.82 -7.75
N PHE B 562 -33.28 16.55 -8.15
CA PHE B 562 -32.87 15.44 -7.24
C PHE B 562 -31.38 15.59 -6.89
N GLN B 563 -30.54 16.00 -7.83
CA GLN B 563 -29.07 16.10 -7.59
C GLN B 563 -28.75 17.41 -6.85
N GLN B 564 -28.04 17.31 -5.72
CA GLN B 564 -27.67 18.53 -4.93
C GLN B 564 -26.24 18.96 -5.25
N PHE B 565 -25.32 17.99 -5.34
CA PHE B 565 -23.88 18.32 -5.58
C PHE B 565 -23.49 17.84 -6.98
N GLY B 566 -22.36 18.34 -7.50
CA GLY B 566 -21.91 17.95 -8.84
C GLY B 566 -20.44 17.57 -8.84
N ARG B 567 -20.11 16.44 -9.49
CA ARG B 567 -18.70 15.97 -9.51
C ARG B 567 -18.22 15.90 -10.96
N ASP B 568 -16.96 16.28 -11.20
CA ASP B 568 -16.39 16.24 -12.57
C ASP B 568 -15.86 14.83 -12.85
N ILE B 569 -15.10 14.68 -13.94
CA ILE B 569 -14.50 13.35 -14.30
C ILE B 569 -13.63 12.88 -13.13
N ALA B 570 -12.91 13.80 -12.48
CA ALA B 570 -12.01 13.45 -11.35
C ALA B 570 -12.84 12.93 -10.17
N ASP B 571 -14.13 13.27 -10.10
CA ASP B 571 -15.04 12.89 -8.99
C ASP B 571 -14.88 13.89 -7.85
N THR B 572 -14.05 14.92 -8.03
CA THR B 572 -13.96 15.99 -7.01
C THR B 572 -15.24 16.81 -7.11
N THR B 573 -15.65 17.49 -6.03
CA THR B 573 -16.95 18.21 -6.08
C THR B 573 -16.74 19.55 -6.79
N ASP B 574 -16.63 19.53 -8.12
CA ASP B 574 -16.39 20.77 -8.91
C ASP B 574 -17.59 21.70 -8.76
N ALA B 575 -18.81 21.15 -8.73
CA ALA B 575 -20.02 22.01 -8.66
C ALA B 575 -20.69 21.86 -7.30
N VAL B 576 -20.97 22.99 -6.62
CA VAL B 576 -21.68 22.94 -5.31
C VAL B 576 -22.88 23.88 -5.37
N ARG B 577 -24.00 23.48 -4.77
CA ARG B 577 -25.20 24.35 -4.73
C ARG B 577 -25.34 24.90 -3.31
N ASP B 578 -25.24 26.22 -3.13
CA ASP B 578 -25.28 26.80 -1.76
C ASP B 578 -26.60 26.43 -1.10
N PRO B 579 -26.62 25.97 0.17
CA PRO B 579 -27.90 25.72 0.85
C PRO B 579 -28.72 26.99 1.13
N GLN B 580 -28.07 28.07 1.58
CA GLN B 580 -28.81 29.30 1.94
C GLN B 580 -29.40 29.94 0.68
N THR B 581 -28.64 29.95 -0.42
CA THR B 581 -29.13 30.52 -1.70
C THR B 581 -29.08 29.42 -2.76
N LEU B 582 -30.15 29.24 -3.54
CA LEU B 582 -30.23 28.09 -4.49
C LEU B 582 -29.21 28.22 -5.63
N GLU B 583 -28.54 29.37 -5.77
CA GLU B 583 -27.59 29.59 -6.89
C GLU B 583 -26.49 28.53 -6.85
N ILE B 584 -26.03 28.09 -8.01
CA ILE B 584 -24.98 27.03 -8.11
C ILE B 584 -23.63 27.73 -8.31
N LEU B 585 -22.61 27.36 -7.53
CA LEU B 585 -21.26 27.98 -7.69
C LEU B 585 -20.23 26.90 -8.02
N ASP B 586 -19.46 27.09 -9.09
CA ASP B 586 -18.36 26.14 -9.43
C ASP B 586 -17.22 26.33 -8.43
N ILE B 587 -16.45 25.27 -8.14
CA ILE B 587 -15.27 25.41 -7.25
C ILE B 587 -14.00 25.40 -8.09
N THR B 588 -13.07 26.30 -7.81
CA THR B 588 -11.78 26.37 -8.56
C THR B 588 -10.65 26.27 -7.53
N PRO B 589 -9.52 25.59 -7.81
CA PRO B 589 -8.47 25.43 -6.79
C PRO B 589 -7.91 26.78 -6.34
N CYS B 590 -7.57 26.92 -5.06
CA CYS B 590 -7.13 28.22 -4.51
C CYS B 590 -5.86 28.70 -5.24
N SER B 591 -4.91 27.79 -5.47
CA SER B 591 -3.65 28.21 -6.11
C SER B 591 -3.56 27.60 -7.51
N PHE B 592 -3.29 28.42 -8.53
CA PHE B 592 -3.09 27.87 -9.89
C PHE B 592 -1.86 26.96 -9.82
N GLY B 593 -0.84 27.36 -9.06
CA GLY B 593 0.33 26.49 -8.86
C GLY B 593 1.15 26.36 -10.12
N GLY B 594 0.98 27.30 -11.05
CA GLY B 594 1.75 27.27 -12.32
C GLY B 594 3.03 28.05 -12.17
N VAL B 595 3.30 28.53 -10.96
CA VAL B 595 4.53 29.32 -10.68
C VAL B 595 5.75 28.53 -11.13
N SER B 596 6.60 29.13 -11.96
CA SER B 596 7.85 28.43 -12.32
C SER B 596 9.00 29.39 -12.05
N VAL B 597 10.06 28.92 -11.42
CA VAL B 597 11.16 29.87 -11.04
C VAL B 597 12.29 29.79 -12.05
N ILE B 598 12.85 30.95 -12.43
CA ILE B 598 14.02 30.98 -13.30
C ILE B 598 15.12 31.68 -12.55
N THR B 599 16.24 31.00 -12.34
CA THR B 599 17.31 31.58 -11.55
C THR B 599 18.66 31.38 -12.22
N PRO B 600 19.60 32.29 -12.04
CA PRO B 600 21.01 31.99 -12.33
C PRO B 600 21.61 31.20 -11.17
N GLY B 601 22.93 31.04 -11.24
CA GLY B 601 23.66 30.48 -10.12
C GLY B 601 23.55 31.34 -8.88
N THR B 602 23.27 30.71 -7.74
CA THR B 602 23.19 31.46 -6.48
C THR B 602 24.54 32.01 -6.07
N ASN B 603 25.63 31.43 -6.59
CA ASN B 603 26.96 32.00 -6.42
C ASN B 603 27.05 33.38 -7.08
N THR B 604 26.40 33.54 -8.23
CA THR B 604 26.45 34.81 -8.94
C THR B 604 25.54 35.86 -8.30
N SER B 605 24.24 35.58 -8.24
CA SER B 605 23.29 36.55 -7.71
C SER B 605 22.04 35.79 -7.23
N ASN B 606 21.21 36.50 -6.48
CA ASN B 606 19.97 35.95 -5.94
C ASN B 606 18.73 36.49 -6.63
N GLN B 607 18.90 37.30 -7.68
CA GLN B 607 17.76 37.81 -8.42
C GLN B 607 17.15 36.71 -9.28
N VAL B 608 15.82 36.55 -9.19
CA VAL B 608 15.12 35.49 -9.88
C VAL B 608 14.01 36.09 -10.74
N ALA B 609 13.46 35.26 -11.62
CA ALA B 609 12.36 35.64 -12.50
C ALA B 609 11.21 34.66 -12.30
N VAL B 610 9.98 35.15 -12.40
CA VAL B 610 8.79 34.37 -12.15
C VAL B 610 8.01 34.22 -13.45
N LEU B 611 7.68 32.97 -13.79
CA LEU B 611 6.89 32.68 -14.98
C LEU B 611 5.53 32.13 -14.54
N TYR B 612 4.47 32.86 -14.91
CA TYR B 612 3.08 32.40 -14.63
C TYR B 612 2.60 31.70 -15.91
N GLN B 613 2.55 30.38 -15.92
CA GLN B 613 2.27 29.62 -17.13
C GLN B 613 0.78 29.67 -17.46
N ASP B 614 0.48 29.72 -18.77
CA ASP B 614 -0.87 29.76 -19.37
C ASP B 614 -1.80 30.76 -18.67
N VAL B 615 -1.24 31.87 -18.20
CA VAL B 615 -1.99 32.94 -17.54
C VAL B 615 -1.61 34.25 -18.20
N ASN B 616 -2.61 35.02 -18.65
CA ASN B 616 -2.35 36.31 -19.24
C ASN B 616 -1.84 37.29 -18.18
N CYS B 617 -1.14 38.33 -18.66
CA CYS B 617 -0.48 39.26 -17.73
C CYS B 617 -1.49 40.07 -16.93
N THR B 618 -2.58 40.50 -17.57
CA THR B 618 -3.54 41.38 -16.91
C THR B 618 -4.26 40.69 -15.77
N GLU B 619 -4.32 39.35 -15.80
CA GLU B 619 -4.91 38.59 -14.72
C GLU B 619 -3.86 37.92 -13.82
N VAL B 620 -2.59 38.35 -13.90
CA VAL B 620 -1.57 37.80 -12.99
C VAL B 620 -1.84 38.11 -11.52
N PRO B 621 -2.18 39.36 -11.10
CA PRO B 621 -2.53 39.56 -9.68
C PRO B 621 -3.74 38.77 -9.21
N VAL B 622 -4.64 38.47 -10.17
CA VAL B 622 -5.89 37.74 -9.80
C VAL B 622 -5.57 36.26 -9.65
N ALA B 623 -4.86 35.67 -10.61
CA ALA B 623 -4.62 34.20 -10.60
C ALA B 623 -3.82 33.76 -9.37
N ILE B 624 -2.78 34.51 -9.00
CA ILE B 624 -1.90 34.06 -7.88
C ILE B 624 -2.45 34.59 -6.55
N HIS B 625 -3.60 35.28 -6.57
CA HIS B 625 -4.13 35.88 -5.32
C HIS B 625 -3.02 36.71 -4.67
N ALA B 626 -2.46 37.65 -5.42
CA ALA B 626 -1.31 38.45 -4.93
C ALA B 626 -1.68 39.21 -3.66
N ASP B 627 -2.90 39.71 -3.56
CA ASP B 627 -3.24 40.56 -2.38
C ASP B 627 -3.06 39.73 -1.10
N GLN B 628 -3.54 38.49 -1.09
CA GLN B 628 -3.34 37.59 0.08
C GLN B 628 -1.85 37.23 0.24
N LEU B 629 -1.12 37.09 -0.87
CA LEU B 629 0.29 36.63 -0.81
C LEU B 629 1.21 37.68 -0.17
N THR B 630 2.40 37.26 0.28
CA THR B 630 3.35 38.16 0.99
C THR B 630 3.89 39.25 0.06
N PRO B 631 4.36 40.40 0.59
CA PRO B 631 4.84 41.52 -0.23
C PRO B 631 6.00 41.15 -1.15
N THR B 632 6.91 40.28 -0.69
CA THR B 632 8.03 39.84 -1.56
C THR B 632 7.42 39.16 -2.79
N TRP B 633 6.39 38.32 -2.59
CA TRP B 633 5.71 37.72 -3.76
C TRP B 633 5.01 38.82 -4.56
N ARG B 634 4.42 39.80 -3.87
CA ARG B 634 3.64 40.86 -4.56
C ARG B 634 4.54 41.65 -5.52
N VAL B 635 5.77 41.95 -5.10
CA VAL B 635 6.68 42.76 -5.96
C VAL B 635 6.96 41.96 -7.22
N TYR B 636 7.12 40.65 -7.10
CA TYR B 636 7.30 39.77 -8.29
C TYR B 636 6.02 39.78 -9.13
N SER B 637 4.85 39.85 -8.48
CA SER B 637 3.57 39.79 -9.24
C SER B 637 3.44 40.95 -10.23
N THR B 638 3.82 42.17 -9.83
CA THR B 638 3.63 43.33 -10.72
C THR B 638 4.91 44.17 -10.75
N GLY B 639 5.38 44.54 -11.95
CA GLY B 639 6.62 45.28 -12.07
C GLY B 639 6.68 46.02 -13.39
N SER B 640 7.81 46.69 -13.60
CA SER B 640 8.02 47.39 -14.86
C SER B 640 8.32 46.43 -16.00
N ASN B 641 9.09 45.37 -15.70
CA ASN B 641 9.47 44.39 -16.72
C ASN B 641 8.42 43.29 -16.76
N VAL B 642 7.48 43.43 -17.70
CA VAL B 642 6.42 42.46 -17.91
C VAL B 642 6.47 42.02 -19.36
N PHE B 643 6.51 40.70 -19.59
CA PHE B 643 6.51 40.17 -20.94
C PHE B 643 5.45 39.08 -21.06
N GLN B 644 4.87 38.97 -22.25
CA GLN B 644 3.84 37.98 -22.54
C GLN B 644 4.36 36.98 -23.56
N THR B 645 4.32 35.70 -23.21
CA THR B 645 4.71 34.62 -24.09
C THR B 645 3.52 33.71 -24.34
N ARG B 646 3.70 32.76 -25.26
CA ARG B 646 2.70 31.72 -25.44
C ARG B 646 2.64 30.79 -24.23
N ALA B 647 3.79 30.57 -23.57
CA ALA B 647 3.81 29.80 -22.34
C ALA B 647 3.08 30.52 -21.22
N GLY B 648 3.27 31.83 -21.11
CA GLY B 648 2.64 32.59 -20.05
C GLY B 648 3.26 33.96 -19.92
N CYS B 649 3.04 34.54 -18.75
CA CYS B 649 3.57 35.88 -18.49
C CYS B 649 4.82 35.80 -17.62
N LEU B 650 5.86 36.50 -18.05
CA LEU B 650 7.16 36.49 -17.37
C LEU B 650 7.41 37.85 -16.71
N ILE B 651 7.70 37.83 -15.41
CA ILE B 651 8.02 39.03 -14.64
C ILE B 651 9.39 38.81 -14.02
N GLY B 652 10.07 39.92 -13.72
CA GLY B 652 11.37 39.87 -13.08
C GLY B 652 12.54 39.85 -14.01
N ALA B 653 12.31 39.75 -15.33
CA ALA B 653 13.39 39.82 -16.30
C ALA B 653 13.00 40.85 -17.36
N GLU B 654 14.00 41.61 -17.81
CA GLU B 654 13.79 42.66 -18.80
C GLU B 654 13.85 42.03 -20.19
N HIS B 655 12.89 42.39 -21.04
CA HIS B 655 12.88 41.88 -22.40
C HIS B 655 13.78 42.74 -23.28
N VAL B 656 14.62 42.09 -24.06
CA VAL B 656 15.56 42.76 -24.95
C VAL B 656 15.16 42.48 -26.40
N ASN B 657 15.25 43.51 -27.24
CA ASN B 657 14.95 43.34 -28.65
C ASN B 657 16.02 42.51 -29.35
N ASN B 658 17.26 42.63 -28.90
CA ASN B 658 18.34 41.85 -29.47
C ASN B 658 18.19 40.38 -29.10
N SER B 659 18.48 39.50 -30.06
CA SER B 659 18.32 38.07 -29.89
C SER B 659 19.68 37.44 -29.61
N TYR B 660 19.73 36.59 -28.59
CA TYR B 660 20.97 35.94 -28.16
C TYR B 660 20.77 34.44 -28.11
N GLU B 661 21.88 33.73 -27.90
CA GLU B 661 21.82 32.28 -27.79
C GLU B 661 21.13 31.89 -26.49
N CYS B 662 20.35 30.81 -26.55
CA CYS B 662 19.57 30.38 -25.40
C CYS B 662 20.48 29.83 -24.31
N ASP B 663 20.25 30.29 -23.08
CA ASP B 663 20.94 29.77 -21.90
C ASP B 663 19.99 29.07 -20.95
N ILE B 664 18.83 29.67 -20.67
CA ILE B 664 17.81 29.07 -19.83
C ILE B 664 16.56 28.91 -20.69
N PRO B 665 16.00 27.70 -20.79
CA PRO B 665 14.85 27.49 -21.68
C PRO B 665 13.53 27.99 -21.09
N ILE B 666 13.22 29.27 -21.29
CA ILE B 666 11.92 29.80 -20.90
C ILE B 666 10.81 29.09 -21.66
N GLY B 667 10.99 28.92 -22.96
CA GLY B 667 10.02 28.23 -23.78
C GLY B 667 9.30 29.19 -24.71
N ALA B 668 8.57 28.58 -25.67
CA ALA B 668 7.74 29.30 -26.65
C ALA B 668 8.54 30.33 -27.44
N GLY B 669 9.78 29.97 -27.78
CA GLY B 669 10.64 30.88 -28.51
C GLY B 669 11.34 31.93 -27.67
N ILE B 670 11.24 31.83 -26.35
CA ILE B 670 11.84 32.80 -25.43
C ILE B 670 12.89 32.08 -24.60
N CYS B 671 14.02 32.75 -24.34
CA CYS B 671 15.06 32.21 -23.47
C CYS B 671 15.62 33.35 -22.63
N ALA B 672 16.36 32.99 -21.58
CA ALA B 672 16.86 33.96 -20.63
C ALA B 672 18.32 33.69 -20.30
N SER B 673 19.02 34.75 -19.89
CA SER B 673 20.42 34.64 -19.53
C SER B 673 20.77 35.73 -18.51
N TYR B 674 21.84 35.49 -17.76
CA TYR B 674 22.33 36.45 -16.78
C TYR B 674 23.41 37.30 -17.44
N GLN B 675 23.11 38.56 -17.72
CA GLN B 675 23.99 39.43 -18.47
C GLN B 675 23.79 40.87 -18.01
N THR B 676 24.84 41.67 -18.17
CA THR B 676 24.75 43.10 -17.87
C THR B 676 24.05 43.86 -18.99
N SER B 689 23.03 46.64 -13.36
CA SER B 689 23.98 46.11 -14.33
C SER B 689 23.63 44.67 -14.70
N GLN B 690 24.29 43.72 -14.04
CA GLN B 690 24.05 42.30 -14.30
C GLN B 690 22.66 41.91 -13.82
N SER B 691 21.87 41.33 -14.73
CA SER B 691 20.50 40.95 -14.40
C SER B 691 20.04 39.88 -15.38
N ILE B 692 18.84 39.36 -15.12
CA ILE B 692 18.24 38.39 -16.02
C ILE B 692 17.62 39.12 -17.21
N ILE B 693 18.01 38.72 -18.41
CA ILE B 693 17.49 39.29 -19.64
C ILE B 693 16.78 38.18 -20.40
N ALA B 694 15.64 38.53 -21.01
CA ALA B 694 14.83 37.59 -21.78
C ALA B 694 14.80 38.04 -23.23
N TYR B 695 15.11 37.12 -24.13
CA TYR B 695 15.21 37.41 -25.55
C TYR B 695 14.46 36.35 -26.35
N THR B 696 13.93 36.76 -27.49
CA THR B 696 13.49 35.80 -28.49
C THR B 696 14.70 34.98 -28.95
N MET B 697 14.54 33.67 -28.98
CA MET B 697 15.69 32.79 -29.15
C MET B 697 16.21 32.89 -30.57
N SER B 698 17.50 33.18 -30.70
CA SER B 698 18.13 33.54 -31.97
C SER B 698 18.37 32.30 -32.80
N LEU B 699 17.81 32.28 -34.01
CA LEU B 699 17.94 31.11 -34.88
C LEU B 699 19.35 30.99 -35.42
N GLY B 700 20.00 32.11 -35.68
CA GLY B 700 21.36 32.09 -36.18
C GLY B 700 21.64 33.36 -36.96
N ALA B 701 22.88 33.47 -37.43
CA ALA B 701 23.26 34.60 -38.26
C ALA B 701 22.60 34.49 -39.63
N GLU B 702 22.10 35.63 -40.12
CA GLU B 702 21.43 35.68 -41.41
C GLU B 702 22.48 35.77 -42.51
N ASN B 703 22.49 34.77 -43.39
CA ASN B 703 23.41 34.72 -44.52
C ASN B 703 22.63 34.45 -45.79
N SER B 704 23.15 34.97 -46.89
CA SER B 704 22.49 34.84 -48.19
C SER B 704 23.41 34.17 -49.18
N VAL B 705 22.83 33.31 -50.01
CA VAL B 705 23.56 32.60 -51.06
C VAL B 705 23.00 33.06 -52.40
N ALA B 706 23.88 33.63 -53.24
CA ALA B 706 23.48 34.16 -54.54
C ALA B 706 23.59 33.05 -55.57
N TYR B 707 22.51 32.29 -55.71
CA TYR B 707 22.46 31.21 -56.67
C TYR B 707 22.44 31.74 -58.10
N SER B 708 23.19 31.09 -58.98
CA SER B 708 23.16 31.39 -60.40
C SER B 708 23.55 30.14 -61.17
N ASN B 709 23.12 30.07 -62.43
CA ASN B 709 23.35 28.89 -63.23
C ASN B 709 24.75 28.84 -63.83
N ASN B 710 25.55 29.90 -63.70
CA ASN B 710 26.88 29.93 -64.28
C ASN B 710 27.94 30.42 -63.32
N SER B 711 27.66 30.46 -62.01
CA SER B 711 28.61 30.94 -61.02
C SER B 711 28.98 29.80 -60.08
N ILE B 712 30.26 29.70 -59.76
CA ILE B 712 30.76 28.70 -58.82
C ILE B 712 31.59 29.44 -57.77
N ALA B 713 31.70 28.83 -56.60
CA ALA B 713 32.51 29.36 -55.51
C ALA B 713 33.50 28.28 -55.08
N ILE B 714 34.79 28.57 -55.23
CA ILE B 714 35.84 27.60 -54.95
C ILE B 714 36.70 28.16 -53.83
N PRO B 715 36.93 27.41 -52.75
CA PRO B 715 37.83 27.89 -51.69
C PRO B 715 39.28 27.85 -52.14
N THR B 716 40.05 28.85 -51.68
CA THR B 716 41.47 28.96 -52.02
C THR B 716 42.38 28.74 -50.82
N ASN B 717 41.89 28.84 -49.60
CA ASN B 717 42.68 28.62 -48.40
C ASN B 717 41.87 27.79 -47.42
N PHE B 718 42.58 27.14 -46.49
CA PHE B 718 41.95 26.19 -45.59
C PHE B 718 42.46 26.41 -44.17
N THR B 719 41.77 25.80 -43.22
CA THR B 719 42.09 25.89 -41.81
C THR B 719 41.89 24.52 -41.17
N ILE B 720 42.89 24.07 -40.41
CA ILE B 720 42.81 22.84 -39.64
C ILE B 720 42.40 23.21 -38.22
N SER B 721 41.31 22.62 -37.74
CA SER B 721 40.74 22.99 -36.45
C SER B 721 40.60 21.76 -35.57
N VAL B 722 40.62 22.00 -34.26
CA VAL B 722 40.42 20.95 -33.26
C VAL B 722 39.20 21.32 -32.43
N THR B 723 38.23 20.41 -32.35
CA THR B 723 36.97 20.64 -31.65
C THR B 723 36.84 19.63 -30.51
N THR B 724 36.43 20.13 -29.34
CA THR B 724 36.31 19.31 -28.15
C THR B 724 34.86 18.87 -27.98
N GLU B 725 34.65 17.56 -27.87
CA GLU B 725 33.33 16.97 -27.69
C GLU B 725 33.36 16.03 -26.49
N ILE B 726 32.44 16.23 -25.55
CA ILE B 726 32.42 15.48 -24.30
C ILE B 726 31.23 14.55 -24.29
N LEU B 727 31.45 13.28 -23.95
CA LEU B 727 30.33 12.34 -23.81
C LEU B 727 30.51 11.50 -22.56
N PRO B 728 29.42 11.03 -21.95
CA PRO B 728 29.55 10.12 -20.82
C PRO B 728 29.62 8.67 -21.27
N VAL B 729 30.27 7.85 -20.45
CA VAL B 729 30.38 6.42 -20.76
C VAL B 729 29.65 5.62 -19.68
N SER B 730 30.00 5.85 -18.42
CA SER B 730 29.45 5.08 -17.32
C SER B 730 29.10 6.00 -16.16
N MET B 731 28.18 5.52 -15.32
CA MET B 731 27.74 6.20 -14.12
C MET B 731 28.27 5.45 -12.91
N THR B 732 28.37 6.16 -11.78
CA THR B 732 28.79 5.55 -10.53
C THR B 732 27.83 4.42 -10.13
N LYS B 733 28.38 3.22 -9.99
CA LYS B 733 27.57 2.05 -9.71
C LYS B 733 27.05 2.07 -8.29
N THR B 734 25.75 1.78 -8.13
CA THR B 734 25.09 1.80 -6.83
C THR B 734 24.49 0.43 -6.56
N SER B 735 24.68 -0.07 -5.33
CA SER B 735 24.09 -1.37 -4.96
C SER B 735 23.29 -1.19 -3.66
N VAL B 736 22.35 -2.08 -3.40
CA VAL B 736 21.51 -1.94 -2.18
C VAL B 736 21.67 -3.17 -1.31
N ASP B 737 21.95 -2.98 -0.02
CA ASP B 737 21.97 -4.16 0.88
C ASP B 737 20.52 -4.35 1.29
N CYS B 738 19.86 -5.37 0.75
CA CYS B 738 18.41 -5.49 1.00
C CYS B 738 18.19 -5.64 2.51
N THR B 739 18.99 -6.47 3.16
CA THR B 739 18.70 -6.73 4.59
C THR B 739 18.82 -5.42 5.36
N MET B 740 19.86 -4.62 5.07
CA MET B 740 20.03 -3.41 5.91
C MET B 740 18.88 -2.43 5.69
N TYR B 741 18.49 -2.17 4.43
CA TYR B 741 17.48 -1.12 4.21
C TYR B 741 16.15 -1.53 4.82
N ILE B 742 15.71 -2.74 4.50
CA ILE B 742 14.41 -3.23 5.04
C ILE B 742 14.54 -3.54 6.53
N CYS B 743 15.68 -4.10 6.95
CA CYS B 743 15.81 -4.55 8.35
C CYS B 743 17.11 -4.01 8.96
N GLY B 744 17.13 -2.76 9.39
CA GLY B 744 18.33 -2.28 10.09
C GLY B 744 18.21 -2.55 11.57
N ASP B 745 18.96 -3.52 12.09
CA ASP B 745 18.98 -3.79 13.55
C ASP B 745 17.56 -4.00 14.10
N SER B 746 16.74 -4.79 13.41
CA SER B 746 15.40 -5.09 13.97
C SER B 746 15.25 -6.59 14.29
N THR B 747 14.82 -6.91 15.50
CA THR B 747 14.76 -8.33 15.94
C THR B 747 13.76 -9.16 15.12
N GLU B 748 12.56 -8.63 14.88
CA GLU B 748 11.52 -9.45 14.20
C GLU B 748 11.63 -9.25 12.70
N CYS B 749 12.52 -8.36 12.26
CA CYS B 749 12.59 -8.05 10.81
C CYS B 749 13.04 -9.26 9.99
N SER B 750 13.70 -10.24 10.62
CA SER B 750 14.07 -11.48 9.87
C SER B 750 12.79 -12.13 9.30
N ASN B 751 11.74 -12.19 10.12
CA ASN B 751 10.45 -12.74 9.64
C ASN B 751 9.92 -11.84 8.53
N LEU B 752 10.07 -10.53 8.71
CA LEU B 752 9.60 -9.56 7.69
C LEU B 752 10.40 -9.79 6.41
N LEU B 753 11.68 -10.12 6.55
CA LEU B 753 12.54 -10.41 5.37
C LEU B 753 11.94 -11.59 4.60
N LEU B 754 11.41 -12.59 5.31
CA LEU B 754 10.74 -13.70 4.60
C LEU B 754 9.52 -13.16 3.83
N GLN B 755 8.75 -12.26 4.43
CA GLN B 755 7.47 -11.80 3.81
C GLN B 755 7.72 -10.81 2.67
N TYR B 756 8.60 -9.82 2.86
CA TYR B 756 8.75 -8.75 1.83
C TYR B 756 10.16 -8.72 1.21
N GLY B 757 11.07 -9.57 1.68
CA GLY B 757 12.46 -9.51 1.19
C GLY B 757 12.55 -9.83 -0.29
N SER B 758 11.70 -10.74 -0.77
CA SER B 758 11.78 -11.17 -2.19
C SER B 758 11.58 -9.96 -3.09
N PHE B 759 10.70 -9.04 -2.68
CA PHE B 759 10.43 -7.84 -3.51
C PHE B 759 11.75 -7.09 -3.64
N CYS B 760 12.48 -6.95 -2.54
CA CYS B 760 13.81 -6.28 -2.58
C CYS B 760 14.77 -7.12 -3.42
N THR B 761 14.69 -8.44 -3.32
CA THR B 761 15.66 -9.30 -4.04
C THR B 761 15.51 -9.03 -5.52
N GLN B 762 14.26 -8.90 -5.99
CA GLN B 762 14.04 -8.58 -7.42
C GLN B 762 14.63 -7.19 -7.69
N LEU B 763 14.43 -6.25 -6.77
CA LEU B 763 14.93 -4.87 -6.98
C LEU B 763 16.46 -4.93 -7.06
N ASN B 764 17.08 -5.73 -6.20
CA ASN B 764 18.55 -5.83 -6.18
C ASN B 764 18.99 -6.36 -7.54
N ARG B 765 18.28 -7.35 -8.06
CA ARG B 765 18.66 -7.97 -9.36
C ARG B 765 18.69 -6.86 -10.41
N ALA B 766 17.76 -5.92 -10.32
CA ALA B 766 17.71 -4.82 -11.28
C ALA B 766 18.91 -3.92 -11.12
N LEU B 767 19.24 -3.56 -9.86
CA LEU B 767 20.42 -2.75 -9.59
C LEU B 767 21.67 -3.46 -10.05
N THR B 768 21.75 -4.77 -9.77
CA THR B 768 22.87 -5.57 -10.23
C THR B 768 22.97 -5.50 -11.74
N GLY B 769 21.82 -5.63 -12.42
CA GLY B 769 21.80 -5.53 -13.87
C GLY B 769 22.35 -4.20 -14.34
N ILE B 770 21.89 -3.10 -13.72
CA ILE B 770 22.39 -1.78 -14.08
C ILE B 770 23.90 -1.73 -13.91
N ALA B 771 24.38 -2.19 -12.75
CA ALA B 771 25.82 -2.13 -12.49
C ALA B 771 26.57 -2.95 -13.53
N VAL B 772 26.07 -4.14 -13.82
CA VAL B 772 26.78 -5.03 -14.72
C VAL B 772 26.70 -4.46 -16.14
N GLU B 773 25.58 -3.83 -16.46
CA GLU B 773 25.45 -3.17 -17.78
C GLU B 773 26.53 -2.10 -17.89
N GLN B 774 26.74 -1.34 -16.81
CA GLN B 774 27.72 -0.25 -16.85
C GLN B 774 29.08 -0.77 -17.27
N ASP B 775 29.40 -2.02 -16.88
CA ASP B 775 30.68 -2.61 -17.26
C ASP B 775 30.81 -2.74 -18.77
N LYS B 776 29.77 -3.26 -19.44
CA LYS B 776 29.86 -3.36 -20.90
C LYS B 776 29.97 -1.99 -21.53
N ASN B 777 29.42 -0.97 -20.85
CA ASN B 777 29.54 0.40 -21.35
C ASN B 777 31.00 0.77 -21.55
N THR B 778 31.81 0.56 -20.50
CA THR B 778 33.24 0.79 -20.64
C THR B 778 33.83 -0.19 -21.63
N GLN B 779 33.35 -1.44 -21.60
CA GLN B 779 33.85 -2.46 -22.51
C GLN B 779 33.44 -2.15 -23.94
N GLU B 780 32.34 -1.40 -24.13
CA GLU B 780 31.95 -1.05 -25.49
C GLU B 780 32.68 0.20 -25.97
N VAL B 781 33.38 0.88 -25.07
CA VAL B 781 34.08 2.09 -25.49
C VAL B 781 35.57 1.84 -25.59
N PHE B 782 36.20 1.47 -24.49
CA PHE B 782 37.65 1.44 -24.38
C PHE B 782 38.25 0.09 -24.74
N ALA B 783 37.43 -0.88 -25.17
CA ALA B 783 37.88 -2.23 -25.48
C ALA B 783 37.51 -2.67 -26.90
N GLN B 784 37.59 -1.75 -27.87
CA GLN B 784 37.36 -2.14 -29.25
C GLN B 784 38.50 -2.99 -29.79
N VAL B 785 39.74 -2.61 -29.50
CA VAL B 785 40.92 -3.37 -29.91
C VAL B 785 41.64 -3.81 -28.64
N LYS B 786 41.71 -5.12 -28.41
CA LYS B 786 42.39 -5.66 -27.26
C LYS B 786 43.89 -5.76 -27.44
N GLN B 787 44.39 -5.60 -28.66
CA GLN B 787 45.82 -5.63 -28.89
C GLN B 787 46.44 -4.33 -28.37
N ILE B 788 47.28 -4.46 -27.35
CA ILE B 788 47.86 -3.32 -26.64
C ILE B 788 49.22 -3.03 -27.26
N TYR B 789 49.45 -1.76 -27.58
CA TYR B 789 50.67 -1.34 -28.25
C TYR B 789 51.51 -0.48 -27.31
N LYS B 790 52.81 -0.74 -27.29
CA LYS B 790 53.72 0.07 -26.49
C LYS B 790 53.81 1.48 -27.06
N THR B 791 53.86 2.46 -26.16
CA THR B 791 54.02 3.84 -26.59
C THR B 791 55.41 4.03 -27.18
N PRO B 792 55.53 4.50 -28.43
CA PRO B 792 56.85 4.63 -29.03
C PRO B 792 57.60 5.79 -28.41
N PRO B 793 58.94 5.78 -28.50
CA PRO B 793 59.71 6.96 -28.07
C PRO B 793 59.36 8.17 -28.93
N ILE B 794 59.43 9.35 -28.32
CA ILE B 794 59.01 10.57 -29.01
C ILE B 794 60.00 10.88 -30.13
N LYS B 795 59.49 10.89 -31.36
CA LYS B 795 60.30 11.15 -32.53
C LYS B 795 59.61 12.23 -33.35
N ASP B 796 60.16 12.51 -34.52
CA ASP B 796 59.55 13.47 -35.42
C ASP B 796 58.28 12.87 -36.04
N PHE B 797 57.14 13.53 -35.82
CA PHE B 797 55.88 13.11 -36.40
C PHE B 797 55.42 14.21 -37.35
N GLY B 798 55.99 14.24 -38.55
CA GLY B 798 55.60 15.23 -39.56
C GLY B 798 55.74 16.68 -39.13
N GLY B 799 56.55 16.94 -38.10
CA GLY B 799 56.59 18.26 -37.52
C GLY B 799 55.41 18.59 -36.62
N PHE B 800 54.64 17.59 -36.21
CA PHE B 800 53.48 17.77 -35.34
C PHE B 800 53.87 17.45 -33.91
N ASN B 801 53.20 18.09 -32.95
CA ASN B 801 53.48 17.94 -31.53
C ASN B 801 52.29 17.24 -30.88
N PHE B 802 52.55 16.12 -30.20
CA PHE B 802 51.54 15.39 -29.44
C PHE B 802 51.94 15.19 -27.98
N SER B 803 52.67 16.13 -27.40
CA SER B 803 53.17 15.93 -26.04
C SER B 803 52.05 15.98 -25.01
N GLN B 804 51.01 16.76 -25.28
CA GLN B 804 49.94 16.92 -24.30
C GLN B 804 49.02 15.70 -24.27
N ILE B 805 48.73 15.11 -25.44
CA ILE B 805 47.76 14.03 -25.49
C ILE B 805 48.40 12.68 -25.18
N LEU B 806 49.70 12.56 -25.46
CA LEU B 806 50.40 11.31 -25.17
C LEU B 806 50.65 11.19 -23.67
N PRO B 807 50.69 9.96 -23.15
CA PRO B 807 50.93 9.78 -21.71
C PRO B 807 52.32 10.22 -21.30
N ASP B 808 52.43 10.68 -20.05
CA ASP B 808 53.70 11.16 -19.52
C ASP B 808 54.44 10.01 -18.89
N PRO B 809 55.63 9.63 -19.40
CA PRO B 809 56.40 8.57 -18.73
C PRO B 809 56.94 8.98 -17.37
N SER B 810 57.17 10.28 -17.16
CA SER B 810 57.68 10.74 -15.89
C SER B 810 56.62 10.63 -14.80
N LYS B 811 55.35 10.84 -15.15
CA LYS B 811 54.27 10.73 -14.18
C LYS B 811 54.08 9.26 -13.79
N PRO B 812 53.93 8.95 -12.49
CA PRO B 812 53.62 7.58 -12.10
C PRO B 812 52.30 7.07 -12.67
N SER B 813 51.31 7.94 -12.79
CA SER B 813 50.07 7.58 -13.46
C SER B 813 50.26 7.61 -14.97
N LYS B 814 49.47 6.81 -15.67
CA LYS B 814 49.53 6.75 -17.12
C LYS B 814 48.69 7.82 -17.80
N ARG B 815 48.01 8.67 -17.02
CA ARG B 815 47.20 9.74 -17.59
C ARG B 815 48.08 10.78 -18.25
N SER B 816 47.60 11.33 -19.36
CA SER B 816 48.30 12.42 -20.02
C SER B 816 48.02 13.74 -19.31
N PHE B 817 48.68 14.80 -19.76
CA PHE B 817 48.55 16.11 -19.13
C PHE B 817 47.13 16.65 -19.26
N ILE B 818 46.53 16.49 -20.44
CA ILE B 818 45.14 16.92 -20.64
C ILE B 818 44.21 16.07 -19.80
N GLU B 819 44.48 14.76 -19.71
CA GLU B 819 43.68 13.90 -18.85
C GLU B 819 43.85 14.29 -17.38
N ASP B 820 45.06 14.74 -16.99
CA ASP B 820 45.26 15.26 -15.64
C ASP B 820 44.43 16.52 -15.40
N LEU B 821 44.35 17.40 -16.41
CA LEU B 821 43.56 18.61 -16.27
C LEU B 821 42.08 18.29 -16.11
N LEU B 822 41.56 17.33 -16.89
CA LEU B 822 40.17 16.94 -16.74
C LEU B 822 39.93 16.22 -15.41
N PHE B 823 40.90 15.43 -14.99
CA PHE B 823 40.70 14.67 -13.73
C PHE B 823 40.53 15.69 -12.61
N ASN B 824 41.44 16.68 -12.57
CA ASN B 824 41.37 17.73 -11.52
C ASN B 824 40.11 18.57 -11.66
N LYS B 825 39.74 18.95 -12.89
CA LYS B 825 38.58 19.88 -13.06
C LYS B 825 37.28 19.22 -12.59
N VAL B 826 37.09 17.93 -12.88
CA VAL B 826 35.87 17.22 -12.38
C VAL B 826 35.98 17.12 -10.86
N THR B 827 34.87 17.38 -10.16
CA THR B 827 34.89 17.34 -8.67
C THR B 827 33.82 16.36 -8.20
N LEU B 828 33.80 16.05 -6.90
CA LEU B 828 32.78 15.15 -6.36
C LEU B 828 31.77 15.92 -5.51
N ALA B 852 28.32 7.09 6.14
CA ALA B 852 26.90 7.34 6.46
C ALA B 852 26.02 6.50 5.54
N GLN B 853 26.28 6.57 4.23
CA GLN B 853 25.49 5.78 3.24
C GLN B 853 25.69 4.29 3.52
N LYS B 854 26.91 3.89 3.91
CA LYS B 854 27.18 2.47 4.22
C LYS B 854 26.27 2.05 5.39
N PHE B 855 26.12 2.90 6.40
CA PHE B 855 25.19 2.60 7.52
C PHE B 855 23.76 2.58 6.97
N ASN B 856 23.45 3.47 6.01
CA ASN B 856 22.07 3.56 5.44
C ASN B 856 21.69 2.24 4.76
N GLY B 857 22.66 1.55 4.14
CA GLY B 857 22.35 0.30 3.42
C GLY B 857 22.50 0.45 1.92
N LEU B 858 22.86 1.64 1.44
CA LEU B 858 23.15 1.76 -0.02
C LEU B 858 24.67 1.86 -0.14
N THR B 859 25.26 1.07 -1.04
CA THR B 859 26.75 1.03 -1.15
C THR B 859 27.17 1.29 -2.59
N VAL B 860 28.40 1.76 -2.77
CA VAL B 860 28.92 2.06 -4.14
C VAL B 860 29.85 0.93 -4.59
N LEU B 861 29.54 0.30 -5.73
CA LEU B 861 30.37 -0.75 -6.29
C LEU B 861 31.56 -0.16 -7.03
N PRO B 862 32.78 -0.62 -6.73
CA PRO B 862 33.93 -0.13 -7.46
C PRO B 862 33.89 -0.58 -8.90
N PRO B 863 34.42 0.22 -9.83
CA PRO B 863 34.36 -0.14 -11.25
C PRO B 863 35.21 -1.37 -11.56
N LEU B 864 34.75 -2.16 -12.54
CA LEU B 864 35.53 -3.29 -13.01
C LEU B 864 36.84 -2.83 -13.64
N LEU B 865 36.79 -1.74 -14.39
CA LEU B 865 37.97 -1.16 -15.02
C LEU B 865 38.37 0.10 -14.26
N THR B 866 39.55 0.07 -13.64
CA THR B 866 40.03 1.24 -12.93
C THR B 866 40.54 2.29 -13.93
N ASP B 867 40.73 3.51 -13.43
CA ASP B 867 41.06 4.63 -14.30
C ASP B 867 42.45 4.48 -14.92
N GLU B 868 43.35 3.78 -14.22
CA GLU B 868 44.71 3.60 -14.72
C GLU B 868 44.73 2.74 -15.98
N MET B 869 44.02 1.60 -15.97
CA MET B 869 44.02 0.73 -17.14
C MET B 869 43.16 1.31 -18.26
N ILE B 870 42.16 2.13 -17.92
CA ILE B 870 41.43 2.85 -18.96
C ILE B 870 42.34 3.86 -19.65
N ALA B 871 43.16 4.57 -18.88
CA ALA B 871 44.15 5.47 -19.47
C ALA B 871 45.17 4.72 -20.30
N GLN B 872 45.52 3.50 -19.86
CA GLN B 872 46.42 2.65 -20.65
C GLN B 872 45.78 2.25 -21.98
N TYR B 873 44.49 1.91 -21.96
CA TYR B 873 43.77 1.61 -23.20
C TYR B 873 43.75 2.80 -24.14
N THR B 874 43.46 3.99 -23.61
CA THR B 874 43.45 5.19 -24.44
C THR B 874 44.84 5.49 -25.00
N SER B 875 45.88 5.29 -24.19
CA SER B 875 47.25 5.51 -24.66
C SER B 875 47.63 4.52 -25.76
N ALA B 876 47.22 3.25 -25.61
CA ALA B 876 47.51 2.26 -26.64
C ALA B 876 46.76 2.58 -27.94
N LEU B 877 45.51 3.00 -27.84
CA LEU B 877 44.77 3.38 -29.04
C LEU B 877 45.36 4.63 -29.69
N LEU B 878 45.83 5.58 -28.87
CA LEU B 878 46.49 6.77 -29.42
C LEU B 878 47.77 6.39 -30.16
N ALA B 879 48.58 5.52 -29.57
CA ALA B 879 49.82 5.08 -30.21
C ALA B 879 49.52 4.35 -31.51
N GLY B 880 48.51 3.48 -31.50
CA GLY B 880 48.12 2.79 -32.73
C GLY B 880 47.64 3.74 -33.81
N THR B 881 46.80 4.72 -33.43
CA THR B 881 46.28 5.68 -34.40
C THR B 881 47.39 6.54 -34.99
N ILE B 882 48.35 6.95 -34.18
CA ILE B 882 49.45 7.76 -34.69
C ILE B 882 50.36 6.93 -35.58
N THR B 883 50.72 5.72 -35.16
CA THR B 883 51.80 4.98 -35.81
C THR B 883 51.34 4.02 -36.90
N SER B 884 50.06 3.71 -37.02
CA SER B 884 49.63 2.69 -37.97
C SER B 884 48.37 3.03 -38.76
N GLY B 885 47.76 4.18 -38.56
CA GLY B 885 46.54 4.49 -39.26
C GLY B 885 45.36 3.67 -38.77
N TRP B 886 44.60 3.14 -39.73
CA TRP B 886 43.46 2.29 -39.39
C TRP B 886 43.83 0.82 -39.29
N THR B 887 45.10 0.47 -39.52
CA THR B 887 45.45 -0.93 -39.71
C THR B 887 45.68 -1.70 -38.40
N PHE B 888 45.71 -1.03 -37.25
CA PHE B 888 45.97 -1.75 -36.01
C PHE B 888 44.76 -2.57 -35.60
N GLY B 889 43.55 -2.10 -35.92
CA GLY B 889 42.37 -2.89 -35.68
C GLY B 889 42.30 -4.12 -36.58
N ALA B 890 42.78 -3.99 -37.81
CA ALA B 890 42.70 -5.07 -38.80
C ALA B 890 43.90 -5.99 -38.65
N GLY B 891 43.87 -6.81 -37.60
CA GLY B 891 44.93 -7.79 -37.39
C GLY B 891 46.22 -7.13 -36.95
N ALA B 892 47.33 -7.60 -37.53
CA ALA B 892 48.63 -7.04 -37.21
C ALA B 892 48.77 -5.64 -37.79
N ALA B 893 49.36 -4.73 -37.02
CA ALA B 893 49.46 -3.35 -37.43
C ALA B 893 50.52 -3.16 -38.51
N LEU B 894 50.48 -2.01 -39.15
CA LEU B 894 51.38 -1.64 -40.24
C LEU B 894 51.97 -0.28 -39.91
N GLN B 895 53.25 -0.23 -39.57
CA GLN B 895 53.85 1.04 -39.18
C GLN B 895 53.96 1.95 -40.40
N ILE B 896 53.51 3.19 -40.22
CA ILE B 896 53.42 4.17 -41.31
C ILE B 896 53.94 5.51 -40.82
N PRO B 897 54.52 6.33 -41.68
CA PRO B 897 54.78 7.73 -41.31
C PRO B 897 53.47 8.49 -41.13
N PHE B 898 53.49 9.46 -40.22
CA PHE B 898 52.26 10.18 -39.87
C PHE B 898 51.84 11.12 -40.99
N ALA B 899 52.82 11.72 -41.69
CA ALA B 899 52.52 12.63 -42.79
C ALA B 899 51.82 11.90 -43.93
N MET B 900 52.22 10.64 -44.18
CA MET B 900 51.56 9.85 -45.21
C MET B 900 50.12 9.54 -44.83
N GLN B 901 49.86 9.25 -43.56
CA GLN B 901 48.49 9.04 -43.09
C GLN B 901 47.64 10.28 -43.24
N MET B 902 48.19 11.45 -42.89
CA MET B 902 47.46 12.70 -43.07
C MET B 902 47.19 12.99 -44.54
N ALA B 903 48.15 12.69 -45.42
CA ALA B 903 47.94 12.88 -46.85
C ALA B 903 46.87 11.95 -47.37
N TYR B 904 46.85 10.71 -46.87
CA TYR B 904 45.85 9.75 -47.33
C TYR B 904 44.46 10.14 -46.83
N ARG B 905 44.38 10.77 -45.66
CA ARG B 905 43.09 11.25 -45.17
C ARG B 905 42.65 12.48 -45.96
N PHE B 906 43.59 13.32 -46.40
CA PHE B 906 43.25 14.38 -47.36
C PHE B 906 42.71 13.79 -48.66
N ASN B 907 43.32 12.70 -49.13
CA ASN B 907 42.80 12.01 -50.30
C ASN B 907 41.39 11.45 -50.05
N GLY B 908 41.14 11.03 -48.81
CA GLY B 908 39.80 10.57 -48.47
C GLY B 908 38.77 11.69 -48.48
N ILE B 909 39.15 12.87 -47.98
CA ILE B 909 38.25 14.03 -48.04
C ILE B 909 38.00 14.51 -49.46
N GLY B 910 39.00 14.42 -50.33
CA GLY B 910 38.89 14.94 -51.68
C GLY B 910 39.89 16.01 -52.04
N VAL B 911 40.98 16.13 -51.29
CA VAL B 911 42.06 17.07 -51.58
C VAL B 911 43.25 16.26 -52.06
N THR B 912 43.89 16.73 -53.12
CA THR B 912 45.04 16.03 -53.69
C THR B 912 46.21 15.99 -52.70
N GLN B 913 47.09 15.01 -52.91
CA GLN B 913 48.11 14.70 -51.92
C GLN B 913 49.23 15.73 -51.91
N ASN B 914 49.33 16.53 -52.99
CA ASN B 914 50.41 17.51 -53.08
C ASN B 914 50.15 18.70 -52.17
N VAL B 915 48.88 18.94 -51.81
CA VAL B 915 48.50 20.10 -51.02
C VAL B 915 49.12 20.02 -49.63
N LEU B 916 49.12 18.84 -49.03
CA LEU B 916 49.73 18.66 -47.72
C LEU B 916 51.25 18.81 -47.78
N TYR B 917 51.88 18.13 -48.75
CA TYR B 917 53.34 18.11 -48.79
C TYR B 917 53.91 19.45 -49.19
N GLU B 918 53.14 20.27 -49.90
CA GLU B 918 53.58 21.65 -50.14
C GLU B 918 53.38 22.52 -48.91
N ASN B 919 52.32 22.27 -48.13
CA ASN B 919 51.96 23.09 -47.00
C ASN B 919 52.05 22.34 -45.67
N GLN B 920 53.12 21.56 -45.49
CA GLN B 920 53.23 20.73 -44.28
C GLN B 920 53.47 21.58 -43.04
N LYS B 921 54.35 22.59 -43.14
CA LYS B 921 54.71 23.39 -41.99
C LYS B 921 53.53 24.23 -41.49
N LEU B 922 52.73 24.76 -42.42
CA LEU B 922 51.58 25.56 -42.03
C LEU B 922 50.54 24.71 -41.30
N ILE B 923 50.28 23.50 -41.79
CA ILE B 923 49.34 22.60 -41.13
C ILE B 923 49.87 22.19 -39.76
N ALA B 924 51.18 21.95 -39.65
CA ALA B 924 51.77 21.60 -38.37
C ALA B 924 51.63 22.73 -37.36
N ASN B 925 51.92 23.98 -37.79
CA ASN B 925 51.78 25.11 -36.89
C ASN B 925 50.34 25.35 -36.49
N GLN B 926 49.40 25.19 -37.44
CA GLN B 926 47.98 25.36 -37.12
C GLN B 926 47.50 24.30 -36.13
N PHE B 927 47.96 23.05 -36.30
CA PHE B 927 47.58 21.99 -35.37
C PHE B 927 48.17 22.23 -33.98
N ASN B 928 49.42 22.68 -33.91
CA ASN B 928 50.03 22.97 -32.61
C ASN B 928 49.33 24.14 -31.93
N SER B 929 48.98 25.17 -32.69
CA SER B 929 48.25 26.31 -32.13
C SER B 929 46.87 25.90 -31.65
N ALA B 930 46.19 25.02 -32.39
CA ALA B 930 44.87 24.55 -31.96
C ALA B 930 44.98 23.70 -30.69
N ILE B 931 46.02 22.87 -30.60
CA ILE B 931 46.25 22.08 -29.39
C ILE B 931 46.51 22.98 -28.20
N GLY B 932 47.32 24.03 -28.39
CA GLY B 932 47.55 24.99 -27.31
C GLY B 932 46.31 25.75 -26.92
N LYS B 933 45.46 26.11 -27.90
CA LYS B 933 44.20 26.78 -27.61
C LYS B 933 43.26 25.89 -26.81
N ILE B 934 43.19 24.60 -27.15
CA ILE B 934 42.41 23.65 -26.36
C ILE B 934 42.98 23.54 -24.95
N GLN B 935 44.30 23.51 -24.83
CA GLN B 935 44.91 23.31 -23.49
C GLN B 935 44.41 24.40 -22.55
N ASP B 936 44.75 25.65 -22.83
CA ASP B 936 44.39 26.75 -21.90
C ASP B 936 42.87 26.88 -21.80
N SER B 937 42.15 26.74 -22.90
CA SER B 937 40.69 26.98 -22.85
C SER B 937 40.06 25.99 -21.87
N LEU B 938 40.46 24.73 -21.95
CA LEU B 938 39.90 23.70 -21.05
C LEU B 938 40.06 24.17 -19.61
N SER B 939 41.27 24.59 -19.24
CA SER B 939 41.56 25.04 -17.85
C SER B 939 40.78 26.30 -17.52
N SER B 940 40.78 27.29 -18.42
CA SER B 940 40.14 28.59 -18.11
C SER B 940 38.62 28.50 -18.02
N THR B 941 37.97 27.89 -19.02
CA THR B 941 36.48 27.90 -19.02
C THR B 941 35.94 27.04 -17.87
N ALA B 942 36.47 25.82 -17.72
CA ALA B 942 36.01 24.89 -16.66
C ALA B 942 34.50 24.69 -16.78
N SER B 943 33.96 24.79 -18.00
CA SER B 943 32.49 24.65 -18.21
C SER B 943 32.22 23.49 -19.17
N ALA B 944 33.23 23.10 -19.94
CA ALA B 944 33.09 22.00 -20.92
C ALA B 944 32.78 20.71 -20.15
N LEU B 945 33.37 20.55 -18.97
CA LEU B 945 33.20 19.29 -18.19
C LEU B 945 31.89 19.34 -17.41
N GLY B 946 31.11 20.40 -17.59
CA GLY B 946 29.85 20.53 -16.84
C GLY B 946 28.95 19.34 -17.10
N LYS B 947 28.92 18.84 -18.34
CA LYS B 947 27.99 17.74 -18.67
C LYS B 947 28.33 16.52 -17.81
N LEU B 948 29.63 16.19 -17.70
CA LEU B 948 30.04 15.03 -16.87
C LEU B 948 29.67 15.31 -15.41
N GLN B 949 29.90 16.56 -14.97
CA GLN B 949 29.61 16.90 -13.56
C GLN B 949 28.12 16.71 -13.33
N ASP B 950 27.30 17.08 -14.31
CA ASP B 950 25.83 16.92 -14.19
C ASP B 950 25.51 15.47 -13.81
N VAL B 951 26.15 14.50 -14.48
CA VAL B 951 25.87 13.06 -14.20
C VAL B 951 26.26 12.75 -12.76
N VAL B 952 27.43 13.24 -12.32
CA VAL B 952 27.88 13.01 -10.91
C VAL B 952 26.89 13.70 -9.97
N ASN B 953 26.45 14.91 -10.32
CA ASN B 953 25.50 15.68 -9.47
C ASN B 953 24.17 14.91 -9.38
N GLN B 954 23.71 14.34 -10.49
CA GLN B 954 22.43 13.58 -10.51
C GLN B 954 22.56 12.36 -9.60
N ASN B 955 23.71 11.66 -9.64
CA ASN B 955 23.92 10.50 -8.76
C ASN B 955 23.91 10.98 -7.31
N ALA B 956 24.59 12.09 -7.02
CA ALA B 956 24.65 12.64 -5.65
C ALA B 956 23.24 13.04 -5.20
N GLN B 957 22.47 13.66 -6.10
CA GLN B 957 21.09 14.09 -5.76
C GLN B 957 20.25 12.86 -5.44
N ALA B 958 20.20 11.90 -6.36
CA ALA B 958 19.39 10.70 -6.15
C ALA B 958 19.69 10.06 -4.80
N LEU B 959 20.97 9.91 -4.48
CA LEU B 959 21.34 9.31 -3.18
C LEU B 959 20.83 10.21 -2.06
N ASN B 960 21.12 11.51 -2.12
CA ASN B 960 20.74 12.42 -1.05
C ASN B 960 19.23 12.46 -0.87
N THR B 961 18.49 12.40 -1.98
CA THR B 961 17.03 12.43 -1.88
C THR B 961 16.51 11.12 -1.30
N LEU B 962 17.19 10.00 -1.58
CA LEU B 962 16.80 8.74 -0.96
C LEU B 962 17.06 8.75 0.54
N VAL B 963 18.23 9.25 0.96
CA VAL B 963 18.52 9.26 2.39
C VAL B 963 17.69 10.33 3.10
N LYS B 964 17.19 11.32 2.37
CA LYS B 964 16.18 12.23 2.94
C LYS B 964 14.83 11.55 3.05
N GLN B 965 14.51 10.65 2.11
CA GLN B 965 13.29 9.87 2.22
C GLN B 965 13.34 8.87 3.37
N LEU B 966 14.54 8.50 3.81
CA LEU B 966 14.66 7.73 5.06
C LEU B 966 14.13 8.52 6.26
N SER B 967 14.17 9.85 6.20
CA SER B 967 13.94 10.66 7.40
C SER B 967 12.46 10.71 7.80
N SER B 968 11.54 10.76 6.84
CA SER B 968 10.14 11.00 7.17
C SER B 968 9.49 9.75 7.78
N ASN B 969 8.42 9.98 8.54
CA ASN B 969 7.75 8.92 9.31
C ASN B 969 6.79 8.10 8.48
N PHE B 970 6.48 8.54 7.26
CA PHE B 970 5.72 7.78 6.27
C PHE B 970 4.31 7.44 6.76
N GLY B 971 3.71 8.38 7.47
CA GLY B 971 2.36 8.21 7.98
C GLY B 971 2.23 7.11 9.00
N ALA B 972 3.22 7.01 9.89
CA ALA B 972 3.24 6.02 10.97
C ALA B 972 3.42 6.75 12.29
N ILE B 973 3.62 5.96 13.35
CA ILE B 973 3.83 6.55 14.67
C ILE B 973 5.15 7.32 14.74
N SER B 974 6.23 6.76 14.21
CA SER B 974 7.52 7.43 14.20
C SER B 974 8.30 6.96 12.98
N SER B 975 9.45 7.60 12.75
CA SER B 975 10.31 7.26 11.62
C SER B 975 11.38 6.24 12.01
N VAL B 976 11.40 5.79 13.26
CA VAL B 976 12.37 4.83 13.73
C VAL B 976 11.63 3.52 14.04
N LEU B 977 12.12 2.43 13.46
CA LEU B 977 11.46 1.14 13.65
C LEU B 977 11.80 0.54 15.00
N ASN B 978 12.89 0.98 15.63
CA ASN B 978 13.24 0.50 16.96
C ASN B 978 12.19 0.92 17.98
N ASP B 979 11.72 2.16 17.91
CA ASP B 979 10.67 2.60 18.82
C ASP B 979 9.33 1.97 18.48
N ILE B 980 9.11 1.65 17.20
CA ILE B 980 7.90 0.93 16.81
C ILE B 980 7.88 -0.46 17.45
N LEU B 981 9.02 -1.15 17.41
CA LEU B 981 9.11 -2.46 18.04
C LEU B 981 9.04 -2.37 19.56
N SER B 982 9.64 -1.33 20.13
CA SER B 982 9.69 -1.21 21.58
C SER B 982 8.33 -0.85 22.17
N ARG B 983 7.67 0.15 21.58
CA ARG B 983 6.39 0.64 22.18
C ARG B 983 5.24 -0.32 21.91
N LEU B 984 5.21 -0.94 20.74
CA LEU B 984 4.09 -1.79 20.37
C LEU B 984 4.45 -3.25 20.52
N ASP B 985 3.44 -4.11 20.45
CA ASP B 985 3.53 -5.55 20.59
C ASP B 985 2.95 -6.04 19.27
N PRO B 986 3.50 -7.14 18.71
CA PRO B 986 3.31 -7.43 17.26
C PRO B 986 1.89 -7.38 16.72
N PRO B 987 0.83 -7.92 17.41
CA PRO B 987 -0.52 -7.93 16.77
C PRO B 987 -1.09 -6.57 16.38
N GLU B 988 -0.84 -5.52 17.15
CA GLU B 988 -1.21 -4.20 16.65
C GLU B 988 -0.03 -3.49 15.98
N ALA B 989 1.13 -4.16 15.93
CA ALA B 989 2.31 -3.53 15.37
C ALA B 989 2.49 -3.84 13.89
N GLU B 990 1.81 -4.87 13.36
CA GLU B 990 1.95 -5.15 11.92
C GLU B 990 1.55 -3.95 11.07
N VAL B 991 0.50 -3.23 11.47
CA VAL B 991 0.00 -2.09 10.70
C VAL B 991 1.09 -1.03 10.52
N GLN B 992 1.69 -0.61 11.63
CA GLN B 992 2.72 0.43 11.58
C GLN B 992 3.96 -0.06 10.83
N ILE B 993 4.40 -1.28 11.12
CA ILE B 993 5.65 -1.74 10.50
C ILE B 993 5.45 -1.97 9.01
N ASP B 994 4.25 -2.38 8.60
CA ASP B 994 4.00 -2.62 7.19
C ASP B 994 3.86 -1.32 6.41
N ARG B 995 3.22 -0.30 7.00
CA ARG B 995 3.24 1.02 6.36
C ARG B 995 4.66 1.53 6.18
N LEU B 996 5.48 1.38 7.22
CA LEU B 996 6.87 1.85 7.14
C LEU B 996 7.66 1.12 6.05
N ILE B 997 7.63 -0.21 6.05
CA ILE B 997 8.50 -0.94 5.14
C ILE B 997 7.93 -0.94 3.73
N THR B 998 6.60 -0.84 3.59
CA THR B 998 6.01 -0.73 2.26
C THR B 998 6.33 0.62 1.64
N GLY B 999 6.32 1.69 2.44
CA GLY B 999 6.74 2.97 1.93
C GLY B 999 8.22 3.00 1.58
N ARG B 1000 9.05 2.35 2.40
CA ARG B 1000 10.47 2.25 2.09
C ARG B 1000 10.71 1.48 0.80
N LEU B 1001 9.97 0.39 0.59
CA LEU B 1001 10.11 -0.40 -0.63
C LEU B 1001 9.59 0.37 -1.84
N GLN B 1002 8.56 1.18 -1.66
CA GLN B 1002 8.06 1.99 -2.77
C GLN B 1002 9.05 3.10 -3.12
N SER B 1003 9.71 3.68 -2.10
CA SER B 1003 10.78 4.64 -2.36
C SER B 1003 11.94 3.99 -3.10
N LEU B 1004 12.29 2.76 -2.72
CA LEU B 1004 13.27 1.99 -3.46
C LEU B 1004 12.83 1.75 -4.90
N GLN B 1005 11.54 1.48 -5.11
CA GLN B 1005 11.03 1.24 -6.46
C GLN B 1005 11.14 2.50 -7.31
N THR B 1006 10.84 3.66 -6.71
CA THR B 1006 11.01 4.93 -7.41
C THR B 1006 12.48 5.17 -7.75
N TYR B 1007 13.35 4.84 -6.80
CA TYR B 1007 14.80 5.01 -7.03
C TYR B 1007 15.17 4.19 -8.27
N VAL B 1008 14.70 2.95 -8.31
CA VAL B 1008 15.12 2.06 -9.44
C VAL B 1008 14.66 2.70 -10.74
N THR B 1009 13.42 3.20 -10.77
CA THR B 1009 12.88 3.75 -12.05
C THR B 1009 13.72 4.96 -12.49
N GLN B 1010 14.04 5.84 -11.55
CA GLN B 1010 14.84 7.04 -11.89
C GLN B 1010 16.21 6.56 -12.38
N GLN B 1011 16.77 5.54 -11.73
CA GLN B 1011 18.06 4.98 -12.18
C GLN B 1011 17.87 4.38 -13.58
N LEU B 1012 16.77 3.67 -13.82
CA LEU B 1012 16.55 2.99 -15.13
C LEU B 1012 16.58 4.00 -16.27
N ILE B 1013 15.82 5.09 -16.15
CA ILE B 1013 15.74 6.10 -17.25
C ILE B 1013 17.12 6.76 -17.42
N ARG B 1014 17.84 6.96 -16.31
CA ARG B 1014 19.21 7.54 -16.40
C ARG B 1014 20.12 6.51 -17.07
N ALA B 1015 19.95 5.22 -16.75
CA ALA B 1015 20.80 4.16 -17.32
C ALA B 1015 20.55 4.10 -18.83
N ALA B 1016 19.29 4.20 -19.23
CA ALA B 1016 18.96 4.19 -20.67
C ALA B 1016 19.59 5.41 -21.33
N GLU B 1017 19.49 6.56 -20.67
CA GLU B 1017 20.00 7.83 -21.27
C GLU B 1017 21.51 7.68 -21.50
N ILE B 1018 22.23 7.17 -20.50
CA ILE B 1018 23.68 7.10 -20.62
C ILE B 1018 24.10 5.93 -21.51
N ARG B 1019 23.22 4.93 -21.62
CA ARG B 1019 23.52 3.80 -22.55
C ARG B 1019 23.46 4.35 -23.97
N ALA B 1020 22.40 5.12 -24.28
CA ALA B 1020 22.33 5.73 -25.60
C ALA B 1020 23.55 6.61 -25.89
N SER B 1021 23.96 7.38 -24.89
CA SER B 1021 25.17 8.21 -25.04
C SER B 1021 26.41 7.36 -25.24
N ALA B 1022 26.50 6.22 -24.54
CA ALA B 1022 27.67 5.36 -24.65
C ALA B 1022 27.67 4.59 -25.97
N ASN B 1023 26.49 4.29 -26.51
CA ASN B 1023 26.40 3.71 -27.84
C ASN B 1023 26.87 4.70 -28.89
N LEU B 1024 26.50 5.98 -28.73
CA LEU B 1024 27.05 7.03 -29.60
C LEU B 1024 28.56 7.14 -29.46
N ALA B 1025 29.07 7.02 -28.23
CA ALA B 1025 30.51 7.06 -27.99
C ALA B 1025 31.21 5.85 -28.60
N ALA B 1026 30.56 4.69 -28.58
CA ALA B 1026 31.15 3.49 -29.19
C ALA B 1026 31.19 3.62 -30.71
N THR B 1027 30.16 4.22 -31.29
CA THR B 1027 30.18 4.48 -32.72
C THR B 1027 31.26 5.49 -33.05
N LYS B 1028 31.53 6.44 -32.14
CA LYS B 1028 32.63 7.37 -32.35
C LYS B 1028 33.99 6.70 -32.11
N MET B 1029 34.04 5.63 -31.30
CA MET B 1029 35.23 4.78 -31.26
C MET B 1029 35.47 4.13 -32.61
N SER B 1030 34.44 3.50 -33.18
CA SER B 1030 34.66 2.60 -34.30
C SER B 1030 34.63 3.31 -35.65
N GLU B 1031 34.13 4.55 -35.68
CA GLU B 1031 33.97 5.23 -36.99
C GLU B 1031 34.75 6.54 -37.04
N CYS B 1032 34.94 7.23 -35.92
CA CYS B 1032 35.75 8.44 -35.92
C CYS B 1032 37.22 8.15 -35.61
N VAL B 1033 37.47 7.40 -34.54
CA VAL B 1033 38.84 7.19 -34.06
C VAL B 1033 39.59 6.23 -34.97
N LEU B 1034 38.95 5.10 -35.29
CA LEU B 1034 39.62 4.04 -36.06
C LEU B 1034 39.92 4.48 -37.48
N GLY B 1035 38.97 5.16 -38.13
CA GLY B 1035 39.18 5.56 -39.51
C GLY B 1035 38.39 6.80 -39.85
N GLN B 1036 38.55 7.31 -41.07
CA GLN B 1036 37.87 8.57 -41.47
C GLN B 1036 36.38 8.28 -41.66
N SER B 1037 35.52 9.15 -41.13
CA SER B 1037 34.05 8.98 -41.33
C SER B 1037 33.52 10.02 -42.31
N LYS B 1038 32.91 9.56 -43.41
CA LYS B 1038 32.34 10.48 -44.42
C LYS B 1038 31.18 11.28 -43.82
N ARG B 1039 30.46 10.72 -42.85
CA ARG B 1039 29.26 11.39 -42.31
C ARG B 1039 29.66 12.79 -41.83
N VAL B 1040 28.86 13.80 -42.16
CA VAL B 1040 29.22 15.21 -41.82
C VAL B 1040 28.46 15.62 -40.57
N ASP B 1041 29.12 16.34 -39.67
CA ASP B 1041 28.49 16.84 -38.41
C ASP B 1041 28.35 15.67 -37.42
N PHE B 1042 28.98 14.54 -37.72
CA PHE B 1042 28.95 13.41 -36.76
C PHE B 1042 30.27 13.43 -36.00
N CYS B 1043 31.39 13.41 -36.74
CA CYS B 1043 32.70 13.40 -36.11
C CYS B 1043 33.19 14.85 -36.07
N GLY B 1044 32.79 15.59 -35.04
CA GLY B 1044 33.10 17.01 -34.99
C GLY B 1044 32.28 17.80 -36.00
N LYS B 1045 32.83 18.94 -36.41
CA LYS B 1045 32.20 19.82 -37.39
C LYS B 1045 33.10 19.94 -38.60
N GLY B 1046 32.50 19.84 -39.79
CA GLY B 1046 33.25 19.90 -41.03
C GLY B 1046 33.70 18.54 -41.51
N TYR B 1047 34.57 18.55 -42.52
CA TYR B 1047 35.19 17.32 -42.98
C TYR B 1047 36.13 16.78 -41.91
N HIS B 1048 35.88 15.54 -41.51
CA HIS B 1048 36.58 14.93 -40.37
C HIS B 1048 37.89 14.31 -40.84
N LEU B 1049 39.00 14.77 -40.27
CA LEU B 1049 40.28 14.12 -40.55
C LEU B 1049 40.57 13.01 -39.56
N MET B 1050 40.68 13.35 -38.27
CA MET B 1050 40.86 12.35 -37.22
C MET B 1050 40.15 12.81 -35.96
N SER B 1051 40.21 11.95 -34.94
CA SER B 1051 39.75 12.29 -33.60
C SER B 1051 40.59 11.56 -32.58
N PHE B 1052 41.08 12.32 -31.59
CA PHE B 1052 41.87 11.78 -30.49
C PHE B 1052 40.94 11.53 -29.30
N PRO B 1053 40.86 10.31 -28.81
CA PRO B 1053 40.08 10.06 -27.59
C PRO B 1053 40.91 10.16 -26.33
N GLN B 1054 40.39 10.79 -25.29
CA GLN B 1054 41.04 10.85 -23.99
C GLN B 1054 40.04 10.44 -22.92
N SER B 1055 40.50 9.70 -21.92
CA SER B 1055 39.63 9.29 -20.83
C SER B 1055 39.28 10.48 -19.92
N ALA B 1056 38.24 10.31 -19.13
CA ALA B 1056 37.75 11.36 -18.24
C ALA B 1056 37.00 10.70 -17.11
N PRO B 1057 36.92 11.34 -15.93
CA PRO B 1057 36.16 10.76 -14.82
C PRO B 1057 34.70 10.54 -15.19
N HIS B 1058 34.31 9.26 -15.27
CA HIS B 1058 33.00 8.80 -15.73
C HIS B 1058 32.67 9.30 -17.13
N GLY B 1059 33.64 9.32 -18.03
CA GLY B 1059 33.31 9.72 -19.40
C GLY B 1059 34.52 9.72 -20.31
N VAL B 1060 34.29 10.21 -21.54
CA VAL B 1060 35.33 10.33 -22.54
C VAL B 1060 35.23 11.71 -23.19
N VAL B 1061 36.36 12.18 -23.73
CA VAL B 1061 36.42 13.46 -24.42
C VAL B 1061 37.15 13.25 -25.75
N PHE B 1062 36.74 14.01 -26.77
CA PHE B 1062 37.21 13.86 -28.13
C PHE B 1062 37.85 15.16 -28.59
N LEU B 1063 39.02 15.05 -29.20
CA LEU B 1063 39.61 16.15 -29.96
C LEU B 1063 39.52 15.83 -31.44
N HIS B 1064 38.53 16.42 -32.12
CA HIS B 1064 38.33 16.17 -33.55
C HIS B 1064 39.18 17.14 -34.34
N VAL B 1065 40.14 16.59 -35.08
CA VAL B 1065 40.92 17.34 -36.05
C VAL B 1065 40.16 17.31 -37.37
N THR B 1066 39.79 18.49 -37.85
CA THR B 1066 38.89 18.66 -38.98
C THR B 1066 39.40 19.75 -39.92
N TYR B 1067 38.85 19.75 -41.13
CA TYR B 1067 39.25 20.62 -42.22
C TYR B 1067 38.11 21.57 -42.53
N VAL B 1068 38.40 22.87 -42.60
CA VAL B 1068 37.39 23.89 -42.86
C VAL B 1068 37.91 24.79 -43.97
N PRO B 1069 37.15 25.00 -45.05
CA PRO B 1069 37.54 26.01 -46.05
C PRO B 1069 37.53 27.41 -45.46
N ALA B 1070 38.47 28.24 -45.91
CA ALA B 1070 38.66 29.56 -45.31
C ALA B 1070 38.33 30.69 -46.28
N GLN B 1071 38.98 30.75 -47.45
CA GLN B 1071 38.84 31.89 -48.36
C GLN B 1071 38.33 31.39 -49.70
N GLU B 1072 37.12 31.80 -50.06
CA GLU B 1072 36.48 31.38 -51.30
C GLU B 1072 36.55 32.49 -52.34
N LYS B 1073 36.44 32.09 -53.60
CA LYS B 1073 36.42 33.01 -54.72
C LYS B 1073 35.36 32.60 -55.72
N ASN B 1074 34.71 33.60 -56.33
CA ASN B 1074 33.79 33.37 -57.43
C ASN B 1074 34.55 33.02 -58.70
N PHE B 1075 33.95 32.16 -59.51
CA PHE B 1075 34.46 31.82 -60.84
C PHE B 1075 33.30 31.53 -61.76
N THR B 1076 33.55 31.65 -63.05
CA THR B 1076 32.56 31.27 -64.06
C THR B 1076 32.72 29.79 -64.39
N THR B 1077 31.60 29.06 -64.36
CA THR B 1077 31.63 27.62 -64.49
C THR B 1077 30.75 27.17 -65.65
N ALA B 1078 31.08 25.99 -66.19
CA ALA B 1078 30.30 25.37 -67.24
C ALA B 1078 30.23 23.88 -66.97
N PRO B 1079 29.10 23.22 -67.25
CA PRO B 1079 29.01 21.76 -67.00
C PRO B 1079 29.95 20.93 -67.87
N ALA B 1080 30.23 21.38 -69.08
CA ALA B 1080 31.05 20.60 -70.00
C ALA B 1080 31.70 21.53 -71.02
N ILE B 1081 32.64 20.98 -71.78
CA ILE B 1081 33.37 21.71 -72.80
C ILE B 1081 33.29 20.94 -74.11
N CYS B 1082 32.89 21.64 -75.18
CA CYS B 1082 32.87 21.07 -76.53
C CYS B 1082 34.05 21.64 -77.31
N HIS B 1083 34.93 20.77 -77.78
CA HIS B 1083 36.16 21.20 -78.44
C HIS B 1083 36.19 20.85 -79.92
N ASP B 1084 36.01 19.58 -80.27
CA ASP B 1084 36.06 19.12 -81.65
C ASP B 1084 34.76 18.47 -82.09
N GLY B 1085 33.62 18.99 -81.62
CA GLY B 1085 32.34 18.36 -81.88
C GLY B 1085 31.98 17.24 -80.94
N LYS B 1086 32.85 16.91 -79.99
CA LYS B 1086 32.63 15.86 -79.02
C LYS B 1086 32.58 16.47 -77.62
N ALA B 1087 31.65 15.99 -76.80
CA ALA B 1087 31.51 16.53 -75.46
C ALA B 1087 32.53 15.91 -74.51
N HIS B 1088 33.11 16.75 -73.66
CA HIS B 1088 34.08 16.32 -72.66
C HIS B 1088 33.52 16.61 -71.28
N PHE B 1089 33.69 15.65 -70.36
CA PHE B 1089 33.24 15.87 -68.99
C PHE B 1089 34.38 15.57 -68.03
N PRO B 1090 34.54 16.36 -66.96
CA PRO B 1090 35.67 16.14 -66.05
C PRO B 1090 35.53 14.86 -65.26
N ARG B 1091 36.62 14.09 -65.21
CA ARG B 1091 36.63 12.86 -64.42
C ARG B 1091 36.56 13.17 -62.93
N GLU B 1092 37.25 14.22 -62.50
CA GLU B 1092 37.18 14.69 -61.13
C GLU B 1092 37.30 16.21 -61.12
N GLY B 1093 36.51 16.85 -60.26
CA GLY B 1093 36.51 18.30 -60.17
C GLY B 1093 35.53 18.94 -61.13
N VAL B 1094 35.48 20.27 -61.05
CA VAL B 1094 34.58 21.08 -61.85
C VAL B 1094 35.39 22.03 -62.71
N PHE B 1095 34.73 22.59 -63.74
CA PHE B 1095 35.36 23.57 -64.59
C PHE B 1095 35.15 24.97 -64.05
N VAL B 1096 36.21 25.77 -64.01
CA VAL B 1096 36.17 27.15 -63.58
C VAL B 1096 36.80 28.02 -64.66
N SER B 1097 36.55 29.32 -64.58
CA SER B 1097 37.14 30.27 -65.50
C SER B 1097 37.67 31.47 -64.73
N ASN B 1098 38.94 31.80 -64.96
CA ASN B 1098 39.51 32.99 -64.34
C ASN B 1098 39.17 34.25 -65.11
N GLY B 1099 38.62 34.10 -66.32
CA GLY B 1099 38.22 35.24 -67.12
C GLY B 1099 38.67 35.11 -68.56
N THR B 1100 39.84 34.50 -68.78
CA THR B 1100 40.39 34.31 -70.11
C THR B 1100 40.51 32.85 -70.50
N HIS B 1101 41.11 32.02 -69.64
CA HIS B 1101 41.37 30.62 -69.94
C HIS B 1101 40.69 29.75 -68.91
N TRP B 1102 39.96 28.73 -69.37
CA TRP B 1102 39.30 27.81 -68.47
C TRP B 1102 40.30 26.88 -67.79
N PHE B 1103 39.90 26.36 -66.63
CA PHE B 1103 40.69 25.43 -65.86
C PHE B 1103 39.76 24.37 -65.26
N VAL B 1104 40.35 23.24 -64.87
CA VAL B 1104 39.65 22.20 -64.14
C VAL B 1104 40.28 22.10 -62.75
N THR B 1105 39.45 21.95 -61.72
CA THR B 1105 39.96 21.95 -60.36
C THR B 1105 39.16 21.00 -59.49
N GLN B 1106 39.78 20.59 -58.38
CA GLN B 1106 39.06 19.80 -57.39
C GLN B 1106 38.09 20.70 -56.63
N ARG B 1107 37.12 20.06 -55.97
CA ARG B 1107 35.96 20.80 -55.46
C ARG B 1107 36.32 21.60 -54.21
N ASN B 1108 37.10 21.03 -53.30
CA ASN B 1108 37.33 21.65 -51.99
C ASN B 1108 38.61 22.48 -51.91
N PHE B 1109 39.31 22.65 -53.03
CA PHE B 1109 40.50 23.51 -53.05
C PHE B 1109 40.70 24.02 -54.47
N TYR B 1110 41.22 25.24 -54.57
CA TYR B 1110 41.45 25.86 -55.87
C TYR B 1110 42.86 25.51 -56.34
N GLU B 1111 42.96 24.47 -57.16
CA GLU B 1111 44.22 24.09 -57.80
C GLU B 1111 44.01 24.09 -59.30
N PRO B 1112 44.45 25.11 -60.03
CA PRO B 1112 44.16 25.18 -61.46
C PRO B 1112 44.97 24.16 -62.25
N GLN B 1113 44.28 23.43 -63.13
CA GLN B 1113 44.90 22.45 -64.00
C GLN B 1113 44.45 22.71 -65.43
N ILE B 1114 45.38 22.52 -66.38
CA ILE B 1114 45.03 22.65 -67.79
C ILE B 1114 44.18 21.46 -68.20
N ILE B 1115 43.17 21.71 -69.05
CA ILE B 1115 42.28 20.65 -69.48
C ILE B 1115 43.00 19.76 -70.48
N THR B 1116 43.22 18.50 -70.09
CA THR B 1116 43.88 17.53 -70.94
C THR B 1116 42.91 16.41 -71.26
N THR B 1117 43.30 15.55 -72.21
CA THR B 1117 42.50 14.37 -72.51
C THR B 1117 42.57 13.37 -71.36
N ASP B 1118 43.60 13.47 -70.52
CA ASP B 1118 43.67 12.61 -69.34
C ASP B 1118 42.70 13.08 -68.26
N ASN B 1119 42.46 14.39 -68.19
CA ASN B 1119 41.62 14.93 -67.12
C ASN B 1119 40.14 14.66 -67.37
N THR B 1120 39.72 14.64 -68.63
CA THR B 1120 38.31 14.53 -68.98
C THR B 1120 38.06 13.26 -69.78
N PHE B 1121 36.81 12.82 -69.79
CA PHE B 1121 36.38 11.68 -70.59
C PHE B 1121 35.35 12.13 -71.61
N VAL B 1122 35.33 11.46 -72.76
CA VAL B 1122 34.49 11.86 -73.88
C VAL B 1122 33.25 10.99 -73.91
N SER B 1123 32.08 11.62 -73.96
CA SER B 1123 30.82 10.91 -74.04
C SER B 1123 29.77 11.82 -74.67
N GLY B 1124 28.93 11.24 -75.52
CA GLY B 1124 27.83 11.99 -76.10
C GLY B 1124 28.26 13.03 -77.12
N ASN B 1125 27.35 13.97 -77.36
CA ASN B 1125 27.56 15.04 -78.33
C ASN B 1125 27.13 16.39 -77.74
N CYS B 1126 27.54 17.47 -78.41
CA CYS B 1126 27.54 18.79 -77.78
C CYS B 1126 26.15 19.43 -77.78
N ASP B 1127 25.24 18.98 -78.64
CA ASP B 1127 23.96 19.68 -78.77
C ASP B 1127 23.00 19.31 -77.64
N VAL B 1128 23.06 18.08 -77.16
CA VAL B 1128 22.05 17.61 -76.21
C VAL B 1128 22.31 18.18 -74.81
N VAL B 1129 23.55 18.55 -74.52
CA VAL B 1129 23.88 19.06 -73.19
C VAL B 1129 23.54 20.54 -73.10
N ILE B 1130 23.05 20.95 -71.92
CA ILE B 1130 22.62 22.32 -71.67
C ILE B 1130 23.76 23.06 -70.98
N GLY B 1131 24.14 24.20 -71.53
CA GLY B 1131 25.12 25.07 -70.91
C GLY B 1131 26.56 24.82 -71.30
N ILE B 1132 26.82 24.07 -72.36
CA ILE B 1132 28.18 23.83 -72.79
C ILE B 1132 28.73 25.09 -73.46
N VAL B 1133 30.05 25.28 -73.35
CA VAL B 1133 30.72 26.46 -73.89
C VAL B 1133 31.83 26.00 -74.82
N ASN B 1134 32.13 26.82 -75.84
CA ASN B 1134 33.22 26.52 -76.74
C ASN B 1134 34.56 26.86 -76.09
N ASN B 1135 35.44 25.87 -76.01
CA ASN B 1135 36.79 26.07 -75.49
C ASN B 1135 37.67 24.97 -76.06
N THR B 1136 38.98 25.22 -76.05
CA THR B 1136 39.96 24.27 -76.53
C THR B 1136 40.32 23.28 -75.43
N VAL B 1137 40.70 22.07 -75.83
CA VAL B 1137 41.16 21.03 -74.91
C VAL B 1137 42.56 20.64 -75.34
N TYR B 1138 43.52 20.81 -74.43
CA TYR B 1138 44.90 20.48 -74.73
C TYR B 1138 45.10 18.97 -74.80
N ASP B 1139 45.97 18.53 -75.69
CA ASP B 1139 46.39 17.14 -75.76
C ASP B 1139 47.90 17.10 -75.64
N PRO B 1140 48.48 16.33 -74.72
CA PRO B 1140 49.95 16.25 -74.67
C PRO B 1140 50.53 15.38 -75.77
N LEU B 1141 49.70 14.50 -76.36
CA LEU B 1141 50.21 13.46 -77.24
C LEU B 1141 50.83 14.04 -78.51
N GLN B 1142 50.10 14.89 -79.22
CA GLN B 1142 50.60 15.44 -80.48
C GLN B 1142 51.83 16.34 -80.33
N PRO B 1143 51.90 17.34 -79.40
CA PRO B 1143 53.14 18.11 -79.26
C PRO B 1143 54.31 17.19 -78.89
N GLU B 1144 54.09 16.28 -77.94
CA GLU B 1144 55.22 15.42 -77.45
C GLU B 1144 55.76 14.52 -78.56
N LEU B 1145 54.88 13.90 -79.34
CA LEU B 1145 55.33 12.92 -80.38
C LEU B 1145 56.31 13.61 -81.32
N ASP B 1146 55.94 14.78 -81.86
CA ASP B 1146 56.78 15.58 -82.78
C ASP B 1146 57.38 14.70 -83.89
N SER B 1147 56.57 13.79 -84.46
CA SER B 1147 57.09 12.85 -85.49
C SER B 1147 56.02 12.60 -86.56
N GLN C 14 -64.62 -7.14 -1.38
CA GLN C 14 -65.39 -8.12 -2.19
C GLN C 14 -64.48 -8.67 -3.29
N CYS C 15 -64.83 -9.83 -3.86
CA CYS C 15 -63.95 -10.47 -4.87
C CYS C 15 -64.80 -11.01 -6.02
N VAL C 16 -64.25 -11.01 -7.22
CA VAL C 16 -64.96 -11.62 -8.37
C VAL C 16 -64.00 -12.63 -8.97
N ASN C 17 -64.42 -13.89 -9.03
CA ASN C 17 -63.46 -14.93 -9.49
C ASN C 17 -63.40 -14.91 -11.01
N LEU C 18 -62.78 -13.89 -11.58
CA LEU C 18 -62.61 -13.95 -13.05
C LEU C 18 -61.82 -15.25 -13.25
N THR C 19 -62.24 -16.09 -14.19
CA THR C 19 -61.52 -17.38 -14.29
C THR C 19 -60.96 -17.53 -15.69
N THR C 20 -59.65 -17.76 -15.80
CA THR C 20 -59.11 -18.05 -17.15
C THR C 20 -59.21 -19.56 -17.31
N ARG C 21 -60.08 -20.03 -18.21
CA ARG C 21 -60.29 -21.49 -18.38
C ARG C 21 -58.93 -22.14 -18.23
N THR C 22 -57.90 -21.53 -18.82
CA THR C 22 -56.50 -22.05 -18.76
C THR C 22 -55.57 -20.87 -19.01
N GLN C 23 -54.33 -20.90 -18.50
CA GLN C 23 -53.41 -19.78 -18.83
C GLN C 23 -52.92 -19.96 -20.27
N LEU C 24 -53.01 -18.91 -21.09
CA LEU C 24 -52.45 -19.00 -22.46
C LEU C 24 -50.93 -19.14 -22.34
N PRO C 25 -50.22 -19.82 -23.27
CA PRO C 25 -48.78 -20.04 -23.12
C PRO C 25 -48.09 -18.68 -23.08
N PRO C 26 -47.07 -18.47 -22.22
CA PRO C 26 -46.44 -17.15 -22.09
C PRO C 26 -45.83 -16.71 -23.42
N ALA C 27 -46.02 -15.44 -23.78
CA ALA C 27 -45.51 -14.94 -25.08
C ALA C 27 -44.21 -14.16 -24.83
N TYR C 28 -43.17 -14.46 -25.60
CA TYR C 28 -41.86 -13.80 -25.36
C TYR C 28 -41.59 -12.76 -26.44
N THR C 29 -41.30 -11.53 -26.02
CA THR C 29 -40.98 -10.45 -26.98
C THR C 29 -39.57 -9.94 -26.63
N ASN C 30 -38.84 -9.43 -27.61
CA ASN C 30 -37.44 -9.03 -27.32
C ASN C 30 -37.42 -7.61 -26.76
N SER C 31 -36.90 -7.43 -25.55
CA SER C 31 -36.76 -6.05 -25.02
C SER C 31 -35.74 -5.35 -25.90
N PHE C 32 -35.96 -4.08 -26.23
CA PHE C 32 -35.01 -3.42 -27.17
C PHE C 32 -34.15 -2.44 -26.38
N THR C 33 -33.16 -2.95 -25.65
CA THR C 33 -32.23 -2.05 -24.91
C THR C 33 -32.99 -0.92 -24.21
N ARG C 34 -34.04 -1.26 -23.49
CA ARG C 34 -34.84 -0.23 -22.77
C ARG C 34 -34.67 -0.46 -21.28
N GLY C 35 -34.61 0.61 -20.49
CA GLY C 35 -34.56 0.48 -19.02
C GLY C 35 -33.19 0.61 -18.39
N VAL C 36 -32.71 1.84 -18.23
CA VAL C 36 -31.45 2.08 -17.46
C VAL C 36 -31.79 3.23 -16.52
N TYR C 37 -31.60 3.05 -15.22
CA TYR C 37 -32.04 4.10 -14.27
C TYR C 37 -30.84 4.90 -13.77
N TYR C 38 -31.09 6.08 -13.21
CA TYR C 38 -29.97 6.87 -12.64
C TYR C 38 -29.52 6.21 -11.34
N PRO C 39 -28.20 5.93 -11.11
CA PRO C 39 -27.78 5.19 -9.92
C PRO C 39 -27.93 6.02 -8.63
N ASP C 40 -27.31 7.21 -8.59
CA ASP C 40 -27.34 8.05 -7.37
C ASP C 40 -27.64 9.50 -7.76
N LYS C 41 -28.09 10.32 -6.81
CA LYS C 41 -28.44 11.73 -7.10
C LYS C 41 -27.17 12.60 -7.06
N VAL C 42 -26.25 12.36 -8.00
CA VAL C 42 -25.00 13.19 -8.08
C VAL C 42 -24.97 13.79 -9.49
N PHE C 43 -24.72 15.10 -9.61
CA PHE C 43 -24.80 15.71 -10.96
C PHE C 43 -23.57 15.27 -11.76
N ARG C 44 -23.80 14.59 -12.87
CA ARG C 44 -22.68 14.16 -13.76
C ARG C 44 -22.99 14.68 -15.16
N SER C 45 -22.01 15.33 -15.79
CA SER C 45 -22.19 15.82 -17.18
C SER C 45 -20.89 15.58 -17.95
N SER C 46 -21.01 15.20 -19.23
CA SER C 46 -19.80 15.02 -20.08
C SER C 46 -18.84 13.98 -19.50
N VAL C 47 -19.34 12.79 -19.20
CA VAL C 47 -18.46 11.74 -18.63
C VAL C 47 -18.96 10.36 -19.08
N LEU C 48 -18.11 9.34 -19.03
CA LEU C 48 -18.59 7.97 -19.31
C LEU C 48 -18.36 7.27 -17.98
N HIS C 49 -19.33 7.31 -17.07
CA HIS C 49 -19.12 6.78 -15.70
C HIS C 49 -19.68 5.36 -15.60
N SER C 50 -18.86 4.40 -15.19
CA SER C 50 -19.31 2.98 -15.10
C SER C 50 -19.86 2.73 -13.71
N THR C 51 -20.78 1.77 -13.59
CA THR C 51 -21.37 1.43 -12.28
C THR C 51 -21.81 -0.03 -12.28
N GLN C 52 -21.97 -0.64 -11.12
CA GLN C 52 -22.49 -2.03 -11.04
C GLN C 52 -23.76 -1.97 -10.19
N ASP C 53 -24.87 -2.50 -10.70
CA ASP C 53 -26.16 -2.48 -9.96
C ASP C 53 -27.09 -3.48 -10.62
N LEU C 54 -28.27 -3.69 -10.06
CA LEU C 54 -29.20 -4.71 -10.62
C LEU C 54 -29.86 -4.09 -11.83
N PHE C 55 -29.34 -4.34 -13.03
CA PHE C 55 -29.96 -3.78 -14.26
C PHE C 55 -30.54 -4.92 -15.10
N LEU C 56 -31.62 -4.64 -15.85
CA LEU C 56 -32.17 -5.68 -16.78
C LEU C 56 -31.15 -5.86 -17.90
N PRO C 57 -30.81 -7.09 -18.30
CA PRO C 57 -29.90 -7.27 -19.41
C PRO C 57 -30.56 -6.71 -20.67
N PHE C 58 -29.78 -6.09 -21.55
CA PHE C 58 -30.33 -5.58 -22.82
C PHE C 58 -30.77 -6.75 -23.68
N PHE C 59 -31.80 -6.56 -24.50
CA PHE C 59 -32.27 -7.63 -25.43
C PHE C 59 -32.68 -8.88 -24.64
N SER C 60 -33.28 -8.70 -23.46
CA SER C 60 -33.77 -9.87 -22.68
C SER C 60 -35.10 -10.35 -23.23
N ASN C 61 -35.50 -11.59 -22.91
CA ASN C 61 -36.83 -12.09 -23.31
C ASN C 61 -37.87 -11.61 -22.31
N VAL C 62 -38.57 -10.52 -22.62
CA VAL C 62 -39.61 -9.96 -21.69
C VAL C 62 -40.98 -10.58 -22.01
N THR C 63 -41.93 -10.48 -21.07
CA THR C 63 -43.28 -11.07 -21.27
C THR C 63 -44.15 -10.17 -22.15
N TRP C 64 -45.18 -10.74 -22.79
CA TRP C 64 -46.09 -10.00 -23.69
C TRP C 64 -47.51 -10.09 -23.14
N PHE C 65 -47.66 -10.25 -21.82
CA PHE C 65 -49.01 -10.49 -21.23
C PHE C 65 -49.99 -9.37 -21.61
N HIS C 66 -51.23 -9.74 -21.97
CA HIS C 66 -52.27 -8.74 -22.35
C HIS C 66 -53.27 -8.57 -21.20
N ALA C 67 -54.45 -8.01 -21.50
CA ALA C 67 -55.48 -7.82 -20.46
C ALA C 67 -56.80 -8.46 -20.90
N ILE C 68 -57.29 -8.11 -22.09
CA ILE C 68 -58.53 -8.72 -22.61
C ILE C 68 -58.28 -9.30 -24.00
N HIS C 69 -58.64 -10.57 -24.22
CA HIS C 69 -58.50 -11.15 -25.58
C HIS C 69 -59.87 -11.13 -26.28
N LYS C 77 -61.91 -13.54 -24.28
CA LYS C 77 -62.39 -12.54 -23.29
C LYS C 77 -61.82 -12.89 -21.91
N ARG C 78 -60.60 -13.42 -21.86
CA ARG C 78 -59.98 -13.84 -20.58
C ARG C 78 -59.47 -12.62 -19.82
N PHE C 79 -59.40 -12.71 -18.49
CA PHE C 79 -58.79 -11.61 -17.69
C PHE C 79 -57.58 -12.26 -17.03
N ASP C 80 -56.44 -12.25 -17.72
CA ASP C 80 -55.26 -12.99 -17.20
C ASP C 80 -54.31 -12.03 -16.50
N ASN C 81 -54.20 -12.10 -15.18
CA ASN C 81 -53.22 -11.26 -14.45
C ASN C 81 -52.51 -12.19 -13.47
N PRO C 82 -51.70 -13.17 -13.93
CA PRO C 82 -51.13 -14.16 -13.03
C PRO C 82 -49.98 -13.60 -12.18
N VAL C 83 -49.67 -14.28 -11.09
CA VAL C 83 -48.53 -13.85 -10.22
C VAL C 83 -47.23 -14.28 -10.88
N LEU C 84 -46.18 -13.46 -10.76
CA LEU C 84 -44.86 -13.81 -11.32
C LEU C 84 -43.85 -13.68 -10.20
N PRO C 85 -42.77 -14.48 -10.18
CA PRO C 85 -41.75 -14.33 -9.15
C PRO C 85 -40.99 -12.99 -9.17
N PHE C 86 -40.57 -12.50 -8.00
CA PHE C 86 -39.75 -11.27 -7.93
C PHE C 86 -38.39 -11.76 -7.43
N ASN C 87 -37.51 -12.12 -8.36
CA ASN C 87 -36.23 -12.72 -7.92
C ASN C 87 -35.29 -11.65 -7.40
N ASP C 88 -34.99 -10.64 -8.22
CA ASP C 88 -34.09 -9.55 -7.79
C ASP C 88 -34.82 -8.24 -8.03
N GLY C 89 -35.31 -8.04 -9.25
CA GLY C 89 -36.07 -6.82 -9.56
C GLY C 89 -36.93 -6.99 -10.79
N VAL C 90 -37.94 -6.16 -10.94
CA VAL C 90 -38.86 -6.36 -12.10
C VAL C 90 -38.87 -5.09 -12.93
N TYR C 91 -38.64 -5.20 -14.24
CA TYR C 91 -38.76 -4.00 -15.11
C TYR C 91 -40.16 -4.07 -15.69
N PHE C 92 -41.08 -3.18 -15.28
CA PHE C 92 -42.48 -3.27 -15.75
C PHE C 92 -42.72 -2.22 -16.83
N ALA C 93 -43.72 -2.39 -17.69
CA ALA C 93 -44.05 -1.38 -18.72
C ALA C 93 -45.53 -1.48 -19.08
N SER C 94 -46.11 -0.44 -19.68
CA SER C 94 -47.54 -0.43 -20.02
C SER C 94 -47.80 0.46 -21.24
N THR C 95 -48.68 0.02 -22.14
CA THR C 95 -48.91 0.76 -23.41
C THR C 95 -50.42 0.92 -23.71
N GLU C 96 -51.13 1.77 -22.97
CA GLU C 96 -52.56 1.99 -23.33
C GLU C 96 -52.92 3.48 -23.22
N LYS C 97 -53.72 3.99 -24.17
CA LYS C 97 -54.17 5.41 -24.09
C LYS C 97 -55.04 5.58 -22.86
N SER C 98 -56.00 4.67 -22.65
CA SER C 98 -56.82 4.72 -21.41
C SER C 98 -55.98 4.12 -20.29
N ASN C 99 -56.09 4.62 -19.07
CA ASN C 99 -55.19 4.06 -18.05
C ASN C 99 -55.80 2.77 -17.48
N ILE C 100 -55.76 1.68 -18.25
CA ILE C 100 -56.31 0.39 -17.77
C ILE C 100 -55.50 -0.09 -16.56
N ILE C 101 -54.16 0.02 -16.63
CA ILE C 101 -53.31 -0.49 -15.52
C ILE C 101 -53.15 0.63 -14.50
N ARG C 102 -53.04 0.31 -13.23
CA ARG C 102 -53.01 1.37 -12.20
C ARG C 102 -51.88 1.14 -11.21
N GLY C 103 -51.87 0.00 -10.54
CA GLY C 103 -50.87 -0.26 -9.49
C GLY C 103 -50.42 -1.71 -9.43
N TRP C 104 -49.62 -2.06 -8.43
CA TRP C 104 -49.10 -3.45 -8.30
C TRP C 104 -49.18 -3.91 -6.85
N ILE C 105 -49.05 -5.21 -6.62
CA ILE C 105 -48.97 -5.71 -5.23
C ILE C 105 -47.68 -6.52 -5.12
N PHE C 106 -46.97 -6.42 -3.99
CA PHE C 106 -45.69 -7.14 -3.83
C PHE C 106 -45.75 -7.91 -2.52
N GLY C 107 -45.20 -9.12 -2.51
CA GLY C 107 -45.28 -9.93 -1.28
C GLY C 107 -44.56 -11.25 -1.46
N THR C 108 -44.65 -12.12 -0.47
CA THR C 108 -43.97 -13.42 -0.56
C THR C 108 -45.00 -14.56 -0.48
N THR C 109 -46.13 -14.35 0.18
CA THR C 109 -47.16 -15.41 0.33
C THR C 109 -48.51 -14.93 -0.17
N LEU C 110 -48.82 -13.64 0.02
CA LEU C 110 -50.09 -13.04 -0.49
C LEU C 110 -51.31 -13.76 0.07
N ASP C 111 -51.26 -14.23 1.32
CA ASP C 111 -52.46 -14.84 1.95
C ASP C 111 -52.60 -14.35 3.40
N SER C 112 -52.15 -13.13 3.69
CA SER C 112 -52.31 -12.54 5.05
C SER C 112 -51.53 -13.29 6.12
N LYS C 113 -50.44 -13.97 5.76
CA LYS C 113 -49.61 -14.60 6.80
C LYS C 113 -48.34 -13.76 6.96
N THR C 114 -47.99 -13.01 5.91
CA THR C 114 -46.78 -12.15 5.96
C THR C 114 -47.20 -10.72 5.65
N GLN C 115 -46.22 -9.82 5.50
CA GLN C 115 -46.52 -8.39 5.24
C GLN C 115 -46.40 -8.16 3.73
N SER C 116 -47.41 -7.54 3.12
CA SER C 116 -47.41 -7.35 1.64
C SER C 116 -47.45 -5.85 1.33
N LEU C 117 -46.96 -5.46 0.14
CA LEU C 117 -46.91 -4.02 -0.24
C LEU C 117 -48.04 -3.75 -1.22
N LEU C 118 -48.85 -2.72 -0.96
CA LEU C 118 -50.01 -2.43 -1.83
C LEU C 118 -49.73 -1.13 -2.57
N ILE C 119 -49.86 -1.14 -3.89
CA ILE C 119 -49.73 0.13 -4.65
C ILE C 119 -51.01 0.23 -5.47
N VAL C 120 -51.76 1.31 -5.31
CA VAL C 120 -53.06 1.43 -6.02
C VAL C 120 -53.21 2.89 -6.41
N ASN C 121 -53.76 3.16 -7.59
CA ASN C 121 -53.84 4.55 -8.05
C ASN C 121 -55.28 4.87 -8.43
N ASN C 122 -55.91 5.85 -7.77
CA ASN C 122 -57.26 6.27 -8.19
C ASN C 122 -57.12 7.68 -8.75
N ALA C 123 -58.19 8.26 -9.26
CA ALA C 123 -58.10 9.57 -9.93
C ALA C 123 -57.53 10.68 -9.02
N THR C 124 -57.81 10.66 -7.72
CA THR C 124 -57.38 11.80 -6.87
C THR C 124 -55.99 11.61 -6.24
N ASN C 125 -55.66 10.40 -5.81
CA ASN C 125 -54.41 10.23 -5.04
C ASN C 125 -53.77 8.87 -5.32
N VAL C 126 -52.58 8.62 -4.77
CA VAL C 126 -51.95 7.28 -4.90
C VAL C 126 -51.71 6.76 -3.49
N VAL C 127 -52.21 5.57 -3.15
CA VAL C 127 -52.11 5.12 -1.75
C VAL C 127 -51.15 3.94 -1.69
N ILE C 128 -50.11 4.04 -0.88
CA ILE C 128 -49.17 2.90 -0.71
C ILE C 128 -49.28 2.42 0.74
N LYS C 129 -49.69 1.17 0.94
CA LYS C 129 -49.91 0.68 2.31
C LYS C 129 -49.13 -0.62 2.53
N VAL C 130 -48.45 -0.75 3.65
CA VAL C 130 -47.76 -2.03 3.97
C VAL C 130 -48.52 -2.63 5.13
N CYS C 131 -49.22 -3.71 4.90
CA CYS C 131 -50.21 -4.29 5.83
C CYS C 131 -50.25 -5.76 5.58
N GLU C 132 -50.99 -6.49 6.42
CA GLU C 132 -51.16 -7.94 6.18
C GLU C 132 -52.42 -8.07 5.35
N PHE C 133 -52.27 -8.26 4.04
CA PHE C 133 -53.47 -8.24 3.16
C PHE C 133 -53.86 -9.64 2.72
N GLN C 134 -55.16 -9.95 2.75
CA GLN C 134 -55.63 -11.26 2.22
C GLN C 134 -56.06 -10.98 0.78
N PHE C 135 -55.13 -11.12 -0.15
CA PHE C 135 -55.46 -10.74 -1.55
C PHE C 135 -56.42 -11.75 -2.15
N CYS C 136 -57.30 -11.29 -3.05
CA CYS C 136 -58.26 -12.20 -3.72
C CYS C 136 -57.51 -12.97 -4.82
N ASN C 137 -58.12 -14.02 -5.35
CA ASN C 137 -57.50 -14.84 -6.42
C ASN C 137 -57.25 -13.98 -7.66
N ASP C 138 -58.22 -13.13 -8.04
CA ASP C 138 -58.07 -12.25 -9.20
C ASP C 138 -58.45 -10.83 -8.79
N PRO C 139 -57.53 -10.08 -8.21
CA PRO C 139 -57.85 -8.71 -7.81
C PRO C 139 -57.92 -7.74 -8.98
N PHE C 140 -58.72 -6.68 -8.82
CA PHE C 140 -58.86 -5.65 -9.87
C PHE C 140 -59.44 -4.39 -9.23
N LEU C 141 -59.62 -3.32 -10.01
CA LEU C 141 -60.25 -2.09 -9.47
C LEU C 141 -61.54 -1.86 -10.26
N GLY C 142 -62.65 -1.63 -9.57
CA GLY C 142 -63.95 -1.50 -10.28
C GLY C 142 -64.24 -0.06 -10.64
N VAL C 143 -64.47 0.21 -11.93
CA VAL C 143 -64.84 1.59 -12.38
C VAL C 143 -66.30 1.54 -12.81
N TYR C 144 -67.16 2.36 -12.20
CA TYR C 144 -68.61 2.31 -12.52
C TYR C 144 -69.02 3.64 -13.16
N TYR C 145 -69.69 3.58 -14.31
CA TYR C 145 -70.04 4.83 -15.04
C TYR C 145 -71.55 5.06 -15.00
N HIS C 146 -71.96 6.25 -14.60
CA HIS C 146 -73.41 6.59 -14.61
C HIS C 146 -73.89 6.54 -16.06
N LYS C 147 -75.09 6.03 -16.31
CA LYS C 147 -75.60 5.89 -17.69
C LYS C 147 -75.72 7.27 -18.36
N ASN C 148 -75.28 7.40 -19.62
CA ASN C 148 -75.46 8.66 -20.37
C ASN C 148 -74.53 9.75 -19.86
N ASN C 149 -73.69 9.47 -18.86
CA ASN C 149 -72.70 10.48 -18.43
C ASN C 149 -71.46 9.74 -17.94
N LYS C 150 -70.47 9.62 -18.81
CA LYS C 150 -69.21 8.92 -18.44
C LYS C 150 -68.49 9.76 -17.39
N SER C 151 -68.86 11.04 -17.26
CA SER C 151 -68.15 11.93 -16.33
C SER C 151 -68.26 11.40 -14.89
N TRP C 152 -69.44 10.90 -14.52
CA TRP C 152 -69.66 10.37 -13.14
C TRP C 152 -68.97 9.03 -13.00
N MET C 153 -67.80 9.00 -12.34
CA MET C 153 -67.08 7.71 -12.11
C MET C 153 -67.01 7.44 -10.61
N GLU C 154 -67.45 6.25 -10.17
CA GLU C 154 -67.34 5.86 -8.74
C GLU C 154 -66.45 4.61 -8.69
N SER C 155 -65.48 4.57 -7.79
CA SER C 155 -64.51 3.43 -7.79
C SER C 155 -64.66 2.55 -6.54
N GLU C 156 -64.69 1.23 -6.72
CA GLU C 156 -64.76 0.31 -5.56
C GLU C 156 -63.51 -0.58 -5.59
N PHE C 157 -62.79 -0.68 -4.48
CA PHE C 157 -61.52 -1.45 -4.46
C PHE C 157 -61.86 -2.93 -4.30
N ARG C 158 -61.48 -3.74 -5.30
CA ARG C 158 -61.75 -5.20 -5.24
C ARG C 158 -60.41 -5.93 -5.23
N VAL C 159 -59.42 -5.37 -4.53
CA VAL C 159 -58.08 -6.01 -4.42
C VAL C 159 -57.92 -6.82 -3.13
N TYR C 160 -58.18 -6.21 -1.97
CA TYR C 160 -57.89 -6.90 -0.72
C TYR C 160 -59.19 -7.25 0.00
N SER C 161 -59.25 -8.48 0.51
CA SER C 161 -60.41 -8.88 1.31
C SER C 161 -60.41 -8.19 2.66
N SER C 162 -59.24 -8.09 3.29
CA SER C 162 -59.13 -7.45 4.59
C SER C 162 -57.71 -6.93 4.75
N ALA C 163 -57.56 -5.99 5.69
CA ALA C 163 -56.26 -5.41 6.01
C ALA C 163 -56.06 -5.41 7.51
N ASN C 164 -54.82 -5.63 7.93
CA ASN C 164 -54.50 -5.72 9.35
C ASN C 164 -53.04 -5.35 9.56
N ASN C 165 -52.80 -4.60 10.66
CA ASN C 165 -51.47 -4.21 11.13
C ASN C 165 -50.69 -3.45 10.07
N CYS C 166 -51.18 -2.26 9.71
CA CYS C 166 -50.53 -1.41 8.73
C CYS C 166 -49.39 -0.66 9.38
N THR C 167 -48.19 -0.79 8.82
CA THR C 167 -47.00 -0.13 9.36
C THR C 167 -46.72 1.19 8.65
N PHE C 168 -46.64 1.16 7.32
CA PHE C 168 -46.31 2.33 6.53
C PHE C 168 -47.49 2.68 5.62
N GLU C 169 -47.92 3.93 5.67
CA GLU C 169 -48.97 4.45 4.80
C GLU C 169 -48.45 5.71 4.13
N TYR C 170 -48.73 5.85 2.84
CA TYR C 170 -48.24 6.97 2.05
C TYR C 170 -49.31 7.40 1.06
N VAL C 171 -49.68 8.69 1.11
CA VAL C 171 -50.63 9.29 0.18
C VAL C 171 -49.99 10.52 -0.44
N SER C 172 -50.14 10.68 -1.75
CA SER C 172 -49.52 11.79 -2.46
C SER C 172 -50.28 12.02 -3.77
N GLN C 173 -49.69 12.86 -4.63
CA GLN C 173 -50.32 13.21 -5.93
C GLN C 173 -50.27 12.00 -6.87
N PRO C 174 -51.23 11.85 -7.80
CA PRO C 174 -51.26 10.69 -8.70
C PRO C 174 -50.07 10.64 -9.65
N PHE C 175 -49.58 9.44 -9.98
CA PHE C 175 -48.50 9.32 -10.99
C PHE C 175 -49.09 9.83 -12.31
N LEU C 176 -48.26 10.37 -13.21
CA LEU C 176 -48.87 10.97 -14.43
C LEU C 176 -49.73 9.88 -15.09
N MET C 177 -50.99 10.20 -15.36
CA MET C 177 -51.92 9.23 -15.98
C MET C 177 -52.77 9.97 -17.03
N ASP C 178 -53.10 9.30 -18.13
CA ASP C 178 -53.95 9.92 -19.18
C ASP C 178 -55.37 10.11 -18.63
N LEU C 179 -56.02 11.22 -18.98
CA LEU C 179 -57.41 11.48 -18.53
C LEU C 179 -58.37 11.22 -19.69
N GLY C 184 -55.23 13.75 -32.50
CA GLY C 184 -53.98 13.79 -31.73
C GLY C 184 -53.84 12.54 -30.87
N ASN C 185 -54.41 11.43 -31.32
CA ASN C 185 -54.39 10.20 -30.50
C ASN C 185 -52.94 9.80 -30.27
N PHE C 186 -52.59 9.44 -29.03
CA PHE C 186 -51.22 8.98 -28.74
C PHE C 186 -51.27 7.86 -27.71
N LYS C 187 -50.27 6.98 -27.72
CA LYS C 187 -50.20 5.93 -26.67
C LYS C 187 -49.04 6.29 -25.74
N ASN C 188 -49.27 6.29 -24.42
CA ASN C 188 -48.22 6.75 -23.48
C ASN C 188 -47.56 5.55 -22.79
N LEU C 189 -46.30 5.24 -23.12
CA LEU C 189 -45.57 4.12 -22.48
C LEU C 189 -45.17 4.54 -21.06
N ARG C 190 -45.45 3.71 -20.06
CA ARG C 190 -45.00 4.01 -18.67
C ARG C 190 -44.12 2.85 -18.21
N GLU C 191 -42.88 3.13 -17.78
CA GLU C 191 -41.94 2.05 -17.41
C GLU C 191 -41.63 2.17 -15.92
N PHE C 192 -41.66 1.06 -15.17
CA PHE C 192 -41.46 1.14 -13.71
C PHE C 192 -40.51 0.05 -13.21
N VAL C 193 -39.26 0.38 -12.90
CA VAL C 193 -38.30 -0.56 -12.34
C VAL C 193 -38.48 -0.59 -10.83
N PHE C 194 -38.69 -1.79 -10.28
CA PHE C 194 -38.84 -1.98 -8.85
C PHE C 194 -37.63 -2.75 -8.32
N LYS C 195 -37.04 -2.24 -7.24
CA LYS C 195 -35.87 -2.86 -6.64
C LYS C 195 -36.01 -2.85 -5.12
N ASN C 196 -35.54 -3.91 -4.48
CA ASN C 196 -35.60 -4.06 -3.03
C ASN C 196 -34.19 -4.32 -2.51
N ILE C 197 -33.51 -3.27 -2.09
CA ILE C 197 -32.14 -3.35 -1.57
C ILE C 197 -32.10 -2.72 -0.19
N ASP C 198 -31.61 -3.47 0.80
CA ASP C 198 -31.41 -3.01 2.17
C ASP C 198 -32.70 -2.49 2.80
N GLY C 199 -33.81 -3.15 2.50
CA GLY C 199 -35.10 -2.72 3.04
C GLY C 199 -35.65 -1.46 2.42
N TYR C 200 -35.14 -1.05 1.28
CA TYR C 200 -35.59 0.15 0.59
C TYR C 200 -36.23 -0.25 -0.74
N PHE C 201 -37.43 0.26 -1.01
CA PHE C 201 -38.13 -0.01 -2.25
C PHE C 201 -37.92 1.18 -3.18
N LYS C 202 -37.05 1.02 -4.17
CA LYS C 202 -36.70 2.08 -5.09
C LYS C 202 -37.51 1.92 -6.39
N ILE C 203 -38.16 3.00 -6.81
CA ILE C 203 -38.99 3.00 -8.00
C ILE C 203 -38.45 4.06 -8.95
N TYR C 204 -38.19 3.66 -10.20
CA TYR C 204 -37.69 4.56 -11.22
C TYR C 204 -38.64 4.49 -12.42
N SER C 205 -38.93 5.65 -13.02
CA SER C 205 -39.96 5.69 -14.03
C SER C 205 -39.79 6.89 -14.95
N LYS C 206 -40.38 6.77 -16.14
CA LYS C 206 -40.37 7.87 -17.15
C LYS C 206 -41.41 7.53 -18.21
N HIS C 207 -42.27 8.47 -18.58
CA HIS C 207 -43.35 8.25 -19.54
C HIS C 207 -43.01 8.97 -20.84
N THR C 208 -43.11 8.23 -21.96
CA THR C 208 -42.78 8.73 -23.28
C THR C 208 -43.92 8.41 -24.24
N PRO C 209 -44.10 9.23 -25.28
CA PRO C 209 -45.12 8.92 -26.29
C PRO C 209 -44.74 7.71 -27.14
N ILE C 210 -45.78 7.07 -27.69
CA ILE C 210 -45.58 5.91 -28.61
C ILE C 210 -46.25 6.29 -29.92
N ASN C 211 -45.54 6.14 -31.03
CA ASN C 211 -46.05 6.53 -32.34
C ASN C 211 -45.56 5.53 -33.39
N LEU C 212 -46.52 4.82 -34.02
CA LEU C 212 -46.25 3.84 -35.08
C LEU C 212 -45.28 2.73 -34.64
N VAL C 213 -45.64 2.03 -33.56
CA VAL C 213 -44.96 0.80 -33.17
C VAL C 213 -45.94 -0.03 -32.36
N ARG C 214 -45.84 -1.37 -32.46
CA ARG C 214 -46.81 -2.26 -31.78
C ARG C 214 -46.15 -2.88 -30.54
N ASP C 215 -44.82 -2.94 -30.50
CA ASP C 215 -44.14 -3.60 -29.40
C ASP C 215 -43.27 -2.57 -28.70
N LEU C 216 -42.37 -3.03 -27.84
CA LEU C 216 -41.49 -2.14 -27.09
C LEU C 216 -40.61 -1.35 -28.05
N PRO C 217 -40.62 -0.02 -27.99
CA PRO C 217 -39.93 0.78 -29.01
C PRO C 217 -38.42 0.79 -28.82
N GLN C 218 -37.74 1.17 -29.90
CA GLN C 218 -36.29 1.31 -29.88
C GLN C 218 -35.90 2.63 -29.24
N GLY C 219 -34.60 2.96 -29.31
CA GLY C 219 -34.10 4.16 -28.69
C GLY C 219 -33.76 3.95 -27.24
N PHE C 220 -33.41 5.05 -26.58
CA PHE C 220 -32.99 5.02 -25.19
C PHE C 220 -33.84 5.97 -24.35
N SER C 221 -34.33 5.47 -23.22
CA SER C 221 -35.04 6.27 -22.24
C SER C 221 -34.50 5.97 -20.85
N ALA C 222 -34.16 7.03 -20.11
CA ALA C 222 -33.55 6.91 -18.80
C ALA C 222 -34.60 7.18 -17.73
N LEU C 223 -34.67 6.31 -16.72
CA LEU C 223 -35.66 6.45 -15.67
C LEU C 223 -35.10 7.19 -14.48
N GLU C 224 -35.89 8.17 -14.03
CA GLU C 224 -35.44 9.03 -12.91
C GLU C 224 -36.12 8.61 -11.59
N PRO C 225 -35.44 8.67 -10.43
CA PRO C 225 -36.02 8.27 -9.14
C PRO C 225 -37.25 9.09 -8.79
N LEU C 226 -38.23 8.40 -8.20
CA LEU C 226 -39.48 9.07 -7.84
C LEU C 226 -39.79 8.97 -6.35
N VAL C 227 -39.72 7.77 -5.77
CA VAL C 227 -39.83 7.59 -4.32
C VAL C 227 -38.75 6.62 -3.85
N ASP C 228 -38.53 6.58 -2.53
CA ASP C 228 -37.63 5.64 -1.87
C ASP C 228 -38.33 5.20 -0.59
N LEU C 229 -39.10 4.11 -0.68
CA LEU C 229 -39.93 3.65 0.43
C LEU C 229 -39.15 2.66 1.30
N PRO C 230 -39.08 2.89 2.61
CA PRO C 230 -38.43 1.93 3.52
C PRO C 230 -39.41 0.88 4.04
N ILE C 231 -39.86 0.01 3.13
CA ILE C 231 -40.86 -0.99 3.47
C ILE C 231 -40.29 -2.08 4.37
N GLY C 232 -39.05 -2.52 4.10
CA GLY C 232 -38.38 -3.50 4.94
C GLY C 232 -39.06 -4.85 5.06
N ILE C 233 -39.61 -5.36 3.95
CA ILE C 233 -40.32 -6.62 3.97
C ILE C 233 -39.76 -7.54 2.88
N ASN C 234 -40.06 -8.83 3.03
CA ASN C 234 -39.62 -9.84 2.06
C ASN C 234 -40.56 -9.87 0.87
N ILE C 235 -40.00 -9.78 -0.33
CA ILE C 235 -40.77 -9.78 -1.57
C ILE C 235 -40.30 -10.95 -2.42
N THR C 236 -41.25 -11.79 -2.85
CA THR C 236 -40.91 -12.97 -3.63
C THR C 236 -41.76 -13.03 -4.90
N ARG C 237 -43.00 -12.53 -4.82
CA ARG C 237 -43.92 -12.57 -5.94
C ARG C 237 -44.63 -11.23 -6.08
N PHE C 238 -45.11 -10.95 -7.29
CA PHE C 238 -45.85 -9.73 -7.56
C PHE C 238 -46.95 -10.02 -8.57
N GLN C 239 -47.95 -9.13 -8.60
CA GLN C 239 -49.10 -9.30 -9.47
C GLN C 239 -49.56 -7.92 -9.94
N THR C 240 -50.03 -7.86 -11.19
CA THR C 240 -50.47 -6.60 -11.79
C THR C 240 -51.95 -6.35 -11.51
N LEU C 241 -52.28 -5.10 -11.20
CA LEU C 241 -53.65 -4.68 -10.95
C LEU C 241 -54.21 -4.01 -12.20
N LEU C 242 -55.46 -4.33 -12.53
CA LEU C 242 -56.15 -3.78 -13.69
C LEU C 242 -57.41 -3.07 -13.25
N ALA C 243 -57.71 -1.94 -13.88
CA ALA C 243 -58.97 -1.24 -13.68
C ALA C 243 -59.90 -1.56 -14.83
N LEU C 244 -61.02 -2.20 -14.53
CA LEU C 244 -61.95 -2.69 -15.53
C LEU C 244 -63.24 -1.89 -15.47
N HIS C 245 -63.65 -1.34 -16.61
CA HIS C 245 -64.93 -0.68 -16.71
C HIS C 245 -66.07 -1.70 -16.58
N ARG C 246 -67.08 -1.28 -15.81
CA ARG C 246 -68.20 -2.20 -15.50
C ARG C 246 -69.33 -2.11 -16.53
N SER C 247 -69.73 -3.25 -17.08
CA SER C 247 -70.87 -3.34 -17.99
C SER C 247 -72.04 -3.94 -17.22
N TYR C 248 -73.18 -3.27 -17.27
CA TYR C 248 -74.36 -3.68 -16.50
C TYR C 248 -75.30 -4.59 -17.26
N LEU C 249 -74.99 -4.93 -18.52
CA LEU C 249 -75.87 -5.82 -19.27
C LEU C 249 -75.83 -7.24 -18.71
N THR C 250 -74.66 -7.71 -18.31
CA THR C 250 -74.46 -8.99 -17.67
C THR C 250 -74.14 -8.79 -16.19
N PRO C 251 -74.42 -9.76 -15.26
CA PRO C 251 -74.21 -9.52 -13.82
C PRO C 251 -72.75 -9.34 -13.39
N GLY C 252 -72.52 -8.63 -12.28
CA GLY C 252 -71.15 -8.36 -11.80
C GLY C 252 -70.36 -9.58 -11.39
N ASP C 253 -71.01 -10.55 -10.75
CA ASP C 253 -70.27 -11.73 -10.21
C ASP C 253 -69.59 -12.49 -11.35
N SER C 254 -70.26 -12.62 -12.50
CA SER C 254 -69.70 -13.36 -13.66
C SER C 254 -68.50 -12.60 -14.23
N SER C 255 -67.56 -13.32 -14.83
CA SER C 255 -66.40 -12.66 -15.49
C SER C 255 -66.92 -11.60 -16.48
N SER C 256 -67.98 -11.92 -17.22
CA SER C 256 -68.55 -10.95 -18.15
C SER C 256 -69.06 -9.73 -17.42
N GLY C 257 -69.03 -8.59 -18.11
CA GLY C 257 -69.43 -7.32 -17.53
C GLY C 257 -68.30 -6.46 -17.02
N TRP C 258 -67.05 -6.91 -17.15
CA TRP C 258 -65.89 -6.15 -16.72
C TRP C 258 -65.00 -5.80 -17.91
N THR C 259 -65.62 -5.38 -19.02
CA THR C 259 -64.88 -5.16 -20.25
C THR C 259 -64.03 -3.91 -20.16
N ALA C 260 -62.83 -3.97 -20.76
CA ALA C 260 -61.93 -2.84 -20.85
C ALA C 260 -61.15 -2.92 -22.16
N GLY C 261 -60.33 -1.92 -22.39
CA GLY C 261 -59.55 -1.87 -23.62
C GLY C 261 -58.42 -2.88 -23.63
N ALA C 262 -57.84 -3.06 -24.81
CA ALA C 262 -56.75 -4.02 -24.98
C ALA C 262 -55.43 -3.37 -24.58
N ALA C 263 -54.86 -3.82 -23.47
CA ALA C 263 -53.60 -3.30 -22.97
C ALA C 263 -52.66 -4.45 -22.69
N ALA C 264 -51.41 -4.32 -23.16
CA ALA C 264 -50.38 -5.33 -22.96
C ALA C 264 -49.28 -4.73 -22.10
N TYR C 265 -48.85 -5.47 -21.08
CA TYR C 265 -47.83 -5.00 -20.15
C TYR C 265 -46.61 -5.91 -20.22
N TYR C 266 -45.43 -5.33 -20.05
CA TYR C 266 -44.16 -6.04 -20.14
C TYR C 266 -43.61 -6.29 -18.74
N VAL C 267 -42.99 -7.45 -18.55
CA VAL C 267 -42.32 -7.78 -17.29
C VAL C 267 -40.93 -8.33 -17.62
N GLY C 268 -39.89 -7.70 -17.06
CA GLY C 268 -38.55 -8.20 -17.18
C GLY C 268 -37.97 -8.52 -15.81
N TYR C 269 -36.82 -9.18 -15.81
CA TYR C 269 -36.14 -9.59 -14.60
C TYR C 269 -34.74 -9.00 -14.57
N LEU C 270 -34.36 -8.46 -13.41
CA LEU C 270 -33.06 -7.83 -13.25
C LEU C 270 -32.03 -8.83 -12.74
N GLN C 271 -30.86 -8.81 -13.39
CA GLN C 271 -29.75 -9.71 -13.01
C GLN C 271 -28.54 -8.81 -12.79
N PRO C 272 -27.67 -9.05 -11.79
CA PRO C 272 -26.59 -8.12 -11.53
C PRO C 272 -25.68 -8.00 -12.74
N ARG C 273 -25.36 -6.78 -13.17
CA ARG C 273 -24.51 -6.56 -14.37
C ARG C 273 -23.76 -5.23 -14.22
N THR C 274 -22.70 -5.02 -15.00
CA THR C 274 -21.90 -3.78 -14.90
C THR C 274 -22.10 -2.96 -16.17
N PHE C 275 -22.73 -1.79 -16.05
CA PHE C 275 -23.06 -1.01 -17.27
C PHE C 275 -22.38 0.35 -17.25
N LEU C 276 -21.62 0.69 -18.29
CA LEU C 276 -21.07 2.07 -18.38
C LEU C 276 -22.24 2.97 -18.78
N LEU C 277 -22.28 4.19 -18.27
CA LEU C 277 -23.40 5.11 -18.57
C LEU C 277 -22.83 6.41 -19.17
N LYS C 278 -23.44 6.93 -20.24
CA LYS C 278 -22.91 8.14 -20.90
C LYS C 278 -23.81 9.32 -20.61
N TYR C 279 -23.29 10.36 -19.98
CA TYR C 279 -24.08 11.58 -19.70
C TYR C 279 -23.89 12.55 -20.87
N ASN C 280 -24.58 13.70 -20.82
CA ASN C 280 -24.51 14.67 -21.95
C ASN C 280 -24.28 16.07 -21.38
N GLU C 281 -23.90 17.01 -22.24
CA GLU C 281 -23.66 18.41 -21.81
C GLU C 281 -24.72 18.84 -20.79
N ASN C 282 -25.99 18.52 -20.99
CA ASN C 282 -27.00 19.00 -20.06
C ASN C 282 -27.13 18.16 -18.81
N GLY C 283 -26.57 16.95 -18.80
CA GLY C 283 -26.61 16.08 -17.65
C GLY C 283 -27.65 14.98 -17.68
N THR C 284 -28.06 14.50 -18.85
CA THR C 284 -29.05 13.44 -18.99
C THR C 284 -28.40 12.23 -19.65
N ILE C 285 -28.86 11.04 -19.28
CA ILE C 285 -28.31 9.81 -19.85
C ILE C 285 -28.81 9.64 -21.27
N THR C 286 -27.87 9.41 -22.20
CA THR C 286 -28.21 9.24 -23.61
C THR C 286 -27.90 7.85 -24.14
N ASP C 287 -26.74 7.30 -23.82
CA ASP C 287 -26.33 5.98 -24.32
C ASP C 287 -25.75 5.16 -23.18
N ALA C 288 -25.81 3.84 -23.34
CA ALA C 288 -25.23 2.93 -22.37
C ALA C 288 -24.55 1.78 -23.10
N VAL C 289 -23.59 1.12 -22.44
CA VAL C 289 -22.96 -0.08 -23.05
C VAL C 289 -23.00 -1.22 -22.02
N ASP C 290 -23.39 -2.42 -22.44
CA ASP C 290 -23.39 -3.60 -21.53
C ASP C 290 -22.33 -4.59 -22.02
N CYS C 291 -21.31 -4.86 -21.20
CA CYS C 291 -20.17 -5.74 -21.63
C CYS C 291 -20.62 -7.17 -21.92
N ALA C 292 -21.50 -7.73 -21.11
CA ALA C 292 -21.87 -9.17 -21.26
C ALA C 292 -22.51 -9.47 -22.61
N LEU C 293 -23.33 -8.57 -23.14
CA LEU C 293 -24.10 -8.89 -24.37
C LEU C 293 -23.21 -9.17 -25.59
N ASP C 294 -22.18 -8.37 -25.84
CA ASP C 294 -21.45 -8.55 -27.13
C ASP C 294 -19.93 -8.59 -26.92
N PRO C 295 -19.17 -9.31 -27.77
CA PRO C 295 -17.72 -9.28 -27.69
C PRO C 295 -17.21 -7.85 -27.92
N LEU C 296 -17.79 -7.14 -28.89
CA LEU C 296 -17.41 -5.72 -29.09
C LEU C 296 -17.76 -4.95 -27.82
N SER C 297 -18.90 -5.26 -27.23
CA SER C 297 -19.34 -4.51 -26.03
C SER C 297 -18.33 -4.72 -24.90
N GLU C 298 -17.82 -5.93 -24.75
CA GLU C 298 -16.82 -6.22 -23.68
C GLU C 298 -15.57 -5.39 -23.94
N THR C 299 -15.17 -5.25 -25.20
CA THR C 299 -13.96 -4.45 -25.53
C THR C 299 -14.18 -3.01 -25.09
N LYS C 300 -15.38 -2.48 -25.32
CA LYS C 300 -15.65 -1.06 -24.99
C LYS C 300 -15.49 -0.87 -23.48
N CYS C 301 -15.99 -1.83 -22.70
CA CYS C 301 -15.85 -1.75 -21.22
C CYS C 301 -14.37 -1.79 -20.85
N THR C 302 -13.60 -2.67 -21.49
CA THR C 302 -12.16 -2.82 -21.13
C THR C 302 -11.42 -1.51 -21.44
N LEU C 303 -11.73 -0.89 -22.57
CA LEU C 303 -11.00 0.35 -22.98
C LEU C 303 -11.70 1.58 -22.39
N LYS C 304 -12.81 1.38 -21.68
CA LYS C 304 -13.56 2.50 -21.06
C LYS C 304 -13.81 3.61 -22.09
N SER C 305 -14.25 3.23 -23.30
CA SER C 305 -14.56 4.23 -24.36
C SER C 305 -15.61 3.67 -25.31
N PHE C 306 -16.38 4.54 -25.98
CA PHE C 306 -17.36 4.06 -26.98
C PHE C 306 -16.65 3.89 -28.32
N THR C 307 -15.64 4.74 -28.58
CA THR C 307 -14.87 4.61 -29.81
C THR C 307 -13.71 3.65 -29.60
N VAL C 308 -13.67 2.60 -30.42
CA VAL C 308 -12.63 1.59 -30.36
C VAL C 308 -11.89 1.59 -31.69
N GLU C 309 -10.58 1.81 -31.63
CA GLU C 309 -9.76 1.85 -32.83
C GLU C 309 -9.58 0.44 -33.38
N LYS C 310 -9.32 0.35 -34.69
CA LYS C 310 -9.08 -0.93 -35.34
C LYS C 310 -7.82 -1.59 -34.79
N GLY C 311 -7.94 -2.85 -34.41
CA GLY C 311 -6.82 -3.58 -33.88
C GLY C 311 -7.29 -4.76 -33.05
N ILE C 312 -6.35 -5.33 -32.30
CA ILE C 312 -6.59 -6.47 -31.42
C ILE C 312 -6.41 -6.00 -29.98
N TYR C 313 -7.33 -6.39 -29.11
CA TYR C 313 -7.32 -5.98 -27.70
C TYR C 313 -7.68 -7.16 -26.82
N GLN C 314 -7.06 -7.19 -25.64
CA GLN C 314 -7.37 -8.25 -24.66
C GLN C 314 -8.57 -7.78 -23.83
N THR C 315 -9.50 -8.68 -23.55
CA THR C 315 -10.71 -8.37 -22.80
C THR C 315 -10.70 -9.13 -21.49
N SER C 316 -11.01 -8.43 -20.40
CA SER C 316 -11.11 -9.06 -19.09
C SER C 316 -12.46 -9.76 -18.94
N ASN C 317 -12.62 -10.46 -17.82
CA ASN C 317 -13.77 -11.33 -17.60
C ASN C 317 -14.97 -10.51 -17.16
N PHE C 318 -15.92 -10.31 -18.08
CA PHE C 318 -17.24 -9.82 -17.72
C PHE C 318 -18.34 -10.76 -18.19
N ARG C 319 -17.99 -11.87 -18.85
CA ARG C 319 -19.04 -12.69 -19.53
C ARG C 319 -19.69 -13.76 -18.65
N VAL C 320 -19.00 -14.28 -17.65
CA VAL C 320 -19.49 -15.41 -16.89
C VAL C 320 -20.00 -14.93 -15.54
N GLN C 321 -21.25 -15.28 -15.22
CA GLN C 321 -21.86 -15.00 -13.94
C GLN C 321 -22.30 -16.30 -13.28
N PRO C 322 -21.92 -16.55 -12.03
CA PRO C 322 -22.34 -17.80 -11.37
C PRO C 322 -23.84 -17.82 -11.12
N THR C 323 -24.44 -18.99 -11.33
CA THR C 323 -25.87 -19.17 -11.18
C THR C 323 -26.24 -20.30 -10.22
N GLU C 324 -25.30 -21.14 -9.82
CA GLU C 324 -25.58 -22.30 -8.99
C GLU C 324 -24.67 -22.30 -7.78
N SER C 325 -25.20 -22.81 -6.66
CA SER C 325 -24.45 -22.91 -5.41
C SER C 325 -24.35 -24.39 -5.02
N ILE C 326 -23.14 -24.82 -4.68
CA ILE C 326 -22.87 -26.21 -4.31
C ILE C 326 -22.26 -26.23 -2.91
N VAL C 327 -22.83 -27.04 -2.04
CA VAL C 327 -22.33 -27.21 -0.67
C VAL C 327 -22.08 -28.70 -0.45
N ARG C 328 -20.88 -29.06 -0.02
CA ARG C 328 -20.51 -30.44 0.25
C ARG C 328 -19.81 -30.54 1.59
N PHE C 329 -20.44 -31.23 2.53
CA PHE C 329 -19.92 -31.41 3.88
C PHE C 329 -19.94 -32.90 4.21
N PRO C 330 -19.08 -33.37 5.11
CA PRO C 330 -19.04 -34.81 5.41
C PRO C 330 -20.28 -35.26 6.16
N ASN C 331 -20.49 -36.57 6.15
CA ASN C 331 -21.58 -37.21 6.89
C ASN C 331 -21.24 -37.19 8.39
N ILE C 332 -21.74 -36.18 9.10
CA ILE C 332 -21.67 -36.15 10.55
C ILE C 332 -23.06 -35.90 11.12
N THR C 333 -23.62 -36.93 11.77
CA THR C 333 -24.99 -36.81 12.28
C THR C 333 -25.03 -36.70 13.80
N ASN C 334 -23.92 -36.92 14.49
CA ASN C 334 -23.90 -36.86 15.93
C ASN C 334 -24.03 -35.42 16.41
N LEU C 335 -24.72 -35.24 17.53
CA LEU C 335 -24.86 -33.92 18.13
C LEU C 335 -23.66 -33.61 19.03
N CYS C 336 -23.31 -32.33 19.11
CA CYS C 336 -22.12 -31.93 19.82
C CYS C 336 -22.33 -31.92 21.33
N PRO C 337 -21.25 -32.08 22.11
CA PRO C 337 -21.36 -31.91 23.57
C PRO C 337 -21.29 -30.46 24.01
N PHE C 338 -21.58 -29.53 23.10
CA PHE C 338 -21.69 -28.11 23.45
C PHE C 338 -22.66 -27.89 24.59
N GLY C 339 -23.78 -28.62 24.59
CA GLY C 339 -24.71 -28.55 25.71
C GLY C 339 -24.10 -29.07 27.00
N GLU C 340 -23.22 -30.08 26.90
CA GLU C 340 -22.55 -30.59 28.09
C GLU C 340 -21.50 -29.60 28.60
N VAL C 341 -20.73 -29.01 27.69
CA VAL C 341 -19.65 -28.12 28.10
C VAL C 341 -20.20 -26.81 28.65
N PHE C 342 -21.14 -26.19 27.94
CA PHE C 342 -21.61 -24.87 28.32
C PHE C 342 -22.53 -24.91 29.54
N ASN C 343 -23.17 -26.04 29.79
CA ASN C 343 -24.11 -26.17 30.90
C ASN C 343 -23.62 -27.17 31.95
N ALA C 344 -22.30 -27.27 32.12
CA ALA C 344 -21.74 -28.19 33.10
C ALA C 344 -22.03 -27.73 34.51
N THR C 345 -22.21 -28.69 35.42
CA THR C 345 -22.51 -28.37 36.81
C THR C 345 -21.31 -27.72 37.50
N ARG C 346 -20.12 -28.26 37.27
CA ARG C 346 -18.91 -27.75 37.88
C ARG C 346 -17.90 -27.35 36.80
N PHE C 347 -17.33 -26.16 36.97
CA PHE C 347 -16.32 -25.64 36.07
C PHE C 347 -14.97 -25.65 36.78
N ALA C 348 -13.91 -25.89 36.01
CA ALA C 348 -12.58 -25.96 36.57
C ALA C 348 -12.06 -24.56 36.90
N SER C 349 -11.06 -24.50 37.78
CA SER C 349 -10.44 -23.25 38.17
C SER C 349 -9.57 -22.71 37.03
N VAL C 350 -9.17 -21.45 37.18
CA VAL C 350 -8.47 -20.79 36.08
C VAL C 350 -7.02 -21.25 35.97
N TYR C 351 -6.40 -21.65 37.09
CA TYR C 351 -5.01 -22.12 37.03
C TYR C 351 -4.94 -23.50 36.38
N ALA C 352 -5.87 -24.38 36.71
CA ALA C 352 -6.06 -25.63 36.00
C ALA C 352 -7.25 -25.53 35.04
N TRP C 353 -7.07 -24.72 34.00
CA TRP C 353 -8.15 -24.48 33.04
C TRP C 353 -8.40 -25.75 32.22
N ASN C 354 -9.67 -26.09 32.05
CA ASN C 354 -10.06 -27.40 31.55
C ASN C 354 -10.08 -27.37 30.03
N ARG C 355 -9.25 -28.20 29.42
CA ARG C 355 -9.27 -28.37 27.96
C ARG C 355 -10.04 -29.63 27.60
N LYS C 356 -11.03 -29.48 26.72
CA LYS C 356 -11.86 -30.59 26.28
C LYS C 356 -11.83 -30.66 24.76
N ARG C 357 -11.46 -31.83 24.24
CA ARG C 357 -11.38 -32.05 22.80
C ARG C 357 -12.77 -32.44 22.29
N ILE C 358 -13.24 -31.78 21.24
CA ILE C 358 -14.55 -32.07 20.65
C ILE C 358 -14.34 -32.50 19.21
N SER C 359 -14.99 -33.59 18.82
CA SER C 359 -14.85 -34.12 17.46
C SER C 359 -16.09 -34.93 17.09
N ASN C 360 -16.23 -35.16 15.78
CA ASN C 360 -17.23 -36.07 15.20
C ASN C 360 -18.67 -35.63 15.53
N CYS C 361 -18.94 -34.34 15.32
CA CYS C 361 -20.26 -33.78 15.57
C CYS C 361 -20.42 -32.49 14.78
N VAL C 362 -21.68 -32.10 14.57
CA VAL C 362 -22.01 -30.92 13.76
C VAL C 362 -22.29 -29.74 14.67
N ALA C 363 -21.62 -28.61 14.40
CA ALA C 363 -21.70 -27.45 15.32
C ALA C 363 -22.69 -26.39 14.88
N ASP C 364 -23.84 -26.31 15.57
CA ASP C 364 -24.79 -25.20 15.28
C ASP C 364 -24.81 -24.36 16.55
N TYR C 365 -24.41 -23.09 16.46
CA TYR C 365 -24.32 -22.27 17.70
C TYR C 365 -25.68 -21.64 17.96
N SER C 366 -26.61 -21.89 17.05
CA SER C 366 -27.99 -21.35 17.22
C SER C 366 -28.55 -21.88 18.53
N VAL C 367 -28.31 -23.17 18.80
CA VAL C 367 -28.87 -23.80 20.02
C VAL C 367 -28.27 -23.08 21.23
N LEU C 368 -26.98 -22.75 21.16
CA LEU C 368 -26.30 -22.11 22.32
C LEU C 368 -26.98 -20.77 22.60
N TYR C 369 -27.28 -20.00 21.56
CA TYR C 369 -27.84 -18.64 21.77
C TYR C 369 -29.18 -18.73 22.49
N ASN C 370 -30.03 -19.66 22.05
CA ASN C 370 -31.37 -19.80 22.68
C ASN C 370 -31.20 -20.26 24.13
N SER C 371 -30.30 -21.21 24.38
CA SER C 371 -30.19 -21.79 25.74
C SER C 371 -29.70 -20.75 26.77
N ALA C 372 -28.71 -19.93 26.42
CA ALA C 372 -28.15 -19.00 27.42
C ALA C 372 -27.81 -17.66 26.77
N SER C 373 -27.74 -16.61 27.58
CA SER C 373 -27.37 -15.27 27.05
C SER C 373 -25.90 -15.02 27.32
N PHE C 374 -25.13 -14.69 26.28
CA PHE C 374 -23.68 -14.53 26.44
C PHE C 374 -23.34 -13.04 26.52
N SER C 375 -22.68 -12.63 27.59
CA SER C 375 -22.30 -11.21 27.76
C SER C 375 -21.28 -10.78 26.68
N THR C 376 -20.28 -11.62 26.42
CA THR C 376 -19.25 -11.27 25.39
C THR C 376 -19.03 -12.45 24.46
N PHE C 377 -19.05 -12.20 23.15
CA PHE C 377 -18.78 -13.28 22.15
C PHE C 377 -17.79 -12.72 21.13
N LYS C 378 -16.56 -12.45 21.56
CA LYS C 378 -15.59 -11.81 20.64
C LYS C 378 -14.75 -12.87 19.93
N CYS C 379 -14.97 -13.06 18.64
CA CYS C 379 -14.19 -13.99 17.85
C CYS C 379 -13.04 -13.28 17.16
N TYR C 380 -11.86 -13.89 17.23
CA TYR C 380 -10.65 -13.36 16.62
C TYR C 380 -10.25 -14.28 15.47
N GLY C 381 -9.97 -13.69 14.33
CA GLY C 381 -9.59 -14.46 13.15
C GLY C 381 -10.75 -14.90 12.29
N VAL C 382 -11.84 -15.35 12.92
CA VAL C 382 -13.04 -15.77 12.21
C VAL C 382 -14.16 -14.79 12.53
N SER C 383 -15.10 -14.65 11.59
CA SER C 383 -16.23 -13.78 11.79
C SER C 383 -17.42 -14.56 12.34
N PRO C 384 -18.28 -14.01 13.25
CA PRO C 384 -19.35 -14.82 13.80
C PRO C 384 -20.32 -15.17 12.67
N THR C 385 -20.42 -14.30 11.67
CA THR C 385 -21.32 -14.56 10.50
C THR C 385 -20.81 -15.75 9.70
N LYS C 386 -19.50 -15.85 9.48
CA LYS C 386 -18.96 -16.93 8.62
C LYS C 386 -18.75 -18.20 9.45
N LEU C 387 -18.98 -18.11 10.76
CA LEU C 387 -18.71 -19.26 11.64
C LEU C 387 -19.60 -20.45 11.23
N ASN C 388 -20.87 -20.18 10.91
CA ASN C 388 -21.82 -21.27 10.58
C ASN C 388 -21.39 -22.03 9.33
N ASP C 389 -20.86 -21.34 8.32
CA ASP C 389 -20.56 -22.00 7.02
C ASP C 389 -19.20 -22.71 7.06
N LEU C 390 -18.48 -22.65 8.16
CA LEU C 390 -17.10 -23.20 8.14
C LEU C 390 -16.97 -24.57 8.81
N CYS C 391 -16.03 -25.40 8.33
CA CYS C 391 -15.71 -26.68 8.94
C CYS C 391 -14.35 -26.56 9.62
N PHE C 392 -14.27 -26.97 10.89
CA PHE C 392 -13.00 -26.79 11.65
C PHE C 392 -12.23 -28.10 11.70
N THR C 393 -10.90 -28.07 11.57
CA THR C 393 -10.19 -29.37 11.57
C THR C 393 -10.22 -29.97 12.98
N ASN C 394 -10.06 -29.13 14.02
CA ASN C 394 -10.19 -29.68 15.41
C ASN C 394 -10.67 -28.54 16.30
N VAL C 395 -11.30 -28.85 17.44
CA VAL C 395 -11.86 -27.79 18.35
C VAL C 395 -11.48 -28.15 19.79
N TYR C 396 -11.02 -27.16 20.58
CA TYR C 396 -10.75 -27.44 22.01
C TYR C 396 -11.45 -26.40 22.88
N ALA C 397 -12.35 -26.84 23.76
CA ALA C 397 -13.05 -25.94 24.64
C ALA C 397 -12.19 -25.73 25.88
N ASP C 398 -11.79 -24.48 26.12
CA ASP C 398 -10.98 -24.13 27.28
C ASP C 398 -11.89 -23.40 28.28
N SER C 399 -12.33 -24.15 29.28
CA SER C 399 -13.32 -23.65 30.24
C SER C 399 -12.65 -23.28 31.55
N PHE C 400 -13.01 -22.10 32.06
CA PHE C 400 -12.54 -21.62 33.36
C PHE C 400 -13.41 -20.52 33.93
N VAL C 401 -13.34 -20.33 35.25
CA VAL C 401 -14.13 -19.32 35.94
C VAL C 401 -13.21 -18.24 36.48
N ILE C 402 -13.52 -16.98 36.13
CA ILE C 402 -12.85 -15.81 36.65
C ILE C 402 -13.91 -14.87 37.20
N ARG C 403 -13.48 -13.71 37.71
CA ARG C 403 -14.39 -12.63 38.02
C ARG C 403 -14.31 -11.56 36.95
N GLY C 404 -15.15 -10.53 37.08
CA GLY C 404 -15.54 -9.72 35.93
C GLY C 404 -14.41 -8.90 35.32
N ASP C 405 -13.59 -8.27 36.17
CA ASP C 405 -12.66 -7.27 35.66
C ASP C 405 -11.52 -7.87 34.85
N GLU C 406 -11.34 -9.20 34.91
CA GLU C 406 -10.34 -9.90 34.11
C GLU C 406 -10.90 -10.47 32.81
N VAL C 407 -12.19 -10.28 32.53
CA VAL C 407 -12.77 -10.76 31.28
C VAL C 407 -12.14 -10.07 30.07
N ARG C 408 -11.82 -8.78 30.19
CA ARG C 408 -11.06 -8.07 29.18
C ARG C 408 -9.65 -8.65 28.98
N GLN C 409 -9.12 -9.37 29.96
CA GLN C 409 -7.79 -9.95 29.86
C GLN C 409 -7.75 -11.20 28.97
N ILE C 410 -8.89 -11.81 28.68
CA ILE C 410 -8.91 -12.97 27.80
C ILE C 410 -8.97 -12.44 26.38
N ALA C 411 -7.80 -12.11 25.84
CA ALA C 411 -7.66 -11.49 24.53
C ALA C 411 -6.20 -11.58 24.12
N PRO C 412 -5.91 -11.61 22.82
CA PRO C 412 -4.51 -11.58 22.38
C PRO C 412 -3.85 -10.26 22.70
N GLY C 413 -2.76 -10.32 23.47
CA GLY C 413 -2.02 -9.14 23.84
C GLY C 413 -2.69 -8.31 24.93
N GLN C 414 -2.83 -8.88 26.13
CA GLN C 414 -3.40 -8.16 27.25
C GLN C 414 -2.58 -8.45 28.51
N THR C 415 -2.77 -7.61 29.52
CA THR C 415 -2.00 -7.66 30.76
C THR C 415 -2.95 -7.74 31.95
N GLY C 416 -2.66 -8.68 32.85
CA GLY C 416 -3.45 -8.79 34.07
C GLY C 416 -3.25 -10.05 34.86
N LYS C 417 -4.13 -10.29 35.84
CA LYS C 417 -3.97 -11.41 36.76
C LYS C 417 -4.14 -12.74 36.03
N ILE C 418 -5.03 -12.79 35.03
CA ILE C 418 -5.28 -14.04 34.35
C ILE C 418 -4.36 -14.22 33.14
N ALA C 419 -4.11 -13.14 32.39
CA ALA C 419 -3.28 -13.20 31.19
C ALA C 419 -1.81 -13.45 31.51
N ASP C 420 -1.31 -13.00 32.65
CA ASP C 420 0.12 -13.09 32.91
C ASP C 420 0.49 -14.32 33.73
N TYR C 421 -0.38 -14.75 34.65
CA TYR C 421 -0.07 -15.86 35.55
C TYR C 421 -1.08 -17.00 35.52
N ASN C 422 -2.18 -16.90 34.78
CA ASN C 422 -3.15 -17.98 34.80
C ASN C 422 -3.41 -18.59 33.43
N TYR C 423 -3.66 -17.76 32.42
CA TYR C 423 -4.03 -18.25 31.10
C TYR C 423 -3.70 -17.19 30.06
N LYS C 424 -2.71 -17.48 29.21
CA LYS C 424 -2.20 -16.52 28.23
C LYS C 424 -2.65 -16.92 26.84
N LEU C 425 -3.25 -15.97 26.12
CA LEU C 425 -3.61 -16.17 24.72
C LEU C 425 -2.41 -15.88 23.82
N PRO C 426 -2.26 -16.61 22.72
CA PRO C 426 -1.20 -16.31 21.77
C PRO C 426 -1.51 -15.09 20.93
N ASP C 427 -0.45 -14.57 20.28
CA ASP C 427 -0.60 -13.37 19.46
C ASP C 427 -1.39 -13.67 18.19
N ASP C 428 -1.22 -14.86 17.62
CA ASP C 428 -1.91 -15.26 16.40
C ASP C 428 -3.14 -16.12 16.67
N PHE C 429 -3.87 -15.85 17.74
CA PHE C 429 -4.97 -16.70 18.15
C PHE C 429 -6.14 -16.58 17.18
N THR C 430 -6.65 -17.73 16.73
CA THR C 430 -7.84 -17.82 15.90
C THR C 430 -8.86 -18.65 16.65
N GLY C 431 -9.96 -18.03 17.06
CA GLY C 431 -10.97 -18.72 17.83
C GLY C 431 -12.03 -17.76 18.32
N CYS C 432 -12.72 -18.15 19.39
CA CYS C 432 -13.77 -17.34 19.98
C CYS C 432 -13.70 -17.40 21.50
N VAL C 433 -14.08 -16.30 22.14
CA VAL C 433 -14.17 -16.20 23.59
C VAL C 433 -15.63 -15.93 23.94
N ILE C 434 -16.18 -16.77 24.81
CA ILE C 434 -17.58 -16.70 25.23
C ILE C 434 -17.61 -16.59 26.74
N ALA C 435 -18.17 -15.49 27.25
CA ALA C 435 -18.21 -15.25 28.68
C ALA C 435 -19.63 -14.83 29.07
N TRP C 436 -20.14 -15.46 30.13
CA TRP C 436 -21.49 -15.17 30.58
C TRP C 436 -21.62 -15.14 32.09
N ASN C 437 -22.70 -14.55 32.60
CA ASN C 437 -22.88 -14.40 34.02
C ASN C 437 -23.27 -15.72 34.67
N SER C 438 -22.71 -15.98 35.84
CA SER C 438 -22.99 -17.19 36.62
C SER C 438 -23.12 -16.85 38.10
N ASN C 439 -23.70 -15.69 38.42
CA ASN C 439 -23.91 -15.34 39.82
C ASN C 439 -25.00 -16.19 40.44
N ASN C 440 -25.93 -16.69 39.65
CA ASN C 440 -26.93 -17.60 40.16
C ASN C 440 -26.35 -18.99 40.42
N LEU C 441 -25.35 -19.37 39.64
CA LEU C 441 -24.79 -20.72 39.71
C LEU C 441 -23.54 -20.78 40.60
N ASP C 442 -22.51 -20.02 40.25
CA ASP C 442 -21.21 -20.19 40.90
C ASP C 442 -21.19 -19.57 42.29
N SER C 443 -21.86 -18.44 42.47
CA SER C 443 -21.82 -17.75 43.75
C SER C 443 -22.57 -18.52 44.82
N LYS C 444 -22.00 -18.56 46.02
CA LYS C 444 -22.56 -19.26 47.16
C LYS C 444 -22.82 -18.29 48.28
N VAL C 445 -23.88 -18.55 49.06
CA VAL C 445 -24.22 -17.67 50.18
C VAL C 445 -23.16 -17.82 51.27
N GLY C 446 -22.63 -16.70 51.73
CA GLY C 446 -21.56 -16.70 52.71
C GLY C 446 -20.17 -16.81 52.14
N GLY C 447 -20.03 -16.97 50.82
CA GLY C 447 -18.74 -17.05 50.20
C GLY C 447 -18.48 -18.39 49.55
N ASN C 448 -17.84 -18.36 48.38
CA ASN C 448 -17.44 -19.55 47.65
C ASN C 448 -15.93 -19.52 47.47
N TYR C 449 -15.26 -20.61 47.86
CA TYR C 449 -13.81 -20.65 47.88
C TYR C 449 -13.23 -21.81 47.09
N ASN C 450 -14.02 -22.43 46.20
CA ASN C 450 -13.51 -23.55 45.42
C ASN C 450 -12.56 -23.09 44.33
N TYR C 451 -12.88 -21.99 43.65
CA TYR C 451 -12.06 -21.50 42.56
C TYR C 451 -10.81 -20.81 43.08
N LEU C 452 -9.69 -21.05 42.41
CA LEU C 452 -8.39 -20.54 42.84
C LEU C 452 -7.67 -19.92 41.66
N TYR C 453 -6.92 -18.85 41.92
CA TYR C 453 -6.10 -18.20 40.91
C TYR C 453 -4.66 -18.10 41.39
N ARG C 454 -3.74 -18.22 40.45
CA ARG C 454 -2.30 -18.15 40.75
C ARG C 454 -1.92 -16.67 40.88
N LEU C 455 -1.40 -16.29 42.03
CA LEU C 455 -1.14 -14.88 42.30
C LEU C 455 0.28 -14.48 41.93
N PHE C 456 1.28 -15.22 42.44
CA PHE C 456 2.68 -14.91 42.22
C PHE C 456 3.36 -16.05 41.46
N ARG C 457 4.11 -15.69 40.42
CA ARG C 457 4.91 -16.64 39.66
C ARG C 457 6.03 -15.86 39.01
N LYS C 458 7.18 -16.51 38.83
CA LYS C 458 8.42 -15.80 38.55
C LYS C 458 8.69 -15.65 37.06
N SER C 459 7.64 -15.77 36.26
CA SER C 459 7.78 -15.61 34.81
C SER C 459 6.44 -15.27 34.16
N ASN C 460 6.48 -14.84 32.91
CA ASN C 460 5.29 -14.56 32.13
C ASN C 460 5.02 -15.77 31.24
N LEU C 461 3.74 -16.12 31.11
CA LEU C 461 3.37 -17.45 30.63
C LEU C 461 3.62 -17.59 29.14
N LYS C 462 4.04 -18.78 28.73
CA LYS C 462 3.96 -19.16 27.33
C LYS C 462 2.51 -19.42 26.95
N PRO C 463 2.14 -19.21 25.68
CA PRO C 463 0.74 -19.39 25.28
C PRO C 463 0.28 -20.84 25.39
N PHE C 464 -0.96 -21.00 25.87
CA PHE C 464 -1.66 -22.29 25.96
C PHE C 464 -0.91 -23.34 26.77
N GLU C 465 -0.37 -22.97 27.93
CA GLU C 465 0.20 -24.02 28.74
C GLU C 465 -0.47 -24.07 30.12
N ARG C 466 -0.11 -25.11 30.88
CA ARG C 466 -0.76 -25.39 32.16
C ARG C 466 0.29 -25.62 33.23
N ASP C 467 0.07 -25.05 34.41
CA ASP C 467 0.95 -25.23 35.56
C ASP C 467 0.13 -25.22 36.83
N ILE C 468 0.17 -26.32 37.58
CA ILE C 468 -0.55 -26.43 38.84
C ILE C 468 0.39 -26.59 40.03
N SER C 469 1.65 -26.20 39.87
CA SER C 469 2.63 -26.35 40.94
C SER C 469 2.31 -25.44 42.12
N THR C 470 2.38 -26.00 43.32
CA THR C 470 2.07 -25.27 44.54
C THR C 470 3.31 -24.98 45.38
N GLU C 471 4.47 -24.84 44.74
CA GLU C 471 5.69 -24.52 45.47
C GLU C 471 5.62 -23.08 46.00
N ILE C 472 6.23 -22.85 47.16
CA ILE C 472 6.07 -21.59 47.85
C ILE C 472 6.85 -20.49 47.14
N TYR C 473 6.17 -19.38 46.85
CA TYR C 473 6.82 -18.23 46.24
C TYR C 473 7.78 -17.58 47.23
N GLN C 474 8.89 -17.06 46.72
CA GLN C 474 9.91 -16.41 47.52
C GLN C 474 9.87 -14.91 47.26
N ALA C 475 9.27 -14.17 48.18
CA ALA C 475 9.28 -12.71 48.15
C ALA C 475 10.48 -12.13 48.88
N GLY C 476 11.33 -12.99 49.46
CA GLY C 476 12.53 -12.53 50.11
C GLY C 476 13.74 -13.31 49.63
N SER C 477 14.92 -12.81 50.01
CA SER C 477 16.16 -13.47 49.60
CA SER C 477 16.15 -13.46 49.60
C SER C 477 16.33 -14.82 50.27
N THR C 478 15.88 -14.94 51.52
CA THR C 478 16.04 -16.19 52.26
C THR C 478 15.15 -17.28 51.67
N PRO C 479 15.59 -18.54 51.66
CA PRO C 479 14.72 -19.62 51.17
C PRO C 479 13.61 -19.93 52.17
N CYS C 480 12.41 -20.16 51.65
CA CYS C 480 11.28 -20.49 52.52
C CYS C 480 11.35 -21.94 52.99
N ASN C 481 12.02 -22.81 52.23
CA ASN C 481 12.16 -24.23 52.51
C ASN C 481 10.80 -24.93 52.67
N GLY C 482 9.82 -24.50 51.88
CA GLY C 482 8.50 -25.10 51.95
C GLY C 482 7.74 -24.80 53.22
N VAL C 483 8.08 -23.71 53.90
CA VAL C 483 7.47 -23.34 55.17
C VAL C 483 6.81 -21.98 55.01
N GLU C 484 5.53 -21.89 55.39
CA GLU C 484 4.83 -20.61 55.34
C GLU C 484 5.37 -19.66 56.40
N GLY C 485 5.45 -18.39 56.03
CA GLY C 485 5.98 -17.40 56.94
C GLY C 485 6.07 -16.04 56.26
N PHE C 486 6.99 -15.22 56.77
CA PHE C 486 7.22 -13.90 56.18
C PHE C 486 7.82 -14.05 54.79
N ASN C 487 7.28 -13.28 53.84
CA ASN C 487 7.67 -13.30 52.42
C ASN C 487 7.52 -14.67 51.78
N CYS C 488 6.63 -15.52 52.31
CA CYS C 488 6.40 -16.86 51.79
C CYS C 488 4.90 -17.13 51.82
N TYR C 489 4.31 -17.25 50.63
CA TYR C 489 2.88 -17.49 50.50
C TYR C 489 2.64 -18.56 49.45
N PHE C 490 1.47 -19.17 49.51
CA PHE C 490 1.02 -20.03 48.42
C PHE C 490 0.79 -19.17 47.17
N PRO C 491 1.23 -19.63 46.00
CA PRO C 491 0.90 -18.90 44.76
C PRO C 491 -0.58 -18.86 44.47
N LEU C 492 -1.33 -19.90 44.88
CA LEU C 492 -2.77 -19.92 44.67
C LEU C 492 -3.49 -19.15 45.76
N GLN C 493 -4.61 -18.53 45.39
CA GLN C 493 -5.41 -17.73 46.30
C GLN C 493 -6.87 -17.86 45.88
N SER C 494 -7.76 -17.83 46.86
CA SER C 494 -9.19 -17.99 46.62
C SER C 494 -9.82 -16.66 46.21
N TYR C 495 -10.81 -16.72 45.31
CA TYR C 495 -11.52 -15.51 44.89
C TYR C 495 -12.44 -15.00 45.99
N GLY C 496 -13.21 -15.89 46.61
CA GLY C 496 -14.19 -15.46 47.58
C GLY C 496 -15.40 -14.76 46.98
N PHE C 497 -16.09 -15.43 46.06
CA PHE C 497 -17.28 -14.85 45.43
C PHE C 497 -18.41 -14.71 46.45
N GLN C 498 -19.15 -13.61 46.36
CA GLN C 498 -20.30 -13.37 47.21
C GLN C 498 -21.48 -12.92 46.37
N PRO C 499 -22.71 -13.30 46.76
CA PRO C 499 -23.87 -12.87 45.98
C PRO C 499 -24.12 -11.38 46.03
N THR C 500 -23.69 -10.71 47.09
CA THR C 500 -23.89 -9.28 47.26
C THR C 500 -22.74 -8.45 46.69
N ASN C 501 -21.76 -9.08 46.04
CA ASN C 501 -20.65 -8.37 45.45
C ASN C 501 -21.10 -7.59 44.21
N GLY C 502 -20.28 -6.63 43.81
CA GLY C 502 -20.55 -5.86 42.63
C GLY C 502 -20.36 -6.67 41.35
N VAL C 503 -20.80 -6.08 40.24
CA VAL C 503 -20.75 -6.77 38.96
C VAL C 503 -19.30 -6.96 38.50
N GLY C 504 -18.40 -6.10 38.98
CA GLY C 504 -16.99 -6.29 38.70
C GLY C 504 -16.44 -7.53 39.37
N TYR C 505 -16.95 -7.88 40.55
CA TYR C 505 -16.44 -9.01 41.30
C TYR C 505 -17.28 -10.27 41.09
N GLN C 506 -18.36 -10.22 40.34
CA GLN C 506 -19.19 -11.40 40.11
C GLN C 506 -18.48 -12.35 39.15
N PRO C 507 -18.63 -13.67 39.34
CA PRO C 507 -17.95 -14.62 38.46
C PRO C 507 -18.57 -14.67 37.08
N TYR C 508 -17.70 -14.68 36.06
CA TYR C 508 -18.08 -14.80 34.66
C TYR C 508 -17.46 -16.08 34.14
N ARG C 509 -18.28 -17.07 33.80
CA ARG C 509 -17.76 -18.28 33.18
C ARG C 509 -17.28 -17.98 31.76
N VAL C 510 -16.06 -18.44 31.45
CA VAL C 510 -15.42 -18.18 30.18
C VAL C 510 -15.04 -19.50 29.52
N VAL C 511 -15.45 -19.64 28.27
CA VAL C 511 -15.07 -20.77 27.42
C VAL C 511 -14.38 -20.21 26.18
N VAL C 512 -13.18 -20.72 25.92
CA VAL C 512 -12.39 -20.25 24.79
C VAL C 512 -12.24 -21.36 23.76
N LEU C 513 -12.95 -21.21 22.64
CA LEU C 513 -12.82 -22.17 21.55
C LEU C 513 -11.61 -21.82 20.70
N SER C 514 -10.68 -22.76 20.59
CA SER C 514 -9.46 -22.60 19.80
C SER C 514 -9.44 -23.68 18.74
N PHE C 515 -9.21 -23.27 17.48
CA PHE C 515 -9.27 -24.24 16.36
C PHE C 515 -8.39 -23.81 15.19
N GLU C 516 -8.33 -24.62 14.13
CA GLU C 516 -7.55 -24.25 12.92
C GLU C 516 -8.51 -24.38 11.73
N LEU C 517 -8.31 -23.60 10.66
CA LEU C 517 -9.30 -23.63 9.55
C LEU C 517 -8.65 -23.96 8.21
N LEU C 518 -9.23 -24.92 7.46
CA LEU C 518 -8.76 -25.24 6.09
C LEU C 518 -7.28 -25.64 6.03
N HIS C 519 -6.77 -26.36 7.05
CA HIS C 519 -5.37 -26.85 6.97
C HIS C 519 -5.33 -28.37 7.11
N ALA C 520 -6.46 -29.00 7.46
CA ALA C 520 -6.49 -30.46 7.71
C ALA C 520 -7.92 -30.98 7.54
N PRO C 521 -8.17 -32.31 7.51
CA PRO C 521 -9.54 -32.84 7.41
C PRO C 521 -10.40 -32.40 8.61
N ALA C 522 -11.68 -32.10 8.35
CA ALA C 522 -12.55 -31.54 9.42
C ALA C 522 -13.49 -32.61 9.97
N THR C 523 -13.57 -32.74 11.30
CA THR C 523 -14.50 -33.71 11.93
C THR C 523 -15.73 -32.94 12.44
N VAL C 524 -15.69 -31.61 12.38
CA VAL C 524 -16.79 -30.79 12.85
C VAL C 524 -17.15 -29.79 11.75
N CYS C 525 -18.45 -29.59 11.52
CA CYS C 525 -18.92 -28.77 10.42
C CYS C 525 -20.17 -28.01 10.84
N GLY C 526 -20.70 -27.23 9.90
CA GLY C 526 -21.85 -26.39 10.16
C GLY C 526 -23.16 -26.97 9.65
N PRO C 527 -24.31 -26.25 9.80
CA PRO C 527 -25.60 -26.82 9.45
C PRO C 527 -25.99 -26.62 7.98
N LYS C 528 -25.09 -26.12 7.15
CA LYS C 528 -25.45 -26.02 5.72
C LYS C 528 -25.69 -27.44 5.20
N LYS C 529 -26.81 -27.66 4.50
CA LYS C 529 -27.13 -29.01 3.97
C LYS C 529 -26.23 -29.29 2.76
N SER C 530 -25.83 -30.54 2.58
CA SER C 530 -24.90 -30.87 1.46
C SER C 530 -25.70 -31.11 0.17
N THR C 531 -25.40 -30.36 -0.90
CA THR C 531 -26.06 -30.56 -2.21
C THR C 531 -25.27 -31.61 -3.00
N ASN C 532 -25.63 -31.84 -4.26
CA ASN C 532 -24.97 -32.89 -5.07
C ASN C 532 -23.72 -32.34 -5.75
N LEU C 533 -23.15 -33.09 -6.70
CA LEU C 533 -21.92 -32.67 -7.38
C LEU C 533 -22.23 -32.42 -8.84
N VAL C 534 -22.35 -31.15 -9.22
CA VAL C 534 -22.52 -30.78 -10.63
C VAL C 534 -21.12 -30.44 -11.14
N LYS C 535 -20.43 -31.45 -11.64
CA LYS C 535 -19.05 -31.32 -12.04
C LYS C 535 -18.96 -30.87 -13.50
N ASN C 536 -17.74 -30.44 -13.88
CA ASN C 536 -17.42 -29.97 -15.23
C ASN C 536 -18.32 -28.83 -15.68
N LYS C 537 -18.65 -27.96 -14.72
CA LYS C 537 -19.54 -26.80 -15.01
C LYS C 537 -19.13 -25.64 -14.10
N CYS C 538 -19.16 -24.41 -14.61
CA CYS C 538 -18.81 -23.24 -13.83
C CYS C 538 -19.86 -22.99 -12.76
N VAL C 539 -19.57 -23.41 -11.53
CA VAL C 539 -20.51 -23.29 -10.42
C VAL C 539 -19.78 -22.73 -9.20
N ASN C 540 -20.57 -22.19 -8.27
CA ASN C 540 -20.03 -21.78 -6.98
C ASN C 540 -20.09 -22.94 -6.00
N PHE C 541 -18.95 -23.25 -5.38
CA PHE C 541 -18.82 -24.41 -4.52
C PHE C 541 -18.30 -24.00 -3.15
N ASN C 542 -18.72 -24.77 -2.14
CA ASN C 542 -18.22 -24.67 -0.77
C ASN C 542 -17.72 -26.06 -0.37
N PHE C 543 -16.46 -26.34 -0.69
CA PHE C 543 -15.85 -27.64 -0.45
C PHE C 543 -15.14 -27.61 0.90
N ASN C 544 -15.76 -28.23 1.91
CA ASN C 544 -15.18 -28.42 3.25
C ASN C 544 -14.79 -27.08 3.88
N GLY C 545 -15.66 -26.08 3.70
CA GLY C 545 -15.41 -24.75 4.19
C GLY C 545 -14.65 -23.84 3.25
N LEU C 546 -14.17 -24.36 2.12
CA LEU C 546 -13.46 -23.56 1.13
C LEU C 546 -14.47 -23.05 0.11
N THR C 547 -14.68 -21.74 0.09
CA THR C 547 -15.69 -21.11 -0.75
C THR C 547 -15.01 -20.53 -1.98
N GLY C 548 -15.49 -20.91 -3.17
CA GLY C 548 -14.95 -20.36 -4.39
C GLY C 548 -15.80 -20.72 -5.58
N THR C 549 -15.61 -19.94 -6.65
CA THR C 549 -16.34 -20.17 -7.89
C THR C 549 -15.38 -20.81 -8.90
N GLY C 550 -15.88 -21.57 -9.86
CA GLY C 550 -15.03 -22.18 -10.86
C GLY C 550 -15.54 -23.54 -11.30
N VAL C 551 -14.61 -24.33 -11.83
CA VAL C 551 -14.92 -25.61 -12.46
C VAL C 551 -14.36 -26.74 -11.60
N LEU C 552 -15.16 -27.76 -11.38
CA LEU C 552 -14.74 -28.96 -10.68
C LEU C 552 -14.48 -30.06 -11.70
N THR C 553 -13.25 -30.55 -11.77
CA THR C 553 -12.88 -31.53 -12.77
C THR C 553 -12.32 -32.78 -12.10
N GLU C 554 -12.36 -33.88 -12.85
CA GLU C 554 -11.78 -35.14 -12.38
C GLU C 554 -10.26 -35.01 -12.28
N SER C 555 -9.70 -35.55 -11.21
CA SER C 555 -8.28 -35.45 -10.95
C SER C 555 -7.70 -36.81 -10.60
N ASN C 556 -6.46 -37.07 -11.03
CA ASN C 556 -5.80 -38.36 -10.71
C ASN C 556 -4.65 -38.08 -9.73
N LYS C 557 -4.58 -36.86 -9.21
CA LYS C 557 -3.48 -36.47 -8.29
C LYS C 557 -3.55 -37.30 -7.00
N LYS C 558 -2.41 -37.83 -6.55
CA LYS C 558 -2.37 -38.61 -5.28
C LYS C 558 -2.49 -37.65 -4.09
N PHE C 559 -3.18 -38.08 -3.02
CA PHE C 559 -3.30 -37.25 -1.81
C PHE C 559 -2.83 -38.04 -0.58
N LEU C 560 -1.91 -37.47 0.21
CA LEU C 560 -1.48 -38.14 1.46
C LEU C 560 -2.63 -38.07 2.47
N PRO C 561 -2.80 -39.05 3.38
CA PRO C 561 -3.96 -39.06 4.28
C PRO C 561 -4.05 -37.84 5.22
N PHE C 562 -2.92 -37.42 5.79
CA PHE C 562 -2.90 -36.25 6.70
C PHE C 562 -3.30 -34.99 5.92
N GLN C 563 -2.86 -34.89 4.66
CA GLN C 563 -3.19 -33.71 3.82
C GLN C 563 -4.65 -33.81 3.34
N GLN C 564 -5.36 -32.69 3.32
CA GLN C 564 -6.79 -32.70 2.89
C GLN C 564 -6.94 -31.79 1.67
N PHE C 565 -6.17 -30.69 1.63
CA PHE C 565 -6.26 -29.73 0.49
C PHE C 565 -4.99 -29.77 -0.36
N GLY C 566 -5.06 -29.24 -1.58
CA GLY C 566 -3.90 -29.23 -2.47
C GLY C 566 -3.64 -27.84 -3.02
N ARG C 567 -2.39 -27.41 -2.95
CA ARG C 567 -1.98 -26.10 -3.42
C ARG C 567 -0.87 -26.25 -4.47
N ASP C 568 -0.89 -25.36 -5.46
CA ASP C 568 0.06 -25.42 -6.55
C ASP C 568 1.36 -24.72 -6.18
N ILE C 569 2.19 -24.45 -7.21
CA ILE C 569 3.43 -23.72 -6.98
C ILE C 569 3.16 -22.26 -6.68
N ALA C 570 1.96 -21.77 -7.03
CA ALA C 570 1.60 -20.40 -6.69
C ALA C 570 0.99 -20.31 -5.30
N ASP C 571 0.88 -21.45 -4.61
CA ASP C 571 0.39 -21.65 -3.24
C ASP C 571 -1.14 -21.52 -3.17
N THR C 572 -1.80 -21.09 -4.24
CA THR C 572 -3.26 -21.07 -4.25
C THR C 572 -3.81 -22.49 -4.42
N THR C 573 -5.06 -22.67 -4.03
CA THR C 573 -5.65 -24.01 -4.04
C THR C 573 -5.95 -24.46 -5.46
N ASP C 574 -5.37 -25.61 -5.84
CA ASP C 574 -5.63 -26.20 -7.14
C ASP C 574 -6.29 -27.57 -7.09
N ALA C 575 -6.19 -28.29 -5.97
CA ALA C 575 -6.82 -29.60 -5.83
C ALA C 575 -7.48 -29.68 -4.48
N VAL C 576 -8.48 -30.56 -4.38
CA VAL C 576 -9.22 -30.74 -3.13
C VAL C 576 -9.73 -32.17 -3.13
N ARG C 577 -10.05 -32.69 -1.94
CA ARG C 577 -10.67 -34.00 -1.80
C ARG C 577 -12.13 -33.79 -1.41
N ASP C 578 -13.02 -34.58 -2.01
CA ASP C 578 -14.44 -34.50 -1.68
C ASP C 578 -14.64 -34.94 -0.23
N PRO C 579 -15.53 -34.28 0.51
CA PRO C 579 -15.74 -34.67 1.92
C PRO C 579 -16.44 -36.01 2.08
N GLN C 580 -17.45 -36.30 1.25
CA GLN C 580 -18.20 -37.53 1.43
C GLN C 580 -17.43 -38.74 0.89
N THR C 581 -16.99 -38.69 -0.35
CA THR C 581 -16.30 -39.79 -1.00
C THR C 581 -14.85 -39.41 -1.25
N LEU C 582 -14.01 -40.43 -1.50
CA LEU C 582 -12.57 -40.25 -1.52
C LEU C 582 -12.04 -39.73 -2.85
N GLU C 583 -12.90 -39.37 -3.79
CA GLU C 583 -12.42 -38.89 -5.10
C GLU C 583 -11.77 -37.53 -4.96
N ILE C 584 -10.80 -37.26 -5.84
CA ILE C 584 -10.06 -36.00 -5.83
C ILE C 584 -10.59 -35.12 -6.96
N LEU C 585 -10.94 -33.88 -6.61
CA LEU C 585 -11.48 -32.92 -7.56
C LEU C 585 -10.47 -31.79 -7.77
N ASP C 586 -10.14 -31.52 -9.02
CA ASP C 586 -9.24 -30.44 -9.37
C ASP C 586 -10.04 -29.17 -9.63
N ILE C 587 -9.58 -28.05 -9.06
CA ILE C 587 -10.28 -26.75 -9.26
C ILE C 587 -9.70 -26.08 -10.51
N THR C 588 -10.56 -25.62 -11.42
CA THR C 588 -10.09 -25.02 -12.69
C THR C 588 -10.67 -23.61 -12.82
N PRO C 589 -9.86 -22.58 -13.18
CA PRO C 589 -10.40 -21.23 -13.41
C PRO C 589 -11.55 -21.29 -14.41
N CYS C 590 -12.61 -20.50 -14.19
CA CYS C 590 -13.80 -20.59 -15.08
C CYS C 590 -13.57 -19.94 -16.43
N SER C 591 -12.97 -18.76 -16.46
CA SER C 591 -12.66 -18.17 -17.77
C SER C 591 -11.17 -18.24 -17.99
N PHE C 592 -10.73 -18.88 -19.08
CA PHE C 592 -9.28 -18.89 -19.39
C PHE C 592 -8.90 -17.42 -19.61
N GLY C 593 -9.79 -16.64 -20.21
CA GLY C 593 -9.55 -15.19 -20.34
C GLY C 593 -8.60 -14.87 -21.47
N GLY C 594 -8.24 -15.88 -22.26
CA GLY C 594 -7.40 -15.64 -23.44
C GLY C 594 -8.25 -14.94 -24.47
N VAL C 595 -9.55 -14.87 -24.22
CA VAL C 595 -10.48 -14.27 -25.21
C VAL C 595 -9.94 -12.88 -25.53
N SER C 596 -9.80 -12.58 -26.81
CA SER C 596 -9.33 -11.25 -27.23
C SER C 596 -10.24 -10.81 -28.38
N VAL C 597 -10.18 -9.55 -28.79
CA VAL C 597 -11.14 -9.10 -29.84
C VAL C 597 -10.36 -8.47 -31.00
N ILE C 598 -10.66 -8.91 -32.22
CA ILE C 598 -10.04 -8.29 -33.42
C ILE C 598 -11.14 -7.46 -34.07
N THR C 599 -10.98 -6.13 -34.14
CA THR C 599 -12.05 -5.29 -34.65
C THR C 599 -11.52 -4.29 -35.65
N PRO C 600 -12.37 -3.86 -36.59
CA PRO C 600 -12.10 -2.62 -37.32
C PRO C 600 -12.53 -1.43 -36.48
N GLY C 601 -12.46 -0.25 -37.10
CA GLY C 601 -12.92 0.95 -36.43
C GLY C 601 -14.42 0.90 -36.16
N THR C 602 -14.80 1.41 -34.99
CA THR C 602 -16.21 1.47 -34.62
C THR C 602 -16.98 2.40 -35.55
N ASN C 603 -16.30 3.44 -36.05
CA ASN C 603 -16.87 4.28 -37.10
C ASN C 603 -17.09 3.47 -38.38
N THR C 604 -16.16 2.59 -38.72
CA THR C 604 -16.26 1.82 -39.95
C THR C 604 -17.36 0.76 -39.86
N SER C 605 -17.36 -0.03 -38.79
CA SER C 605 -18.29 -1.15 -38.67
C SER C 605 -18.36 -1.58 -37.21
N ASN C 606 -19.13 -2.65 -36.97
CA ASN C 606 -19.33 -3.18 -35.63
C ASN C 606 -19.03 -4.66 -35.50
N GLN C 607 -18.86 -5.39 -36.60
CA GLN C 607 -18.57 -6.81 -36.52
C GLN C 607 -17.15 -7.05 -36.02
N VAL C 608 -16.98 -8.12 -35.25
CA VAL C 608 -15.72 -8.43 -34.59
C VAL C 608 -15.37 -9.89 -34.82
N ALA C 609 -14.09 -10.20 -34.64
CA ALA C 609 -13.58 -11.56 -34.67
C ALA C 609 -13.05 -11.92 -33.28
N VAL C 610 -13.23 -13.16 -32.87
CA VAL C 610 -12.89 -13.60 -31.52
C VAL C 610 -11.75 -14.62 -31.62
N LEU C 611 -10.65 -14.33 -30.93
CA LEU C 611 -9.48 -15.19 -30.89
C LEU C 611 -9.45 -15.89 -29.54
N TYR C 612 -9.74 -17.18 -29.52
CA TYR C 612 -9.72 -17.97 -28.29
C TYR C 612 -8.31 -18.53 -28.13
N GLN C 613 -7.64 -18.14 -27.06
CA GLN C 613 -6.22 -18.44 -26.89
C GLN C 613 -6.01 -19.91 -26.55
N ASP C 614 -4.94 -20.48 -27.15
CA ASP C 614 -4.31 -21.79 -26.84
C ASP C 614 -5.29 -22.90 -26.45
N VAL C 615 -6.42 -22.96 -27.16
CA VAL C 615 -7.42 -24.00 -26.99
C VAL C 615 -7.85 -24.47 -28.37
N ASN C 616 -7.97 -25.79 -28.53
CA ASN C 616 -8.45 -26.36 -29.79
C ASN C 616 -9.87 -25.89 -30.08
N CYS C 617 -10.21 -25.85 -31.38
CA CYS C 617 -11.51 -25.31 -31.79
C CYS C 617 -12.66 -26.18 -31.29
N THR C 618 -12.50 -27.50 -31.35
CA THR C 618 -13.56 -28.42 -30.94
C THR C 618 -13.84 -28.34 -29.44
N GLU C 619 -12.88 -27.83 -28.67
CA GLU C 619 -13.04 -27.63 -27.24
C GLU C 619 -13.34 -26.18 -26.87
N VAL C 620 -13.68 -25.33 -27.85
CA VAL C 620 -13.95 -23.92 -27.56
C VAL C 620 -15.15 -23.71 -26.64
N PRO C 621 -16.33 -24.34 -26.86
CA PRO C 621 -17.42 -24.13 -25.89
C PRO C 621 -17.12 -24.67 -24.50
N VAL C 622 -16.54 -25.87 -24.41
CA VAL C 622 -16.25 -26.50 -23.12
C VAL C 622 -15.22 -25.67 -22.35
N ALA C 623 -14.36 -24.95 -23.08
CA ALA C 623 -13.41 -24.05 -22.43
C ALA C 623 -14.12 -22.91 -21.72
N ILE C 624 -15.20 -22.39 -22.29
CA ILE C 624 -15.85 -21.20 -21.72
C ILE C 624 -17.16 -21.50 -21.05
N HIS C 625 -17.67 -22.74 -21.16
CA HIS C 625 -18.99 -23.13 -20.67
C HIS C 625 -20.08 -22.24 -21.24
N ALA C 626 -20.24 -22.32 -22.57
CA ALA C 626 -21.09 -21.37 -23.29
C ALA C 626 -22.58 -21.63 -23.05
N ASP C 627 -22.93 -22.74 -22.42
CA ASP C 627 -24.33 -23.02 -22.14
C ASP C 627 -24.92 -22.02 -21.15
N GLN C 628 -24.14 -21.61 -20.16
CA GLN C 628 -24.56 -20.54 -19.26
C GLN C 628 -24.48 -19.18 -19.92
N LEU C 629 -23.69 -19.06 -20.98
CA LEU C 629 -23.35 -17.76 -21.55
C LEU C 629 -24.46 -17.26 -22.46
N THR C 630 -24.45 -15.95 -22.73
CA THR C 630 -25.48 -15.29 -23.52
C THR C 630 -25.47 -15.79 -24.97
N PRO C 631 -26.66 -15.92 -25.58
CA PRO C 631 -26.73 -16.48 -26.95
C PRO C 631 -26.02 -15.66 -28.01
N THR C 632 -25.90 -14.35 -27.81
CA THR C 632 -25.11 -13.53 -28.73
C THR C 632 -23.65 -13.96 -28.71
N TRP C 633 -23.14 -14.31 -27.52
CA TRP C 633 -21.82 -14.91 -27.45
C TRP C 633 -21.83 -16.34 -27.96
N ARG C 634 -22.97 -17.02 -27.90
CA ARG C 634 -23.02 -18.42 -28.31
C ARG C 634 -22.98 -18.57 -29.82
N VAL C 635 -23.50 -17.58 -30.56
CA VAL C 635 -23.38 -17.65 -32.02
C VAL C 635 -21.95 -17.35 -32.44
N TYR C 636 -21.17 -16.71 -31.56
CA TYR C 636 -19.73 -16.61 -31.77
C TYR C 636 -18.98 -17.83 -31.22
N SER C 637 -19.64 -18.63 -30.38
CA SER C 637 -18.96 -19.80 -29.81
C SER C 637 -18.74 -20.88 -30.88
N THR C 638 -19.78 -21.17 -31.67
CA THR C 638 -19.69 -22.15 -32.73
C THR C 638 -20.34 -21.57 -33.98
N GLY C 639 -19.63 -21.63 -35.10
CA GLY C 639 -20.15 -21.08 -36.35
C GLY C 639 -19.63 -21.87 -37.53
N SER C 640 -19.78 -21.27 -38.71
CA SER C 640 -19.27 -21.89 -39.93
C SER C 640 -17.83 -21.50 -40.18
N ASN C 641 -17.46 -20.27 -39.83
CA ASN C 641 -16.11 -19.76 -40.08
C ASN C 641 -15.19 -20.18 -38.94
N VAL C 642 -14.80 -21.45 -38.97
CA VAL C 642 -13.91 -22.03 -37.96
C VAL C 642 -12.54 -22.22 -38.59
N PHE C 643 -11.53 -21.61 -37.96
CA PHE C 643 -10.14 -21.74 -38.40
C PHE C 643 -9.27 -22.04 -37.19
N GLN C 644 -8.45 -23.07 -37.29
CA GLN C 644 -7.60 -23.51 -36.18
C GLN C 644 -6.18 -23.00 -36.42
N THR C 645 -5.65 -22.26 -35.44
CA THR C 645 -4.31 -21.70 -35.51
C THR C 645 -3.45 -22.31 -34.42
N ARG C 646 -2.15 -21.99 -34.48
CA ARG C 646 -1.26 -22.44 -33.39
C ARG C 646 -1.53 -21.56 -32.17
N ALA C 647 -1.90 -20.29 -32.39
CA ALA C 647 -2.21 -19.42 -31.26
C ALA C 647 -3.50 -19.86 -30.57
N GLY C 648 -4.45 -20.36 -31.34
CA GLY C 648 -5.70 -20.80 -30.78
C GLY C 648 -6.73 -21.02 -31.88
N CYS C 649 -7.97 -20.65 -31.57
CA CYS C 649 -9.08 -20.78 -32.50
C CYS C 649 -9.57 -19.40 -32.90
N LEU C 650 -9.65 -19.15 -34.20
CA LEU C 650 -10.05 -17.84 -34.72
C LEU C 650 -11.47 -17.93 -35.29
N ILE C 651 -12.43 -17.60 -34.42
CA ILE C 651 -13.83 -17.67 -34.83
C ILE C 651 -14.30 -16.28 -35.24
N GLY C 652 -15.32 -16.24 -36.09
CA GLY C 652 -15.82 -14.99 -36.63
C GLY C 652 -15.07 -14.45 -37.83
N ALA C 653 -14.04 -15.16 -38.29
CA ALA C 653 -13.29 -14.75 -39.47
C ALA C 653 -13.12 -15.96 -40.38
N GLU C 654 -13.08 -15.68 -41.68
CA GLU C 654 -12.96 -16.73 -42.68
C GLU C 654 -11.54 -16.74 -43.25
N HIS C 655 -11.00 -17.94 -43.45
CA HIS C 655 -9.67 -18.07 -44.05
C HIS C 655 -9.73 -17.84 -45.54
N VAL C 656 -8.80 -17.05 -46.06
CA VAL C 656 -8.66 -16.82 -47.49
C VAL C 656 -7.29 -17.33 -47.94
N ASN C 657 -7.27 -17.97 -49.11
CA ASN C 657 -6.02 -18.53 -49.62
C ASN C 657 -5.11 -17.44 -50.16
N ASN C 658 -5.67 -16.31 -50.57
CA ASN C 658 -4.87 -15.22 -51.10
C ASN C 658 -4.05 -14.57 -49.99
N SER C 659 -2.83 -14.18 -50.34
CA SER C 659 -1.89 -13.59 -49.39
C SER C 659 -1.95 -12.07 -49.49
N TYR C 660 -1.95 -11.42 -48.33
CA TYR C 660 -2.01 -9.97 -48.25
C TYR C 660 -1.02 -9.48 -47.21
N GLU C 661 -0.86 -8.15 -47.15
CA GLU C 661 0.00 -7.56 -46.14
C GLU C 661 -0.73 -7.49 -44.81
N CYS C 662 0.03 -7.59 -43.72
CA CYS C 662 -0.53 -7.61 -42.38
C CYS C 662 -0.99 -6.21 -41.97
N ASP C 663 -2.23 -6.14 -41.49
CA ASP C 663 -2.77 -4.94 -40.87
C ASP C 663 -2.94 -5.10 -39.37
N ILE C 664 -3.51 -6.23 -38.94
CA ILE C 664 -3.68 -6.56 -37.53
C ILE C 664 -2.89 -7.83 -37.25
N PRO C 665 -1.97 -7.83 -36.28
CA PRO C 665 -1.16 -9.03 -36.03
C PRO C 665 -1.89 -10.09 -35.22
N ILE C 666 -2.65 -10.95 -35.90
CA ILE C 666 -3.32 -12.07 -35.23
C ILE C 666 -2.29 -13.00 -34.59
N GLY C 667 -1.25 -13.36 -35.33
CA GLY C 667 -0.19 -14.20 -34.81
C GLY C 667 -0.21 -15.59 -35.41
N ALA C 668 0.84 -16.36 -35.11
CA ALA C 668 0.98 -17.77 -35.49
C ALA C 668 0.92 -17.96 -37.02
N GLY C 669 1.34 -16.93 -37.75
CA GLY C 669 1.29 -16.96 -39.19
C GLY C 669 0.00 -16.46 -39.82
N ILE C 670 -0.82 -15.72 -39.08
CA ILE C 670 -2.11 -15.23 -39.57
C ILE C 670 -2.19 -13.74 -39.26
N CYS C 671 -2.72 -12.96 -40.21
CA CYS C 671 -3.05 -11.55 -40.00
C CYS C 671 -4.42 -11.25 -40.56
N ALA C 672 -4.95 -10.08 -40.20
CA ALA C 672 -6.35 -9.74 -40.44
C ALA C 672 -6.49 -8.62 -41.47
N SER C 673 -7.65 -8.59 -42.12
CA SER C 673 -8.05 -7.45 -42.93
C SER C 673 -9.57 -7.37 -42.93
N TYR C 674 -10.11 -6.31 -43.54
CA TYR C 674 -11.55 -6.13 -43.67
C TYR C 674 -11.92 -6.10 -45.14
N GLN C 675 -12.78 -7.02 -45.57
CA GLN C 675 -13.15 -7.14 -46.97
C GLN C 675 -14.44 -7.94 -47.06
N THR C 676 -15.21 -7.66 -48.11
CA THR C 676 -16.43 -8.43 -48.38
C THR C 676 -16.10 -9.77 -49.03
N SER C 689 -21.97 -9.05 -45.68
CA SER C 689 -21.16 -8.47 -46.75
C SER C 689 -19.70 -8.33 -46.30
N GLN C 690 -19.35 -7.14 -45.84
CA GLN C 690 -17.99 -6.89 -45.37
C GLN C 690 -17.72 -7.65 -44.08
N SER C 691 -16.57 -8.30 -44.01
CA SER C 691 -16.25 -9.12 -42.84
C SER C 691 -14.74 -9.12 -42.62
N ILE C 692 -14.33 -9.63 -41.46
CA ILE C 692 -12.92 -9.77 -41.16
C ILE C 692 -12.38 -11.03 -41.81
N ILE C 693 -11.37 -10.87 -42.64
CA ILE C 693 -10.74 -11.98 -43.36
C ILE C 693 -9.38 -12.26 -42.73
N ALA C 694 -9.01 -13.54 -42.72
CA ALA C 694 -7.76 -14.01 -42.13
C ALA C 694 -6.93 -14.71 -43.20
N TYR C 695 -5.64 -14.37 -43.24
CA TYR C 695 -4.73 -14.84 -44.27
C TYR C 695 -3.33 -15.03 -43.70
N THR C 696 -2.59 -15.97 -44.28
CA THR C 696 -1.15 -16.00 -44.07
C THR C 696 -0.53 -14.79 -44.75
N MET C 697 0.47 -14.19 -44.11
CA MET C 697 1.05 -12.97 -44.64
C MET C 697 1.84 -13.23 -45.91
N SER C 698 1.78 -12.28 -46.82
CA SER C 698 2.50 -12.36 -48.09
C SER C 698 3.99 -12.17 -47.79
N LEU C 699 4.76 -13.25 -47.98
CA LEU C 699 6.20 -13.16 -47.84
C LEU C 699 6.80 -12.25 -48.91
N GLY C 700 6.17 -12.23 -50.08
CA GLY C 700 6.63 -11.42 -51.18
C GLY C 700 6.33 -12.14 -52.49
N ALA C 701 6.58 -11.42 -53.58
CA ALA C 701 6.45 -12.02 -54.89
C ALA C 701 7.54 -13.06 -55.11
N GLU C 702 7.14 -14.25 -55.55
CA GLU C 702 8.09 -15.31 -55.80
C GLU C 702 8.87 -15.00 -57.07
N ASN C 703 10.08 -14.49 -56.91
CA ASN C 703 10.92 -14.08 -58.02
C ASN C 703 12.14 -14.99 -58.09
N SER C 704 12.59 -15.24 -59.31
CA SER C 704 13.74 -16.10 -59.55
C SER C 704 14.68 -15.42 -60.53
N VAL C 705 15.97 -15.66 -60.35
CA VAL C 705 17.00 -15.16 -61.25
C VAL C 705 17.79 -16.34 -61.79
N ALA C 706 18.16 -16.25 -63.07
CA ALA C 706 18.86 -17.34 -63.74
C ALA C 706 20.36 -17.13 -63.53
N TYR C 707 20.88 -17.80 -62.50
CA TYR C 707 22.30 -17.73 -62.20
C TYR C 707 23.10 -18.50 -63.24
N SER C 708 24.24 -17.95 -63.63
CA SER C 708 25.22 -18.65 -64.43
C SER C 708 26.58 -18.01 -64.19
N ASN C 709 27.63 -18.81 -64.39
CA ASN C 709 28.99 -18.29 -64.22
C ASN C 709 29.40 -17.38 -65.37
N ASN C 710 28.65 -17.37 -66.47
CA ASN C 710 28.81 -16.38 -67.54
C ASN C 710 27.44 -15.81 -67.88
N SER C 711 27.01 -14.81 -67.11
CA SER C 711 25.71 -14.17 -67.29
C SER C 711 25.68 -12.87 -66.51
N ILE C 712 25.03 -11.87 -67.08
CA ILE C 712 24.83 -10.59 -66.40
C ILE C 712 23.52 -9.96 -66.88
N ALA C 713 22.85 -9.24 -65.99
CA ALA C 713 21.70 -8.42 -66.36
C ALA C 713 22.05 -6.96 -66.11
N ILE C 714 21.90 -6.13 -67.14
CA ILE C 714 22.22 -4.71 -67.08
C ILE C 714 20.94 -3.92 -67.34
N PRO C 715 20.61 -2.93 -66.52
CA PRO C 715 19.48 -2.06 -66.85
C PRO C 715 19.85 -1.08 -67.95
N THR C 716 18.86 -0.78 -68.80
CA THR C 716 19.05 0.16 -69.89
C THR C 716 18.37 1.50 -69.64
N ASN C 717 17.55 1.61 -68.60
CA ASN C 717 16.86 2.85 -68.26
C ASN C 717 17.01 3.08 -66.76
N PHE C 718 16.29 4.08 -66.25
CA PHE C 718 16.33 4.42 -64.84
C PHE C 718 15.08 5.20 -64.48
N THR C 719 14.61 5.04 -63.25
CA THR C 719 13.39 5.69 -62.78
C THR C 719 13.69 6.39 -61.47
N ILE C 720 13.72 7.73 -61.51
CA ILE C 720 13.89 8.50 -60.27
C ILE C 720 12.58 8.46 -59.49
N SER C 721 12.66 8.03 -58.23
CA SER C 721 11.47 7.85 -57.42
C SER C 721 11.59 8.63 -56.12
N VAL C 722 10.48 9.23 -55.70
CA VAL C 722 10.40 9.98 -54.46
C VAL C 722 9.41 9.29 -53.55
N THR C 723 9.85 8.95 -52.33
CA THR C 723 9.02 8.22 -51.39
C THR C 723 8.93 9.01 -50.09
N THR C 724 7.82 8.79 -49.37
CA THR C 724 7.53 9.50 -48.14
C THR C 724 7.76 8.59 -46.95
N GLU C 725 8.53 9.07 -45.97
CA GLU C 725 8.83 8.32 -44.76
C GLU C 725 8.56 9.20 -43.54
N ILE C 726 7.79 8.66 -42.59
CA ILE C 726 7.33 9.42 -41.42
C ILE C 726 8.02 8.84 -40.19
N LEU C 727 8.60 9.72 -39.38
CA LEU C 727 9.24 9.33 -38.14
C LEU C 727 8.77 10.22 -37.00
N PRO C 728 8.20 9.65 -35.94
CA PRO C 728 7.88 10.45 -34.76
C PRO C 728 9.14 11.00 -34.11
N VAL C 729 9.06 12.24 -33.64
CA VAL C 729 10.20 12.92 -33.03
C VAL C 729 9.95 13.30 -31.58
N SER C 730 8.88 14.03 -31.29
CA SER C 730 8.62 14.49 -29.93
C SER C 730 7.21 14.12 -29.55
N MET C 731 7.01 13.89 -28.25
CA MET C 731 5.69 13.69 -27.69
C MET C 731 5.36 14.93 -26.87
N THR C 732 4.07 15.26 -26.78
CA THR C 732 3.63 16.48 -26.13
C THR C 732 4.05 16.51 -24.66
N LYS C 733 4.67 17.62 -24.26
CA LYS C 733 5.21 17.74 -22.92
C LYS C 733 4.09 17.82 -21.88
N THR C 734 4.28 17.12 -20.77
CA THR C 734 3.31 17.10 -19.70
C THR C 734 4.00 17.41 -18.37
N SER C 735 3.24 18.02 -17.47
CA SER C 735 3.73 18.34 -16.14
C SER C 735 2.60 18.13 -15.14
N VAL C 736 2.97 17.93 -13.89
CA VAL C 736 2.01 17.67 -12.81
C VAL C 736 2.21 18.71 -11.72
N ASP C 737 1.10 19.30 -11.27
CA ASP C 737 1.13 20.20 -10.11
C ASP C 737 0.80 19.38 -8.87
N CYS C 738 1.71 19.41 -7.90
CA CYS C 738 1.66 18.43 -6.82
C CYS C 738 0.54 18.72 -5.83
N THR C 739 0.49 19.97 -5.34
CA THR C 739 -0.39 20.31 -4.23
C THR C 739 -1.86 20.18 -4.63
N MET C 740 -2.20 20.57 -5.85
CA MET C 740 -3.60 20.57 -6.24
C MET C 740 -4.07 19.16 -6.61
N TYR C 741 -3.14 18.28 -6.99
CA TYR C 741 -3.54 16.89 -7.25
C TYR C 741 -3.70 16.13 -5.93
N ILE C 742 -2.60 16.02 -5.16
CA ILE C 742 -2.63 15.24 -3.93
C ILE C 742 -3.54 15.88 -2.87
N CYS C 743 -3.47 17.19 -2.71
CA CYS C 743 -4.25 17.85 -1.67
C CYS C 743 -5.44 18.61 -2.21
N GLY C 744 -5.21 19.53 -3.14
CA GLY C 744 -6.33 20.22 -3.78
C GLY C 744 -7.01 21.21 -2.86
N ASP C 745 -8.29 20.97 -2.60
CA ASP C 745 -9.10 21.93 -1.87
C ASP C 745 -8.82 21.87 -0.37
N SER C 746 -8.50 20.69 0.15
CA SER C 746 -8.36 20.52 1.60
C SER C 746 -7.08 21.18 2.10
N THR C 747 -7.15 21.75 3.30
CA THR C 747 -5.99 22.42 3.88
C THR C 747 -5.27 21.52 4.87
N GLU C 748 -5.93 20.48 5.37
CA GLU C 748 -5.29 19.54 6.28
C GLU C 748 -4.20 18.76 5.57
N CYS C 749 -4.45 18.39 4.30
CA CYS C 749 -3.50 17.63 3.49
C CYS C 749 -2.16 18.34 3.32
N SER C 750 -2.12 19.66 3.48
CA SER C 750 -0.86 20.39 3.45
C SER C 750 0.10 19.86 4.51
N ASN C 751 -0.41 19.57 5.71
CA ASN C 751 0.40 18.87 6.71
C ASN C 751 0.80 17.50 6.20
N LEU C 752 -0.14 16.77 5.59
CA LEU C 752 0.18 15.51 4.94
C LEU C 752 1.10 15.71 3.74
N LEU C 753 1.19 16.94 3.22
CA LEU C 753 2.15 17.24 2.17
C LEU C 753 3.59 17.05 2.66
N LEU C 754 3.82 17.15 3.98
CA LEU C 754 5.12 16.82 4.52
C LEU C 754 5.38 15.32 4.44
N GLN C 755 4.34 14.50 4.64
CA GLN C 755 4.55 13.06 4.72
C GLN C 755 4.53 12.40 3.35
N TYR C 756 3.58 12.76 2.50
CA TYR C 756 3.42 12.15 1.18
C TYR C 756 3.41 13.20 0.08
N GLY C 757 4.36 14.12 0.13
CA GLY C 757 4.49 15.12 -0.91
C GLY C 757 5.79 15.01 -1.68
N SER C 758 6.74 14.24 -1.13
CA SER C 758 8.05 14.13 -1.77
C SER C 758 7.98 13.27 -3.03
N PHE C 759 7.14 12.23 -3.01
CA PHE C 759 7.04 11.30 -4.14
C PHE C 759 6.60 12.02 -5.41
N CYS C 760 5.65 12.94 -5.26
CA CYS C 760 5.27 13.80 -6.38
C CYS C 760 6.44 14.67 -6.82
N THR C 761 7.37 15.00 -5.92
CA THR C 761 8.51 15.81 -6.32
C THR C 761 9.48 15.00 -7.18
N GLN C 762 9.78 13.74 -6.83
CA GLN C 762 10.63 12.96 -7.74
C GLN C 762 9.93 12.70 -9.07
N LEU C 763 8.61 12.46 -9.02
CA LEU C 763 7.89 12.19 -10.26
C LEU C 763 7.83 13.43 -11.15
N ASN C 764 7.69 14.59 -10.51
CA ASN C 764 7.70 15.85 -11.29
C ASN C 764 9.09 15.99 -11.90
N ARG C 765 10.13 15.67 -11.13
CA ARG C 765 11.52 15.76 -11.64
C ARG C 765 11.63 14.88 -12.88
N ALA C 766 11.00 13.71 -12.86
CA ALA C 766 11.02 12.82 -14.02
C ALA C 766 10.30 13.44 -15.21
N LEU C 767 9.14 14.05 -14.98
CA LEU C 767 8.43 14.76 -16.05
C LEU C 767 9.24 15.93 -16.60
N THR C 768 9.93 16.67 -15.72
CA THR C 768 10.79 17.75 -16.18
C THR C 768 11.94 17.21 -17.02
N GLY C 769 12.50 16.06 -16.62
CA GLY C 769 13.53 15.42 -17.42
C GLY C 769 13.03 15.01 -18.79
N ILE C 770 11.80 14.50 -18.86
CA ILE C 770 11.22 14.13 -20.15
C ILE C 770 11.00 15.36 -21.02
N ALA C 771 10.50 16.45 -20.43
CA ALA C 771 10.28 17.68 -21.20
C ALA C 771 11.60 18.23 -21.74
N VAL C 772 12.63 18.25 -20.90
CA VAL C 772 13.95 18.70 -21.33
C VAL C 772 14.50 17.77 -22.41
N GLU C 773 14.27 16.47 -22.23
CA GLU C 773 14.76 15.47 -23.21
C GLU C 773 14.11 15.73 -24.56
N GLN C 774 12.78 15.91 -24.58
CA GLN C 774 12.09 16.08 -25.87
C GLN C 774 12.62 17.34 -26.55
N ASP C 775 12.82 18.41 -25.78
CA ASP C 775 13.27 19.68 -26.39
C ASP C 775 14.65 19.48 -27.01
N LYS C 776 15.54 18.80 -26.31
CA LYS C 776 16.89 18.53 -26.85
C LYS C 776 16.73 17.64 -28.08
N ASN C 777 15.83 16.67 -28.01
CA ASN C 777 15.67 15.73 -29.14
C ASN C 777 15.27 16.53 -30.38
N THR C 778 14.32 17.44 -30.21
CA THR C 778 13.85 18.28 -31.33
C THR C 778 15.02 19.16 -31.79
N GLN C 779 15.77 19.72 -30.83
CA GLN C 779 16.87 20.65 -31.18
C GLN C 779 17.89 19.87 -32.01
N GLU C 780 18.20 18.65 -31.59
CA GLU C 780 19.24 17.87 -32.30
C GLU C 780 18.77 17.58 -33.71
N VAL C 781 17.50 17.20 -33.88
CA VAL C 781 17.04 16.78 -35.24
C VAL C 781 16.73 17.98 -36.12
N PHE C 782 16.40 19.14 -35.53
CA PHE C 782 16.00 20.25 -36.37
C PHE C 782 17.10 21.30 -36.53
N ALA C 783 18.09 21.30 -35.64
CA ALA C 783 19.20 22.24 -35.71
C ALA C 783 20.52 21.46 -35.76
N GLN C 784 20.92 21.08 -36.97
CA GLN C 784 22.26 20.51 -37.15
C GLN C 784 23.24 21.57 -37.59
N VAL C 785 22.77 22.56 -38.35
CA VAL C 785 23.57 23.69 -38.80
C VAL C 785 22.94 24.96 -38.24
N LYS C 786 23.75 25.78 -37.58
CA LYS C 786 23.23 26.98 -36.93
C LYS C 786 22.88 28.06 -37.95
N GLN C 787 23.58 28.09 -39.08
CA GLN C 787 23.41 29.15 -40.06
C GLN C 787 22.03 29.12 -40.69
N ILE C 788 21.45 30.30 -40.86
CA ILE C 788 20.11 30.48 -41.43
C ILE C 788 20.26 31.14 -42.79
N TYR C 789 19.74 30.49 -43.83
CA TYR C 789 19.82 30.99 -45.19
C TYR C 789 18.41 31.27 -45.71
N LYS C 790 18.17 32.50 -46.15
CA LYS C 790 16.91 32.84 -46.77
C LYS C 790 16.81 32.22 -48.16
N THR C 791 15.60 31.81 -48.53
CA THR C 791 15.36 31.22 -49.83
C THR C 791 15.60 32.26 -50.93
N PRO C 792 16.42 31.97 -51.93
CA PRO C 792 16.64 32.92 -53.03
C PRO C 792 15.41 33.03 -53.91
N PRO C 793 15.34 34.03 -54.78
CA PRO C 793 14.27 34.07 -55.78
C PRO C 793 14.30 32.83 -56.67
N ILE C 794 13.11 32.37 -57.06
CA ILE C 794 12.98 31.08 -57.73
C ILE C 794 13.63 31.13 -59.11
N LYS C 795 14.42 30.11 -59.40
CA LYS C 795 15.18 30.01 -60.64
C LYS C 795 14.75 28.77 -61.39
N ASP C 796 15.47 28.46 -62.47
CA ASP C 796 15.21 27.24 -63.22
C ASP C 796 15.55 26.01 -62.40
N PHE C 797 16.66 26.06 -61.65
CA PHE C 797 17.20 24.93 -60.87
C PHE C 797 17.39 23.69 -61.75
N GLY C 798 17.87 23.91 -62.97
CA GLY C 798 17.99 22.84 -63.92
C GLY C 798 16.67 22.28 -64.41
N GLY C 799 15.60 23.08 -64.38
CA GLY C 799 14.28 22.61 -64.75
C GLY C 799 13.52 21.91 -63.65
N PHE C 800 14.07 21.83 -62.43
CA PHE C 800 13.41 21.14 -61.34
C PHE C 800 12.53 22.13 -60.58
N ASN C 801 11.32 21.70 -60.23
CA ASN C 801 10.33 22.54 -59.55
C ASN C 801 10.35 22.18 -58.07
N PHE C 802 10.66 23.16 -57.23
CA PHE C 802 10.66 23.00 -55.78
C PHE C 802 9.64 23.88 -55.09
N SER C 803 8.65 24.42 -55.81
CA SER C 803 7.76 25.41 -55.24
C SER C 803 6.83 24.81 -54.18
N GLN C 804 6.59 23.50 -54.26
CA GLN C 804 5.77 22.85 -53.25
C GLN C 804 6.52 22.73 -51.92
N ILE C 805 7.82 22.45 -51.98
CA ILE C 805 8.57 22.19 -50.76
C ILE C 805 9.24 23.48 -50.25
N LEU C 806 9.62 24.38 -51.15
CA LEU C 806 10.15 25.66 -50.72
C LEU C 806 9.01 26.56 -50.24
N PRO C 807 9.28 27.38 -49.21
CA PRO C 807 8.23 28.27 -48.71
C PRO C 807 7.84 29.34 -49.71
N ASP C 808 6.58 29.75 -49.64
CA ASP C 808 6.06 30.77 -50.55
C ASP C 808 6.41 32.14 -50.01
N PRO C 809 7.17 32.96 -50.75
CA PRO C 809 7.45 34.32 -50.26
C PRO C 809 6.22 35.21 -50.21
N SER C 810 5.20 34.90 -51.01
CA SER C 810 3.98 35.71 -50.99
C SER C 810 3.21 35.55 -49.70
N LYS C 811 3.04 34.31 -49.24
CA LYS C 811 2.35 34.07 -47.97
C LYS C 811 3.28 34.39 -46.82
N PRO C 812 2.84 35.21 -45.85
CA PRO C 812 3.72 35.59 -44.74
C PRO C 812 4.15 34.43 -43.86
N SER C 813 3.33 33.38 -43.74
CA SER C 813 3.71 32.22 -42.96
C SER C 813 4.82 31.45 -43.67
N LYS C 814 5.77 30.93 -42.89
CA LYS C 814 6.91 30.23 -43.45
C LYS C 814 6.57 28.84 -43.95
N ARG C 815 5.39 28.31 -43.60
CA ARG C 815 5.00 27.00 -44.06
C ARG C 815 4.65 27.03 -45.55
N SER C 816 5.15 26.05 -46.29
CA SER C 816 4.82 25.87 -47.69
C SER C 816 3.59 24.97 -47.82
N PHE C 817 3.32 24.54 -49.05
CA PHE C 817 2.11 23.77 -49.34
C PHE C 817 2.14 22.39 -48.68
N ILE C 818 3.29 21.72 -48.76
CA ILE C 818 3.37 20.32 -48.35
C ILE C 818 3.18 20.18 -46.84
N GLU C 819 3.92 20.96 -46.05
CA GLU C 819 3.75 20.85 -44.61
C GLU C 819 2.46 21.49 -44.13
N ASP C 820 1.85 22.36 -44.95
CA ASP C 820 0.48 22.78 -44.67
C ASP C 820 -0.48 21.60 -44.78
N LEU C 821 -0.36 20.84 -45.86
CA LEU C 821 -1.22 19.65 -46.00
C LEU C 821 -1.00 18.80 -44.76
N LEU C 822 0.25 18.61 -44.36
CA LEU C 822 0.53 17.72 -43.22
C LEU C 822 -0.16 18.26 -41.98
N PHE C 823 -0.04 19.56 -41.72
CA PHE C 823 -0.61 20.09 -40.45
C PHE C 823 -2.11 19.82 -40.44
N ASN C 824 -2.77 20.03 -41.59
CA ASN C 824 -4.22 19.81 -41.69
C ASN C 824 -4.53 18.33 -41.45
N LYS C 825 -3.72 17.44 -42.03
CA LYS C 825 -4.00 15.99 -41.93
C LYS C 825 -4.02 15.56 -40.46
N VAL C 826 -3.02 15.98 -39.69
CA VAL C 826 -2.97 15.61 -38.25
C VAL C 826 -4.15 16.25 -37.54
N THR C 827 -4.83 15.50 -36.66
CA THR C 827 -5.94 16.09 -35.85
C THR C 827 -5.43 16.26 -34.42
N LEU C 828 -5.46 17.49 -33.90
CA LEU C 828 -4.87 17.72 -32.58
C LEU C 828 -5.63 16.94 -31.51
N ALA C 829 -6.95 16.86 -31.63
CA ALA C 829 -7.84 16.14 -30.70
C ALA C 829 -7.68 16.58 -29.25
N ALA C 852 -10.87 20.80 -17.16
CA ALA C 852 -10.96 19.41 -16.71
C ALA C 852 -9.62 18.94 -16.16
N GLN C 853 -8.71 18.62 -17.08
CA GLN C 853 -7.37 18.16 -16.68
C GLN C 853 -6.59 19.29 -16.03
N LYS C 854 -6.95 20.53 -16.37
CA LYS C 854 -6.29 21.70 -15.73
C LYS C 854 -6.70 21.73 -14.26
N PHE C 855 -7.96 21.40 -13.97
CA PHE C 855 -8.43 21.38 -12.59
C PHE C 855 -7.90 20.18 -11.83
N ASN C 856 -7.55 19.10 -12.55
CA ASN C 856 -7.02 17.91 -11.87
C ASN C 856 -5.58 18.13 -11.44
N GLY C 857 -4.82 18.93 -12.19
CA GLY C 857 -3.43 19.18 -11.88
C GLY C 857 -2.47 18.83 -13.01
N LEU C 858 -2.99 18.23 -14.08
CA LEU C 858 -2.14 17.83 -15.23
C LEU C 858 -2.11 18.98 -16.25
N THR C 859 -0.92 19.48 -16.59
CA THR C 859 -0.80 20.61 -17.50
C THR C 859 0.09 20.21 -18.68
N VAL C 860 -0.08 20.94 -19.78
CA VAL C 860 0.68 20.73 -21.01
C VAL C 860 1.67 21.87 -21.15
N LEU C 861 2.95 21.54 -21.22
CA LEU C 861 3.99 22.54 -21.41
C LEU C 861 4.24 22.75 -22.89
N PRO C 862 4.24 23.98 -23.38
CA PRO C 862 4.56 24.22 -24.78
C PRO C 862 6.01 23.89 -25.07
N PRO C 863 6.32 23.47 -26.29
CA PRO C 863 7.71 23.15 -26.63
C PRO C 863 8.59 24.40 -26.65
N LEU C 864 9.88 24.18 -26.40
CA LEU C 864 10.84 25.28 -26.50
C LEU C 864 10.94 25.79 -27.92
N LEU C 865 10.93 24.90 -28.91
CA LEU C 865 11.00 25.28 -30.31
C LEU C 865 9.60 25.44 -30.88
N THR C 866 9.24 26.67 -31.23
CA THR C 866 7.97 26.98 -31.85
C THR C 866 7.94 26.41 -33.27
N ASP C 867 6.75 25.96 -33.69
CA ASP C 867 6.59 25.32 -34.99
C ASP C 867 6.93 26.26 -36.15
N GLU C 868 6.74 27.57 -35.96
CA GLU C 868 7.08 28.53 -37.00
C GLU C 868 8.58 28.56 -37.24
N MET C 869 9.37 28.67 -36.18
CA MET C 869 10.81 28.72 -36.38
C MET C 869 11.39 27.32 -36.64
N ILE C 870 10.64 26.28 -36.28
CA ILE C 870 10.98 24.93 -36.76
C ILE C 870 10.85 24.86 -38.28
N ALA C 871 9.77 25.42 -38.82
CA ALA C 871 9.62 25.50 -40.27
C ALA C 871 10.67 26.44 -40.88
N GLN C 872 11.12 27.42 -40.12
CA GLN C 872 12.20 28.29 -40.61
C GLN C 872 13.53 27.55 -40.69
N TYR C 873 13.82 26.70 -39.70
CA TYR C 873 14.95 25.77 -39.83
C TYR C 873 14.79 24.86 -41.03
N THR C 874 13.58 24.37 -41.27
CA THR C 874 13.34 23.51 -42.44
C THR C 874 13.62 24.27 -43.74
N SER C 875 13.18 25.52 -43.81
CA SER C 875 13.45 26.34 -44.99
C SER C 875 14.93 26.61 -45.16
N ALA C 876 15.64 26.84 -44.05
CA ALA C 876 17.08 27.07 -44.12
C ALA C 876 17.81 25.82 -44.61
N LEU C 877 17.41 24.65 -44.12
CA LEU C 877 18.02 23.41 -44.58
C LEU C 877 17.73 23.15 -46.06
N LEU C 878 16.50 23.45 -46.49
CA LEU C 878 16.18 23.33 -47.92
C LEU C 878 17.01 24.28 -48.77
N ALA C 879 17.15 25.52 -48.35
CA ALA C 879 17.94 26.50 -49.10
C ALA C 879 19.40 26.08 -49.18
N GLY C 880 19.96 25.61 -48.06
CA GLY C 880 21.34 25.16 -48.06
C GLY C 880 21.54 23.93 -48.92
N THR C 881 20.59 22.99 -48.89
CA THR C 881 20.70 21.78 -49.70
C THR C 881 20.62 22.09 -51.19
N ILE C 882 19.72 22.99 -51.58
CA ILE C 882 19.61 23.32 -53.00
C ILE C 882 20.80 24.14 -53.48
N THR C 883 21.20 25.16 -52.73
CA THR C 883 22.15 26.15 -53.25
C THR C 883 23.57 26.02 -52.69
N SER C 884 23.87 24.97 -51.92
CA SER C 884 25.21 24.84 -51.36
C SER C 884 25.76 23.42 -51.40
N GLY C 885 24.96 22.44 -51.83
CA GLY C 885 25.43 21.06 -51.79
C GLY C 885 25.57 20.59 -50.36
N TRP C 886 26.72 20.00 -50.04
CA TRP C 886 27.03 19.59 -48.69
C TRP C 886 28.05 20.49 -48.00
N THR C 887 28.35 21.66 -48.59
CA THR C 887 29.34 22.55 -48.00
C THR C 887 28.78 23.38 -46.86
N PHE C 888 27.45 23.55 -46.80
CA PHE C 888 26.88 24.41 -45.77
C PHE C 888 26.96 23.75 -44.40
N GLY C 889 26.91 22.42 -44.35
CA GLY C 889 27.12 21.73 -43.08
C GLY C 889 28.58 21.71 -42.67
N ALA C 890 29.48 21.70 -43.65
CA ALA C 890 30.91 21.63 -43.34
C ALA C 890 31.45 22.96 -42.82
N GLY C 891 31.00 24.06 -43.41
CA GLY C 891 31.54 25.36 -43.07
C GLY C 891 30.86 26.49 -43.82
N ALA C 892 31.66 27.40 -44.37
CA ALA C 892 31.11 28.48 -45.19
C ALA C 892 30.50 27.90 -46.46
N ALA C 893 29.28 28.34 -46.78
CA ALA C 893 28.56 27.82 -47.93
C ALA C 893 29.21 28.26 -49.23
N LEU C 894 29.28 27.33 -50.19
CA LEU C 894 29.84 27.60 -51.51
C LEU C 894 28.73 27.53 -52.54
N GLN C 895 28.68 28.54 -53.41
CA GLN C 895 27.62 28.62 -54.41
C GLN C 895 27.87 27.64 -55.54
N ILE C 896 27.01 26.63 -55.66
CA ILE C 896 27.08 25.68 -56.76
C ILE C 896 25.73 25.62 -57.46
N PRO C 897 25.70 25.45 -58.78
CA PRO C 897 24.43 25.18 -59.46
C PRO C 897 23.86 23.82 -59.07
N PHE C 898 22.53 23.71 -59.15
CA PHE C 898 21.87 22.48 -58.72
C PHE C 898 22.13 21.33 -59.69
N ALA C 899 22.33 21.64 -60.97
CA ALA C 899 22.58 20.59 -61.96
C ALA C 899 23.89 19.87 -61.68
N MET C 900 24.94 20.63 -61.34
CA MET C 900 26.21 20.01 -61.01
C MET C 900 26.14 19.25 -59.69
N GLN C 901 25.33 19.71 -58.76
CA GLN C 901 25.13 18.99 -57.51
C GLN C 901 24.46 17.65 -57.74
N MET C 902 23.41 17.63 -58.58
CA MET C 902 22.75 16.37 -58.89
C MET C 902 23.67 15.45 -59.70
N ALA C 903 24.53 16.05 -60.54
CA ALA C 903 25.49 15.26 -61.30
C ALA C 903 26.54 14.63 -60.37
N TYR C 904 27.00 15.37 -59.37
CA TYR C 904 27.91 14.82 -58.38
C TYR C 904 27.25 13.72 -57.57
N ARG C 905 25.96 13.87 -57.28
CA ARG C 905 25.26 12.83 -56.54
C ARG C 905 25.01 11.59 -57.39
N PHE C 906 24.90 11.77 -58.71
CA PHE C 906 24.97 10.61 -59.61
C PHE C 906 26.35 9.97 -59.59
N ASN C 907 27.41 10.80 -59.59
CA ASN C 907 28.77 10.28 -59.60
C ASN C 907 29.07 9.49 -58.34
N GLY C 908 28.44 9.87 -57.22
CA GLY C 908 28.67 9.16 -55.98
C GLY C 908 28.16 7.73 -55.99
N ILE C 909 27.01 7.49 -56.63
CA ILE C 909 26.43 6.14 -56.61
C ILE C 909 26.97 5.23 -57.69
N GLY C 910 27.90 5.71 -58.52
CA GLY C 910 28.58 4.86 -59.48
C GLY C 910 28.32 5.16 -60.94
N VAL C 911 27.29 5.94 -61.26
CA VAL C 911 27.00 6.28 -62.64
C VAL C 911 27.66 7.62 -62.97
N THR C 912 28.23 7.73 -64.17
CA THR C 912 28.95 8.93 -64.54
C THR C 912 27.99 10.08 -64.84
N GLN C 913 28.58 11.28 -64.96
CA GLN C 913 27.78 12.50 -65.04
C GLN C 913 27.22 12.75 -66.43
N ASN C 914 27.61 11.96 -67.43
CA ASN C 914 27.13 12.20 -68.79
C ASN C 914 25.66 11.82 -68.93
N VAL C 915 25.18 10.91 -68.08
CA VAL C 915 23.79 10.46 -68.14
C VAL C 915 22.85 11.60 -67.80
N LEU C 916 23.19 12.38 -66.78
CA LEU C 916 22.38 13.54 -66.40
C LEU C 916 22.37 14.59 -67.49
N TYR C 917 23.55 14.97 -67.99
CA TYR C 917 23.66 16.04 -68.97
C TYR C 917 23.07 15.63 -70.32
N GLU C 918 22.95 14.33 -70.57
CA GLU C 918 22.26 13.87 -71.77
C GLU C 918 20.75 13.89 -71.59
N ASN C 919 20.27 13.64 -70.38
CA ASN C 919 18.84 13.43 -70.12
C ASN C 919 18.36 14.26 -68.93
N GLN C 920 18.67 15.56 -68.91
CA GLN C 920 18.26 16.41 -67.80
C GLN C 920 16.74 16.62 -67.80
N LYS C 921 16.17 16.82 -68.98
CA LYS C 921 14.72 17.12 -69.05
C LYS C 921 13.93 15.95 -68.47
N LEU C 922 14.24 14.72 -68.91
CA LEU C 922 13.48 13.56 -68.46
C LEU C 922 13.55 13.40 -66.94
N ILE C 923 14.73 13.63 -66.36
CA ILE C 923 14.89 13.53 -64.91
C ILE C 923 14.07 14.60 -64.21
N ALA C 924 14.09 15.83 -64.75
CA ALA C 924 13.28 16.91 -64.16
C ALA C 924 11.80 16.62 -64.27
N ASN C 925 11.34 16.07 -65.40
CA ASN C 925 9.94 15.74 -65.56
C ASN C 925 9.52 14.62 -64.62
N GLN C 926 10.38 13.61 -64.44
CA GLN C 926 10.07 12.54 -63.50
C GLN C 926 10.01 13.04 -62.06
N PHE C 927 10.92 13.96 -61.70
CA PHE C 927 10.90 14.52 -60.35
C PHE C 927 9.64 15.35 -60.11
N ASN C 928 9.24 16.15 -61.11
CA ASN C 928 8.02 16.94 -60.99
C ASN C 928 6.78 16.04 -60.92
N SER C 929 6.78 14.96 -61.70
CA SER C 929 5.68 14.00 -61.65
C SER C 929 5.61 13.32 -60.28
N ALA C 930 6.77 13.00 -59.69
CA ALA C 930 6.79 12.40 -58.36
C ALA C 930 6.30 13.40 -57.31
N ILE C 931 6.63 14.67 -57.48
CA ILE C 931 6.12 15.72 -56.59
C ILE C 931 4.59 15.79 -56.69
N GLY C 932 4.07 15.73 -57.91
CA GLY C 932 2.62 15.71 -58.08
C GLY C 932 1.98 14.47 -57.46
N LYS C 933 2.63 13.32 -57.60
CA LYS C 933 2.09 12.08 -57.05
C LYS C 933 2.07 12.10 -55.52
N ILE C 934 3.14 12.60 -54.89
CA ILE C 934 3.16 12.64 -53.43
C ILE C 934 2.17 13.68 -52.91
N GLN C 935 2.02 14.78 -53.65
CA GLN C 935 1.03 15.80 -53.22
C GLN C 935 -0.34 15.12 -53.09
N ASP C 936 -0.80 14.52 -54.18
CA ASP C 936 -2.15 13.89 -54.16
C ASP C 936 -2.17 12.72 -53.19
N SER C 937 -1.09 11.94 -53.11
CA SER C 937 -1.13 10.73 -52.27
C SER C 937 -1.37 11.10 -50.81
N LEU C 938 -0.69 12.14 -50.32
CA LEU C 938 -0.83 12.47 -48.88
C LEU C 938 -2.29 12.83 -48.61
N SER C 939 -2.88 13.65 -49.48
CA SER C 939 -4.29 14.08 -49.27
C SER C 939 -5.24 12.89 -49.42
N SER C 940 -5.06 12.09 -50.47
CA SER C 940 -6.01 10.98 -50.73
C SER C 940 -5.94 9.83 -49.71
N THR C 941 -4.73 9.36 -49.38
CA THR C 941 -4.63 8.14 -48.52
C THR C 941 -5.19 8.39 -47.12
N ALA C 942 -4.82 9.52 -46.50
CA ALA C 942 -5.28 9.85 -45.12
C ALA C 942 -4.72 8.82 -44.13
N SER C 943 -3.74 8.02 -44.55
CA SER C 943 -3.19 6.96 -43.67
C SER C 943 -1.68 7.16 -43.48
N ALA C 944 -1.06 7.98 -44.32
CA ALA C 944 0.40 8.16 -44.25
C ALA C 944 0.76 8.78 -42.90
N LEU C 945 -0.05 9.73 -42.43
CA LEU C 945 0.28 10.45 -41.18
C LEU C 945 -0.27 9.67 -39.98
N GLY C 946 -0.83 8.49 -40.22
CA GLY C 946 -1.42 7.71 -39.12
C GLY C 946 -0.39 7.41 -38.05
N LYS C 947 0.85 7.16 -38.46
CA LYS C 947 1.92 6.83 -37.49
C LYS C 947 2.12 8.00 -36.53
N LEU C 948 2.14 9.23 -37.05
CA LEU C 948 2.27 10.43 -36.18
C LEU C 948 1.05 10.52 -35.28
N GLN C 949 -0.13 10.24 -35.84
CA GLN C 949 -1.38 10.36 -35.06
C GLN C 949 -1.34 9.37 -33.90
N ASP C 950 -0.81 8.17 -34.13
CA ASP C 950 -0.70 7.16 -33.05
C ASP C 950 -0.17 7.84 -31.79
N VAL C 951 0.92 8.60 -31.93
CA VAL C 951 1.53 9.27 -30.78
C VAL C 951 0.51 10.17 -30.08
N VAL C 952 -0.24 10.95 -30.87
CA VAL C 952 -1.26 11.82 -30.30
C VAL C 952 -2.34 11.01 -29.60
N ASN C 953 -2.74 9.91 -30.24
CA ASN C 953 -3.76 9.04 -29.63
C ASN C 953 -3.20 8.50 -28.32
N GLN C 954 -1.98 7.97 -28.33
CA GLN C 954 -1.43 7.35 -27.10
C GLN C 954 -1.31 8.40 -25.99
N ASN C 955 -0.72 9.55 -26.30
CA ASN C 955 -0.52 10.60 -25.27
C ASN C 955 -1.88 10.91 -24.66
N ALA C 956 -2.87 11.21 -25.51
CA ALA C 956 -4.19 11.59 -25.00
C ALA C 956 -4.79 10.42 -24.23
N GLN C 957 -4.63 9.20 -24.75
CA GLN C 957 -5.26 8.04 -24.08
C GLN C 957 -4.68 7.92 -22.68
N ALA C 958 -3.35 8.08 -22.57
CA ALA C 958 -2.70 7.91 -21.25
C ALA C 958 -3.22 8.96 -20.28
N LEU C 959 -3.33 10.21 -20.74
CA LEU C 959 -3.77 11.29 -19.83
C LEU C 959 -5.19 10.94 -19.38
N ASN C 960 -6.01 10.47 -20.32
CA ASN C 960 -7.41 10.12 -19.99
C ASN C 960 -7.39 8.98 -18.97
N THR C 961 -6.53 7.98 -19.17
CA THR C 961 -6.58 6.84 -18.24
C THR C 961 -6.25 7.35 -16.83
N LEU C 962 -5.27 8.26 -16.74
CA LEU C 962 -4.87 8.75 -15.39
C LEU C 962 -6.07 9.47 -14.75
N VAL C 963 -6.76 10.30 -15.53
CA VAL C 963 -7.87 11.09 -14.92
C VAL C 963 -8.94 10.10 -14.45
N LYS C 964 -9.14 9.02 -15.21
CA LYS C 964 -10.14 8.00 -14.82
C LYS C 964 -9.73 7.39 -13.47
N GLN C 965 -8.45 7.08 -13.29
CA GLN C 965 -8.02 6.44 -12.03
C GLN C 965 -8.28 7.39 -10.86
N LEU C 966 -8.01 8.68 -11.06
CA LEU C 966 -8.20 9.67 -9.97
C LEU C 966 -9.61 9.54 -9.41
N SER C 967 -10.54 9.01 -10.21
CA SER C 967 -11.95 8.87 -9.77
C SER C 967 -12.13 7.72 -8.77
N SER C 968 -11.37 6.64 -8.88
CA SER C 968 -11.60 5.44 -8.03
C SER C 968 -11.45 5.73 -6.54
N ASN C 969 -12.23 5.03 -5.70
CA ASN C 969 -12.19 5.20 -4.23
C ASN C 969 -10.89 4.66 -3.64
N PHE C 970 -10.18 3.79 -4.38
CA PHE C 970 -8.93 3.16 -3.87
C PHE C 970 -9.23 2.41 -2.57
N GLY C 971 -10.38 1.76 -2.48
CA GLY C 971 -10.67 0.92 -1.31
C GLY C 971 -10.91 1.71 -0.04
N ALA C 972 -11.67 2.80 -0.12
CA ALA C 972 -12.01 3.54 1.08
C ALA C 972 -13.52 3.73 1.20
N ILE C 973 -13.91 4.49 2.22
CA ILE C 973 -15.33 4.73 2.47
C ILE C 973 -15.91 5.69 1.44
N SER C 974 -15.07 6.57 0.89
CA SER C 974 -15.53 7.57 -0.08
C SER C 974 -14.44 7.87 -1.09
N SER C 975 -14.85 8.24 -2.30
CA SER C 975 -13.88 8.56 -3.34
C SER C 975 -13.38 9.98 -3.22
N VAL C 976 -14.18 10.86 -2.63
CA VAL C 976 -13.84 12.28 -2.59
C VAL C 976 -13.02 12.58 -1.35
N LEU C 977 -11.91 13.28 -1.54
CA LEU C 977 -11.01 13.62 -0.44
C LEU C 977 -11.65 14.63 0.50
N ASN C 978 -12.35 15.63 -0.05
CA ASN C 978 -13.08 16.57 0.79
C ASN C 978 -14.16 15.87 1.61
N ASP C 979 -14.76 14.82 1.03
CA ASP C 979 -15.78 14.06 1.74
C ASP C 979 -15.20 13.35 2.96
N ILE C 980 -14.06 12.67 2.80
CA ILE C 980 -13.51 11.91 3.92
C ILE C 980 -12.93 12.86 4.98
N LEU C 981 -12.40 14.02 4.56
CA LEU C 981 -12.07 15.06 5.54
C LEU C 981 -13.32 15.57 6.26
N SER C 982 -14.46 15.59 5.58
CA SER C 982 -15.68 16.05 6.22
C SER C 982 -16.20 15.04 7.25
N ARG C 983 -16.26 13.76 6.88
CA ARG C 983 -16.98 12.77 7.68
C ARG C 983 -16.32 12.50 9.03
N LEU C 984 -14.99 12.36 9.04
CA LEU C 984 -14.32 11.73 10.17
C LEU C 984 -13.39 12.70 10.88
N ASP C 985 -13.23 12.44 12.18
CA ASP C 985 -12.16 13.05 12.96
C ASP C 985 -10.81 12.52 12.47
N PRO C 986 -9.72 13.24 12.75
CA PRO C 986 -8.37 12.82 12.25
C PRO C 986 -7.99 11.38 12.53
N PRO C 987 -8.08 10.84 13.78
CA PRO C 987 -7.24 9.66 14.14
C PRO C 987 -7.36 8.43 13.23
N GLU C 988 -8.46 8.25 12.52
CA GLU C 988 -8.49 7.25 11.46
C GLU C 988 -8.56 7.90 10.08
N ALA C 989 -8.81 9.21 10.05
CA ALA C 989 -8.82 9.92 8.78
C ALA C 989 -7.43 9.96 8.16
N GLU C 990 -6.40 9.98 9.00
CA GLU C 990 -5.03 9.92 8.45
C GLU C 990 -4.90 8.61 7.67
N VAL C 991 -5.36 7.52 8.26
CA VAL C 991 -5.24 6.20 7.64
C VAL C 991 -6.00 6.15 6.32
N GLN C 992 -7.20 6.74 6.30
CA GLN C 992 -7.96 6.83 5.05
C GLN C 992 -7.21 7.64 3.99
N ILE C 993 -6.62 8.76 4.40
CA ILE C 993 -5.84 9.58 3.46
C ILE C 993 -4.55 8.86 3.04
N ASP C 994 -4.01 8.01 3.92
CA ASP C 994 -2.89 7.16 3.51
C ASP C 994 -3.30 6.24 2.38
N ARG C 995 -4.48 5.61 2.50
CA ARG C 995 -4.99 4.76 1.42
C ARG C 995 -5.16 5.54 0.13
N LEU C 996 -5.87 6.67 0.18
CA LEU C 996 -6.13 7.47 -1.02
C LEU C 996 -4.84 7.96 -1.66
N ILE C 997 -3.96 8.59 -0.88
CA ILE C 997 -2.79 9.22 -1.46
C ILE C 997 -1.77 8.19 -1.92
N THR C 998 -1.63 7.08 -1.19
CA THR C 998 -0.76 6.00 -1.64
C THR C 998 -1.24 5.42 -2.96
N GLY C 999 -2.56 5.26 -3.11
CA GLY C 999 -3.09 4.76 -4.37
C GLY C 999 -2.89 5.73 -5.52
N ARG C 1000 -3.14 7.03 -5.28
CA ARG C 1000 -2.97 8.02 -6.34
C ARG C 1000 -1.50 8.17 -6.73
N LEU C 1001 -0.61 8.05 -5.76
CA LEU C 1001 0.83 8.08 -6.05
C LEU C 1001 1.24 6.85 -6.84
N GLN C 1002 0.64 5.70 -6.54
CA GLN C 1002 0.89 4.50 -7.33
C GLN C 1002 0.41 4.66 -8.78
N SER C 1003 -0.76 5.29 -8.95
CA SER C 1003 -1.26 5.55 -10.29
C SER C 1003 -0.35 6.51 -11.04
N LEU C 1004 0.13 7.56 -10.36
CA LEU C 1004 1.05 8.50 -10.97
C LEU C 1004 2.35 7.82 -11.39
N GLN C 1005 2.90 6.96 -10.53
CA GLN C 1005 4.19 6.35 -10.88
C GLN C 1005 4.03 5.30 -11.97
N THR C 1006 2.87 4.65 -12.06
CA THR C 1006 2.59 3.79 -13.21
C THR C 1006 2.54 4.60 -14.50
N TYR C 1007 1.83 5.73 -14.43
CA TYR C 1007 1.75 6.60 -15.63
C TYR C 1007 3.15 7.10 -15.94
N VAL C 1008 3.91 7.43 -14.89
CA VAL C 1008 5.26 8.01 -15.14
C VAL C 1008 6.09 6.99 -15.91
N THR C 1009 6.11 5.75 -15.43
CA THR C 1009 6.87 4.69 -16.14
C THR C 1009 6.31 4.51 -17.56
N GLN C 1010 5.00 4.50 -17.70
CA GLN C 1010 4.38 4.25 -19.03
C GLN C 1010 4.81 5.37 -19.98
N GLN C 1011 4.79 6.61 -19.50
CA GLN C 1011 5.27 7.71 -20.35
C GLN C 1011 6.76 7.51 -20.61
N LEU C 1012 7.52 7.09 -19.59
CA LEU C 1012 8.99 6.97 -19.75
C LEU C 1012 9.33 5.93 -20.83
N ILE C 1013 8.67 4.77 -20.83
CA ILE C 1013 9.08 3.75 -21.84
C ILE C 1013 8.75 4.29 -23.24
N ARG C 1014 7.61 4.98 -23.38
CA ARG C 1014 7.25 5.58 -24.68
C ARG C 1014 8.28 6.66 -25.00
N ALA C 1015 8.63 7.48 -24.00
CA ALA C 1015 9.62 8.56 -24.23
C ALA C 1015 10.90 7.97 -24.79
N ALA C 1016 11.35 6.84 -24.22
CA ALA C 1016 12.58 6.17 -24.72
C ALA C 1016 12.36 5.66 -26.14
N GLU C 1017 11.19 5.09 -26.43
CA GLU C 1017 10.87 4.60 -27.81
C GLU C 1017 10.84 5.80 -28.76
N ILE C 1018 10.22 6.91 -28.33
CA ILE C 1018 10.17 8.15 -29.17
C ILE C 1018 11.60 8.66 -29.34
N ARG C 1019 12.41 8.59 -28.27
CA ARG C 1019 13.82 9.07 -28.34
C ARG C 1019 14.56 8.23 -29.39
N ALA C 1020 14.34 6.91 -29.39
CA ALA C 1020 15.07 6.03 -30.33
C ALA C 1020 14.68 6.37 -31.77
N SER C 1021 13.38 6.59 -32.03
CA SER C 1021 12.93 6.95 -33.40
C SER C 1021 13.49 8.31 -33.79
N ALA C 1022 13.49 9.26 -32.85
CA ALA C 1022 14.06 10.61 -33.11
C ALA C 1022 15.56 10.52 -33.35
N ASN C 1023 16.25 9.66 -32.59
CA ASN C 1023 17.72 9.48 -32.79
C ASN C 1023 17.95 8.92 -34.20
N LEU C 1024 17.09 7.99 -34.64
CA LEU C 1024 17.20 7.45 -36.03
C LEU C 1024 16.96 8.61 -37.01
N ALA C 1025 16.00 9.48 -36.71
CA ALA C 1025 15.71 10.64 -37.59
C ALA C 1025 16.91 11.59 -37.63
N ALA C 1026 17.57 11.80 -36.48
CA ALA C 1026 18.77 12.67 -36.43
C ALA C 1026 19.87 12.03 -37.29
N THR C 1027 20.03 10.71 -37.18
CA THR C 1027 21.05 10.00 -37.99
C THR C 1027 20.65 10.14 -39.47
N LYS C 1028 19.36 10.03 -39.76
CA LYS C 1028 18.89 10.18 -41.16
C LYS C 1028 19.12 11.62 -41.61
N MET C 1029 18.83 12.60 -40.76
CA MET C 1029 18.95 14.00 -41.24
C MET C 1029 20.42 14.23 -41.59
N SER C 1030 21.33 13.77 -40.73
CA SER C 1030 22.77 13.99 -40.95
C SER C 1030 23.27 13.26 -42.18
N GLU C 1031 22.79 12.04 -42.42
CA GLU C 1031 23.40 11.26 -43.53
C GLU C 1031 22.51 11.24 -44.78
N CYS C 1032 21.21 11.50 -44.66
CA CYS C 1032 20.40 11.49 -45.88
C CYS C 1032 20.38 12.86 -46.56
N VAL C 1033 20.04 13.93 -45.83
CA VAL C 1033 19.93 15.23 -46.46
C VAL C 1033 21.30 15.90 -46.61
N LEU C 1034 22.09 15.86 -45.53
CA LEU C 1034 23.36 16.59 -45.52
C LEU C 1034 24.38 15.97 -46.45
N GLY C 1035 24.38 14.64 -46.58
CA GLY C 1035 25.30 13.97 -47.47
C GLY C 1035 24.60 12.86 -48.21
N GLN C 1036 25.30 12.22 -49.15
CA GLN C 1036 24.71 11.07 -49.89
C GLN C 1036 24.95 9.81 -49.05
N SER C 1037 24.00 8.87 -49.06
CA SER C 1037 24.15 7.68 -48.21
C SER C 1037 24.47 6.44 -49.06
N LYS C 1038 25.66 5.89 -48.89
CA LYS C 1038 26.00 4.62 -49.59
C LYS C 1038 25.11 3.52 -49.02
N ARG C 1039 24.77 3.62 -47.73
CA ARG C 1039 23.98 2.55 -47.06
C ARG C 1039 22.68 2.36 -47.82
N VAL C 1040 22.29 1.11 -48.04
CA VAL C 1040 21.05 0.82 -48.84
C VAL C 1040 19.90 0.55 -47.87
N ASP C 1041 18.71 1.07 -48.16
CA ASP C 1041 17.51 0.86 -47.31
C ASP C 1041 17.61 1.71 -46.06
N PHE C 1042 18.56 2.66 -46.01
CA PHE C 1042 18.64 3.59 -44.86
C PHE C 1042 18.03 4.92 -45.27
N CYS C 1043 18.24 5.33 -46.52
CA CYS C 1043 17.58 6.55 -46.98
C CYS C 1043 16.82 6.21 -48.27
N GLY C 1044 15.60 5.74 -48.12
CA GLY C 1044 14.79 5.39 -49.28
C GLY C 1044 15.18 4.06 -49.89
N LYS C 1045 14.34 3.61 -50.82
CA LYS C 1045 14.61 2.32 -51.52
C LYS C 1045 15.49 2.61 -52.72
N GLY C 1046 16.53 1.80 -52.91
CA GLY C 1046 17.44 1.95 -54.03
C GLY C 1046 18.64 2.81 -53.67
N TYR C 1047 19.45 3.10 -54.68
CA TYR C 1047 20.54 4.05 -54.51
C TYR C 1047 19.99 5.44 -54.23
N HIS C 1048 20.46 6.03 -53.13
CA HIS C 1048 19.88 7.23 -52.57
C HIS C 1048 20.54 8.46 -53.20
N LEU C 1049 19.74 9.33 -53.80
CA LEU C 1049 20.29 10.53 -54.44
C LEU C 1049 20.36 11.68 -53.45
N MET C 1050 19.22 12.11 -52.92
CA MET C 1050 19.20 13.08 -51.82
C MET C 1050 17.86 12.98 -51.10
N SER C 1051 17.72 13.73 -50.02
CA SER C 1051 16.48 13.76 -49.26
C SER C 1051 16.15 15.18 -48.87
N PHE C 1052 14.86 15.43 -48.63
CA PHE C 1052 14.39 16.71 -48.14
C PHE C 1052 13.59 16.51 -46.86
N PRO C 1053 13.82 17.33 -45.84
CA PRO C 1053 12.98 17.29 -44.65
C PRO C 1053 11.81 18.25 -44.73
N GLN C 1054 10.70 17.92 -44.07
CA GLN C 1054 9.55 18.80 -43.99
C GLN C 1054 9.01 18.71 -42.57
N SER C 1055 8.59 19.85 -42.01
CA SER C 1055 8.09 19.87 -40.65
C SER C 1055 6.72 19.20 -40.57
N ALA C 1056 6.36 18.78 -39.36
CA ALA C 1056 5.09 18.11 -39.10
C ALA C 1056 4.76 18.31 -37.63
N PRO C 1057 3.47 18.29 -37.27
CA PRO C 1057 3.11 18.40 -35.85
C PRO C 1057 3.72 17.28 -35.02
N HIS C 1058 4.62 17.67 -34.12
CA HIS C 1058 5.45 16.80 -33.30
C HIS C 1058 6.32 15.86 -34.12
N GLY C 1059 6.81 16.28 -35.29
CA GLY C 1059 7.69 15.41 -36.03
C GLY C 1059 8.28 16.02 -37.29
N VAL C 1060 9.05 15.19 -38.00
CA VAL C 1060 9.61 15.57 -39.29
C VAL C 1060 9.38 14.42 -40.25
N VAL C 1061 9.05 14.76 -41.50
CA VAL C 1061 8.79 13.78 -42.54
C VAL C 1061 9.84 13.95 -43.62
N PHE C 1062 10.33 12.83 -44.15
CA PHE C 1062 11.43 12.85 -45.12
C PHE C 1062 10.91 12.46 -46.49
N LEU C 1063 11.41 13.13 -47.51
CA LEU C 1063 11.13 12.78 -48.90
C LEU C 1063 12.45 12.38 -49.54
N HIS C 1064 12.57 11.10 -49.89
CA HIS C 1064 13.81 10.53 -50.38
C HIS C 1064 13.76 10.42 -51.90
N VAL C 1065 14.45 11.34 -52.58
CA VAL C 1065 14.67 11.26 -54.01
C VAL C 1065 15.78 10.24 -54.22
N THR C 1066 15.43 9.12 -54.86
CA THR C 1066 16.31 7.97 -55.01
C THR C 1066 16.32 7.50 -56.46
N TYR C 1067 17.35 6.72 -56.77
CA TYR C 1067 17.58 6.18 -58.12
C TYR C 1067 17.17 4.71 -58.10
N VAL C 1068 16.28 4.33 -59.01
CA VAL C 1068 15.75 2.97 -59.09
C VAL C 1068 16.10 2.40 -60.46
N PRO C 1069 16.64 1.19 -60.55
CA PRO C 1069 16.89 0.58 -61.87
C PRO C 1069 15.59 0.25 -62.59
N ALA C 1070 15.69 0.14 -63.91
CA ALA C 1070 14.53 0.02 -64.78
C ALA C 1070 14.73 -1.22 -65.64
N GLN C 1071 14.01 -1.34 -66.76
CA GLN C 1071 14.01 -2.49 -67.67
C GLN C 1071 15.41 -3.07 -67.92
N GLU C 1072 15.51 -4.38 -67.76
CA GLU C 1072 16.78 -5.09 -67.72
C GLU C 1072 17.03 -5.78 -69.05
N LYS C 1073 18.29 -6.14 -69.31
CA LYS C 1073 18.65 -6.90 -70.50
C LYS C 1073 19.78 -7.86 -70.17
N ASN C 1074 19.66 -9.09 -70.66
CA ASN C 1074 20.71 -10.08 -70.49
C ASN C 1074 21.91 -9.76 -71.37
N PHE C 1075 23.09 -10.13 -70.88
CA PHE C 1075 24.33 -10.06 -71.63
C PHE C 1075 25.23 -11.18 -71.17
N THR C 1076 26.08 -11.65 -72.09
CA THR C 1076 27.12 -12.60 -71.77
C THR C 1076 28.35 -11.83 -71.29
N THR C 1077 28.85 -12.18 -70.11
CA THR C 1077 29.91 -11.42 -69.46
C THR C 1077 31.18 -12.24 -69.35
N ALA C 1078 32.30 -11.53 -69.21
CA ALA C 1078 33.59 -12.15 -69.05
C ALA C 1078 34.35 -11.49 -67.91
N PRO C 1079 35.12 -12.25 -67.13
CA PRO C 1079 35.96 -11.61 -66.10
C PRO C 1079 37.10 -10.77 -66.66
N ALA C 1080 37.67 -11.16 -67.79
CA ALA C 1080 38.83 -10.46 -68.34
C ALA C 1080 38.97 -10.81 -69.82
N ILE C 1081 39.87 -10.10 -70.50
CA ILE C 1081 40.30 -10.42 -71.85
C ILE C 1081 41.79 -10.72 -71.83
N CYS C 1082 42.17 -11.85 -72.40
CA CYS C 1082 43.55 -12.18 -72.72
C CYS C 1082 43.82 -11.74 -74.15
N HIS C 1083 44.76 -10.82 -74.33
CA HIS C 1083 45.03 -10.26 -75.65
C HIS C 1083 46.41 -10.64 -76.18
N ASP C 1084 47.47 -10.31 -75.45
CA ASP C 1084 48.85 -10.53 -75.91
C ASP C 1084 49.65 -11.14 -74.76
N GLY C 1085 49.08 -12.15 -74.11
CA GLY C 1085 49.70 -12.74 -72.95
C GLY C 1085 49.42 -12.02 -71.66
N LYS C 1086 48.53 -11.03 -71.67
CA LYS C 1086 48.23 -10.22 -70.50
C LYS C 1086 46.74 -10.27 -70.20
N ALA C 1087 46.38 -10.36 -68.92
CA ALA C 1087 45.00 -10.38 -68.48
C ALA C 1087 44.56 -8.94 -68.18
N HIS C 1088 43.65 -8.41 -69.00
CA HIS C 1088 43.24 -7.01 -68.90
C HIS C 1088 41.98 -6.92 -68.05
N PHE C 1089 42.19 -6.77 -66.74
CA PHE C 1089 41.08 -6.59 -65.81
C PHE C 1089 40.55 -5.16 -65.92
N PRO C 1090 39.24 -4.97 -65.69
CA PRO C 1090 38.66 -3.62 -65.83
C PRO C 1090 39.18 -2.66 -64.76
N ARG C 1091 39.45 -1.42 -65.17
CA ARG C 1091 39.69 -0.36 -64.19
C ARG C 1091 38.39 -0.07 -63.43
N GLU C 1092 37.27 0.00 -64.14
CA GLU C 1092 35.95 0.14 -63.55
C GLU C 1092 34.92 -0.35 -64.55
N GLY C 1093 34.01 -1.19 -64.10
CA GLY C 1093 32.97 -1.72 -64.96
C GLY C 1093 33.13 -3.21 -65.20
N VAL C 1094 32.21 -3.77 -65.98
CA VAL C 1094 32.25 -5.18 -66.31
C VAL C 1094 32.29 -5.36 -67.82
N PHE C 1095 32.78 -6.53 -68.25
CA PHE C 1095 32.86 -6.88 -69.66
C PHE C 1095 31.60 -7.63 -70.07
N VAL C 1096 30.77 -6.98 -70.90
CA VAL C 1096 29.57 -7.58 -71.45
C VAL C 1096 29.76 -7.71 -72.96
N SER C 1097 28.87 -8.50 -73.58
CA SER C 1097 28.89 -8.66 -75.03
C SER C 1097 27.47 -8.83 -75.55
N ASN C 1098 27.24 -8.32 -76.76
CA ASN C 1098 25.97 -8.53 -77.44
C ASN C 1098 25.98 -9.77 -78.33
N GLY C 1099 27.07 -10.53 -78.31
CA GLY C 1099 27.22 -11.70 -79.14
C GLY C 1099 28.28 -11.59 -80.22
N THR C 1100 28.63 -10.37 -80.63
CA THR C 1100 29.65 -10.17 -81.66
C THR C 1100 30.88 -9.43 -81.15
N HIS C 1101 30.72 -8.38 -80.34
CA HIS C 1101 31.83 -7.59 -79.85
C HIS C 1101 31.73 -7.47 -78.33
N TRP C 1102 32.87 -7.28 -77.69
CA TRP C 1102 32.95 -7.16 -76.25
C TRP C 1102 33.14 -5.70 -75.86
N PHE C 1103 32.42 -5.26 -74.84
CA PHE C 1103 32.47 -3.89 -74.37
C PHE C 1103 32.62 -3.89 -72.85
N VAL C 1104 33.11 -2.78 -72.32
CA VAL C 1104 33.16 -2.55 -70.88
C VAL C 1104 32.10 -1.51 -70.55
N THR C 1105 31.36 -1.74 -69.46
CA THR C 1105 30.22 -0.88 -69.17
C THR C 1105 30.03 -0.76 -67.66
N GLN C 1106 29.25 0.25 -67.28
CA GLN C 1106 28.90 0.48 -65.89
C GLN C 1106 27.93 -0.59 -65.42
N ARG C 1107 27.93 -0.84 -64.11
CA ARG C 1107 27.01 -1.83 -63.56
C ARG C 1107 25.58 -1.32 -63.53
N ASN C 1108 25.38 -0.07 -63.10
CA ASN C 1108 24.05 0.46 -62.86
C ASN C 1108 23.42 1.11 -64.09
N PHE C 1109 24.13 1.18 -65.21
CA PHE C 1109 23.56 1.72 -66.44
C PHE C 1109 24.31 1.13 -67.62
N TYR C 1110 23.58 0.89 -68.71
CA TYR C 1110 24.16 0.31 -69.91
C TYR C 1110 24.78 1.41 -70.76
N GLU C 1111 26.07 1.64 -70.58
CA GLU C 1111 26.82 2.58 -71.42
C GLU C 1111 27.99 1.83 -72.04
N PRO C 1112 27.82 1.20 -73.19
CA PRO C 1112 28.91 0.43 -73.79
C PRO C 1112 30.04 1.33 -74.27
N GLN C 1113 31.26 0.83 -74.14
CA GLN C 1113 32.46 1.55 -74.54
C GLN C 1113 33.37 0.61 -75.31
N ILE C 1114 34.02 1.12 -76.35
CA ILE C 1114 35.01 0.34 -77.07
C ILE C 1114 36.22 0.12 -76.16
N ILE C 1115 36.82 -1.06 -76.26
CA ILE C 1115 37.89 -1.43 -75.33
C ILE C 1115 39.16 -0.68 -75.70
N THR C 1116 39.82 -0.10 -74.69
CA THR C 1116 41.04 0.66 -74.88
C THR C 1116 42.03 0.32 -73.78
N THR C 1117 43.25 0.85 -73.90
CA THR C 1117 44.28 0.57 -72.91
C THR C 1117 44.04 1.33 -71.62
N ASP C 1118 43.37 2.48 -71.69
CA ASP C 1118 43.09 3.24 -70.47
C ASP C 1118 41.89 2.69 -69.72
N ASN C 1119 41.08 1.86 -70.38
CA ASN C 1119 39.91 1.29 -69.73
C ASN C 1119 40.28 0.12 -68.82
N THR C 1120 41.40 -0.54 -69.11
CA THR C 1120 41.82 -1.74 -68.37
C THR C 1120 43.28 -1.62 -67.95
N PHE C 1121 43.56 -1.99 -66.70
CA PHE C 1121 44.94 -2.13 -66.28
C PHE C 1121 45.43 -3.54 -66.55
N VAL C 1122 46.75 -3.69 -66.63
CA VAL C 1122 47.39 -4.93 -67.03
C VAL C 1122 48.02 -5.59 -65.81
N SER C 1123 47.69 -6.86 -65.58
CA SER C 1123 48.23 -7.60 -64.45
C SER C 1123 48.19 -9.09 -64.76
N GLY C 1124 49.25 -9.79 -64.39
CA GLY C 1124 49.31 -11.23 -64.50
C GLY C 1124 49.42 -11.73 -65.93
N ASN C 1125 49.14 -13.02 -66.09
CA ASN C 1125 49.13 -13.67 -67.39
C ASN C 1125 47.80 -14.40 -67.59
N CYS C 1126 47.67 -14.99 -68.78
CA CYS C 1126 46.36 -15.47 -69.23
C CYS C 1126 45.95 -16.78 -68.58
N ASP C 1127 46.92 -17.64 -68.26
CA ASP C 1127 46.58 -19.02 -67.91
C ASP C 1127 46.00 -19.14 -66.52
N VAL C 1128 46.41 -18.26 -65.60
CA VAL C 1128 46.00 -18.41 -64.20
C VAL C 1128 44.56 -17.97 -64.00
N VAL C 1129 44.06 -17.10 -64.90
CA VAL C 1129 42.71 -16.58 -64.74
C VAL C 1129 41.70 -17.64 -65.16
N ILE C 1130 40.72 -17.90 -64.30
CA ILE C 1130 39.69 -18.89 -64.55
C ILE C 1130 38.56 -18.22 -65.33
N GLY C 1131 38.18 -18.83 -66.46
CA GLY C 1131 37.11 -18.30 -67.26
C GLY C 1131 37.46 -17.11 -68.13
N ILE C 1132 38.74 -16.89 -68.42
CA ILE C 1132 39.13 -15.76 -69.25
C ILE C 1132 38.70 -16.03 -70.70
N VAL C 1133 38.38 -14.96 -71.42
CA VAL C 1133 37.78 -15.05 -72.74
C VAL C 1133 38.68 -14.37 -73.76
N ASN C 1134 38.95 -15.07 -74.87
CA ASN C 1134 39.77 -14.51 -75.93
C ASN C 1134 39.02 -13.36 -76.62
N ASN C 1135 39.71 -12.23 -76.76
CA ASN C 1135 39.17 -11.07 -77.45
C ASN C 1135 40.34 -10.15 -77.80
N THR C 1136 40.05 -9.09 -78.55
CA THR C 1136 41.06 -8.14 -78.98
C THR C 1136 40.95 -6.84 -78.19
N VAL C 1137 42.06 -6.09 -78.15
CA VAL C 1137 42.13 -4.81 -77.48
C VAL C 1137 42.63 -3.77 -78.46
N TYR C 1138 41.89 -2.68 -78.59
CA TYR C 1138 42.21 -1.61 -79.53
C TYR C 1138 43.06 -0.58 -78.78
N ASP C 1139 44.18 -0.22 -79.37
CA ASP C 1139 45.07 0.78 -78.77
C ASP C 1139 44.62 2.17 -79.18
N PRO C 1140 44.28 3.05 -78.22
CA PRO C 1140 43.96 4.44 -78.60
C PRO C 1140 45.14 5.19 -79.20
N LEU C 1141 46.37 4.77 -78.89
CA LEU C 1141 47.54 5.43 -79.44
C LEU C 1141 47.76 5.05 -80.91
N GLN C 1142 47.17 3.93 -81.34
CA GLN C 1142 47.40 3.44 -82.70
C GLN C 1142 46.90 4.37 -83.81
N PRO C 1143 45.68 4.94 -83.77
CA PRO C 1143 45.30 5.87 -84.86
C PRO C 1143 46.18 7.12 -84.93
N GLU C 1144 46.65 7.62 -83.79
CA GLU C 1144 47.53 8.78 -83.82
C GLU C 1144 48.95 8.39 -84.22
N LEU C 1145 49.31 7.12 -84.05
CA LEU C 1145 50.63 6.67 -84.45
C LEU C 1145 50.78 6.65 -85.96
N ASP C 1146 49.71 6.25 -86.67
CA ASP C 1146 49.76 6.22 -88.12
C ASP C 1146 49.78 7.63 -88.69
N SER C 1147 50.65 7.83 -89.70
CA SER C 1147 50.87 9.11 -90.38
C SER C 1147 51.21 10.25 -89.42
N GLN D 1 20.57 -46.69 50.06
CA GLN D 1 21.02 -47.23 51.34
C GLN D 1 19.86 -47.94 52.05
N VAL D 2 19.90 -49.26 52.04
CA VAL D 2 18.78 -50.07 52.54
C VAL D 2 18.98 -50.42 54.01
N GLN D 3 17.94 -50.11 54.81
CA GLN D 3 17.99 -50.38 56.27
C GLN D 3 16.64 -50.86 56.79
N LEU D 4 16.62 -51.97 57.52
CA LEU D 4 15.41 -52.51 58.14
C LEU D 4 15.52 -52.30 59.64
N VAL D 5 14.51 -51.68 60.24
CA VAL D 5 14.54 -51.25 61.63
C VAL D 5 13.71 -52.21 62.46
N GLU D 6 14.33 -52.77 63.50
CA GLU D 6 13.63 -53.62 64.46
C GLU D 6 13.05 -52.78 65.59
N SER D 7 12.00 -53.30 66.22
CA SER D 7 11.33 -52.62 67.31
C SER D 7 10.61 -53.66 68.16
N GLY D 8 9.97 -53.20 69.22
CA GLY D 8 9.21 -54.06 70.10
C GLY D 8 10.03 -55.04 70.91
N GLY D 9 11.18 -54.61 71.43
CA GLY D 9 12.03 -55.43 72.23
C GLY D 9 11.82 -55.25 73.72
N GLY D 10 12.80 -55.67 74.49
CA GLY D 10 12.79 -55.51 75.92
C GLY D 10 12.20 -56.72 76.63
N VAL D 11 12.53 -56.82 77.92
CA VAL D 11 12.03 -57.91 78.75
C VAL D 11 10.66 -57.53 79.29
N VAL D 12 9.68 -58.42 79.10
CA VAL D 12 8.32 -58.22 79.59
C VAL D 12 7.98 -59.36 80.53
N GLN D 13 6.76 -59.31 81.06
CA GLN D 13 6.27 -60.41 81.87
C GLN D 13 6.02 -61.61 80.97
N PRO D 14 6.54 -62.79 81.30
CA PRO D 14 6.48 -63.93 80.38
C PRO D 14 5.08 -64.53 80.15
N GLY D 15 4.56 -64.34 78.94
CA GLY D 15 3.38 -65.05 78.48
C GLY D 15 2.32 -64.13 77.92
N ARG D 16 1.50 -64.74 77.05
CA ARG D 16 0.20 -64.30 76.56
C ARG D 16 0.20 -63.12 75.59
N SER D 17 1.32 -62.42 75.43
CA SER D 17 1.40 -61.28 74.52
C SER D 17 2.84 -60.78 74.44
N LEU D 18 3.22 -60.33 73.24
CA LEU D 18 4.40 -59.52 72.97
C LEU D 18 4.32 -59.06 71.52
N ARG D 19 4.86 -57.87 71.24
CA ARG D 19 4.70 -57.21 69.96
C ARG D 19 6.07 -57.09 69.28
N LEU D 20 6.13 -57.51 68.01
CA LEU D 20 7.29 -57.27 67.18
C LEU D 20 6.85 -56.59 65.88
N SER D 21 7.72 -55.76 65.32
CA SER D 21 7.45 -55.07 64.07
C SER D 21 8.77 -54.71 63.40
N CYS D 22 8.80 -54.80 62.07
CA CYS D 22 9.98 -54.50 61.29
C CYS D 22 9.64 -53.50 60.20
N ALA D 23 10.34 -52.36 60.19
CA ALA D 23 10.16 -51.32 59.21
C ALA D 23 11.13 -51.53 58.05
N ALA D 24 11.03 -50.68 57.02
CA ALA D 24 11.90 -50.78 55.86
C ALA D 24 12.00 -49.42 55.19
N SER D 25 13.23 -48.92 55.04
CA SER D 25 13.45 -47.67 54.36
C SER D 25 13.27 -47.83 52.85
N GLY D 26 12.87 -46.75 52.19
CA GLY D 26 12.66 -46.77 50.76
C GLY D 26 11.25 -47.18 50.39
N LEU D 27 11.04 -47.37 49.07
CA LEU D 27 9.69 -47.77 48.58
C LEU D 27 9.77 -49.13 47.86
N THR D 28 10.74 -49.98 48.22
CA THR D 28 10.85 -51.33 47.60
C THR D 28 10.44 -52.42 48.61
N PHE D 29 9.73 -52.03 49.67
CA PHE D 29 9.29 -53.01 50.71
C PHE D 29 8.30 -54.01 50.11
N SER D 30 7.29 -53.51 49.39
CA SER D 30 6.23 -54.40 48.86
C SER D 30 6.70 -55.25 47.67
N SER D 31 6.11 -56.44 47.49
CA SER D 31 6.42 -57.34 46.35
C SER D 31 7.71 -58.13 46.55
N TYR D 32 8.35 -58.03 47.71
CA TYR D 32 9.54 -58.85 47.99
C TYR D 32 9.26 -59.81 49.14
N VAL D 33 9.37 -61.11 48.88
CA VAL D 33 9.09 -62.14 49.92
C VAL D 33 9.95 -61.84 51.14
N MET D 34 9.39 -61.94 52.34
CA MET D 34 10.17 -61.62 53.58
C MET D 34 10.07 -62.78 54.57
N HIS D 35 11.15 -63.01 55.34
CA HIS D 35 11.18 -64.14 56.30
C HIS D 35 11.62 -63.61 57.67
N TRP D 36 11.27 -64.31 58.74
CA TRP D 36 11.76 -63.91 60.09
C TRP D 36 12.73 -64.96 60.63
N VAL D 37 13.93 -64.55 61.03
CA VAL D 37 14.95 -65.46 61.54
C VAL D 37 15.19 -65.14 63.01
N ARG D 38 15.08 -66.15 63.86
CA ARG D 38 15.31 -65.99 65.30
C ARG D 38 16.69 -66.57 65.64
N GLN D 39 17.52 -65.79 66.34
CA GLN D 39 18.89 -66.23 66.69
C GLN D 39 18.91 -66.71 68.13
N ALA D 40 19.07 -68.01 68.33
CA ALA D 40 19.18 -68.60 69.66
C ALA D 40 20.41 -68.04 70.37
N PRO D 41 20.37 -67.99 71.71
CA PRO D 41 21.56 -67.50 72.44
C PRO D 41 22.80 -68.34 72.21
N GLY D 42 22.67 -69.66 72.07
CA GLY D 42 23.82 -70.49 71.82
C GLY D 42 23.56 -71.68 70.92
N LYS D 43 22.46 -71.66 70.17
CA LYS D 43 22.07 -72.80 69.36
C LYS D 43 21.87 -72.47 67.88
N GLY D 44 22.45 -71.38 67.39
CA GLY D 44 22.38 -71.07 65.97
C GLY D 44 21.06 -70.45 65.56
N LEU D 45 20.88 -70.37 64.25
CA LEU D 45 19.72 -69.73 63.66
C LEU D 45 18.54 -70.70 63.57
N ASP D 46 17.35 -70.13 63.36
CA ASP D 46 16.13 -70.91 63.22
C ASP D 46 15.16 -70.11 62.35
N TRP D 47 14.02 -70.72 62.07
CA TRP D 47 13.02 -70.15 61.17
C TRP D 47 11.74 -69.82 61.93
N VAL D 48 10.99 -68.85 61.40
CA VAL D 48 9.70 -68.47 61.97
C VAL D 48 8.62 -68.71 60.93
N GLY D 49 8.73 -68.06 59.77
CA GLY D 49 7.72 -68.20 58.75
C GLY D 49 8.11 -67.45 57.49
N VAL D 50 7.18 -67.44 56.53
CA VAL D 50 7.39 -66.78 55.25
C VAL D 50 6.05 -66.24 54.77
N ILE D 51 6.08 -65.08 54.12
CA ILE D 51 4.89 -64.49 53.51
C ILE D 51 5.26 -64.03 52.11
N TRP D 52 4.33 -64.20 51.17
CA TRP D 52 4.59 -63.87 49.77
C TRP D 52 4.33 -62.39 49.51
N TYR D 53 4.24 -62.04 48.22
CA TYR D 53 4.04 -60.64 47.83
C TYR D 53 2.66 -60.14 48.24
N ASP D 54 1.64 -61.01 48.19
CA ASP D 54 0.29 -60.65 48.56
C ASP D 54 -0.25 -61.38 49.78
N GLY D 55 0.51 -62.33 50.34
CA GLY D 55 0.08 -63.01 51.54
C GLY D 55 -0.94 -64.10 51.34
N SER D 56 -1.13 -64.58 50.10
CA SER D 56 -2.08 -65.65 49.87
C SER D 56 -1.57 -66.97 50.43
N LYS D 57 -0.29 -67.26 50.28
CA LYS D 57 0.33 -68.47 50.79
C LYS D 57 1.24 -68.12 51.97
N LYS D 58 1.05 -68.85 53.07
CA LYS D 58 1.88 -68.61 54.27
C LYS D 58 2.27 -69.98 54.80
N TYR D 59 3.46 -70.09 55.37
CA TYR D 59 3.97 -71.36 55.89
C TYR D 59 4.79 -71.09 57.14
N TYR D 60 4.78 -72.05 58.06
CA TYR D 60 5.48 -71.93 59.33
C TYR D 60 6.36 -73.14 59.57
N ALA D 61 7.40 -72.94 60.37
CA ALA D 61 8.32 -74.01 60.72
C ALA D 61 7.70 -74.93 61.77
N ASP D 62 8.37 -76.06 62.00
CA ASP D 62 7.90 -77.06 62.95
C ASP D 62 8.30 -76.75 64.39
N SER D 63 9.20 -75.79 64.61
CA SER D 63 9.64 -75.44 65.95
C SER D 63 8.52 -74.85 66.78
N VAL D 64 7.67 -74.03 66.17
CA VAL D 64 6.55 -73.40 66.84
C VAL D 64 5.31 -73.55 65.95
N LYS D 65 4.16 -73.76 66.58
CA LYS D 65 2.90 -73.96 65.85
C LYS D 65 1.77 -73.28 66.60
N GLY D 66 0.98 -72.49 65.89
CA GLY D 66 -0.22 -71.89 66.44
C GLY D 66 0.02 -70.68 67.32
N ARG D 67 1.22 -70.11 67.33
CA ARG D 67 1.49 -68.94 68.15
C ARG D 67 1.93 -67.72 67.37
N PHE D 68 2.21 -67.85 66.08
CA PHE D 68 2.76 -66.76 65.29
C PHE D 68 1.82 -66.39 64.15
N THR D 69 1.72 -65.09 63.88
CA THR D 69 0.92 -64.55 62.79
C THR D 69 1.70 -63.45 62.09
N ILE D 70 1.73 -63.49 60.77
CA ILE D 70 2.54 -62.57 59.97
C ILE D 70 1.64 -61.81 59.02
N SER D 71 1.80 -60.48 59.01
CA SER D 71 1.04 -59.63 58.09
C SER D 71 1.91 -58.45 57.67
N ARG D 72 1.61 -57.89 56.50
CA ARG D 72 2.34 -56.77 55.94
C ARG D 72 1.38 -55.63 55.69
N ASP D 73 1.80 -54.40 56.03
CA ASP D 73 1.03 -53.21 55.74
C ASP D 73 1.77 -52.45 54.64
N ASN D 74 1.11 -52.27 53.49
CA ASN D 74 1.77 -51.66 52.34
C ASN D 74 1.98 -50.16 52.54
N SER D 75 1.00 -49.47 53.13
CA SER D 75 1.08 -48.02 53.26
C SER D 75 2.08 -47.59 54.33
N LYS D 76 2.11 -48.28 55.46
CA LYS D 76 2.96 -47.87 56.57
C LYS D 76 4.42 -48.27 56.40
N ASN D 77 4.74 -49.08 55.38
CA ASN D 77 6.10 -49.58 55.13
C ASN D 77 6.66 -50.33 56.33
N THR D 78 5.80 -51.10 57.01
CA THR D 78 6.19 -51.84 58.19
C THR D 78 5.47 -53.19 58.19
N LEU D 79 6.21 -54.25 58.49
CA LEU D 79 5.65 -55.59 58.59
C LEU D 79 5.42 -55.92 60.06
N TYR D 80 4.32 -56.59 60.36
CA TYR D 80 3.88 -56.82 61.72
C TYR D 80 3.86 -58.31 62.02
N LEU D 81 4.31 -58.68 63.22
CA LEU D 81 4.32 -60.07 63.65
C LEU D 81 3.87 -60.12 65.11
N GLN D 82 3.15 -61.18 65.47
CA GLN D 82 2.57 -61.31 66.80
C GLN D 82 2.82 -62.70 67.35
N MET D 83 3.14 -62.76 68.65
CA MET D 83 3.29 -64.05 69.37
C MET D 83 2.14 -64.16 70.37
N ASN D 84 1.23 -65.13 70.18
CA ASN D 84 0.09 -65.35 71.06
C ASN D 84 0.49 -65.95 72.40
N SER D 85 1.74 -66.36 72.55
CA SER D 85 2.24 -66.91 73.80
C SER D 85 3.76 -66.76 73.83
N LEU D 86 4.32 -66.88 75.03
CA LEU D 86 5.76 -66.81 75.25
C LEU D 86 6.17 -68.05 76.03
N ARG D 87 6.80 -68.99 75.33
CA ARG D 87 7.22 -70.26 75.92
C ARG D 87 8.61 -70.10 76.55
N ALA D 88 9.24 -71.22 76.88
CA ALA D 88 10.54 -71.22 77.55
C ALA D 88 11.67 -70.69 76.67
N GLU D 89 11.38 -70.46 75.39
CA GLU D 89 12.38 -69.89 74.45
C GLU D 89 12.62 -68.42 74.84
N ASP D 90 13.74 -68.13 75.51
CA ASP D 90 14.02 -66.78 75.99
C ASP D 90 15.37 -66.33 75.48
N THR D 91 15.58 -65.00 75.55
CA THR D 91 16.78 -64.32 75.07
C THR D 91 17.07 -64.64 73.61
N ALA D 92 16.02 -64.71 72.79
CA ALA D 92 16.15 -65.00 71.37
C ALA D 92 16.15 -63.70 70.58
N VAL D 93 17.14 -63.55 69.70
CA VAL D 93 17.28 -62.34 68.90
C VAL D 93 16.59 -62.56 67.57
N TYR D 94 15.66 -61.68 67.23
CA TYR D 94 14.82 -61.84 66.05
C TYR D 94 15.26 -60.85 64.98
N TYR D 95 15.52 -61.35 63.77
CA TYR D 95 15.87 -60.52 62.62
C TYR D 95 14.78 -60.61 61.56
N CYS D 96 14.59 -59.51 60.85
CA CYS D 96 13.76 -59.48 59.65
C CYS D 96 14.65 -59.31 58.43
N ALA D 97 14.43 -60.14 57.42
CA ALA D 97 15.29 -60.15 56.25
C ALA D 97 14.46 -60.15 54.98
N ARG D 98 14.98 -59.48 53.96
CA ARG D 98 14.25 -59.35 52.67
C ARG D 98 14.93 -60.21 51.61
N ASP D 99 14.17 -61.04 50.91
CA ASP D 99 14.65 -61.91 49.86
C ASP D 99 14.19 -61.38 48.50
N PRO D 100 15.09 -61.12 47.52
CA PRO D 100 14.69 -60.50 46.26
C PRO D 100 13.78 -61.35 45.37
N ARG D 101 13.42 -62.57 45.79
CA ARG D 101 12.57 -63.41 44.88
C ARG D 101 11.20 -62.76 44.75
N ASP D 102 10.96 -62.01 43.66
CA ASP D 102 9.68 -61.29 43.45
C ASP D 102 8.62 -62.23 42.88
N TYR D 103 7.39 -61.74 42.72
CA TYR D 103 6.29 -62.59 42.20
C TYR D 103 6.67 -63.12 40.81
N TYR D 104 7.25 -62.25 39.99
CA TYR D 104 7.59 -62.66 38.59
C TYR D 104 8.60 -63.81 38.62
N ASP D 105 9.53 -63.79 39.58
CA ASP D 105 10.60 -64.83 39.60
C ASP D 105 9.98 -66.22 39.79
N PHE D 106 9.00 -66.37 40.69
CA PHE D 106 8.35 -67.70 40.80
C PHE D 106 7.20 -67.84 39.80
N TRP D 107 6.75 -66.74 39.20
CA TRP D 107 5.72 -66.84 38.14
C TRP D 107 6.32 -67.59 36.94
N SER D 108 7.58 -67.29 36.61
CA SER D 108 8.26 -67.96 35.46
C SER D 108 8.50 -69.43 35.80
N GLY D 109 8.43 -70.30 34.79
CA GLY D 109 8.61 -71.74 35.02
C GLY D 109 9.87 -72.04 35.81
N TYR D 110 10.85 -71.13 35.77
CA TYR D 110 12.14 -71.42 36.45
C TYR D 110 11.92 -71.66 37.93
N ASP D 111 12.51 -72.72 38.48
CA ASP D 111 12.43 -72.98 39.94
C ASP D 111 13.76 -72.49 40.53
N TYR D 112 13.75 -71.31 41.15
CA TYR D 112 15.03 -70.74 41.65
C TYR D 112 14.83 -70.19 43.07
N TYR D 113 15.85 -70.34 43.92
CA TYR D 113 15.77 -69.73 45.28
C TYR D 113 16.99 -68.81 45.42
N TYR D 114 16.75 -67.56 45.79
CA TYR D 114 17.86 -66.60 45.99
C TYR D 114 18.27 -66.62 47.45
N GLY D 115 19.05 -65.62 47.86
CA GLY D 115 19.51 -65.54 49.22
C GLY D 115 18.94 -64.34 49.97
N LEU D 116 18.88 -64.48 51.30
CA LEU D 116 18.41 -63.42 52.19
C LEU D 116 19.47 -62.32 52.18
N ASP D 117 19.21 -61.28 51.40
CA ASP D 117 20.24 -60.28 51.09
C ASP D 117 20.48 -59.31 52.24
N VAL D 118 19.45 -58.54 52.62
CA VAL D 118 19.58 -57.50 53.63
C VAL D 118 18.86 -57.94 54.89
N TRP D 119 19.48 -57.65 56.04
CA TRP D 119 18.96 -58.05 57.34
C TRP D 119 18.69 -56.81 58.18
N GLY D 120 17.92 -57.00 59.25
CA GLY D 120 17.60 -55.93 60.16
C GLY D 120 18.66 -55.74 61.23
N GLN D 121 18.42 -54.76 62.10
CA GLN D 121 19.33 -54.45 63.19
C GLN D 121 19.32 -55.50 64.29
N GLY D 122 18.17 -56.11 64.58
CA GLY D 122 18.06 -57.06 65.65
C GLY D 122 17.34 -56.49 66.86
N THR D 123 16.84 -57.40 67.70
CA THR D 123 16.08 -57.01 68.88
C THR D 123 16.22 -58.11 69.93
N THR D 124 15.81 -57.78 71.15
CA THR D 124 15.88 -58.72 72.28
C THR D 124 14.47 -59.14 72.67
N VAL D 125 14.24 -60.46 72.69
CA VAL D 125 12.96 -61.03 73.05
C VAL D 125 13.19 -61.99 74.20
N THR D 126 12.53 -61.75 75.33
CA THR D 126 12.68 -62.60 76.51
C THR D 126 11.33 -63.07 77.04
N GLU E 1 12.82 -79.16 57.72
CA GLU E 1 13.05 -80.21 58.71
C GLU E 1 14.04 -81.23 58.17
N ILE E 2 14.80 -80.82 57.15
CA ILE E 2 15.84 -81.67 56.60
C ILE E 2 17.02 -81.71 57.57
N VAL E 3 17.57 -82.90 57.76
CA VAL E 3 18.67 -83.10 58.71
C VAL E 3 19.98 -82.64 58.07
N LEU E 4 20.34 -81.39 58.27
CA LEU E 4 21.63 -80.90 57.81
C LEU E 4 22.71 -81.18 58.83
N THR E 5 23.93 -81.39 58.34
CA THR E 5 25.07 -81.70 59.21
C THR E 5 26.30 -80.96 58.69
N GLN E 6 26.90 -80.16 59.56
CA GLN E 6 28.11 -79.43 59.24
C GLN E 6 29.29 -80.04 59.98
N SER E 7 30.36 -80.35 59.24
CA SER E 7 31.54 -80.96 59.81
C SER E 7 32.77 -80.36 59.14
N PRO E 8 33.82 -80.01 59.91
CA PRO E 8 33.88 -80.09 61.38
C PRO E 8 33.24 -78.88 62.05
N GLY E 9 32.88 -79.04 63.33
CA GLY E 9 32.25 -77.94 64.06
C GLY E 9 33.20 -76.78 64.32
N ILE E 10 34.45 -77.09 64.69
CA ILE E 10 35.44 -76.08 65.04
C ILE E 10 36.67 -76.29 64.19
N LEU E 11 37.14 -75.23 63.52
CA LEU E 11 38.37 -75.26 62.75
C LEU E 11 39.34 -74.24 63.32
N SER E 12 40.60 -74.64 63.45
CA SER E 12 41.67 -73.75 63.94
C SER E 12 42.76 -73.70 62.87
N LEU E 13 42.87 -72.55 62.20
CA LEU E 13 43.88 -72.35 61.18
C LEU E 13 44.44 -70.94 61.28
N SER E 14 45.71 -70.80 60.90
CA SER E 14 46.37 -69.52 60.86
C SER E 14 45.80 -68.65 59.73
N PRO E 15 45.89 -67.32 59.85
CA PRO E 15 45.50 -66.46 58.73
C PRO E 15 46.39 -66.69 57.52
N GLY E 16 45.77 -66.60 56.33
CA GLY E 16 46.46 -66.86 55.10
C GLY E 16 46.41 -68.30 54.62
N GLU E 17 45.78 -69.20 55.37
CA GLU E 17 45.70 -70.60 55.00
C GLU E 17 44.38 -70.87 54.26
N ARG E 18 44.18 -72.14 53.89
CA ARG E 18 43.00 -72.57 53.17
C ARG E 18 42.14 -73.43 54.08
N ALA E 19 40.85 -73.11 54.15
CA ALA E 19 39.90 -73.84 54.98
C ALA E 19 38.79 -74.40 54.10
N THR E 20 38.43 -75.66 54.34
CA THR E 20 37.33 -76.31 53.63
C THR E 20 36.19 -76.55 54.61
N LEU E 21 34.96 -76.47 54.09
CA LEU E 21 33.76 -76.58 54.92
C LEU E 21 32.78 -77.53 54.24
N SER E 22 32.05 -78.31 55.05
CA SER E 22 31.11 -79.29 54.55
C SER E 22 29.71 -79.04 55.12
N CYS E 23 28.70 -79.30 54.31
CA CYS E 23 27.30 -79.17 54.72
C CYS E 23 26.51 -80.24 53.96
N ARG E 24 26.21 -81.34 54.63
CA ARG E 24 25.56 -82.49 54.01
C ARG E 24 24.07 -82.48 54.31
N ALA E 25 23.26 -82.79 53.30
CA ALA E 25 21.82 -82.85 53.42
C ALA E 25 21.35 -84.29 53.43
N SER E 26 20.31 -84.56 54.23
CA SER E 26 19.81 -85.92 54.37
C SER E 26 18.93 -86.36 53.21
N GLN E 27 18.46 -85.43 52.38
CA GLN E 27 17.60 -85.75 51.25
C GLN E 27 18.17 -85.10 49.99
N SER E 28 17.55 -85.41 48.85
CA SER E 28 18.06 -84.94 47.57
C SER E 28 17.75 -83.46 47.38
N VAL E 29 18.71 -82.73 46.81
CA VAL E 29 18.59 -81.30 46.54
C VAL E 29 18.85 -81.08 45.06
N SER E 30 18.06 -80.20 44.44
CA SER E 30 18.16 -79.89 43.03
C SER E 30 19.29 -78.91 42.69
N SER E 31 20.25 -78.74 43.60
CA SER E 31 21.47 -77.94 43.42
C SER E 31 21.18 -76.47 43.11
N SER E 32 20.06 -75.96 43.59
CA SER E 32 19.77 -74.53 43.47
C SER E 32 19.10 -73.98 44.72
N TYR E 33 19.23 -74.66 45.85
CA TYR E 33 18.47 -74.33 47.06
C TYR E 33 19.31 -73.82 48.21
N LEU E 34 20.61 -74.07 48.23
CA LEU E 34 21.44 -73.71 49.38
C LEU E 34 21.93 -72.28 49.31
N ALA E 35 22.18 -71.71 50.49
CA ALA E 35 22.80 -70.41 50.65
C ALA E 35 23.85 -70.51 51.75
N TRP E 36 24.85 -69.63 51.66
CA TRP E 36 25.98 -69.63 52.58
C TRP E 36 26.05 -68.28 53.29
N TYR E 37 26.33 -68.31 54.58
CA TYR E 37 26.29 -67.12 55.40
C TYR E 37 27.54 -67.02 56.28
N GLN E 38 27.89 -65.80 56.63
CA GLN E 38 28.90 -65.51 57.63
C GLN E 38 28.28 -64.60 58.68
N GLN E 39 28.43 -64.98 59.96
CA GLN E 39 27.82 -64.24 61.06
C GLN E 39 28.89 -63.94 62.10
N LYS E 40 29.19 -62.67 62.27
CA LYS E 40 30.06 -62.32 63.38
C LYS E 40 29.24 -62.26 64.67
N PRO E 41 29.86 -62.54 65.83
CA PRO E 41 29.10 -62.56 67.08
C PRO E 41 28.62 -61.16 67.47
N GLY E 42 27.31 -61.06 67.71
CA GLY E 42 26.69 -59.80 68.05
C GLY E 42 26.08 -59.04 66.89
N GLN E 43 26.20 -59.54 65.66
CA GLN E 43 25.65 -58.87 64.50
C GLN E 43 24.85 -59.87 63.66
N ALA E 44 24.10 -59.32 62.71
CA ALA E 44 23.24 -60.13 61.85
C ALA E 44 24.08 -60.93 60.85
N PRO E 45 23.57 -62.08 60.39
CA PRO E 45 24.27 -62.82 59.33
C PRO E 45 24.29 -62.07 58.01
N ARG E 46 25.30 -62.37 57.20
CA ARG E 46 25.52 -61.71 55.93
C ARG E 46 25.54 -62.75 54.81
N LEU E 47 24.90 -62.44 53.69
CA LEU E 47 24.90 -63.34 52.55
C LEU E 47 26.29 -63.40 51.89
N LEU E 48 26.72 -64.62 51.58
CA LEU E 48 27.95 -64.83 50.83
C LEU E 48 27.70 -65.50 49.49
N ILE E 49 27.07 -66.67 49.48
CA ILE E 49 26.83 -67.45 48.26
C ILE E 49 25.35 -67.78 48.21
N TYR E 50 24.69 -67.44 47.10
CA TYR E 50 23.31 -67.82 46.86
C TYR E 50 23.25 -68.88 45.77
N GLY E 51 22.41 -69.90 45.99
CA GLY E 51 22.39 -71.00 45.05
C GLY E 51 23.65 -71.85 45.17
N ALA E 52 24.05 -72.43 44.04
CA ALA E 52 25.25 -73.24 43.96
C ALA E 52 26.26 -72.54 43.05
N SER E 53 27.45 -72.27 43.59
CA SER E 53 28.59 -71.70 42.85
C SER E 53 28.23 -70.36 42.20
N SER E 54 27.45 -69.54 42.91
CA SER E 54 27.11 -68.21 42.43
C SER E 54 27.43 -67.20 43.54
N ARG E 55 28.16 -66.15 43.18
CA ARG E 55 28.65 -65.17 44.14
C ARG E 55 27.68 -64.00 44.24
N ALA E 56 27.39 -63.59 45.47
CA ALA E 56 26.50 -62.47 45.72
C ALA E 56 27.21 -61.14 45.43
N THR E 57 26.40 -60.08 45.38
CA THR E 57 26.95 -58.74 45.13
C THR E 57 27.74 -58.25 46.32
N GLY E 58 28.93 -57.69 46.06
CA GLY E 58 29.81 -57.21 47.09
C GLY E 58 30.71 -58.26 47.70
N ILE E 59 30.54 -59.52 47.34
CA ILE E 59 31.38 -60.59 47.88
C ILE E 59 32.66 -60.70 47.05
N PRO E 60 33.83 -60.67 47.68
CA PRO E 60 35.09 -60.77 46.92
C PRO E 60 35.26 -62.16 46.31
N ASP E 61 36.18 -62.23 45.34
CA ASP E 61 36.42 -63.46 44.61
C ASP E 61 37.15 -64.52 45.43
N ARG E 62 37.61 -64.16 46.64
CA ARG E 62 38.35 -65.13 47.49
C ARG E 62 37.40 -66.24 47.95
N PHE E 63 36.13 -65.90 48.20
CA PHE E 63 35.14 -66.88 48.65
C PHE E 63 34.66 -67.72 47.46
N SER E 64 34.52 -69.02 47.67
CA SER E 64 34.09 -69.93 46.63
C SER E 64 33.20 -71.01 47.24
N GLY E 65 32.35 -71.61 46.39
CA GLY E 65 31.46 -72.67 46.82
C GLY E 65 31.13 -73.59 45.67
N SER E 66 30.84 -74.83 46.02
CA SER E 66 30.51 -75.86 45.04
C SER E 66 29.75 -76.98 45.73
N GLY E 67 29.25 -77.91 44.92
CA GLY E 67 28.54 -79.07 45.45
C GLY E 67 27.24 -79.38 44.74
N SER E 68 26.83 -80.64 44.79
CA SER E 68 25.59 -81.07 44.15
C SER E 68 25.08 -82.32 44.87
N GLY E 69 23.82 -82.63 44.62
CA GLY E 69 23.21 -83.79 45.25
C GLY E 69 22.97 -83.60 46.74
N THR E 70 23.74 -84.31 47.56
CA THR E 70 23.67 -84.16 49.01
C THR E 70 24.97 -83.65 49.62
N ASP E 71 26.03 -83.51 48.83
CA ASP E 71 27.33 -83.06 49.32
C ASP E 71 27.63 -81.67 48.77
N PHE E 72 27.93 -80.73 49.65
CA PHE E 72 28.19 -79.35 49.27
C PHE E 72 29.39 -78.82 50.06
N THR E 73 30.18 -77.97 49.41
CA THR E 73 31.47 -77.54 49.94
C THR E 73 31.65 -76.05 49.77
N LEU E 74 32.16 -75.40 50.82
CA LEU E 74 32.64 -74.02 50.75
C LEU E 74 34.14 -74.05 50.91
N THR E 75 34.86 -73.42 49.98
CA THR E 75 36.31 -73.36 50.00
C THR E 75 36.75 -71.91 49.91
N ILE E 76 37.64 -71.51 50.82
CA ILE E 76 38.20 -70.17 50.85
C ILE E 76 39.64 -70.22 50.35
N SER E 77 39.99 -69.27 49.47
CA SER E 77 41.34 -69.25 48.92
C SER E 77 42.37 -68.79 49.93
N ARG E 78 42.04 -67.75 50.70
CA ARG E 78 42.97 -67.20 51.68
C ARG E 78 42.16 -66.66 52.85
N LEU E 79 42.60 -66.93 54.07
CA LEU E 79 41.84 -66.55 55.26
C LEU E 79 42.28 -65.17 55.74
N GLU E 80 41.39 -64.19 55.61
CA GLU E 80 41.62 -62.85 56.12
C GLU E 80 41.34 -62.81 57.62
N PRO E 81 41.93 -61.84 58.33
CA PRO E 81 41.55 -61.65 59.74
C PRO E 81 40.10 -61.30 59.95
N GLU E 82 39.48 -60.58 59.01
CA GLU E 82 38.07 -60.22 59.14
C GLU E 82 37.13 -61.34 58.68
N ASP E 83 37.65 -62.39 58.07
CA ASP E 83 36.83 -63.51 57.61
C ASP E 83 36.63 -64.56 58.69
N PHE E 84 37.15 -64.36 59.89
CA PHE E 84 37.06 -65.35 60.97
C PHE E 84 35.75 -65.15 61.72
N ALA E 85 34.78 -66.02 61.47
CA ALA E 85 33.48 -65.98 62.12
C ALA E 85 32.87 -67.37 62.00
N VAL E 86 31.58 -67.49 62.34
CA VAL E 86 30.86 -68.75 62.24
C VAL E 86 30.02 -68.74 60.97
N TYR E 87 29.87 -69.91 60.35
CA TYR E 87 29.23 -70.05 59.05
C TYR E 87 28.04 -71.00 59.14
N TYR E 88 26.98 -70.70 58.40
CA TYR E 88 25.77 -71.51 58.40
C TYR E 88 25.31 -71.77 56.96
N CYS E 89 24.66 -72.92 56.77
CA CYS E 89 24.10 -73.31 55.49
C CYS E 89 22.61 -73.60 55.65
N GLN E 90 21.81 -73.16 54.67
CA GLN E 90 20.38 -73.40 54.67
C GLN E 90 19.99 -74.06 53.36
N GLN E 91 18.69 -74.35 53.20
CA GLN E 91 18.17 -74.92 51.93
C GLN E 91 16.66 -74.61 51.87
N TYR E 92 16.19 -73.98 50.79
CA TYR E 92 14.75 -73.60 50.79
C TYR E 92 14.09 -73.88 49.44
N GLY E 93 12.81 -74.25 49.47
CA GLY E 93 12.05 -74.50 48.24
C GLY E 93 10.72 -73.77 48.36
N SER E 94 9.98 -73.60 47.27
CA SER E 94 8.75 -72.78 47.35
C SER E 94 7.79 -73.37 48.39
N SER E 95 7.61 -74.70 48.40
CA SER E 95 6.79 -75.34 49.45
C SER E 95 7.70 -75.98 50.50
N GLY E 96 9.01 -75.98 50.25
CA GLY E 96 9.97 -76.64 51.17
C GLY E 96 10.18 -75.87 52.46
N ALA E 97 10.50 -76.57 53.56
CA ALA E 97 10.83 -75.88 54.82
C ALA E 97 12.21 -75.24 54.74
N LEU E 98 12.46 -74.16 55.49
CA LEU E 98 13.80 -73.52 55.50
C LEU E 98 14.54 -74.00 56.75
N THR E 99 15.66 -74.69 56.56
CA THR E 99 16.43 -75.22 57.72
C THR E 99 17.88 -74.75 57.66
N PHE E 100 18.33 -73.98 58.66
CA PHE E 100 19.76 -73.58 58.73
C PHE E 100 20.56 -74.74 59.30
N GLY E 101 21.88 -74.74 59.07
CA GLY E 101 22.75 -75.81 59.60
C GLY E 101 23.08 -75.56 61.05
N GLY E 102 23.65 -76.57 61.72
CA GLY E 102 24.08 -76.39 63.12
C GLY E 102 25.11 -75.29 63.20
N GLY E 103 26.00 -75.20 62.21
CA GLY E 103 26.99 -74.12 62.17
C GLY E 103 28.41 -74.62 62.31
N THR E 104 29.37 -73.89 61.74
CA THR E 104 30.80 -74.26 61.86
C THR E 104 31.57 -73.01 62.29
N LYS E 105 32.75 -73.18 62.90
CA LYS E 105 33.52 -72.04 63.38
C LYS E 105 34.97 -72.16 62.95
N VAL E 106 35.52 -71.06 62.44
CA VAL E 106 36.95 -70.95 62.15
C VAL E 106 37.59 -70.08 63.24
N GLU E 107 38.78 -70.46 63.68
CA GLU E 107 39.42 -69.86 64.84
C GLU E 107 40.89 -69.60 64.55
N ILE E 108 41.44 -68.58 65.23
CA ILE E 108 42.87 -68.29 65.13
C ILE E 108 43.67 -69.41 65.76
N LYS E 109 44.92 -69.55 65.35
CA LYS E 109 45.80 -70.58 65.89
C LYS E 109 47.18 -70.01 66.22
N GLN F 1 -66.86 -22.47 -5.18
CA GLN F 1 -68.01 -23.34 -5.04
C GLN F 1 -69.01 -22.72 -4.06
N VAL F 2 -70.10 -22.18 -4.60
CA VAL F 2 -71.05 -21.42 -3.80
C VAL F 2 -72.19 -22.31 -3.28
N GLN F 3 -72.40 -22.24 -1.96
CA GLN F 3 -73.44 -23.09 -1.32
C GLN F 3 -74.15 -22.32 -0.20
N LEU F 4 -75.48 -22.28 -0.22
CA LEU F 4 -76.29 -21.65 0.82
C LEU F 4 -76.97 -22.74 1.62
N VAL F 5 -76.81 -22.70 2.94
CA VAL F 5 -77.24 -23.78 3.83
C VAL F 5 -78.52 -23.34 4.54
N GLU F 6 -79.56 -24.16 4.42
CA GLU F 6 -80.81 -23.94 5.13
C GLU F 6 -80.76 -24.62 6.51
N SER F 7 -81.56 -24.10 7.43
CA SER F 7 -81.63 -24.62 8.79
C SER F 7 -82.98 -24.24 9.38
N GLY F 8 -83.20 -24.66 10.62
CA GLY F 8 -84.42 -24.35 11.33
C GLY F 8 -85.68 -24.99 10.77
N GLY F 9 -85.60 -26.25 10.36
CA GLY F 9 -86.73 -26.97 9.84
C GLY F 9 -87.42 -27.83 10.87
N GLY F 10 -88.20 -28.78 10.38
CA GLY F 10 -88.87 -29.73 11.24
C GLY F 10 -90.29 -29.28 11.59
N VAL F 11 -91.10 -30.25 12.00
CA VAL F 11 -92.47 -29.98 12.41
C VAL F 11 -92.48 -29.57 13.87
N VAL F 12 -93.12 -28.43 14.16
CA VAL F 12 -93.24 -27.93 15.51
C VAL F 12 -94.71 -27.81 15.86
N GLN F 13 -94.99 -27.35 17.08
CA GLN F 13 -96.36 -27.07 17.47
C GLN F 13 -96.84 -25.83 16.70
N PRO F 14 -97.99 -25.90 16.04
CA PRO F 14 -98.41 -24.79 15.16
C PRO F 14 -98.79 -23.48 15.85
N GLY F 15 -97.96 -22.47 15.66
CA GLY F 15 -98.29 -21.11 16.03
C GLY F 15 -97.22 -20.44 16.87
N ARG F 16 -97.24 -19.11 16.79
CA ARG F 16 -96.61 -18.12 17.68
C ARG F 16 -95.10 -18.00 17.60
N SER F 17 -94.42 -18.95 16.94
CA SER F 17 -92.95 -18.92 16.82
C SER F 17 -92.49 -20.02 15.89
N LEU F 18 -91.44 -19.71 15.13
CA LEU F 18 -90.60 -20.66 14.41
C LEU F 18 -89.39 -19.90 13.86
N ARG F 19 -88.25 -20.58 13.76
CA ARG F 19 -86.98 -19.97 13.43
C ARG F 19 -86.49 -20.49 12.09
N LEU F 20 -86.11 -19.57 11.21
CA LEU F 20 -85.42 -19.92 9.97
C LEU F 20 -84.13 -19.10 9.86
N SER F 21 -83.12 -19.68 9.22
CA SER F 21 -81.86 -19.01 9.01
C SER F 21 -81.16 -19.62 7.80
N CYS F 22 -80.48 -18.77 7.04
CA CYS F 22 -79.77 -19.19 5.84
C CYS F 22 -78.33 -18.71 5.88
N ALA F 23 -77.39 -19.65 5.79
CA ALA F 23 -75.97 -19.35 5.79
C ALA F 23 -75.48 -19.17 4.36
N ALA F 24 -74.20 -18.83 4.21
CA ALA F 24 -73.61 -18.64 2.88
C ALA F 24 -72.12 -18.87 2.97
N SER F 25 -71.61 -19.79 2.15
CA SER F 25 -70.17 -20.03 2.10
C SER F 25 -69.46 -18.92 1.36
N GLY F 26 -68.19 -18.70 1.72
CA GLY F 26 -67.40 -17.65 1.11
C GLY F 26 -67.55 -16.31 1.80
N LEU F 27 -66.96 -15.28 1.18
CA LEU F 27 -67.03 -13.92 1.76
C LEU F 27 -67.74 -12.95 0.81
N THR F 28 -68.63 -13.45 -0.05
CA THR F 28 -69.39 -12.58 -0.98
C THR F 28 -70.86 -12.47 -0.55
N PHE F 29 -71.16 -12.83 0.70
CA PHE F 29 -72.55 -12.77 1.22
C PHE F 29 -73.03 -11.33 1.25
N SER F 30 -72.24 -10.42 1.82
CA SER F 30 -72.68 -9.01 1.99
C SER F 30 -72.70 -8.24 0.67
N SER F 31 -73.59 -7.24 0.57
CA SER F 31 -73.68 -6.34 -0.62
C SER F 31 -74.43 -6.99 -1.78
N TYR F 32 -74.99 -8.17 -1.60
CA TYR F 32 -75.81 -8.79 -2.67
C TYR F 32 -77.26 -8.92 -2.19
N VAL F 33 -78.19 -8.28 -2.91
CA VAL F 33 -79.63 -8.31 -2.54
C VAL F 33 -80.05 -9.78 -2.41
N MET F 34 -80.83 -10.11 -1.39
CA MET F 34 -81.26 -11.52 -1.17
C MET F 34 -82.77 -11.60 -1.02
N HIS F 35 -83.39 -12.67 -1.50
CA HIS F 35 -84.87 -12.83 -1.44
C HIS F 35 -85.20 -14.19 -0.82
N TRP F 36 -86.40 -14.34 -0.25
CA TRP F 36 -86.81 -15.68 0.26
C TRP F 36 -87.98 -16.19 -0.58
N VAL F 37 -87.86 -17.41 -1.11
CA VAL F 37 -88.89 -18.02 -1.94
C VAL F 37 -89.45 -19.23 -1.20
N ARG F 38 -90.77 -19.27 -1.05
CA ARG F 38 -91.45 -20.38 -0.40
C ARG F 38 -92.10 -21.26 -1.46
N GLN F 39 -91.85 -22.56 -1.41
CA GLN F 39 -92.39 -23.51 -2.42
C GLN F 39 -93.61 -24.21 -1.84
N ALA F 40 -94.80 -23.90 -2.36
CA ALA F 40 -96.02 -24.55 -1.95
C ALA F 40 -95.95 -26.04 -2.26
N PRO F 41 -96.67 -26.88 -1.50
CA PRO F 41 -96.68 -28.32 -1.81
C PRO F 41 -97.22 -28.65 -3.19
N GLY F 42 -98.22 -27.92 -3.66
CA GLY F 42 -98.76 -28.17 -4.99
C GLY F 42 -99.24 -26.94 -5.72
N LYS F 43 -98.79 -25.75 -5.30
CA LYS F 43 -99.29 -24.51 -5.88
C LYS F 43 -98.18 -23.59 -6.40
N GLY F 44 -97.00 -24.13 -6.69
CA GLY F 44 -95.94 -23.33 -7.27
C GLY F 44 -95.21 -22.46 -6.27
N LEU F 45 -94.39 -21.56 -6.81
CA LEU F 45 -93.55 -20.69 -6.01
C LEU F 45 -94.31 -19.46 -5.55
N ASP F 46 -93.73 -18.78 -4.55
CA ASP F 46 -94.31 -17.56 -4.00
C ASP F 46 -93.17 -16.72 -3.45
N TRP F 47 -93.53 -15.52 -2.96
CA TRP F 47 -92.55 -14.55 -2.48
C TRP F 47 -92.73 -14.31 -0.99
N VAL F 48 -91.65 -13.89 -0.34
CA VAL F 48 -91.67 -13.55 1.07
C VAL F 48 -91.28 -12.10 1.24
N GLY F 49 -90.09 -11.73 0.78
CA GLY F 49 -89.64 -10.36 0.94
C GLY F 49 -88.30 -10.15 0.25
N VAL F 50 -87.76 -8.95 0.44
CA VAL F 50 -86.48 -8.57 -0.16
C VAL F 50 -85.79 -7.60 0.80
N ILE F 51 -84.47 -7.71 0.86
CA ILE F 51 -83.65 -6.79 1.66
C ILE F 51 -82.46 -6.35 0.79
N TRP F 52 -82.07 -5.09 0.92
CA TRP F 52 -81.02 -4.52 0.09
C TRP F 52 -79.66 -4.81 0.72
N TYR F 53 -78.63 -4.11 0.22
CA TYR F 53 -77.27 -4.31 0.70
C TYR F 53 -77.10 -3.86 2.15
N ASP F 54 -77.80 -2.80 2.56
CA ASP F 54 -77.72 -2.28 3.91
C ASP F 54 -79.02 -2.38 4.69
N GLY F 55 -80.10 -2.83 4.05
CA GLY F 55 -81.36 -3.01 4.76
C GLY F 55 -82.16 -1.75 5.02
N SER F 56 -81.84 -0.66 4.31
CA SER F 56 -82.61 0.57 4.48
C SER F 56 -84.02 0.43 3.90
N LYS F 57 -84.14 -0.20 2.75
CA LYS F 57 -85.43 -0.42 2.09
C LYS F 57 -85.80 -1.89 2.18
N LYS F 58 -87.02 -2.14 2.63
CA LYS F 58 -87.50 -3.54 2.75
C LYS F 58 -88.93 -3.56 2.22
N TYR F 59 -89.33 -4.66 1.59
CA TYR F 59 -90.65 -4.78 1.00
C TYR F 59 -91.13 -6.21 1.17
N TYR F 60 -92.45 -6.37 1.30
CA TYR F 60 -93.06 -7.68 1.52
C TYR F 60 -94.19 -7.90 0.51
N ALA F 61 -94.47 -9.18 0.25
CA ALA F 61 -95.53 -9.55 -0.67
C ALA F 61 -96.90 -9.40 0.01
N ASP F 62 -97.95 -9.52 -0.80
CA ASP F 62 -99.32 -9.37 -0.32
C ASP F 62 -99.87 -10.67 0.28
N SER F 63 -99.19 -11.80 0.08
CA SER F 63 -99.68 -13.06 0.61
C SER F 63 -99.67 -13.09 2.13
N VAL F 64 -98.64 -12.51 2.75
CA VAL F 64 -98.52 -12.43 4.19
C VAL F 64 -98.15 -11.01 4.59
N LYS F 65 -98.71 -10.54 5.71
CA LYS F 65 -98.46 -9.18 6.18
C LYS F 65 -98.34 -9.20 7.70
N GLY F 66 -97.30 -8.54 8.21
CA GLY F 66 -97.14 -8.37 9.64
C GLY F 66 -96.63 -9.57 10.40
N ARG F 67 -96.15 -10.61 9.71
CA ARG F 67 -95.66 -11.79 10.39
C ARG F 67 -94.20 -12.10 10.11
N PHE F 68 -93.57 -11.43 9.16
CA PHE F 68 -92.22 -11.76 8.74
C PHE F 68 -91.27 -10.59 8.96
N THR F 69 -90.05 -10.90 9.39
CA THR F 69 -89.00 -9.92 9.61
C THR F 69 -87.69 -10.47 9.07
N ILE F 70 -86.97 -9.64 8.32
CA ILE F 70 -85.76 -10.07 7.63
C ILE F 70 -84.59 -9.20 8.10
N SER F 71 -83.49 -9.85 8.46
CA SER F 71 -82.29 -9.14 8.86
C SER F 71 -81.07 -9.95 8.44
N ARG F 72 -79.95 -9.25 8.24
CA ARG F 72 -78.69 -9.86 7.82
C ARG F 72 -77.62 -9.55 8.86
N ASP F 73 -76.81 -10.56 9.18
CA ASP F 73 -75.66 -10.37 10.07
C ASP F 73 -74.40 -10.49 9.21
N ASN F 74 -73.61 -9.42 9.15
CA ASN F 74 -72.45 -9.39 8.26
C ASN F 74 -71.32 -10.29 8.78
N SER F 75 -71.11 -10.30 10.10
CA SER F 75 -69.99 -11.04 10.67
C SER F 75 -70.21 -12.54 10.65
N LYS F 76 -71.43 -12.99 10.98
CA LYS F 76 -71.71 -14.41 11.10
C LYS F 76 -71.94 -15.09 9.76
N ASN F 77 -72.02 -14.34 8.67
CA ASN F 77 -72.27 -14.85 7.31
C ASN F 77 -73.57 -15.66 7.25
N THR F 78 -74.58 -15.19 7.96
CA THR F 78 -75.87 -15.87 8.02
C THR F 78 -76.98 -14.83 8.05
N LEU F 79 -78.03 -15.06 7.25
CA LEU F 79 -79.19 -14.19 7.22
C LEU F 79 -80.29 -14.82 8.06
N TYR F 80 -81.04 -13.99 8.78
CA TYR F 80 -81.99 -14.46 9.77
C TYR F 80 -83.39 -14.01 9.37
N LEU F 81 -84.38 -14.89 9.54
CA LEU F 81 -85.77 -14.59 9.23
C LEU F 81 -86.64 -15.17 10.33
N GLN F 82 -87.72 -14.47 10.67
CA GLN F 82 -88.59 -14.86 11.77
C GLN F 82 -90.05 -14.79 11.36
N MET F 83 -90.82 -15.81 11.79
CA MET F 83 -92.29 -15.82 11.57
C MET F 83 -92.93 -15.59 12.95
N ASN F 84 -93.68 -14.48 13.15
CA ASN F 84 -94.36 -14.18 14.40
C ASN F 84 -95.62 -15.03 14.59
N SER F 85 -96.02 -15.79 13.56
CA SER F 85 -97.18 -16.66 13.65
C SER F 85 -97.05 -17.74 12.58
N LEU F 86 -97.82 -18.81 12.77
CA LEU F 86 -97.87 -19.92 11.83
C LEU F 86 -99.33 -20.16 11.46
N ARG F 87 -99.71 -19.74 10.26
CA ARG F 87 -101.08 -19.86 9.79
C ARG F 87 -101.30 -21.23 9.14
N ALA F 88 -102.40 -21.38 8.41
CA ALA F 88 -102.76 -22.66 7.80
C ALA F 88 -101.81 -23.08 6.68
N GLU F 89 -100.91 -22.18 6.28
CA GLU F 89 -99.90 -22.51 5.24
C GLU F 89 -98.91 -23.52 5.84
N ASP F 90 -99.02 -24.80 5.48
CA ASP F 90 -98.19 -25.84 6.05
C ASP F 90 -97.50 -26.62 4.93
N THR F 91 -96.46 -27.35 5.31
CA THR F 91 -95.60 -28.14 4.40
C THR F 91 -95.03 -27.28 3.28
N ALA F 92 -94.64 -26.05 3.60
CA ALA F 92 -94.07 -25.13 2.63
C ALA F 92 -92.55 -25.19 2.69
N VAL F 93 -91.92 -25.36 1.54
CA VAL F 93 -90.47 -25.46 1.46
C VAL F 93 -89.90 -24.07 1.18
N TYR F 94 -88.99 -23.62 2.04
CA TYR F 94 -88.46 -22.26 1.97
C TYR F 94 -87.03 -22.30 1.43
N TYR F 95 -86.76 -21.51 0.40
CA TYR F 95 -85.43 -21.37 -0.16
C TYR F 95 -84.90 -19.97 0.04
N CYS F 96 -83.60 -19.85 0.23
CA CYS F 96 -82.90 -18.57 0.22
C CYS F 96 -82.06 -18.48 -1.05
N ALA F 97 -82.17 -17.35 -1.75
CA ALA F 97 -81.51 -17.19 -3.03
C ALA F 97 -80.80 -15.84 -3.08
N ARG F 98 -79.66 -15.84 -3.77
CA ARG F 98 -78.83 -14.60 -3.86
C ARG F 98 -78.92 -14.03 -5.28
N ASP F 99 -79.23 -12.75 -5.40
CA ASP F 99 -79.34 -12.05 -6.66
C ASP F 99 -78.14 -11.12 -6.85
N PRO F 100 -77.36 -11.21 -7.96
CA PRO F 100 -76.13 -10.42 -8.09
C PRO F 100 -76.34 -8.90 -8.21
N ARG F 101 -77.58 -8.41 -8.18
CA ARG F 101 -77.77 -6.95 -8.36
C ARG F 101 -77.17 -6.23 -7.15
N ASP F 102 -75.95 -5.71 -7.27
CA ASP F 102 -75.25 -5.03 -6.14
C ASP F 102 -75.71 -3.59 -6.01
N TYR F 103 -75.22 -2.87 -4.99
CA TYR F 103 -75.64 -1.46 -4.76
C TYR F 103 -75.28 -0.64 -6.00
N TYR F 104 -74.10 -0.87 -6.55
CA TYR F 104 -73.64 -0.05 -7.71
C TYR F 104 -74.60 -0.25 -8.89
N ASP F 105 -75.11 -1.47 -9.08
CA ASP F 105 -75.97 -1.75 -10.26
C ASP F 105 -77.23 -0.88 -10.22
N PHE F 106 -77.87 -0.73 -9.06
CA PHE F 106 -79.04 0.18 -9.02
C PHE F 106 -78.60 1.63 -8.75
N TRP F 107 -77.36 1.84 -8.30
CA TRP F 107 -76.84 3.22 -8.16
C TRP F 107 -76.77 3.88 -9.54
N SER F 108 -76.32 3.13 -10.55
CA SER F 108 -76.22 3.68 -11.93
C SER F 108 -77.62 3.93 -12.49
N GLY F 109 -77.76 4.97 -13.31
CA GLY F 109 -79.09 5.31 -13.87
C GLY F 109 -79.76 4.11 -14.50
N TYR F 110 -78.98 3.10 -14.92
CA TYR F 110 -79.58 1.96 -15.64
C TYR F 110 -80.63 1.28 -14.76
N ASP F 111 -81.81 1.00 -15.32
CA ASP F 111 -82.84 0.25 -14.56
C ASP F 111 -82.76 -1.20 -15.05
N TYR F 112 -82.14 -2.08 -14.27
CA TYR F 112 -81.94 -3.48 -14.73
C TYR F 112 -82.30 -4.46 -13.62
N TYR F 113 -82.89 -5.60 -13.97
CA TYR F 113 -83.16 -6.65 -12.96
C TYR F 113 -82.47 -7.93 -13.44
N TYR F 114 -81.65 -8.52 -12.58
CA TYR F 114 -80.96 -9.79 -12.96
C TYR F 114 -81.80 -10.97 -12.48
N GLY F 115 -81.21 -12.15 -12.46
CA GLY F 115 -81.91 -13.34 -12.04
C GLY F 115 -81.36 -13.93 -10.74
N LEU F 116 -82.23 -14.65 -10.05
CA LEU F 116 -81.86 -15.34 -8.80
C LEU F 116 -80.94 -16.50 -9.18
N ASP F 117 -79.63 -16.28 -9.01
CA ASP F 117 -78.63 -17.18 -9.57
C ASP F 117 -78.49 -18.46 -8.75
N VAL F 118 -78.08 -18.35 -7.49
CA VAL F 118 -77.79 -19.50 -6.65
C VAL F 118 -78.87 -19.63 -5.59
N TRP F 119 -79.28 -20.86 -5.33
CA TRP F 119 -80.35 -21.17 -4.39
C TRP F 119 -79.82 -22.05 -3.26
N GLY F 120 -80.59 -22.11 -2.18
CA GLY F 120 -80.23 -22.93 -1.03
C GLY F 120 -80.67 -24.36 -1.19
N GLN F 121 -80.35 -25.15 -0.17
CA GLN F 121 -80.71 -26.57 -0.14
C GLN F 121 -82.20 -26.80 0.05
N GLY F 122 -82.87 -25.97 0.85
CA GLY F 122 -84.27 -26.16 1.15
C GLY F 122 -84.50 -26.68 2.56
N THR F 123 -85.72 -26.50 3.03
CA THR F 123 -86.08 -26.89 4.38
C THR F 123 -87.58 -27.18 4.43
N THR F 124 -88.01 -27.80 5.52
CA THR F 124 -89.41 -28.15 5.72
C THR F 124 -90.01 -27.29 6.82
N VAL F 125 -91.09 -26.60 6.51
CA VAL F 125 -91.79 -25.72 7.45
C VAL F 125 -93.24 -26.20 7.53
N THR F 126 -93.68 -26.57 8.72
CA THR F 126 -95.05 -27.05 8.92
C THR F 126 -95.75 -26.29 10.04
N GLU G 1 -98.03 -8.49 -7.63
CA GLU G 1 -99.45 -8.81 -7.67
C GLU G 1 -99.97 -8.70 -9.09
N ILE G 2 -99.04 -8.73 -10.05
CA ILE G 2 -99.41 -8.73 -11.47
C ILE G 2 -99.99 -10.09 -11.84
N VAL G 3 -101.07 -10.07 -12.62
CA VAL G 3 -101.75 -11.30 -12.99
C VAL G 3 -101.01 -11.96 -14.15
N LEU G 4 -100.07 -12.86 -13.83
CA LEU G 4 -99.39 -13.62 -14.86
C LEU G 4 -100.21 -14.86 -15.24
N THR G 5 -100.09 -15.27 -16.49
CA THR G 5 -100.82 -16.42 -17.00
C THR G 5 -99.91 -17.22 -17.91
N GLN G 6 -99.74 -18.50 -17.60
CA GLN G 6 -98.92 -19.41 -18.39
C GLN G 6 -99.84 -20.40 -19.11
N SER G 7 -99.67 -20.51 -20.43
CA SER G 7 -100.48 -21.38 -21.25
C SER G 7 -99.60 -22.04 -22.31
N PRO G 8 -99.74 -23.35 -22.54
CA PRO G 8 -100.63 -24.27 -21.83
C PRO G 8 -100.03 -24.78 -20.52
N GLY G 9 -100.88 -25.26 -19.62
CA GLY G 9 -100.39 -25.77 -18.35
C GLY G 9 -99.59 -27.05 -18.47
N ILE G 10 -100.03 -27.96 -19.33
CA ILE G 10 -99.38 -29.26 -19.49
C ILE G 10 -99.07 -29.46 -20.97
N LEU G 11 -97.82 -29.80 -21.27
CA LEU G 11 -97.38 -30.12 -22.62
C LEU G 11 -96.85 -31.55 -22.66
N SER G 12 -97.24 -32.30 -23.67
CA SER G 12 -96.78 -33.67 -23.88
C SER G 12 -96.12 -33.75 -25.24
N LEU G 13 -94.79 -33.89 -25.26
CA LEU G 13 -94.04 -34.01 -26.49
C LEU G 13 -92.93 -35.03 -26.31
N SER G 14 -92.57 -35.68 -27.42
CA SER G 14 -91.49 -36.64 -27.45
C SER G 14 -90.14 -35.92 -27.31
N PRO G 15 -89.12 -36.62 -26.80
CA PRO G 15 -87.78 -36.02 -26.78
C PRO G 15 -87.27 -35.76 -28.19
N GLY G 16 -86.53 -34.66 -28.33
CA GLY G 16 -86.04 -34.23 -29.61
C GLY G 16 -86.94 -33.29 -30.37
N GLU G 17 -88.12 -32.97 -29.84
CA GLU G 17 -89.06 -32.09 -30.52
C GLU G 17 -88.88 -30.65 -30.03
N ARG G 18 -89.72 -29.76 -30.57
CA ARG G 18 -89.68 -28.34 -30.23
C ARG G 18 -90.91 -27.98 -29.42
N ALA G 19 -90.71 -27.31 -28.29
CA ALA G 19 -91.78 -26.89 -27.40
C ALA G 19 -91.76 -25.38 -27.26
N THR G 20 -92.94 -24.76 -27.35
CA THR G 20 -93.08 -23.32 -27.16
C THR G 20 -93.85 -23.07 -25.86
N LEU G 21 -93.51 -21.98 -25.18
CA LEU G 21 -94.07 -21.64 -23.88
C LEU G 21 -94.49 -20.17 -23.87
N SER G 22 -95.59 -19.88 -23.18
CA SER G 22 -96.13 -18.52 -23.13
C SER G 22 -96.26 -18.07 -21.67
N CYS G 23 -96.02 -16.78 -21.45
CA CYS G 23 -96.17 -16.16 -20.12
C CYS G 23 -96.62 -14.72 -20.35
N ARG G 24 -97.91 -14.48 -20.17
CA ARG G 24 -98.51 -13.19 -20.48
C ARG G 24 -98.69 -12.39 -19.18
N ALA G 25 -98.38 -11.10 -19.25
CA ALA G 25 -98.51 -10.21 -18.11
C ALA G 25 -99.72 -9.29 -18.30
N SER G 26 -100.40 -8.98 -17.20
CA SER G 26 -101.61 -8.17 -17.26
C SER G 26 -101.32 -6.67 -17.39
N GLN G 27 -100.09 -6.24 -17.13
CA GLN G 27 -99.72 -4.85 -17.22
C GLN G 27 -98.47 -4.71 -18.08
N SER G 28 -98.09 -3.46 -18.35
CA SER G 28 -96.96 -3.20 -19.23
C SER G 28 -95.63 -3.49 -18.54
N VAL G 29 -94.71 -4.08 -19.29
CA VAL G 29 -93.37 -4.44 -18.80
C VAL G 29 -92.35 -3.77 -19.71
N SER G 30 -91.28 -3.24 -19.11
CA SER G 30 -90.22 -2.54 -19.83
C SER G 30 -89.21 -3.51 -20.49
N SER G 31 -89.57 -4.78 -20.66
CA SER G 31 -88.80 -5.80 -21.37
C SER G 31 -87.42 -6.04 -20.76
N SER G 32 -87.28 -5.82 -19.45
CA SER G 32 -86.04 -6.15 -18.77
C SER G 32 -86.30 -6.71 -17.38
N TYR G 33 -87.51 -7.22 -17.12
CA TYR G 33 -87.93 -7.60 -15.78
C TYR G 33 -88.16 -9.10 -15.59
N LEU G 34 -88.36 -9.86 -16.66
CA LEU G 34 -88.71 -11.27 -16.52
C LEU G 34 -87.49 -12.16 -16.37
N ALA G 35 -87.68 -13.29 -15.71
CA ALA G 35 -86.70 -14.34 -15.60
C ALA G 35 -87.38 -15.68 -15.83
N TRP G 36 -86.60 -16.66 -16.30
CA TRP G 36 -87.11 -17.97 -16.64
C TRP G 36 -86.41 -19.03 -15.81
N TYR G 37 -87.16 -20.01 -15.33
CA TYR G 37 -86.64 -20.99 -14.40
C TYR G 37 -87.04 -22.40 -14.83
N GLN G 38 -86.23 -23.36 -14.43
CA GLN G 38 -86.55 -24.79 -14.54
C GLN G 38 -86.42 -25.41 -13.16
N GLN G 39 -87.44 -26.14 -12.74
CA GLN G 39 -87.47 -26.74 -11.40
C GLN G 39 -87.79 -28.22 -11.54
N LYS G 40 -86.85 -29.05 -11.17
CA LYS G 40 -87.17 -30.46 -11.10
C LYS G 40 -87.86 -30.76 -9.77
N PRO G 41 -88.75 -31.77 -9.72
CA PRO G 41 -89.48 -32.03 -8.48
C PRO G 41 -88.57 -32.54 -7.37
N GLY G 42 -88.63 -31.87 -6.22
CA GLY G 42 -87.79 -32.20 -5.09
C GLY G 42 -86.51 -31.40 -4.98
N GLN G 43 -86.23 -30.51 -5.92
CA GLN G 43 -85.02 -29.70 -5.87
C GLN G 43 -85.38 -28.23 -6.11
N ALA G 44 -84.39 -27.37 -5.84
CA ALA G 44 -84.58 -25.94 -5.97
C ALA G 44 -84.67 -25.53 -7.44
N PRO G 45 -85.35 -24.43 -7.74
CA PRO G 45 -85.36 -23.91 -9.12
C PRO G 45 -83.99 -23.41 -9.56
N ARG G 46 -83.77 -23.46 -10.87
CA ARG G 46 -82.49 -23.08 -11.48
C ARG G 46 -82.72 -21.97 -12.49
N LEU G 47 -81.83 -20.98 -12.49
CA LEU G 47 -81.92 -19.89 -13.45
C LEU G 47 -81.59 -20.36 -14.86
N LEU G 48 -82.40 -19.95 -15.83
CA LEU G 48 -82.15 -20.21 -17.24
C LEU G 48 -81.93 -18.93 -18.03
N ILE G 49 -82.89 -18.00 -18.00
CA ILE G 49 -82.85 -16.77 -18.78
C ILE G 49 -83.12 -15.61 -17.82
N TYR G 50 -82.21 -14.64 -17.80
CA TYR G 50 -82.40 -13.41 -17.03
C TYR G 50 -82.67 -12.25 -17.98
N GLY G 51 -83.63 -11.40 -17.63
CA GLY G 51 -84.00 -10.34 -18.54
C GLY G 51 -84.76 -10.89 -19.73
N ALA G 52 -84.60 -10.20 -20.86
CA ALA G 52 -85.20 -10.62 -22.13
C ALA G 52 -84.10 -11.00 -23.10
N SER G 53 -84.17 -12.24 -23.60
CA SER G 53 -83.26 -12.77 -24.63
C SER G 53 -81.80 -12.70 -24.21
N SER G 54 -81.53 -12.97 -22.94
CA SER G 54 -80.17 -13.00 -22.42
C SER G 54 -79.96 -14.32 -21.69
N ARG G 55 -78.89 -15.03 -22.03
CA ARG G 55 -78.62 -16.36 -21.49
C ARG G 55 -77.72 -16.28 -20.27
N ALA G 56 -78.08 -17.02 -19.23
CA ALA G 56 -77.31 -17.06 -18.00
C ALA G 56 -76.05 -17.90 -18.18
N THR G 57 -75.15 -17.80 -17.20
CA THR G 57 -73.90 -18.55 -17.24
C THR G 57 -74.17 -20.02 -17.00
N GLY G 58 -73.55 -20.87 -17.82
CA GLY G 58 -73.73 -22.30 -17.73
C GLY G 58 -74.93 -22.84 -18.49
N ILE G 59 -75.76 -21.97 -19.05
CA ILE G 59 -76.94 -22.41 -19.79
C ILE G 59 -76.54 -22.70 -21.23
N PRO G 60 -76.86 -23.87 -21.77
CA PRO G 60 -76.50 -24.18 -23.15
C PRO G 60 -77.29 -23.34 -24.14
N ASP G 61 -76.80 -23.31 -25.38
CA ASP G 61 -77.39 -22.50 -26.44
C ASP G 61 -78.72 -23.04 -26.93
N ARG G 62 -79.11 -24.25 -26.49
CA ARG G 62 -80.38 -24.87 -26.96
C ARG G 62 -81.57 -24.06 -26.43
N PHE G 63 -81.44 -23.52 -25.21
CA PHE G 63 -82.52 -22.74 -24.60
C PHE G 63 -82.54 -21.33 -25.20
N SER G 64 -83.73 -20.82 -25.47
CA SER G 64 -83.90 -19.49 -26.06
C SER G 64 -85.14 -18.83 -25.47
N GLY G 65 -85.15 -17.50 -25.52
CA GLY G 65 -86.28 -16.74 -25.03
C GLY G 65 -86.39 -15.41 -25.75
N SER G 66 -87.62 -14.91 -25.82
CA SER G 66 -87.91 -13.65 -26.49
C SER G 66 -89.23 -13.11 -25.98
N GLY G 67 -89.55 -11.89 -26.38
CA GLY G 67 -90.80 -11.26 -26.01
C GLY G 67 -90.67 -9.83 -25.54
N SER G 68 -91.74 -9.06 -25.68
CA SER G 68 -91.76 -7.66 -25.26
C SER G 68 -93.18 -7.26 -24.98
N GLY G 69 -93.33 -6.13 -24.27
CA GLY G 69 -94.65 -5.64 -23.91
C GLY G 69 -95.33 -6.48 -22.87
N THR G 70 -96.38 -7.20 -23.27
CA THR G 70 -97.07 -8.13 -22.39
C THR G 70 -96.99 -9.58 -22.84
N ASP G 71 -96.41 -9.85 -24.00
CA ASP G 71 -96.30 -11.20 -24.53
C ASP G 71 -94.84 -11.63 -24.53
N PHE G 72 -94.56 -12.77 -23.93
CA PHE G 72 -93.21 -13.30 -23.80
C PHE G 72 -93.21 -14.79 -24.08
N THR G 73 -92.13 -15.27 -24.69
CA THR G 73 -92.07 -16.63 -25.21
C THR G 73 -90.73 -17.27 -24.87
N LEU G 74 -90.79 -18.53 -24.44
CA LEU G 74 -89.61 -19.38 -24.31
C LEU G 74 -89.71 -20.47 -25.36
N THR G 75 -88.66 -20.62 -26.16
CA THR G 75 -88.60 -21.61 -27.22
C THR G 75 -87.35 -22.47 -27.03
N ILE G 76 -87.53 -23.78 -27.07
CA ILE G 76 -86.43 -24.74 -26.96
C ILE G 76 -86.18 -25.35 -28.34
N SER G 77 -84.90 -25.44 -28.70
CA SER G 77 -84.55 -25.99 -30.01
C SER G 77 -84.73 -27.51 -30.06
N ARG G 78 -84.31 -28.20 -29.01
CA ARG G 78 -84.41 -29.65 -28.96
C ARG G 78 -84.63 -30.07 -27.51
N LEU G 79 -85.55 -31.01 -27.29
CA LEU G 79 -85.93 -31.40 -25.93
C LEU G 79 -85.05 -32.57 -25.48
N GLU G 80 -84.19 -32.31 -24.51
CA GLU G 80 -83.37 -33.34 -23.90
C GLU G 80 -84.18 -34.12 -22.86
N PRO G 81 -83.78 -35.36 -22.55
CA PRO G 81 -84.43 -36.07 -21.44
C PRO G 81 -84.28 -35.38 -20.09
N GLU G 82 -83.15 -34.69 -19.85
CA GLU G 82 -82.95 -33.99 -18.60
C GLU G 82 -83.62 -32.62 -18.57
N ASP G 83 -84.14 -32.14 -19.70
CA ASP G 83 -84.81 -30.85 -19.74
C ASP G 83 -86.29 -30.94 -19.42
N PHE G 84 -86.80 -32.12 -19.08
CA PHE G 84 -88.22 -32.31 -18.81
C PHE G 84 -88.50 -32.00 -17.35
N ALA G 85 -89.08 -30.83 -17.09
CA ALA G 85 -89.44 -30.39 -15.75
C ALA G 85 -90.52 -29.33 -15.89
N VAL G 86 -90.82 -28.65 -14.77
CA VAL G 86 -91.82 -27.58 -14.77
C VAL G 86 -91.09 -26.24 -14.82
N TYR G 87 -91.71 -25.26 -15.48
CA TYR G 87 -91.09 -23.97 -15.75
C TYR G 87 -91.94 -22.85 -15.18
N TYR G 88 -91.29 -21.81 -14.67
CA TYR G 88 -91.96 -20.66 -14.07
C TYR G 88 -91.37 -19.37 -14.60
N CYS G 89 -92.22 -18.33 -14.66
CA CYS G 89 -91.82 -17.00 -15.07
C CYS G 89 -92.15 -16.00 -13.97
N GLN G 90 -91.25 -15.04 -13.74
CA GLN G 90 -91.46 -14.00 -12.75
C GLN G 90 -91.27 -12.65 -13.42
N GLN G 91 -91.43 -11.57 -12.63
CA GLN G 91 -91.19 -10.19 -13.14
C GLN G 91 -90.91 -9.29 -11.94
N TYR G 92 -89.79 -8.58 -11.92
CA TYR G 92 -89.50 -7.78 -10.69
C TYR G 92 -88.95 -6.39 -11.03
N GLY G 93 -89.30 -5.40 -10.20
CA GLY G 93 -88.81 -4.03 -10.39
C GLY G 93 -88.29 -3.53 -9.05
N SER G 94 -87.54 -2.44 -9.01
CA SER G 94 -86.93 -2.03 -7.72
C SER G 94 -88.01 -1.79 -6.68
N SER G 95 -89.12 -1.12 -7.04
CA SER G 95 -90.26 -0.96 -6.10
C SER G 95 -91.36 -1.94 -6.46
N GLY G 96 -91.21 -2.66 -7.58
CA GLY G 96 -92.26 -3.59 -8.06
C GLY G 96 -92.36 -4.85 -7.22
N ALA G 97 -93.55 -5.46 -7.15
CA ALA G 97 -93.70 -6.75 -6.44
C ALA G 97 -93.10 -7.87 -7.29
N LEU G 98 -92.64 -8.95 -6.65
CA LEU G 98 -92.11 -10.12 -7.41
C LEU G 98 -93.21 -11.17 -7.47
N THR G 99 -93.65 -11.52 -8.69
CA THR G 99 -94.74 -12.52 -8.84
C THR G 99 -94.29 -13.64 -9.78
N PHE G 100 -94.23 -14.88 -9.29
CA PHE G 100 -93.92 -16.04 -10.16
C PHE G 100 -95.19 -16.44 -10.91
N GLY G 101 -95.05 -17.16 -12.02
CA GLY G 101 -96.21 -17.61 -12.80
C GLY G 101 -96.84 -18.84 -12.18
N GLY G 102 -98.04 -19.22 -12.62
CA GLY G 102 -98.68 -20.44 -12.12
C GLY G 102 -97.81 -21.64 -12.43
N GLY G 103 -97.16 -21.64 -13.60
CA GLY G 103 -96.23 -22.72 -13.95
C GLY G 103 -96.72 -23.54 -15.14
N THR G 104 -95.77 -24.13 -15.88
CA THR G 104 -96.13 -24.99 -17.03
C THR G 104 -95.34 -26.29 -16.90
N LYS G 105 -95.81 -27.37 -17.52
CA LYS G 105 -95.14 -28.65 -17.41
C LYS G 105 -94.97 -29.30 -18.77
N VAL G 106 -93.78 -29.81 -19.05
CA VAL G 106 -93.51 -30.62 -20.23
C VAL G 106 -93.40 -32.08 -19.80
N GLU G 107 -93.95 -32.99 -20.60
CA GLU G 107 -94.10 -34.38 -20.21
C GLU G 107 -93.72 -35.29 -21.37
N ILE G 108 -93.25 -36.50 -21.03
CA ILE G 108 -92.94 -37.51 -22.05
C ILE G 108 -94.22 -37.96 -22.75
N LYS G 109 -94.09 -38.47 -23.96
CA LYS G 109 -95.23 -38.95 -24.72
C LYS G 109 -94.92 -40.30 -25.36
N GLN H 1 -10.21 58.32 40.06
CA GLN H 1 -10.90 59.42 40.72
C GLN H 1 -10.92 59.20 42.23
N VAL H 2 -10.09 59.95 42.95
CA VAL H 2 -9.89 59.74 44.38
C VAL H 2 -10.82 60.60 45.21
N GLN H 3 -11.54 59.95 46.12
CA GLN H 3 -12.53 60.68 46.98
C GLN H 3 -12.53 60.10 48.40
N LEU H 4 -12.40 60.96 49.42
CA LEU H 4 -12.46 60.57 50.81
C LEU H 4 -13.76 61.10 51.40
N VAL H 5 -14.53 60.21 52.02
CA VAL H 5 -15.88 60.51 52.46
C VAL H 5 -15.86 60.72 53.98
N GLU H 6 -16.37 61.86 54.41
CA GLU H 6 -16.54 62.15 55.83
C GLU H 6 -17.90 61.66 56.32
N SER H 7 -17.97 61.39 57.62
CA SER H 7 -19.20 60.92 58.24
C SER H 7 -19.15 61.25 59.73
N GLY H 8 -20.22 60.90 60.43
CA GLY H 8 -20.31 61.12 61.86
C GLY H 8 -20.38 62.58 62.28
N GLY H 9 -21.15 63.39 61.56
CA GLY H 9 -21.31 64.79 61.87
C GLY H 9 -22.57 65.07 62.67
N GLY H 10 -22.98 66.32 62.66
CA GLY H 10 -24.19 66.74 63.32
C GLY H 10 -23.94 67.23 64.74
N VAL H 11 -24.89 67.99 65.24
CA VAL H 11 -24.83 68.52 66.60
C VAL H 11 -25.38 67.47 67.56
N VAL H 12 -24.61 67.16 68.60
CA VAL H 12 -25.00 66.20 69.62
C VAL H 12 -25.00 66.90 70.96
N GLN H 13 -25.35 66.15 72.01
CA GLN H 13 -25.26 66.68 73.35
C GLN H 13 -23.79 66.81 73.72
N PRO H 14 -23.35 67.97 74.21
CA PRO H 14 -21.91 68.20 74.42
C PRO H 14 -21.25 67.40 75.54
N GLY H 15 -20.40 66.46 75.16
CA GLY H 15 -19.52 65.79 76.09
C GLY H 15 -19.56 64.28 75.98
N ARG H 16 -18.45 63.68 76.40
CA ARG H 16 -18.25 62.28 76.76
C ARG H 16 -18.22 61.29 75.61
N SER H 17 -18.63 61.69 74.40
CA SER H 17 -18.63 60.79 73.24
C SER H 17 -18.99 61.58 71.99
N LEU H 18 -18.37 61.15 70.87
CA LEU H 18 -18.65 61.68 69.50
C LEU H 18 -17.88 60.78 68.52
N ARG H 19 -18.48 60.34 67.41
CA ARG H 19 -17.89 59.39 66.48
C ARG H 19 -17.54 60.10 65.18
N LEU H 20 -16.30 59.92 64.72
CA LEU H 20 -15.89 60.35 63.40
C LEU H 20 -15.26 59.17 62.65
N SER H 21 -15.41 59.18 61.32
CA SER H 21 -14.86 58.14 60.48
C SER H 21 -14.67 58.69 59.07
N CYS H 22 -13.58 58.27 58.43
CA CYS H 22 -13.25 58.72 57.08
C CYS H 22 -13.01 57.51 56.18
N ALA H 23 -13.76 57.42 55.09
CA ALA H 23 -13.63 56.35 54.13
C ALA H 23 -12.67 56.77 53.02
N ALA H 24 -12.40 55.87 52.09
CA ALA H 24 -11.50 56.15 50.97
C ALA H 24 -11.85 55.24 49.81
N SER H 25 -12.13 55.84 48.65
CA SER H 25 -12.40 55.06 47.45
C SER H 25 -11.11 54.47 46.89
N GLY H 26 -11.25 53.34 46.21
CA GLY H 26 -10.11 52.66 45.62
C GLY H 26 -9.46 51.69 46.59
N LEU H 27 -8.30 51.15 46.15
CA LEU H 27 -7.56 50.18 47.00
C LEU H 27 -6.16 50.72 47.34
N THR H 28 -5.99 52.04 47.37
CA THR H 28 -4.67 52.63 47.73
C THR H 28 -4.74 53.28 49.12
N PHE H 29 -5.75 52.93 49.92
CA PHE H 29 -5.91 53.51 51.28
C PHE H 29 -4.74 53.08 52.17
N SER H 30 -4.42 51.79 52.19
CA SER H 30 -3.37 51.28 53.10
C SER H 30 -1.95 51.67 52.66
N SER H 31 -1.03 51.80 53.62
CA SER H 31 0.40 52.10 53.34
C SER H 31 0.64 53.58 53.05
N TYR H 32 -0.38 54.43 53.16
CA TYR H 32 -0.16 55.90 52.98
C TYR H 32 -0.44 56.62 54.29
N VAL H 33 0.57 57.32 54.82
CA VAL H 33 0.43 58.05 56.10
C VAL H 33 -0.77 58.98 56.00
N MET H 34 -1.60 59.06 57.03
CA MET H 34 -2.82 59.91 56.98
C MET H 34 -2.86 60.84 58.20
N HIS H 35 -3.39 62.06 58.02
CA HIS H 35 -3.43 63.06 59.12
C HIS H 35 -4.86 63.60 59.24
N TRP H 36 -5.23 64.11 60.41
CA TRP H 36 -6.57 64.75 60.55
C TRP H 36 -6.39 66.25 60.79
N VAL H 37 -7.06 67.09 59.98
CA VAL H 37 -6.96 68.53 60.10
C VAL H 37 -8.33 69.07 60.51
N ARG H 38 -8.35 69.86 61.58
CA ARG H 38 -9.57 70.47 62.07
C ARG H 38 -9.59 71.94 61.68
N GLN H 39 -10.68 72.41 61.06
CA GLN H 39 -10.79 73.80 60.59
C GLN H 39 -11.59 74.60 61.60
N ALA H 40 -10.95 75.52 62.30
CA ALA H 40 -11.61 76.41 63.24
C ALA H 40 -12.62 77.28 62.49
N PRO H 41 -13.68 77.72 63.17
CA PRO H 41 -14.65 78.62 62.50
C PRO H 41 -14.04 79.93 62.03
N GLY H 42 -13.10 80.49 62.79
CA GLY H 42 -12.46 81.73 62.37
C GLY H 42 -11.01 81.86 62.75
N LYS H 43 -10.35 80.74 63.06
CA LYS H 43 -8.97 80.77 63.55
C LYS H 43 -8.02 79.89 62.74
N GLY H 44 -8.36 79.55 61.50
CA GLY H 44 -7.45 78.82 60.65
C GLY H 44 -7.42 77.34 60.95
N LEU H 45 -6.43 76.67 60.35
CA LEU H 45 -6.30 75.22 60.44
C LEU H 45 -5.53 74.84 61.71
N ASP H 46 -5.63 73.56 62.06
CA ASP H 46 -4.95 73.01 63.22
C ASP H 46 -4.69 71.53 62.95
N TRP H 47 -4.01 70.89 63.91
CA TRP H 47 -3.60 69.50 63.77
C TRP H 47 -4.28 68.64 64.82
N VAL H 48 -4.43 67.35 64.49
CA VAL H 48 -5.00 66.37 65.41
C VAL H 48 -3.98 65.30 65.72
N GLY H 49 -3.50 64.61 64.69
CA GLY H 49 -2.54 63.55 64.90
C GLY H 49 -2.06 62.98 63.59
N VAL H 50 -1.25 61.92 63.69
CA VAL H 50 -0.69 61.24 62.53
C VAL H 50 -0.54 59.77 62.86
N ILE H 51 -0.77 58.92 61.86
CA ILE H 51 -0.58 57.48 61.99
C ILE H 51 0.20 57.00 60.77
N TRP H 52 1.10 56.04 61.00
CA TRP H 52 1.97 55.55 59.93
C TRP H 52 1.27 54.45 59.14
N TYR H 53 2.04 53.72 58.33
CA TYR H 53 1.49 52.66 57.49
C TYR H 53 0.97 51.49 58.33
N ASP H 54 1.62 51.19 59.44
CA ASP H 54 1.21 50.09 60.32
C ASP H 54 0.76 50.54 61.71
N GLY H 55 0.87 51.83 62.02
CA GLY H 55 0.39 52.33 63.29
C GLY H 55 1.31 52.08 64.47
N SER H 56 2.58 51.74 64.23
CA SER H 56 3.51 51.52 65.33
C SER H 56 3.85 52.84 66.03
N LYS H 57 4.05 53.90 65.26
CA LYS H 57 4.37 55.21 65.80
C LYS H 57 3.17 56.13 65.62
N LYS H 58 2.79 56.80 66.70
CA LYS H 58 1.64 57.73 66.66
C LYS H 58 2.05 58.97 67.43
N TYR H 59 1.59 60.14 67.01
CA TYR H 59 1.94 61.39 67.65
C TYR H 59 0.73 62.33 67.61
N TYR H 60 0.62 63.18 68.62
CA TYR H 60 -0.49 64.10 68.75
C TYR H 60 0.01 65.52 68.98
N ALA H 61 -0.81 66.49 68.59
CA ALA H 61 -0.48 67.89 68.77
C ALA H 61 -0.67 68.31 70.22
N ASP H 62 -0.20 69.52 70.53
CA ASP H 62 -0.27 70.06 71.88
C ASP H 62 -1.62 70.72 72.19
N SER H 63 -2.45 70.96 71.16
CA SER H 63 -3.74 71.59 71.38
C SER H 63 -4.67 70.72 72.21
N VAL H 64 -4.65 69.41 71.99
CA VAL H 64 -5.48 68.47 72.72
C VAL H 64 -4.61 67.29 73.15
N LYS H 65 -4.88 66.77 74.35
CA LYS H 65 -4.09 65.67 74.90
C LYS H 65 -5.02 64.71 75.65
N GLY H 66 -4.88 63.42 75.35
CA GLY H 66 -5.61 62.40 76.09
C GLY H 66 -7.06 62.23 75.71
N ARG H 67 -7.52 62.84 74.61
CA ARG H 67 -8.91 62.72 74.20
C ARG H 67 -9.10 62.08 72.83
N PHE H 68 -8.03 61.88 72.06
CA PHE H 68 -8.15 61.42 70.68
C PHE H 68 -7.42 60.10 70.50
N THR H 69 -8.02 59.21 69.70
CA THR H 69 -7.45 57.92 69.38
C THR H 69 -7.66 57.65 67.89
N ILE H 70 -6.61 57.21 67.21
CA ILE H 70 -6.62 57.03 65.77
C ILE H 70 -6.29 55.57 65.44
N SER H 71 -7.11 54.97 64.58
CA SER H 71 -6.89 53.61 64.14
C SER H 71 -7.37 53.47 62.70
N ARG H 72 -6.78 52.51 61.98
CA ARG H 72 -7.10 52.23 60.59
C ARG H 72 -7.55 50.79 60.45
N ASP H 73 -8.61 50.57 59.69
CA ASP H 73 -9.08 49.23 59.36
C ASP H 73 -8.75 48.97 57.89
N ASN H 74 -7.93 47.95 57.63
CA ASN H 74 -7.47 47.70 56.27
C ASN H 74 -8.57 47.11 55.40
N SER H 75 -9.39 46.22 55.96
CA SER H 75 -10.39 45.53 55.16
C SER H 75 -11.57 46.44 54.81
N LYS H 76 -12.03 47.26 55.76
CA LYS H 76 -13.21 48.08 55.55
C LYS H 76 -12.94 49.34 54.73
N ASN H 77 -11.66 49.65 54.45
CA ASN H 77 -11.24 50.85 53.72
C ASN H 77 -11.75 52.12 54.38
N THR H 78 -11.73 52.15 55.72
CA THR H 78 -12.21 53.28 56.49
C THR H 78 -11.32 53.46 57.71
N LEU H 79 -10.94 54.71 57.98
CA LEU H 79 -10.14 55.05 59.14
C LEU H 79 -11.06 55.61 60.22
N TYR H 80 -10.79 55.25 61.47
CA TYR H 80 -11.68 55.54 62.58
C TYR H 80 -10.97 56.44 63.57
N LEU H 81 -11.70 57.42 64.11
CA LEU H 81 -11.17 58.35 65.09
C LEU H 81 -12.24 58.58 66.17
N GLN H 82 -11.80 58.73 67.41
CA GLN H 82 -12.71 58.85 68.54
C GLN H 82 -12.30 60.01 69.45
N MET H 83 -13.30 60.76 69.93
CA MET H 83 -13.04 61.84 70.92
C MET H 83 -13.67 61.41 72.24
N ASN H 84 -12.85 61.17 73.29
CA ASN H 84 -13.31 60.75 74.60
C ASN H 84 -14.00 61.87 75.37
N SER H 85 -13.96 63.09 74.84
CA SER H 85 -14.62 64.23 75.47
C SER H 85 -14.85 65.30 74.41
N LEU H 86 -15.76 66.23 74.73
CA LEU H 86 -16.08 67.37 73.86
C LEU H 86 -15.93 68.64 74.68
N ARG H 87 -14.85 69.36 74.44
CA ARG H 87 -14.55 70.59 75.18
C ARG H 87 -15.24 71.77 74.51
N ALA H 88 -14.84 72.99 74.89
CA ALA H 88 -15.46 74.21 74.38
C ALA H 88 -15.20 74.45 72.90
N GLU H 89 -14.31 73.64 72.31
CA GLU H 89 -14.03 73.73 70.85
C GLU H 89 -15.27 73.26 70.08
N ASP H 90 -16.05 74.19 69.53
CA ASP H 90 -17.29 73.84 68.84
C ASP H 90 -17.28 74.42 67.44
N THR H 91 -18.18 73.89 66.60
CA THR H 91 -18.32 74.25 65.18
C THR H 91 -17.00 74.10 64.42
N ALA H 92 -16.25 73.05 64.73
CA ALA H 92 -14.97 72.78 64.09
C ALA H 92 -15.17 71.79 62.96
N VAL H 93 -14.66 72.13 61.77
CA VAL H 93 -14.80 71.29 60.59
C VAL H 93 -13.57 70.39 60.49
N TYR H 94 -13.79 69.08 60.43
CA TYR H 94 -12.72 68.11 60.46
C TYR H 94 -12.55 67.50 59.07
N TYR H 95 -11.31 67.53 58.57
CA TYR H 95 -10.96 66.93 57.29
C TYR H 95 -10.00 65.77 57.50
N CYS H 96 -10.12 64.75 56.65
CA CYS H 96 -9.14 63.68 56.56
C CYS H 96 -8.37 63.82 55.25
N ALA H 97 -7.05 63.73 55.34
CA ALA H 97 -6.19 63.96 54.18
C ALA H 97 -5.15 62.85 54.09
N ARG H 98 -4.81 62.51 52.84
CA ARG H 98 -3.84 61.43 52.59
C ARG H 98 -2.53 62.02 52.07
N ASP H 99 -1.42 61.64 52.69
CA ASP H 99 -0.08 62.09 52.32
C ASP H 99 0.68 60.97 51.63
N PRO H 100 1.21 61.14 50.38
CA PRO H 100 1.83 60.03 49.66
C PRO H 100 3.12 59.48 50.27
N ARG H 101 3.58 60.03 51.40
CA ARG H 101 4.88 59.52 51.95
C ARG H 101 4.66 58.07 52.41
N ASP H 102 5.07 57.10 51.60
CA ASP H 102 4.87 55.67 51.93
C ASP H 102 5.98 55.16 52.86
N TYR H 103 5.90 53.91 53.30
CA TYR H 103 6.91 53.34 54.23
C TYR H 103 8.29 53.41 53.56
N TYR H 104 8.35 53.09 52.27
CA TYR H 104 9.66 53.05 51.56
C TYR H 104 10.28 54.45 51.57
N ASP H 105 9.46 55.49 51.43
CA ASP H 105 10.01 56.87 51.34
C ASP H 105 10.78 57.23 52.62
N PHE H 106 10.25 56.90 53.80
CA PHE H 106 11.04 57.18 55.02
C PHE H 106 12.00 56.02 55.33
N TRP H 107 11.80 54.86 54.71
CA TRP H 107 12.78 53.75 54.88
C TRP H 107 14.13 54.18 54.30
N SER H 108 14.11 54.84 53.14
CA SER H 108 15.36 55.30 52.49
C SER H 108 16.00 56.40 53.32
N GLY H 109 17.34 56.46 53.33
CA GLY H 109 18.04 57.46 54.14
C GLY H 109 17.51 58.86 53.89
N TYR H 110 16.90 59.10 52.72
CA TYR H 110 16.47 60.47 52.38
C TYR H 110 15.48 60.98 53.43
N ASP H 111 15.68 62.21 53.91
CA ASP H 111 14.71 62.82 54.84
C ASP H 111 13.84 63.77 54.03
N TYR H 112 12.62 63.34 53.68
CA TYR H 112 11.78 64.19 52.79
C TYR H 112 10.35 64.26 53.34
N TYR H 113 9.71 65.41 53.20
CA TYR H 113 8.28 65.52 53.60
C TYR H 113 7.50 65.98 52.36
N TYR H 114 6.44 65.25 52.01
CA TYR H 114 5.62 65.66 50.85
C TYR H 114 4.46 66.51 51.34
N GLY H 115 3.46 66.70 50.49
CA GLY H 115 2.31 67.50 50.84
C GLY H 115 1.03 66.69 50.94
N LEU H 116 0.09 67.21 51.73
CA LEU H 116 -1.23 66.61 51.90
C LEU H 116 -2.00 66.80 50.60
N ASP H 117 -2.02 65.75 49.77
CA ASP H 117 -2.49 65.86 48.39
C ASP H 117 -4.00 65.94 48.29
N VAL H 118 -4.70 64.89 48.72
CA VAL H 118 -6.14 64.79 48.56
C VAL H 118 -6.80 64.94 49.92
N TRP H 119 -7.91 65.67 49.96
CA TRP H 119 -8.63 65.97 51.18
C TRP H 119 -10.04 65.41 51.10
N GLY H 120 -10.69 65.31 52.25
CA GLY H 120 -12.05 64.83 52.33
C GLY H 120 -13.08 65.92 52.08
N GLN H 121 -14.34 65.52 52.14
CA GLN H 121 -15.45 66.44 51.93
C GLN H 121 -15.66 67.41 53.09
N GLY H 122 -15.41 66.98 54.31
CA GLY H 122 -15.64 67.80 55.48
C GLY H 122 -16.88 67.39 56.26
N THR H 123 -16.93 67.82 57.51
CA THR H 123 -18.03 67.47 58.40
C THR H 123 -18.17 68.55 59.45
N THR H 124 -19.29 68.51 60.17
CA THR H 124 -19.58 69.49 61.22
C THR H 124 -19.52 68.80 62.57
N VAL H 125 -18.69 69.35 63.47
CA VAL H 125 -18.52 68.83 64.82
C VAL H 125 -18.84 69.96 65.79
N THR H 126 -19.81 69.73 66.66
CA THR H 126 -20.21 70.75 67.63
C THR H 126 -20.22 70.17 69.05
N GLU I 1 4.74 73.00 67.17
CA GLU I 1 4.61 74.10 68.11
C GLU I 1 5.59 75.21 67.76
N ILE I 2 6.07 75.18 66.52
CA ILE I 2 6.94 76.23 66.02
C ILE I 2 6.12 77.49 65.77
N VAL I 3 6.69 78.64 66.17
CA VAL I 3 5.99 79.91 66.04
C VAL I 3 6.11 80.42 64.61
N LEU I 4 5.13 80.08 63.78
CA LEU I 4 5.10 80.61 62.43
C LEU I 4 4.39 81.97 62.40
N THR I 5 4.82 82.82 61.47
CA THR I 5 4.25 84.15 61.35
C THR I 5 4.10 84.50 59.88
N GLN I 6 2.87 84.84 59.48
CA GLN I 6 2.57 85.23 58.11
C GLN I 6 2.29 86.72 58.07
N SER I 7 2.98 87.42 57.16
CA SER I 7 2.83 88.86 57.02
C SER I 7 2.88 89.22 55.54
N PRO I 8 1.99 90.10 55.06
CA PRO I 8 0.90 90.72 55.81
C PRO I 8 -0.34 89.83 55.91
N GLY I 9 -1.21 90.11 56.88
CA GLY I 9 -2.40 89.31 57.05
C GLY I 9 -3.41 89.49 55.92
N ILE I 10 -3.59 90.72 55.46
CA ILE I 10 -4.57 91.05 54.43
C ILE I 10 -3.87 91.79 53.31
N LEU I 11 -4.06 91.32 52.08
CA LEU I 11 -3.53 91.98 50.89
C LEU I 11 -4.68 92.36 49.98
N SER I 12 -4.63 93.58 49.45
CA SER I 12 -5.64 94.08 48.51
C SER I 12 -4.94 94.48 47.22
N LEU I 13 -5.14 93.69 46.17
CA LEU I 13 -4.54 93.97 44.87
C LEU I 13 -5.54 93.67 43.77
N SER I 14 -5.42 94.40 42.67
CA SER I 14 -6.25 94.19 41.49
C SER I 14 -5.87 92.88 40.80
N PRO I 15 -6.81 92.26 40.07
CA PRO I 15 -6.45 91.08 39.27
C PRO I 15 -5.43 91.43 38.20
N GLY I 16 -4.52 90.49 37.94
CA GLY I 16 -3.44 90.70 37.00
C GLY I 16 -2.17 91.27 37.59
N GLU I 17 -2.14 91.56 38.89
CA GLU I 17 -0.97 92.12 39.54
C GLU I 17 -0.13 91.01 40.17
N ARG I 18 0.96 91.41 40.82
CA ARG I 18 1.88 90.49 41.47
C ARG I 18 1.78 90.65 42.97
N ALA I 19 1.62 89.52 43.67
CA ALA I 19 1.50 89.51 45.12
C ALA I 19 2.61 88.65 45.71
N THR I 20 3.25 89.16 46.77
CA THR I 20 4.29 88.44 47.48
C THR I 20 3.77 88.06 48.86
N LEU I 21 4.21 86.90 49.36
CA LEU I 21 3.73 86.36 50.63
C LEU I 21 4.92 85.88 51.45
N SER I 22 4.83 86.05 52.78
CA SER I 22 5.91 85.69 53.68
C SER I 22 5.41 84.72 54.74
N CYS I 23 6.28 83.80 55.13
CA CYS I 23 5.99 82.83 56.18
C CYS I 23 7.31 82.53 56.90
N ARG I 24 7.50 83.15 58.06
CA ARG I 24 8.75 83.06 58.80
C ARG I 24 8.61 82.04 59.93
N ALA I 25 9.65 81.23 60.10
CA ALA I 25 9.70 80.21 61.15
C ALA I 25 10.63 80.66 62.27
N SER I 26 10.26 80.31 63.50
CA SER I 26 11.05 80.73 64.67
C SER I 26 12.28 79.87 64.89
N GLN I 27 12.38 78.71 64.25
CA GLN I 27 13.52 77.82 64.40
C GLN I 27 14.06 77.44 63.03
N SER I 28 15.18 76.73 63.02
CA SER I 28 15.83 76.38 61.76
C SER I 28 15.08 75.27 61.04
N VAL I 29 15.00 75.39 59.72
CA VAL I 29 14.32 74.42 58.86
C VAL I 29 15.31 73.95 57.81
N SER I 30 15.30 72.65 57.53
CA SER I 30 16.21 72.03 56.55
C SER I 30 15.77 72.24 55.10
N SER I 31 14.87 73.20 54.84
CA SER I 31 14.44 73.62 53.50
C SER I 31 13.77 72.49 52.72
N SER I 32 13.16 71.53 53.41
CA SER I 32 12.39 70.50 52.73
C SER I 32 11.12 70.14 53.51
N TYR I 33 10.65 71.03 54.39
CA TYR I 33 9.58 70.72 55.31
C TYR I 33 8.29 71.50 55.08
N LEU I 34 8.33 72.62 54.37
CA LEU I 34 7.16 73.47 54.23
C LEU I 34 6.27 73.04 53.07
N ALA I 35 4.98 73.34 53.20
CA ALA I 35 4.00 73.16 52.15
C ALA I 35 3.14 74.41 52.07
N TRP I 36 2.58 74.65 50.88
CA TRP I 36 1.77 75.84 50.63
C TRP I 36 0.38 75.42 50.19
N TYR I 37 -0.63 76.12 50.69
CA TYR I 37 -2.01 75.73 50.46
C TYR I 37 -2.84 76.95 50.05
N GLN I 38 -3.91 76.67 49.31
CA GLN I 38 -4.94 77.65 49.01
C GLN I 38 -6.28 77.07 49.45
N GLN I 39 -7.05 77.86 50.21
CA GLN I 39 -8.31 77.41 50.76
C GLN I 39 -9.39 78.42 50.43
N LYS I 40 -10.34 78.02 49.61
CA LYS I 40 -11.49 78.89 49.42
C LYS I 40 -12.47 78.71 50.58
N PRO I 41 -13.23 79.76 50.92
CA PRO I 41 -14.13 79.64 52.07
C PRO I 41 -15.28 78.67 51.82
N GLY I 42 -15.43 77.71 52.74
CA GLY I 42 -16.43 76.68 52.61
C GLY I 42 -15.96 75.38 51.98
N GLN I 43 -14.71 75.31 51.54
CA GLN I 43 -14.18 74.09 50.94
C GLN I 43 -12.85 73.73 51.59
N ALA I 44 -12.40 72.51 51.29
CA ALA I 44 -11.16 71.99 51.85
C ALA I 44 -9.94 72.69 51.25
N PRO I 45 -8.83 72.76 51.98
CA PRO I 45 -7.60 73.32 51.40
C PRO I 45 -7.04 72.42 50.30
N ARG I 46 -6.30 73.06 49.39
CA ARG I 46 -5.73 72.40 48.22
C ARG I 46 -4.22 72.58 48.21
N LEU I 47 -3.50 71.52 47.88
CA LEU I 47 -2.05 71.58 47.79
C LEU I 47 -1.61 72.42 46.60
N LEU I 48 -0.64 73.30 46.82
CA LEU I 48 -0.01 74.08 45.76
C LEU I 48 1.47 73.76 45.61
N ILE I 49 2.26 73.90 46.66
CA ILE I 49 3.70 73.71 46.64
C ILE I 49 4.07 72.75 47.76
N TYR I 50 4.76 71.67 47.43
CA TYR I 50 5.29 70.75 48.43
C TYR I 50 6.80 70.89 48.51
N GLY I 51 7.34 70.88 49.72
CA GLY I 51 8.76 71.13 49.87
C GLY I 51 9.10 72.58 49.59
N ALA I 52 10.30 72.78 49.08
CA ALA I 52 10.79 74.11 48.69
C ALA I 52 10.99 74.15 47.18
N SER I 53 10.30 75.09 46.53
CA SER I 53 10.43 75.37 45.10
C SER I 53 10.13 74.13 44.24
N SER I 54 9.13 73.36 44.65
CA SER I 54 8.68 72.20 43.88
C SER I 54 7.18 72.30 43.69
N ARG I 55 6.75 72.14 42.44
CA ARG I 55 5.34 72.32 42.07
C ARG I 55 4.60 70.99 42.09
N ALA I 56 3.41 71.00 42.68
CA ALA I 56 2.59 69.81 42.77
C ALA I 56 1.93 69.51 41.42
N THR I 57 1.36 68.31 41.33
CA THR I 57 0.69 67.91 40.09
C THR I 57 -0.62 68.68 39.92
N GLY I 58 -0.84 69.16 38.70
CA GLY I 58 -2.01 69.95 38.38
C GLY I 58 -1.90 71.41 38.69
N ILE I 59 -0.81 71.85 39.31
CA ILE I 59 -0.63 73.26 39.65
C ILE I 59 -0.02 73.98 38.44
N PRO I 60 -0.60 75.08 37.98
CA PRO I 60 -0.04 75.80 36.84
C PRO I 60 1.27 76.46 37.19
N ASP I 61 2.01 76.84 36.13
CA ASP I 61 3.33 77.43 36.28
C ASP I 61 3.30 78.86 36.83
N ARG I 62 2.10 79.45 36.94
CA ARG I 62 1.99 80.84 37.43
C ARG I 62 2.40 80.91 38.90
N PHE I 63 2.09 79.86 39.67
CA PHE I 63 2.43 79.81 41.10
C PHE I 63 3.91 79.47 41.26
N SER I 64 4.56 80.16 42.20
CA SER I 64 5.98 79.93 42.46
C SER I 64 6.26 80.08 43.94
N GLY I 65 7.34 79.45 44.40
CA GLY I 65 7.74 79.52 45.79
C GLY I 65 9.24 79.35 45.93
N SER I 66 9.76 79.94 47.00
CA SER I 66 11.20 79.89 47.27
C SER I 66 11.41 80.18 48.75
N GLY I 67 12.67 80.01 49.19
CA GLY I 67 13.02 80.30 50.56
C GLY I 67 13.88 79.23 51.21
N SER I 68 14.66 79.63 52.22
CA SER I 68 15.51 78.70 52.95
C SER I 68 15.77 79.26 54.34
N GLY I 69 16.25 78.39 55.22
CA GLY I 69 16.54 78.79 56.58
C GLY I 69 15.28 79.05 57.39
N THR I 70 15.03 80.32 57.71
CA THR I 70 13.81 80.71 58.41
C THR I 70 12.92 81.64 57.59
N ASP I 71 13.36 82.07 56.41
CA ASP I 71 12.61 82.98 55.57
C ASP I 71 12.16 82.25 54.31
N PHE I 72 10.86 82.29 54.04
CA PHE I 72 10.26 81.60 52.91
C PHE I 72 9.23 82.50 52.24
N THR I 73 9.14 82.40 50.92
CA THR I 73 8.37 83.33 50.11
C THR I 73 7.55 82.59 49.07
N LEU I 74 6.29 82.99 48.91
CA LEU I 74 5.45 82.58 47.79
C LEU I 74 5.23 83.80 46.91
N THR I 75 5.51 83.65 45.61
CA THR I 75 5.34 84.72 44.64
C THR I 75 4.47 84.22 43.50
N ILE I 76 3.45 85.01 43.17
CA ILE I 76 2.55 84.71 42.06
C ILE I 76 2.86 85.64 40.89
N SER I 77 2.91 85.07 39.69
CA SER I 77 3.24 85.86 38.52
C SER I 77 2.08 86.77 38.10
N ARG I 78 0.86 86.23 38.13
CA ARG I 78 -0.31 87.00 37.73
C ARG I 78 -1.51 86.52 38.54
N LEU I 79 -2.31 87.44 39.03
CA LEU I 79 -3.42 87.10 39.93
C LEU I 79 -4.68 86.85 39.12
N GLU I 80 -5.13 85.60 39.09
CA GLU I 80 -6.38 85.23 38.45
C GLU I 80 -7.55 85.54 39.37
N PRO I 81 -8.75 85.72 38.82
CA PRO I 81 -9.94 85.86 39.68
C PRO I 81 -10.21 84.64 40.54
N GLU I 82 -9.90 83.44 40.05
CA GLU I 82 -10.10 82.23 40.85
C GLU I 82 -8.99 81.96 41.84
N ASP I 83 -7.88 82.71 41.78
CA ASP I 83 -6.78 82.53 42.71
C ASP I 83 -6.93 83.34 43.98
N PHE I 84 -8.04 84.07 44.14
CA PHE I 84 -8.24 84.93 45.30
C PHE I 84 -8.86 84.11 46.43
N ALA I 85 -8.04 83.77 47.42
CA ALA I 85 -8.46 83.00 48.58
C ALA I 85 -7.46 83.25 49.70
N VAL I 86 -7.56 82.47 50.78
CA VAL I 86 -6.64 82.58 51.90
C VAL I 86 -5.59 81.48 51.79
N TYR I 87 -4.37 81.77 52.23
CA TYR I 87 -3.23 80.88 52.06
C TYR I 87 -2.62 80.55 53.40
N TYR I 88 -2.14 79.31 53.55
CA TYR I 88 -1.54 78.83 54.79
C TYR I 88 -0.23 78.11 54.50
N CYS I 89 0.68 78.17 55.47
CA CYS I 89 1.96 77.49 55.40
C CYS I 89 2.13 76.58 56.61
N GLN I 90 2.67 75.40 56.38
CA GLN I 90 2.93 74.44 57.45
C GLN I 90 4.39 74.02 57.40
N GLN I 91 4.80 73.15 58.33
CA GLN I 91 6.18 72.59 58.35
C GLN I 91 6.14 71.27 59.13
N TYR I 92 6.62 70.18 58.53
CA TYR I 92 6.50 68.89 59.25
C TYR I 92 7.76 68.04 59.14
N GLY I 93 8.07 67.30 60.20
CA GLY I 93 9.24 66.39 60.21
C GLY I 93 8.79 65.05 60.72
N SER I 94 9.60 63.99 60.55
CA SER I 94 9.10 62.65 60.95
C SER I 94 8.73 62.64 62.44
N SER I 95 9.57 63.22 63.30
CA SER I 95 9.21 63.34 64.74
C SER I 95 8.74 64.76 65.03
N GLY I 96 8.83 65.66 64.06
CA GLY I 96 8.46 67.07 64.26
C GLY I 96 6.96 67.29 64.36
N ALA I 97 6.52 68.31 65.08
CA ALA I 97 5.08 68.64 65.16
C ALA I 97 4.65 69.32 63.84
N LEU I 98 3.37 69.18 63.47
CA LEU I 98 2.86 69.85 62.25
C LEU I 98 2.13 71.13 62.67
N THR I 99 2.63 72.28 62.21
CA THR I 99 2.00 73.57 62.61
C THR I 99 1.64 74.38 61.37
N PHE I 100 0.36 74.67 61.16
CA PHE I 100 -0.06 75.55 60.04
C PHE I 100 0.16 77.00 60.46
N GLY I 101 0.24 77.91 59.48
CA GLY I 101 0.44 79.33 59.78
C GLY I 101 -0.87 80.00 60.16
N GLY I 102 -0.80 81.21 60.70
CA GLY I 102 -2.03 81.96 61.05
C GLY I 102 -2.87 82.16 59.80
N GLY I 103 -2.21 82.42 58.65
CA GLY I 103 -2.93 82.57 57.37
C GLY I 103 -2.84 83.96 56.81
N THR I 104 -2.93 84.08 55.49
CA THR I 104 -2.89 85.40 54.82
C THR I 104 -4.07 85.46 53.84
N LYS I 105 -4.51 86.66 53.48
CA LYS I 105 -5.66 86.79 52.59
C LYS I 105 -5.37 87.80 51.48
N VAL I 106 -5.69 87.43 50.25
CA VAL I 106 -5.65 88.35 49.12
C VAL I 106 -7.09 88.74 48.77
N GLU I 107 -7.28 90.01 48.42
CA GLU I 107 -8.61 90.58 48.27
C GLU I 107 -8.66 91.45 47.02
N ILE I 108 -9.87 91.56 46.43
CA ILE I 108 -10.07 92.43 45.29
C ILE I 108 -9.91 93.89 45.72
N LYS I 109 -9.61 94.76 44.76
CA LYS I 109 -9.45 96.18 45.04
C LYS I 109 -10.17 97.03 43.98
C1 NAG J . 49.81 -17.48 -48.11
C2 NAG J . 50.94 -18.15 -48.89
C3 NAG J . 50.50 -19.50 -49.43
C4 NAG J . 49.93 -20.36 -48.33
C5 NAG J . 48.82 -19.61 -47.60
C6 NAG J . 48.26 -20.36 -46.41
C7 NAG J . 52.65 -16.79 -50.02
C8 NAG J . 52.96 -15.93 -51.20
N2 NAG J . 51.41 -17.29 -49.96
O3 NAG J . 51.61 -20.14 -50.05
O4 NAG J . 49.41 -21.59 -48.86
O5 NAG J . 49.33 -18.37 -47.10
O6 NAG J . 47.35 -19.56 -45.67
O7 NAG J . 53.49 -17.04 -49.16
C1 NAG J . 50.25 -22.67 -48.43
C2 NAG J . 49.39 -23.93 -48.28
C3 NAG J . 50.24 -25.12 -47.84
C4 NAG J . 51.43 -25.30 -48.79
C5 NAG J . 52.21 -23.99 -48.93
C6 NAG J . 53.31 -24.06 -49.95
C7 NAG J . 47.02 -23.96 -47.63
C8 NAG J . 46.04 -23.68 -46.54
N2 NAG J . 48.30 -23.71 -47.33
O3 NAG J . 49.45 -26.30 -47.82
O4 NAG J . 52.29 -26.31 -48.30
O5 NAG J . 51.33 -22.93 -49.35
O6 NAG J . 52.79 -24.04 -51.28
O7 NAG J . 46.67 -24.39 -48.72
C1 NAG K . 30.41 -29.11 -49.47
C2 NAG K . 30.21 -30.01 -50.69
C3 NAG K . 29.27 -31.15 -50.34
C4 NAG K . 29.76 -31.90 -49.10
C5 NAG K . 30.02 -30.93 -47.96
C6 NAG K . 30.65 -31.59 -46.75
C7 NAG K . 30.26 -29.28 -53.04
C8 NAG K . 31.48 -30.15 -53.20
N2 NAG K . 29.71 -29.26 -51.83
O3 NAG K . 29.18 -32.03 -51.46
O4 NAG K . 28.78 -32.85 -48.68
O5 NAG K . 30.91 -29.88 -48.37
O6 NAG K . 30.33 -30.90 -45.55
O7 NAG K . 29.80 -28.63 -53.98
C1 NAG K . 29.20 -34.19 -49.00
C2 NAG K . 28.55 -35.16 -48.02
C3 NAG K . 28.91 -36.61 -48.39
C4 NAG K . 28.55 -36.89 -49.85
C5 NAG K . 29.22 -35.85 -50.75
C6 NAG K . 28.82 -35.99 -52.21
C7 NAG K . 28.15 -34.33 -45.74
C8 NAG K . 28.73 -34.11 -44.39
N2 NAG K . 28.96 -34.89 -46.65
O3 NAG K . 28.19 -37.50 -47.54
O4 NAG K . 28.99 -38.19 -50.21
O5 NAG K . 28.82 -34.53 -50.35
O6 NAG K . 29.51 -35.07 -53.03
O7 NAG K . 26.99 -34.03 -46.01
C1 NAG L . 64.71 -5.62 -56.52
C2 NAG L . 65.73 -6.77 -56.42
C3 NAG L . 66.52 -6.90 -57.72
C4 NAG L . 65.58 -7.02 -58.91
C5 NAG L . 64.59 -5.86 -58.92
C6 NAG L . 63.54 -5.97 -60.01
C7 NAG L . 66.44 -7.17 -54.10
C8 NAG L . 67.46 -6.86 -53.05
N2 NAG L . 66.62 -6.58 -55.29
O3 NAG L . 67.38 -8.03 -57.64
O4 NAG L . 66.32 -7.03 -60.12
O5 NAG L . 63.88 -5.82 -57.67
O6 NAG L . 63.09 -7.31 -60.16
O7 NAG L . 65.50 -7.92 -53.89
C1 NAG L . 66.26 -8.35 -60.71
C2 NAG L . 66.54 -8.24 -62.20
C3 NAG L . 66.52 -9.63 -62.85
C4 NAG L . 67.47 -10.56 -62.12
C5 NAG L . 67.18 -10.58 -60.62
C6 NAG L . 68.17 -11.40 -59.83
C7 NAG L . 65.87 -6.14 -63.28
C8 NAG L . 64.75 -5.37 -63.92
N2 NAG L . 65.57 -7.37 -62.86
O3 NAG L . 66.88 -9.52 -64.22
O4 NAG L . 67.35 -11.88 -62.64
O5 NAG L . 67.21 -9.24 -60.10
O6 NAG L . 69.50 -11.06 -60.16
O7 NAG L . 66.99 -5.66 -63.15
C1 NAG M . 68.64 15.03 -56.96
C2 NAG M . 69.58 15.31 -55.79
C3 NAG M . 69.75 16.81 -55.60
C4 NAG M . 70.17 17.48 -56.91
C5 NAG M . 69.22 17.08 -58.04
C6 NAG M . 69.67 17.58 -59.39
C7 NAG M . 69.62 13.58 -54.05
C8 NAG M . 68.99 13.08 -52.78
N2 NAG M . 69.09 14.70 -54.56
O3 NAG M . 70.73 17.06 -54.60
O4 NAG M . 70.12 18.90 -56.75
O5 NAG M . 69.14 15.65 -58.13
O6 NAG M . 69.76 16.52 -60.34
O7 NAG M . 70.56 12.99 -54.58
C1 NAG M . 71.45 19.45 -56.78
C2 NAG M . 71.33 20.97 -57.00
C3 NAG M . 72.71 21.62 -56.98
C4 NAG M . 73.46 21.25 -55.71
C5 NAG M . 73.51 19.73 -55.55
C6 NAG M . 74.13 19.28 -54.25
C7 NAG M . 69.32 21.48 -58.31
C8 NAG M . 68.78 21.78 -59.68
N2 NAG M . 70.63 21.26 -58.24
O3 NAG M . 72.57 23.03 -57.06
O4 NAG M . 74.79 21.74 -55.77
O5 NAG M . 72.17 19.20 -55.56
O6 NAG M . 73.26 19.53 -53.14
O7 NAG M . 68.60 21.44 -57.32
C1 NAG N . -0.23 -52.35 27.88
C2 NAG N . -1.04 -53.60 28.15
C3 NAG N . -2.51 -53.24 28.02
C4 NAG N . -2.81 -52.09 28.97
C5 NAG N . -1.91 -50.91 28.67
C6 NAG N . -2.13 -49.78 29.67
C7 NAG N . 0.32 -55.51 27.55
C8 NAG N . 1.19 -55.97 26.42
N2 NAG N . -0.66 -54.67 27.24
O3 NAG N . -3.31 -54.38 28.33
O4 NAG N . -4.17 -51.68 28.76
O5 NAG N . -0.54 -51.29 28.78
O6 NAG N . -1.82 -50.27 30.98
O7 NAG N . 0.50 -55.88 28.69
C1 NAG N . -4.96 -51.90 29.95
C2 NAG N . -6.21 -52.69 29.61
C3 NAG N . -7.05 -52.82 30.87
C4 NAG N . -6.22 -53.47 31.96
C5 NAG N . -4.96 -52.65 32.20
C6 NAG N . -4.06 -53.30 33.24
C7 NAG N . -6.75 -52.35 27.28
C8 NAG N . -7.26 -51.34 26.29
N2 NAG N . -6.97 -52.06 28.56
O3 NAG N . -8.21 -53.62 30.60
O4 NAG N . -6.98 -53.54 33.16
O5 NAG N . -4.22 -52.54 30.98
O6 NAG N . -2.87 -52.53 33.37
O7 NAG N . -6.18 -53.37 26.94
C1 NAG O . 10.54 -23.84 32.84
C2 NAG O . 10.32 -22.36 33.10
C3 NAG O . 11.66 -21.66 33.21
C4 NAG O . 12.51 -22.32 34.28
C5 NAG O . 12.65 -23.80 33.98
C6 NAG O . 13.39 -24.56 35.08
C7 NAG O . 8.33 -21.39 32.10
C8 NAG O . 8.04 -19.95 31.83
N2 NAG O . 9.59 -21.75 32.00
O3 NAG O . 11.44 -20.29 33.56
O4 NAG O . 13.78 -21.68 34.23
O5 NAG O . 11.36 -24.41 33.86
O6 NAG O . 13.74 -25.87 34.61
O7 NAG O . 7.44 -22.18 32.39
C1 NAG O . 14.19 -21.24 35.53
C2 NAG O . 15.69 -21.00 35.55
C3 NAG O . 16.12 -20.69 36.97
C4 NAG O . 15.34 -19.47 37.46
C5 NAG O . 13.85 -19.77 37.36
C6 NAG O . 12.99 -18.60 37.83
C7 NAG O . 16.75 -22.26 33.77
C8 NAG O . 16.96 -23.65 33.26
N2 NAG O . 16.40 -22.16 35.06
O3 NAG O . 17.53 -20.46 36.97
O4 NAG O . 15.68 -19.18 38.82
O5 NAG O . 13.51 -20.08 36.00
O6 NAG O . 11.63 -19.00 37.82
O7 NAG O . 16.88 -21.28 33.06
C1 BMA O . 16.49 -18.00 38.89
C2 BMA O . 16.31 -17.34 40.25
C3 BMA O . 17.18 -16.09 40.33
C4 BMA O . 18.62 -16.48 40.07
C5 BMA O . 18.74 -17.18 38.72
C6 BMA O . 20.16 -17.64 38.45
O2 BMA O . 16.66 -18.26 41.29
O3 BMA O . 17.07 -15.51 41.64
O4 BMA O . 19.44 -15.31 40.07
O5 BMA O . 17.88 -18.31 38.69
O6 BMA O . 20.19 -18.35 37.22
C1 NAG P . 46.23 30.93 -45.85
C2 NAG P . 47.23 31.86 -46.55
C3 NAG P . 48.55 31.88 -45.78
C4 NAG P . 48.31 32.23 -44.31
C5 NAG P . 47.27 31.28 -43.71
C6 NAG P . 46.89 31.63 -42.30
C7 NAG P . 47.06 32.18 -48.97
C8 NAG P . 47.36 31.61 -50.32
N2 NAG P . 47.45 31.46 -47.93
O3 NAG P . 49.42 32.83 -46.37
O4 NAG P . 49.53 32.14 -43.59
O5 NAG P . 46.06 31.34 -44.49
O6 NAG P . 47.03 30.51 -41.43
O7 NAG P . 46.47 33.25 -48.84
C1 NAG P . 49.94 33.45 -43.16
C2 NAG P . 50.73 33.32 -41.86
C3 NAG P . 51.22 34.70 -41.40
C4 NAG P . 52.00 35.38 -42.52
C5 NAG P . 51.17 35.43 -43.80
C6 NAG P . 51.94 35.98 -44.98
C7 NAG P . 50.34 31.65 -40.11
C8 NAG P . 49.38 31.13 -39.08
N2 NAG P . 49.93 32.70 -40.82
O3 NAG P . 52.04 34.55 -40.26
O4 NAG P . 52.34 36.71 -42.13
O5 NAG P . 50.76 34.09 -44.16
O6 NAG P . 53.06 35.16 -45.30
O7 NAG P . 51.44 31.14 -40.29
C1 NAG Q . 55.67 20.33 -27.80
C2 NAG Q . 57.08 20.89 -27.90
C3 NAG Q . 57.72 20.98 -26.51
C4 NAG Q . 56.81 21.75 -25.55
C5 NAG Q . 55.41 21.15 -25.55
C6 NAG Q . 54.42 21.95 -24.74
C7 NAG Q . 58.69 20.62 -29.73
C8 NAG Q . 59.47 19.64 -30.55
N2 NAG Q . 57.90 20.09 -28.78
O3 NAG Q . 58.98 21.63 -26.61
O4 NAG Q . 57.36 21.68 -24.24
O5 NAG Q . 54.90 21.11 -26.90
O6 NAG Q . 54.09 21.29 -23.52
O7 NAG Q . 58.77 21.83 -29.91
C1 NAG Q . 57.74 22.99 -23.75
C2 NAG Q . 57.99 22.88 -22.25
C3 NAG Q . 58.42 24.23 -21.69
C4 NAG Q . 59.60 24.79 -22.47
C5 NAG Q . 59.28 24.81 -23.97
C6 NAG Q . 60.46 25.24 -24.81
C7 NAG Q . 56.70 21.09 -21.17
C8 NAG Q . 55.43 20.74 -20.45
N2 NAG Q . 56.83 22.37 -21.55
O3 NAG Q . 58.76 24.09 -20.31
O4 NAG Q . 59.89 26.11 -22.02
O5 NAG Q . 58.91 23.51 -24.41
O6 NAG Q . 60.10 26.29 -25.72
O7 NAG Q . 57.58 20.26 -21.39
C1 NAG R . 43.85 33.91 -66.45
C2 NAG R . 44.44 35.31 -66.30
C3 NAG R . 45.33 35.62 -67.52
C4 NAG R . 46.39 34.54 -67.69
C5 NAG R . 45.73 33.16 -67.77
C6 NAG R . 46.72 32.03 -67.82
C7 NAG R . 43.06 36.85 -65.00
C8 NAG R . 41.95 37.86 -65.04
N2 NAG R . 43.40 36.31 -66.17
O3 NAG R . 45.93 36.89 -67.32
O4 NAG R . 47.14 34.78 -68.88
O5 NAG R . 44.91 32.94 -66.60
O6 NAG R . 47.72 32.17 -66.82
O7 NAG R . 43.63 36.56 -63.96
C1 NAG R . 48.46 35.22 -68.55
C2 NAG R . 49.38 34.99 -69.76
C3 NAG R . 50.79 35.49 -69.45
C4 NAG R . 50.74 36.94 -69.00
C5 NAG R . 49.78 37.10 -67.83
C6 NAG R . 49.59 38.55 -67.41
C7 NAG R . 49.05 33.13 -71.32
C8 NAG R . 49.15 31.64 -71.52
N2 NAG R . 49.41 33.58 -70.12
O3 NAG R . 51.59 35.36 -70.62
O4 NAG R . 52.05 37.36 -68.60
O5 NAG R . 48.48 36.61 -68.19
O6 NAG R . 48.41 39.10 -67.97
O7 NAG R . 48.66 33.88 -72.21
C1 NAG S . 30.69 26.91 -80.95
C2 NAG S . 29.62 27.98 -81.16
C3 NAG S . 28.55 27.46 -82.12
C4 NAG S . 29.19 26.97 -83.42
C5 NAG S . 30.28 25.96 -83.12
C6 NAG S . 31.04 25.52 -84.35
C7 NAG S . 29.07 29.64 -79.44
C8 NAG S . 28.40 29.88 -78.12
N2 NAG S . 29.03 28.39 -79.90
O3 NAG S . 27.63 28.51 -82.39
O4 NAG S . 28.19 26.37 -84.24
O5 NAG S . 31.24 26.52 -82.22
O6 NAG S . 32.32 25.00 -84.01
O7 NAG S . 29.62 30.54 -80.07
C1 NAG S . 27.91 27.22 -85.38
C2 NAG S . 27.38 26.35 -86.52
C3 NAG S . 27.00 27.21 -87.71
C4 NAG S . 26.04 28.32 -87.30
C5 NAG S . 26.61 29.11 -86.13
C6 NAG S . 25.65 30.14 -85.58
C7 NAG S . 28.16 24.03 -86.69
C8 NAG S . 29.27 23.12 -87.15
N2 NAG S . 28.35 25.34 -86.89
O3 NAG S . 26.41 26.41 -88.73
O4 NAG S . 25.81 29.19 -88.39
O5 NAG S . 26.94 28.22 -85.04
O6 NAG S . 24.38 29.56 -85.30
O7 NAG S . 27.15 23.59 -86.17
C1 NAG T . 12.13 37.61 45.43
C2 NAG T . 12.74 37.81 46.81
C3 NAG T . 12.73 36.47 47.54
C4 NAG T . 11.33 35.88 47.55
C5 NAG T . 10.78 35.79 46.12
C6 NAG T . 9.34 35.31 46.10
C7 NAG T . 14.32 39.65 46.79
C8 NAG T . 15.38 40.17 45.88
N2 NAG T . 14.08 38.34 46.73
O3 NAG T . 13.21 36.66 48.87
O4 NAG T . 11.44 34.56 48.09
O5 NAG T . 10.82 37.05 45.47
O6 NAG T . 8.51 36.33 46.70
O7 NAG T . 13.69 40.37 47.56
C1 NAG T . 10.63 34.42 49.27
C2 NAG T . 10.40 32.93 49.55
C3 NAG T . 9.50 32.80 50.77
C4 NAG T . 10.13 33.52 51.94
C5 NAG T . 10.38 34.98 51.57
C6 NAG T . 11.06 35.73 52.70
C7 NAG T . 10.55 31.64 47.50
C8 NAG T . 11.05 30.28 47.90
N2 NAG T . 9.81 32.27 48.40
O3 NAG T . 9.33 31.41 51.09
O4 NAG T . 9.28 33.46 53.07
O5 NAG T . 11.20 35.05 50.40
O6 NAG T . 11.19 37.11 52.35
O7 NAG T . 10.81 32.12 46.41
C1 NAG U . -10.35 32.03 25.03
C2 NAG U . -11.45 31.22 24.34
C3 NAG U . -11.89 31.97 23.10
C4 NAG U . -12.35 33.37 23.46
C5 NAG U . -11.22 34.10 24.19
C6 NAG U . -11.67 35.47 24.67
C7 NAG U . -11.30 28.85 24.69
C8 NAG U . -10.39 27.66 24.58
N2 NAG U . -10.95 29.91 23.98
O3 NAG U . -12.97 31.25 22.49
O4 NAG U . -12.65 34.07 22.25
O5 NAG U . -10.82 33.34 25.33
O6 NAG U . -10.54 36.26 25.04
O7 NAG U . -12.30 28.85 25.39
C1 NAG U . -14.00 34.56 22.29
C2 NAG U . -14.34 35.41 21.07
C3 NAG U . -15.74 35.97 21.23
C4 NAG U . -16.71 34.82 21.46
C5 NAG U . -16.28 34.01 22.67
C6 NAG U . -17.17 32.79 22.87
C7 NAG U . -12.29 36.34 20.19
C8 NAG U . -12.50 36.15 18.72
N2 NAG U . -13.39 36.48 20.91
O3 NAG U . -16.11 36.68 20.06
O4 NAG U . -18.03 35.35 21.70
O5 NAG U . -14.95 33.53 22.48
O6 NAG U . -16.56 31.96 23.85
O7 NAG U . -11.18 36.37 20.69
C1 NAG V . 13.13 5.34 -70.31
C2 NAG V . 12.96 5.35 -71.83
C3 NAG V . 12.28 6.63 -72.29
C4 NAG V . 10.96 6.83 -71.55
C5 NAG V . 11.21 6.77 -70.04
C6 NAG V . 9.94 6.84 -69.22
C7 NAG V . 14.55 4.12 -73.24
C8 NAG V . 15.92 4.12 -73.85
N2 NAG V . 14.24 5.19 -72.51
O3 NAG V . 12.04 6.57 -73.69
O4 NAG V . 10.40 8.10 -71.88
O5 NAG V . 11.85 5.54 -69.69
O6 NAG V . 10.15 7.49 -67.97
O7 NAG V . 13.78 3.19 -73.41
C1 NAG V . 9.20 7.90 -72.66
C2 NAG V . 8.23 9.05 -72.36
C3 NAG V . 6.97 8.90 -73.21
C4 NAG V . 7.32 8.77 -74.68
C5 NAG V . 8.31 7.63 -74.88
C6 NAG V . 8.80 7.52 -76.31
C7 NAG V . 8.07 10.21 -70.21
C8 NAG V . 7.68 10.09 -68.76
N2 NAG V . 7.90 9.11 -70.95
O3 NAG V . 6.13 10.04 -73.01
O4 NAG V . 6.14 8.50 -75.43
O5 NAG V . 9.48 7.85 -74.07
O6 NAG V . 9.46 8.71 -76.72
O7 NAG V . 8.53 11.24 -70.67
C1 NAG W . 5.85 24.48 -60.25
C2 NAG W . 5.43 25.26 -61.49
C3 NAG W . 4.30 26.22 -61.16
C4 NAG W . 3.15 25.50 -60.47
C5 NAG W . 3.67 24.73 -59.26
C6 NAG W . 2.61 23.87 -58.60
C7 NAG W . 6.87 25.94 -63.37
C8 NAG W . 8.07 26.74 -63.79
N2 NAG W . 6.57 25.97 -62.07
O3 NAG W . 3.85 26.85 -62.36
O4 NAG W . 2.17 26.44 -60.05
O5 NAG W . 4.72 23.83 -59.68
O6 NAG W . 2.20 24.43 -57.37
O7 NAG W . 6.20 25.29 -64.17
C1 NAG W . 0.95 26.25 -60.78
C2 NAG W . -0.16 27.05 -60.10
C3 NAG W . -1.47 26.90 -60.86
C4 NAG W . -1.28 27.27 -62.33
C5 NAG W . -0.13 26.46 -62.93
C6 NAG W . 0.19 26.87 -64.35
C7 NAG W . 0.21 27.31 -57.69
C8 NAG W . -0.05 26.75 -56.32
N2 NAG W . -0.32 26.64 -58.71
O3 NAG W . -2.46 27.74 -60.27
O4 NAG W . -2.47 26.99 -63.05
O5 NAG W . 1.06 26.66 -62.16
O6 NAG W . 0.23 25.74 -65.21
O7 NAG W . 0.87 28.33 -57.84
C1 NAG X . 26.87 -5.61 -81.40
C2 NAG X . 26.00 -5.73 -82.65
C3 NAG X . 26.79 -5.30 -83.88
C4 NAG X . 27.37 -3.91 -83.69
C5 NAG X . 28.19 -3.85 -82.40
C6 NAG X . 28.70 -2.48 -82.07
C7 NAG X . 24.27 -7.47 -82.42
C8 NAG X . 23.93 -8.91 -82.66
N2 NAG X . 25.50 -7.09 -82.81
O3 NAG X . 25.94 -5.33 -85.03
O4 NAG X . 28.21 -3.58 -84.79
O5 NAG X . 27.37 -4.27 -81.29
O6 NAG X . 27.70 -1.48 -82.30
O7 NAG X . 23.49 -6.68 -81.90
C1 NAG X . 27.60 -2.53 -85.58
C2 NAG X . 28.65 -1.92 -86.51
C3 NAG X . 28.04 -0.84 -87.37
C4 NAG X . 26.82 -1.36 -88.11
C5 NAG X . 25.83 -1.99 -87.13
C6 NAG X . 24.66 -2.65 -87.81
C7 NAG X . 30.91 -2.09 -85.54
C8 NAG X . 31.97 -1.40 -84.74
N2 NAG X . 29.78 -1.40 -85.74
O3 NAG X . 29.00 -0.36 -88.30
O4 NAG X . 26.17 -0.30 -88.81
O5 NAG X . 26.49 -3.01 -86.35
O6 NAG X . 24.89 -2.83 -89.20
O7 NAG X . 31.07 -3.23 -85.99
C1 NAG Y . 42.95 -18.05 -77.17
C2 NAG Y . 42.51 -19.51 -77.23
C3 NAG Y . 43.66 -20.45 -76.88
C4 NAG Y . 44.86 -20.15 -77.77
C5 NAG Y . 45.22 -18.67 -77.72
C6 NAG Y . 46.31 -18.28 -78.69
C7 NAG Y . 40.19 -20.18 -76.77
C8 NAG Y . 39.14 -20.37 -75.72
N2 NAG Y . 41.37 -19.75 -76.34
O3 NAG Y . 43.24 -21.79 -77.04
O4 NAG Y . 45.98 -20.91 -77.33
O5 NAG Y . 44.08 -17.86 -78.05
O6 NAG Y . 46.46 -16.87 -78.77
O7 NAG Y . 39.97 -20.42 -77.96
C1 NAG Y . 46.28 -21.97 -78.27
C2 NAG Y . 47.74 -22.41 -78.06
C3 NAG Y . 48.08 -23.56 -79.00
C4 NAG Y . 47.07 -24.69 -78.84
C5 NAG Y . 45.65 -24.17 -79.01
C6 NAG Y . 44.59 -25.22 -78.74
C7 NAG Y . 49.34 -20.73 -77.28
C8 NAG Y . 50.24 -19.60 -77.66
N2 NAG Y . 48.65 -21.29 -78.27
O3 NAG Y . 49.39 -24.02 -78.72
O4 NAG Y . 47.32 -25.71 -79.80
O5 NAG Y . 45.41 -23.09 -78.10
O6 NAG Y . 44.89 -25.96 -77.56
O7 NAG Y . 49.26 -21.12 -76.11
C1 NAG Z . -59.13 7.43 -3.67
C2 NAG Z . -60.25 8.40 -3.31
C3 NAG Z . -59.75 9.26 -2.16
C4 NAG Z . -59.28 8.37 -1.01
C5 NAG Z . -58.21 7.39 -1.49
C6 NAG Z . -57.87 6.39 -0.41
C7 NAG Z . -61.63 8.82 -5.23
C8 NAG Z . -61.40 8.96 -6.71
N2 NAG Z . -60.64 9.20 -4.44
O3 NAG Z . -60.81 10.11 -1.71
O4 NAG Z . -58.69 9.22 -0.03
O5 NAG Z . -58.71 6.63 -2.58
O6 NAG Z . -59.03 5.61 -0.10
O7 NAG Z . -62.67 8.37 -4.78
C1 NAG Z . -59.32 9.04 1.26
C2 NAG Z . -59.68 10.37 1.91
C3 NAG Z . -60.23 10.10 3.29
C4 NAG Z . -61.42 9.17 3.17
C5 NAG Z . -61.01 7.89 2.46
C6 NAG Z . -62.18 6.94 2.28
C7 NAG Z . -58.17 12.07 1.05
C8 NAG Z . -56.84 12.75 1.22
N2 NAG Z . -58.50 11.22 2.01
O3 NAG Z . -60.64 11.34 3.89
O4 NAG Z . -61.93 8.86 4.47
O5 NAG Z . -60.47 8.20 1.19
O6 NAG Z . -61.72 5.77 1.60
O7 NAG Z . -58.90 12.31 0.10
C1 NAG AA . -38.39 -14.73 1.78
C2 NAG AA . -37.34 -15.43 2.63
C3 NAG AA . -36.83 -16.65 1.90
C4 NAG AA . -37.97 -17.57 1.49
C5 NAG AA . -39.00 -16.79 0.69
C6 NAG AA . -40.27 -17.60 0.43
C7 NAG AA . -36.09 -13.97 4.09
C8 NAG AA . -34.74 -13.39 4.38
N2 NAG AA . -36.23 -14.55 2.90
O3 NAG AA . -35.94 -17.36 2.75
O4 NAG AA . -37.35 -18.57 0.67
O5 NAG AA . -39.43 -15.63 1.41
O6 NAG AA . -41.08 -16.95 -0.55
O7 NAG AA . -37.00 -13.91 4.89
C1 NAG AA . -37.89 -19.88 0.92
C2 NAG AA . -37.71 -20.81 -0.27
C3 NAG AA . -38.58 -22.02 -0.04
C4 NAG AA . -38.16 -22.67 1.28
C5 NAG AA . -38.32 -21.64 2.40
C6 NAG AA . -37.94 -22.21 3.76
C7 NAG AA . -37.18 -19.59 -2.31
C8 NAG AA . -36.67 -20.48 -3.41
N2 NAG AA . -38.10 -20.15 -1.51
O3 NAG AA . -38.43 -22.91 -1.14
O4 NAG AA . -38.98 -23.81 1.55
O5 NAG AA . -37.50 -20.50 2.13
O6 NAG AA . -38.26 -21.24 4.76
O7 NAG AA . -36.80 -18.44 -2.17
C1 BMA AA . -38.22 -25.00 1.34
C2 BMA AA . -38.62 -26.07 2.36
C3 BMA AA . -37.78 -27.32 2.15
C4 BMA AA . -37.95 -27.79 0.71
C5 BMA AA . -37.57 -26.67 -0.25
C6 BMA AA . -37.79 -27.08 -1.70
O2 BMA AA . -40.01 -26.38 2.21
O3 BMA AA . -38.22 -28.35 3.05
O4 BMA AA . -37.11 -28.91 0.48
O5 BMA AA . -38.37 -25.51 0.01
O6 BMA AA . -37.46 -25.97 -2.56
C1 NAG BA . 63.79 11.39 -41.09
C2 NAG BA . 63.95 12.69 -41.88
C3 NAG BA . 65.42 12.92 -42.19
C4 NAG BA . 66.25 12.90 -40.90
C5 NAG BA . 65.97 11.62 -40.12
C6 NAG BA . 66.65 11.59 -38.76
C7 NAG BA . 61.94 13.18 -43.21
C8 NAG BA . 61.28 13.05 -44.53
N2 NAG BA . 63.17 12.65 -43.11
O3 NAG BA . 65.58 14.18 -42.84
O4 NAG BA . 67.64 12.97 -41.21
O5 NAG BA . 64.56 11.47 -39.89
O6 NAG BA . 66.14 10.55 -37.95
O7 NAG BA . 61.41 13.75 -42.26
C1 NAG CA . 61.54 -4.31 -39.67
C2 NAG CA . 61.06 -5.66 -39.16
C3 NAG CA . 61.17 -5.73 -37.64
C4 NAG CA . 62.58 -5.38 -37.18
C5 NAG CA . 62.99 -4.02 -37.75
C6 NAG CA . 64.42 -3.67 -37.44
C7 NAG CA . 59.40 -6.72 -40.62
C8 NAG CA . 57.94 -6.89 -40.92
N2 NAG CA . 59.70 -5.93 -39.59
O3 NAG CA . 60.82 -7.03 -37.19
O4 NAG CA . 62.63 -5.33 -35.76
O5 NAG CA . 62.87 -4.05 -39.18
O6 NAG CA . 64.87 -4.29 -36.24
O7 NAG CA . 60.27 -7.30 -41.28
C1 NAG DA . 53.59 -13.11 -8.51
C2 NAG DA . 54.99 -13.73 -8.37
C3 NAG DA . 55.43 -13.69 -6.90
C4 NAG DA . 55.34 -12.27 -6.35
C5 NAG DA . 53.93 -11.72 -6.56
C6 NAG DA . 53.78 -10.28 -6.14
C7 NAG DA . 55.67 -15.45 -9.98
C8 NAG DA . 55.59 -16.89 -10.35
N2 NAG DA . 55.01 -15.09 -8.87
O3 NAG DA . 56.77 -14.15 -6.80
O4 NAG DA . 55.64 -12.27 -4.96
O5 NAG DA . 53.58 -11.78 -7.95
O6 NAG DA . 54.48 -10.03 -4.92
O7 NAG DA . 56.29 -14.63 -10.65
C1 NAG EA . 43.37 -0.59 5.27
C2 NAG EA . 44.86 -0.85 5.46
C3 NAG EA . 45.66 0.37 5.02
C4 NAG EA . 45.30 0.77 3.59
C5 NAG EA . 43.79 0.98 3.47
C6 NAG EA . 43.35 1.25 2.06
C7 NAG EA . 45.36 -2.43 7.26
C8 NAG EA . 45.67 -2.59 8.72
N2 NAG EA . 45.16 -1.18 6.84
O3 NAG EA . 47.06 0.08 5.10
O4 NAG EA . 45.98 1.97 3.23
O5 NAG EA . 43.10 -0.21 3.90
O6 NAG EA . 44.02 0.42 1.12
O7 NAG EA . 45.31 -3.39 6.50
C1 NAG FA . 24.74 1.17 40.41
C2 NAG FA . 26.17 1.68 40.24
C3 NAG FA . 27.13 0.53 40.46
C4 NAG FA . 26.87 -0.04 41.85
C5 NAG FA . 25.43 -0.48 41.97
C6 NAG FA . 25.12 -1.03 43.35
C7 NAG FA . 26.31 3.54 38.69
C8 NAG FA . 25.58 3.97 37.45
N2 NAG FA . 26.37 2.23 38.90
O3 NAG FA . 28.48 1.01 40.38
O4 NAG FA . 27.74 -1.16 42.07
O5 NAG FA . 24.56 0.62 41.71
O6 NAG FA . 23.77 -1.50 43.38
O7 NAG FA . 26.81 4.34 39.46
C1 NAG GA . 25.12 -31.39 -16.43
C2 NAG GA . 24.50 -32.61 -15.75
C3 NAG GA . 24.49 -33.76 -16.74
C4 NAG GA . 23.74 -33.34 -18.00
C5 NAG GA . 24.40 -32.09 -18.59
C6 NAG GA . 23.64 -31.61 -19.82
C7 NAG GA . 25.00 -32.54 -13.37
C8 NAG GA . 25.96 -32.97 -12.30
N2 NAG GA . 25.27 -33.00 -14.60
O3 NAG GA . 23.82 -34.88 -16.16
O4 NAG GA . 23.79 -34.40 -18.96
O5 NAG GA . 24.41 -31.05 -17.62
O6 NAG GA . 24.34 -30.49 -20.38
O7 NAG GA . 24.04 -31.83 -13.13
C1 NAG HA . -4.69 0.57 49.63
C2 NAG HA . -3.46 -0.34 49.74
C3 NAG HA . -3.89 -1.71 50.20
C4 NAG HA . -4.64 -1.57 51.52
C5 NAG HA . -5.82 -0.62 51.35
C6 NAG HA . -6.56 -0.42 52.66
C7 NAG HA . -1.75 0.37 48.15
C8 NAG HA . -0.45 0.08 48.83
N2 NAG HA . -2.77 -0.43 48.46
O3 NAG HA . -2.75 -2.54 50.39
O4 NAG HA . -5.12 -2.85 51.95
O5 NAG HA . -5.36 0.65 50.88
O6 NAG HA . -7.69 0.43 52.44
O7 NAG HA . -1.87 1.29 47.35
C1 NAG IA . 32.41 -31.70 17.28
C2 NAG IA . 32.85 -30.24 17.46
C3 NAG IA . 34.31 -30.10 17.06
C4 NAG IA . 35.16 -31.09 17.83
C5 NAG IA . 34.63 -32.51 17.63
C6 NAG IA . 35.41 -33.50 18.48
C7 NAG IA . 31.53 -29.42 15.50
C8 NAG IA . 32.35 -28.83 14.39
N2 NAG IA . 32.02 -29.29 16.75
O3 NAG IA . 34.75 -28.77 17.32
O4 NAG IA . 36.52 -31.02 17.36
O5 NAG IA . 33.26 -32.58 18.00
O6 NAG IA . 35.05 -33.31 19.86
O7 NAG IA . 30.46 -29.97 15.28
C1 NAG JA . 4.49 -71.61 23.53
C2 NAG JA . 4.04 -73.07 23.39
C3 NAG JA . 3.12 -73.22 22.18
C4 NAG JA . 1.96 -72.23 22.26
C5 NAG JA . 2.49 -70.81 22.47
C6 NAG JA . 1.39 -69.80 22.68
C7 NAG JA . 5.52 -74.86 24.20
C8 NAG JA . 4.65 -74.94 25.42
N2 NAG JA . 5.18 -73.96 23.27
O3 NAG JA . 2.62 -74.55 22.12
O4 NAG JA . 1.19 -72.28 21.07
O5 NAG JA . 3.34 -70.75 23.61
O6 NAG JA . 0.99 -69.75 24.04
O7 NAG JA . 6.49 -75.60 24.06
C1 NAG KA . -3.66 -32.30 42.71
C2 NAG KA . -2.55 -31.40 43.29
C3 NAG KA . -3.07 -30.58 44.46
C4 NAG KA . -4.40 -29.89 44.16
C5 NAG KA . -5.44 -30.82 43.56
C6 NAG KA . -6.60 -29.95 43.06
C7 NAG KA . -0.11 -31.95 43.75
C8 NAG KA . 0.35 -30.54 43.49
N2 NAG KA . -1.42 -32.22 43.75
O3 NAG KA . -2.16 -29.52 44.77
O4 NAG KA . -4.95 -29.39 45.38
O5 NAG KA . -4.88 -31.57 42.50
O6 NAG KA . -7.80 -30.70 42.81
O7 NAG KA . 0.73 -32.80 43.93
C1 NAG LA . 5.67 -41.71 -7.95
C2 NAG LA . 7.09 -42.10 -8.35
C3 NAG LA . 7.05 -43.26 -9.33
C4 NAG LA . 6.26 -44.41 -8.73
C5 NAG LA . 4.87 -43.94 -8.32
C6 NAG LA . 4.09 -45.06 -7.66
C7 NAG LA . 8.46 -40.07 -8.27
C8 NAG LA . 8.78 -38.80 -9.00
N2 NAG LA . 7.77 -40.98 -8.96
O3 NAG LA . 8.39 -43.68 -9.60
O4 NAG LA . 6.15 -45.47 -9.68
O5 NAG LA . 4.97 -42.84 -7.42
O6 NAG LA . 4.68 -45.35 -6.38
O7 NAG LA . 8.80 -40.25 -7.11
C1 NAG MA . 18.25 -46.84 45.75
C2 NAG MA . 18.55 -45.35 45.93
C3 NAG MA . 18.08 -44.91 47.31
C4 NAG MA . 16.63 -45.33 47.53
C5 NAG MA . 16.49 -46.82 47.29
C6 NAG MA . 15.06 -47.28 47.54
C7 NAG MA . 20.50 -44.75 44.62
C8 NAG MA . 21.94 -45.15 44.42
N2 NAG MA . 19.97 -45.09 45.79
O3 NAG MA . 18.19 -43.49 47.41
O4 NAG MA . 16.23 -45.01 48.87
O5 NAG MA . 16.87 -47.13 45.96
O6 NAG MA . 15.03 -48.71 47.63
O7 NAG MA . 19.87 -44.18 43.75
C1 NAG NA . 30.45 36.51 -55.56
C2 NAG NA . 31.07 37.05 -54.27
C3 NAG NA . 29.99 37.57 -53.33
C4 NAG NA . 29.09 38.58 -54.04
C5 NAG NA . 28.53 37.97 -55.33
C6 NAG NA . 27.74 38.96 -56.14
C7 NAG NA . 33.09 36.29 -53.09
C8 NAG NA . 33.77 35.13 -52.45
N2 NAG NA . 31.89 36.04 -53.61
O3 NAG NA . 30.60 38.16 -52.19
O4 NAG NA . 28.02 38.96 -53.19
O5 NAG NA . 29.61 37.52 -56.16
O6 NAG NA . 28.58 39.78 -56.93
O7 NAG NA . 33.59 37.41 -53.13
C1 NAG OA . -4.84 37.06 -23.53
C2 NAG OA . -6.32 36.85 -23.82
C3 NAG OA . -6.49 36.52 -25.29
C4 NAG OA . -5.88 37.64 -26.12
C5 NAG OA . -4.42 37.83 -25.74
C6 NAG OA . -3.77 38.98 -26.51
C7 NAG OA . -7.43 36.01 -21.83
C8 NAG OA . -7.52 34.83 -20.90
N2 NAG OA . -6.86 35.77 -23.01
O3 NAG OA . -7.88 36.38 -25.60
O4 NAG OA . -6.01 37.31 -27.50
O5 NAG OA . -4.31 38.11 -24.34
O6 NAG OA . -3.69 38.68 -27.90
O7 NAG OA . -7.84 37.11 -21.51
C1 NAG PA . 11.99 47.22 -29.45
C2 NAG PA . 12.21 48.70 -29.10
C3 NAG PA . 10.86 49.41 -28.97
C4 NAG PA . 10.03 49.21 -30.23
C5 NAG PA . 9.90 47.73 -30.54
C6 NAG PA . 9.18 47.46 -31.84
C7 NAG PA . 14.30 49.05 -27.86
C8 NAG PA . 14.93 49.16 -26.51
N2 NAG PA . 12.98 48.83 -27.87
O3 NAG PA . 11.09 50.80 -28.75
O4 NAG PA . 8.74 49.78 -30.04
O5 NAG PA . 11.20 47.13 -30.65
O6 NAG PA . 9.76 48.18 -32.91
O7 NAG PA . 14.95 49.16 -28.89
C1 NAG QA . 31.69 30.51 -6.35
C2 NAG QA . 31.94 29.31 -5.44
C3 NAG QA . 33.38 29.30 -4.95
C4 NAG QA . 34.35 29.37 -6.13
C5 NAG QA . 34.01 30.58 -7.01
C6 NAG QA . 34.85 30.64 -8.26
C7 NAG QA . 29.90 28.56 -4.27
C8 NAG QA . 29.07 28.69 -3.03
N2 NAG QA . 31.01 29.31 -4.31
O3 NAG QA . 33.62 28.12 -4.20
O4 NAG QA . 35.69 29.49 -5.66
O5 NAG QA . 32.64 30.51 -7.43
O6 NAG QA . 34.24 31.46 -9.25
O7 NAG QA . 29.58 27.84 -5.21
C1 NAG RA . 20.65 31.41 -66.52
C2 NAG RA . 20.30 31.07 -67.97
C3 NAG RA . 19.97 32.35 -68.74
C4 NAG RA . 18.89 33.15 -68.02
C5 NAG RA . 19.29 33.40 -66.58
C6 NAG RA . 18.21 34.08 -65.76
C7 NAG RA . 21.37 29.02 -68.79
C8 NAG RA . 22.57 28.44 -69.48
N2 NAG RA . 21.37 30.35 -68.62
O3 NAG RA . 19.53 32.00 -70.05
O4 NAG RA . 18.67 34.39 -68.68
O5 NAG RA . 19.58 32.15 -65.92
O6 NAG RA . 17.81 35.31 -66.35
O7 NAG RA . 20.44 28.33 -68.41
C1 NAG SA . 5.03 47.08 7.17
C2 NAG SA . 4.34 46.51 5.93
C3 NAG SA . 4.70 47.37 4.72
C4 NAG SA . 4.37 48.83 5.01
C5 NAG SA . 5.06 49.30 6.27
C6 NAG SA . 4.67 50.73 6.65
C7 NAG SA . 5.87 44.56 5.70
C8 NAG SA . 5.92 43.17 6.26
N2 NAG SA . 4.66 45.12 5.67
O3 NAG SA . 3.98 46.92 3.57
O4 NAG SA . 4.79 49.60 3.88
O5 NAG SA . 4.71 48.45 7.37
O6 NAG SA . 5.16 51.65 5.67
O7 NAG SA . 6.88 45.10 5.28
C1 NAG TA . 27.19 50.07 50.87
C2 NAG TA . 28.25 50.47 51.91
C3 NAG TA . 29.35 49.42 51.97
C4 NAG TA . 28.75 48.04 52.21
C5 NAG TA . 27.67 47.74 51.18
C6 NAG TA . 26.95 46.43 51.45
C7 NAG TA . 28.63 52.87 52.35
C8 NAG TA . 27.79 52.69 53.59
N2 NAG TA . 28.81 51.79 51.59
O3 NAG TA . 30.26 49.75 53.00
O4 NAG TA . 29.78 47.05 52.13
O5 NAG TA . 26.68 48.77 51.20
O6 NAG TA . 25.89 46.62 52.37
O7 NAG TA . 29.12 53.96 52.06
C1 NAG UA . -11.63 29.87 44.19
C2 NAG UA . -12.51 31.02 43.69
C3 NAG UA . -13.90 30.92 44.32
C4 NAG UA . -14.49 29.55 44.06
C5 NAG UA . -13.54 28.44 44.53
C6 NAG UA . -14.08 27.07 44.15
C7 NAG UA . -12.29 33.45 44.28
C8 NAG UA . -12.40 34.38 43.10
N2 NAG UA . -11.78 32.24 44.02
O3 NAG UA . -14.79 31.86 43.72
O4 NAG UA . -15.75 29.42 44.74
O5 NAG UA . -12.26 28.61 43.95
O6 NAG UA . -13.97 26.90 42.73
O7 NAG UA . -12.61 33.78 45.41
C1 NAG VA . -33.26 32.06 3.98
C2 NAG VA . -33.51 31.71 2.52
C3 NAG VA . -32.86 32.78 1.67
C4 NAG VA . -33.41 34.14 2.07
C5 NAG VA . -33.16 34.39 3.56
C6 NAG VA . -33.75 35.72 4.01
C7 NAG VA . -33.66 29.30 2.26
C8 NAG VA . -32.87 28.03 2.44
N2 NAG VA . -32.94 30.41 2.20
O3 NAG VA . -33.14 32.52 0.29
O4 NAG VA . -32.75 35.14 1.28
O5 NAG VA . -33.77 33.34 4.31
O6 NAG VA . -33.04 36.81 3.41
O7 NAG VA . -34.88 29.29 2.18
C1 NAG WA . -6.48 54.68 39.49
C2 NAG WA . -7.58 54.41 38.44
C3 NAG WA . -8.91 54.08 39.13
C4 NAG WA . -8.67 52.94 40.11
C5 NAG WA . -7.54 53.29 41.07
C6 NAG WA . -7.31 52.14 42.05
C7 NAG WA . -8.08 56.73 37.65
C8 NAG WA . -9.26 57.18 36.85
N2 NAG WA . -7.71 55.46 37.45
O3 NAG WA . -9.87 53.67 38.16
O4 NAG WA . -9.87 52.70 40.86
O5 NAG WA . -6.34 53.56 40.34
O6 NAG WA . -6.44 52.58 43.11
O7 NAG WA . -7.50 57.48 38.42
C1 NAG XA . 32.85 23.15 17.27
C2 NAG XA . 33.28 24.26 16.32
C3 NAG XA . 34.77 24.51 16.47
C4 NAG XA . 35.08 24.83 17.92
C5 NAG XA . 34.59 23.70 18.82
C6 NAG XA . 34.81 24.01 20.30
C7 NAG XA . 31.87 24.24 14.33
C8 NAG XA . 31.57 23.51 13.05
N2 NAG XA . 32.99 23.91 14.94
O3 NAG XA . 35.15 25.62 15.65
O4 NAG XA . 36.49 25.00 18.06
O5 NAG XA . 33.20 23.49 18.62
O6 NAG XA . 36.20 24.09 20.60
O7 NAG XA . 31.10 25.08 14.78
C1 NAG YA . -37.51 13.92 29.81
C2 NAG YA . -36.61 15.09 29.43
C3 NAG YA . -35.81 15.55 30.63
C4 NAG YA . -36.79 15.91 31.75
C5 NAG YA . -37.67 14.71 32.06
C6 NAG YA . -38.69 15.06 33.14
C7 NAG YA . -35.95 15.06 27.10
C8 NAG YA . -35.26 14.21 26.06
N2 NAG YA . -35.70 14.73 28.36
O3 NAG YA . -35.03 16.69 30.28
O4 NAG YA . -36.05 16.27 32.92
O5 NAG YA . -38.37 14.30 30.88
O6 NAG YA . -39.45 13.88 33.45
O7 NAG YA . -36.69 15.97 26.80
C1 NAG ZA . 31.35 -21.96 -66.50
C2 NAG ZA . 32.69 -21.70 -67.20
C3 NAG ZA . 32.89 -22.70 -68.33
C4 NAG ZA . 32.75 -24.13 -67.82
C5 NAG ZA . 31.41 -24.29 -67.10
C6 NAG ZA . 31.24 -25.65 -66.46
C7 NAG ZA . 33.36 -19.34 -67.06
C8 NAG ZA . 33.34 -18.00 -67.73
N2 NAG ZA . 32.76 -20.34 -67.71
O3 NAG ZA . 34.18 -22.52 -68.91
O4 NAG ZA . 32.81 -25.05 -68.90
O5 NAG ZA . 31.30 -23.32 -66.05
O6 NAG ZA . 30.22 -25.65 -65.48
O7 NAG ZA . 33.92 -19.52 -65.98
C1 NAG AB . 17.53 -13.66 -69.26
C2 NAG AB . 16.17 -12.97 -69.18
C3 NAG AB . 15.23 -13.76 -68.26
C4 NAG AB . 15.14 -15.21 -68.71
C5 NAG AB . 16.54 -15.82 -68.80
C6 NAG AB . 16.53 -17.22 -69.36
C7 NAG AB . 15.75 -10.56 -69.33
C8 NAG AB . 16.00 -9.21 -68.71
N2 NAG AB . 16.31 -11.60 -68.71
O3 NAG AB . 13.94 -13.16 -68.28
O4 NAG AB . 14.37 -15.96 -67.77
O5 NAG AB . 17.35 -15.02 -69.69
O6 NAG AB . 16.58 -17.21 -70.78
O7 NAG AB . 15.09 -10.69 -70.35
C1 NAG BB . -29.14 -26.07 31.33
C2 NAG BB . -30.16 -25.70 30.24
C3 NAG BB . -31.50 -25.39 30.87
C4 NAG BB . -31.95 -26.54 31.73
C5 NAG BB . -30.89 -26.88 32.77
C6 NAG BB . -31.26 -28.12 33.58
C7 NAG BB . -29.10 -23.49 29.86
C8 NAG BB . -27.74 -23.20 29.28
N2 NAG BB . -29.70 -24.59 29.41
O3 NAG BB . -32.46 -25.16 29.83
O4 NAG BB . -33.19 -26.18 32.37
O5 NAG BB . -29.64 -27.14 32.12
O6 NAG BB . -32.45 -27.88 34.35
O7 NAG BB . -29.60 -22.74 30.67
C1 NAG CB . -7.67 -23.08 -49.92
C2 NAG CB . -8.04 -24.00 -51.07
C3 NAG CB . -8.92 -25.13 -50.57
C4 NAG CB . -8.29 -25.80 -49.37
C5 NAG CB . -7.93 -24.78 -48.30
C6 NAG CB . -7.25 -25.41 -47.11
C7 NAG CB . -8.12 -22.74 -53.15
C8 NAG CB . -8.81 -21.56 -53.79
N2 NAG CB . -8.74 -23.28 -52.11
O3 NAG CB . -9.10 -26.09 -51.63
O4 NAG CB . -9.21 -26.77 -48.85
O5 NAG CB . -7.05 -23.81 -48.87
O6 NAG CB . -8.14 -26.29 -46.42
O7 NAG CB . -7.06 -23.16 -53.56
C1 NAG DB . -5.57 -30.46 -29.64
C2 NAG DB . -5.44 -31.22 -30.96
C3 NAG DB . -4.25 -32.15 -30.91
C4 NAG DB . -3.00 -31.34 -30.57
C5 NAG DB . -3.20 -30.58 -29.27
C6 NAG DB . -2.01 -29.68 -28.95
C7 NAG DB . -7.62 -31.48 -32.00
C8 NAG DB . -9.00 -31.92 -31.65
N2 NAG DB . -6.65 -31.98 -31.24
O3 NAG DB . -4.08 -32.77 -32.18
O4 NAG DB . -1.90 -32.24 -30.46
O5 NAG DB . -4.35 -29.75 -29.36
O6 NAG DB . -0.84 -30.46 -28.70
O7 NAG DB . -7.39 -30.72 -32.92
C1 NAG EB . -15.58 8.01 -40.20
C2 NAG EB . -15.54 9.47 -39.76
C3 NAG EB . -15.64 10.37 -40.98
C4 NAG EB . -14.54 10.04 -41.96
C5 NAG EB . -14.60 8.56 -42.33
C6 NAG EB . -13.44 8.15 -43.23
C7 NAG EB . -16.48 9.77 -37.54
C8 NAG EB . -17.76 9.72 -36.74
N2 NAG EB . -16.64 9.77 -38.86
O3 NAG EB . -15.53 11.74 -40.55
O4 NAG EB . -14.69 10.86 -43.12
O5 NAG EB . -14.54 7.76 -41.14
O6 NAG EB . -13.51 8.84 -44.48
O7 NAG EB . -15.38 9.79 -37.01
C1 NAG FB . -24.01 -40.39 3.82
C2 NAG FB . -23.30 -41.03 2.64
C3 NAG FB . -24.31 -41.35 1.55
C4 NAG FB . -25.37 -42.25 2.15
C5 NAG FB . -26.02 -41.57 3.35
C6 NAG FB . -27.06 -42.48 3.97
C7 NAG FB . -21.01 -40.60 1.93
C8 NAG FB . -20.21 -40.92 3.16
N2 NAG FB . -22.25 -40.16 2.13
O3 NAG FB . -23.66 -42.02 0.47
O4 NAG FB . -26.37 -42.52 1.16
O5 NAG FB . -25.03 -41.26 4.32
O6 NAG FB . -26.42 -43.64 4.48
O7 NAG FB . -20.56 -40.75 0.81
C1 NAG GB . -35.79 -16.18 -26.03
C2 NAG GB . -34.46 -16.92 -25.87
C3 NAG GB . -34.14 -17.66 -27.15
C4 NAG GB . -35.28 -18.57 -27.53
C5 NAG GB . -36.58 -17.78 -27.63
C6 NAG GB . -37.79 -18.69 -27.89
C7 NAG GB . -33.11 -14.83 -26.06
C8 NAG GB . -32.65 -13.79 -25.09
N2 NAG GB . -33.36 -16.03 -25.53
O3 NAG GB . -32.95 -18.43 -26.97
O4 NAG GB . -34.99 -19.19 -28.79
O5 NAG GB . -36.82 -17.08 -26.41
O6 NAG GB . -37.68 -19.30 -29.18
O7 NAG GB . -33.21 -14.58 -27.26
C1 NAG HB . -72.51 15.13 -16.91
C2 NAG HB . -73.62 16.14 -17.22
C3 NAG HB . -73.06 17.55 -17.23
C4 NAG HB . -72.31 17.85 -15.94
C5 NAG HB . -71.25 16.78 -15.69
C6 NAG HB . -70.56 16.94 -14.35
C7 NAG HB . -75.55 15.40 -18.58
C8 NAG HB . -76.30 15.25 -17.29
N2 NAG HB . -74.27 15.82 -18.47
O3 NAG HB . -74.13 18.48 -17.40
O4 NAG HB . -71.69 19.12 -16.03
O5 NAG HB . -71.86 15.48 -15.68
O6 NAG HB . -71.29 16.33 -13.30
O7 NAG HB . -76.06 15.15 -19.66
C1 NAG IB . -51.47 -7.97 14.41
C2 NAG IB . -52.15 -9.34 14.31
C3 NAG IB . -53.05 -9.46 15.54
C4 NAG IB . -52.21 -9.27 16.80
C5 NAG IB . -51.52 -7.91 16.76
C6 NAG IB . -50.66 -7.70 18.00
C7 NAG IB . -52.76 -10.49 12.27
C8 NAG IB . -51.70 -11.48 12.62
N2 NAG IB . -52.93 -9.47 13.11
O3 NAG IB . -53.68 -10.76 15.57
O4 NAG IB . -53.07 -9.35 17.94
O5 NAG IB . -50.70 -7.81 15.60
O6 NAG IB . -50.13 -6.36 17.99
O7 NAG IB . -53.45 -10.61 11.26
C1 NAG JB . -30.00 21.39 -23.37
C2 NAG JB . -29.99 20.88 -24.81
C3 NAG JB . -30.33 22.03 -25.74
C4 NAG JB . -31.66 22.64 -25.32
C5 NAG JB . -31.61 23.08 -23.86
C6 NAG JB . -32.95 23.63 -23.41
C7 NAG JB . -28.37 19.06 -25.00
C8 NAG JB . -26.92 18.73 -25.13
N2 NAG JB . -28.69 20.34 -25.16
O3 NAG JB . -30.42 21.54 -27.08
O4 NAG JB . -31.95 23.77 -26.15
O5 NAG JB . -31.26 21.97 -23.03
O6 NAG JB . -33.89 22.56 -23.35
O7 NAG JB . -29.20 18.22 -24.74
C1 NAG KB . -64.54 -18.19 -5.82
C2 NAG KB . -63.29 -18.90 -5.29
C3 NAG KB . -63.59 -19.61 -3.98
C4 NAG KB . -64.24 -18.64 -3.01
C5 NAG KB . -65.44 -17.98 -3.65
C6 NAG KB . -66.10 -16.99 -2.69
C7 NAG KB . -63.33 -20.63 -7.08
C8 NAG KB . -62.94 -20.54 -8.53
N2 NAG KB . -62.68 -19.81 -6.25
O3 NAG KB . -62.38 -20.13 -3.42
O4 NAG KB . -64.64 -19.33 -1.83
O5 NAG KB . -65.05 -17.29 -4.85
O6 NAG KB . -67.36 -16.57 -3.25
O7 NAG KB . -64.18 -21.42 -6.70
#